data_2MKH
#
_entry.id   2MKH
#
_entity_poly.entity_id   1
_entity_poly.type   'polypeptide(L)'
_entity_poly.pdbx_seq_one_letter_code
;MTWSGQLPPRNYKNPIYSCKVFLGGVPWDITEAGLVNTFRVFGSLSVEWPGKDGKHPRCPPKGYVYLVFELEKSVRSLLQ
ACSHDPLSPDGLSEYYFKMSSRRMRCKEVQVIPWVLADSNFVRSPSQRLDPSRTVFVGALHGMLNAEALAAILNDLFGGV
VYAGIDTDKHKYPIGSGRVTFNNQRSYLKAVSAAFVEIKTTKFTKKVQIDPYLEDSL
;
_entity_poly.pdbx_strand_id   A
#
# COMPACT_ATOMS: atom_id res chain seq x y z
N MET A 1 -9.34 3.97 22.97
CA MET A 1 -10.12 2.72 22.93
C MET A 1 -9.31 1.63 22.25
N THR A 2 -9.75 0.38 22.41
CA THR A 2 -9.03 -0.78 21.90
C THR A 2 -10.04 -1.88 21.64
N TRP A 3 -9.85 -2.73 20.62
CA TRP A 3 -10.71 -3.92 20.43
C TRP A 3 -9.98 -5.01 19.69
N SER A 4 -10.71 -6.06 19.25
CA SER A 4 -10.21 -7.18 18.43
C SER A 4 -11.15 -7.39 17.22
N GLY A 5 -11.93 -6.35 16.90
CA GLY A 5 -13.06 -6.40 15.96
C GLY A 5 -12.73 -6.14 14.50
N GLN A 6 -11.45 -6.14 14.14
CA GLN A 6 -11.03 -5.80 12.79
C GLN A 6 -11.75 -6.60 11.70
N LEU A 7 -11.77 -6.00 10.50
CA LEU A 7 -12.21 -6.66 9.27
C LEU A 7 -10.97 -7.09 8.47
N PRO A 8 -10.96 -8.27 7.86
CA PRO A 8 -9.80 -8.87 7.21
C PRO A 8 -9.04 -7.86 6.35
N PRO A 9 -7.84 -7.47 6.80
CA PRO A 9 -6.97 -6.55 6.08
C PRO A 9 -6.22 -7.28 4.95
N ARG A 10 -6.71 -8.46 4.54
CA ARG A 10 -6.08 -9.25 3.51
C ARG A 10 -7.12 -9.76 2.49
N ASN A 11 -8.29 -9.11 2.45
CA ASN A 11 -9.39 -9.53 1.58
C ASN A 11 -10.01 -8.32 0.86
N TYR A 12 -9.16 -7.36 0.44
CA TYR A 12 -9.58 -6.18 -0.29
C TYR A 12 -9.88 -6.56 -1.73
N LYS A 13 -10.62 -5.68 -2.40
CA LYS A 13 -11.22 -5.93 -3.72
C LYS A 13 -10.27 -5.81 -4.92
N ASN A 14 -9.05 -5.30 -4.72
CA ASN A 14 -8.08 -5.13 -5.77
C ASN A 14 -8.70 -4.56 -7.05
N PRO A 15 -9.28 -3.34 -7.00
CA PRO A 15 -9.85 -2.71 -8.18
C PRO A 15 -8.79 -2.44 -9.27
N ILE A 16 -7.98 -1.40 -9.07
CA ILE A 16 -6.89 -1.00 -9.95
C ILE A 16 -5.70 -0.53 -9.14
N TYR A 17 -4.63 -0.12 -9.83
CA TYR A 17 -3.37 0.30 -9.20
C TYR A 17 -3.21 1.79 -9.41
N SER A 18 -2.49 2.51 -8.53
CA SER A 18 -2.42 3.97 -8.61
C SER A 18 -1.07 4.56 -8.18
N CYS A 19 -0.21 3.72 -7.59
CA CYS A 19 1.13 4.13 -7.18
C CYS A 19 2.10 2.97 -7.40
N LYS A 20 3.40 3.27 -7.23
CA LYS A 20 4.54 2.37 -7.51
C LYS A 20 4.45 1.00 -6.82
N VAL A 21 5.40 0.12 -7.13
CA VAL A 21 5.38 -1.23 -6.58
C VAL A 21 6.74 -1.50 -5.95
N PHE A 22 6.68 -2.29 -4.87
CA PHE A 22 7.84 -2.67 -4.10
C PHE A 22 8.28 -4.04 -4.59
N LEU A 23 9.59 -4.27 -4.71
CA LEU A 23 10.12 -5.52 -5.21
C LEU A 23 11.37 -5.94 -4.46
N GLY A 24 11.51 -7.25 -4.25
CA GLY A 24 12.73 -7.79 -3.65
C GLY A 24 12.87 -9.30 -3.81
N GLY A 25 14.11 -9.82 -3.75
CA GLY A 25 14.39 -11.26 -3.97
C GLY A 25 15.56 -11.49 -4.92
N VAL A 26 16.35 -10.43 -5.21
CA VAL A 26 17.42 -10.49 -6.17
C VAL A 26 18.78 -10.19 -5.52
N PRO A 27 19.31 -11.15 -4.72
CA PRO A 27 20.53 -10.95 -3.95
C PRO A 27 21.81 -10.97 -4.80
N TRP A 28 21.67 -11.00 -6.13
CA TRP A 28 22.84 -11.06 -7.04
C TRP A 28 22.73 -10.23 -8.30
N ASP A 29 21.60 -9.61 -8.57
CA ASP A 29 21.36 -8.82 -9.76
C ASP A 29 22.26 -7.59 -9.83
N ILE A 30 23.22 -7.62 -10.76
CA ILE A 30 24.23 -6.62 -10.87
C ILE A 30 23.65 -5.29 -11.41
N THR A 31 22.62 -5.30 -12.26
CA THR A 31 22.06 -4.09 -12.84
C THR A 31 20.56 -4.15 -12.96
N GLU A 32 19.88 -3.14 -12.40
CA GLU A 32 18.42 -3.18 -12.33
C GLU A 32 17.84 -2.98 -13.72
N ALA A 33 18.61 -2.49 -14.72
CA ALA A 33 18.12 -2.31 -16.05
C ALA A 33 17.97 -3.68 -16.71
N GLY A 34 18.59 -4.72 -16.16
CA GLY A 34 18.33 -6.07 -16.60
C GLY A 34 16.90 -6.50 -16.38
N LEU A 35 16.38 -6.16 -15.22
CA LEU A 35 15.02 -6.47 -14.81
C LEU A 35 14.07 -5.62 -15.66
N VAL A 36 14.50 -4.41 -16.04
CA VAL A 36 13.70 -3.55 -16.88
C VAL A 36 13.61 -4.13 -18.30
N ASN A 37 14.68 -4.75 -18.81
CA ASN A 37 14.68 -5.30 -20.17
C ASN A 37 13.99 -6.67 -20.21
N THR A 38 13.68 -7.24 -19.04
CA THR A 38 12.89 -8.47 -18.98
C THR A 38 11.40 -8.20 -18.74
N PHE A 39 11.09 -7.00 -18.18
CA PHE A 39 9.72 -6.61 -17.86
C PHE A 39 9.13 -5.61 -18.86
N ARG A 40 9.96 -4.83 -19.57
CA ARG A 40 9.45 -3.88 -20.55
C ARG A 40 8.98 -4.57 -21.83
N VAL A 41 9.08 -5.90 -21.87
CA VAL A 41 8.57 -6.68 -22.98
C VAL A 41 7.05 -6.49 -23.08
N PHE A 42 6.40 -6.07 -21.99
CA PHE A 42 4.96 -5.88 -22.04
C PHE A 42 4.51 -4.43 -22.20
N GLY A 43 5.46 -3.48 -22.14
CA GLY A 43 5.14 -2.12 -22.43
C GLY A 43 6.08 -1.09 -21.81
N SER A 44 5.65 0.17 -21.82
CA SER A 44 6.37 1.25 -21.18
C SER A 44 6.72 0.89 -19.73
N LEU A 45 8.02 0.96 -19.41
CA LEU A 45 8.54 0.66 -18.10
C LEU A 45 9.69 1.59 -17.73
N SER A 46 9.92 1.85 -16.43
CA SER A 46 11.08 2.56 -15.89
C SER A 46 11.43 1.98 -14.52
N VAL A 47 12.60 2.35 -13.97
CA VAL A 47 13.05 1.84 -12.69
C VAL A 47 13.67 2.93 -11.83
N GLU A 48 13.59 2.77 -10.50
CA GLU A 48 14.23 3.70 -9.58
C GLU A 48 14.85 2.94 -8.42
N TRP A 49 16.08 3.34 -8.07
CA TRP A 49 16.76 2.90 -6.87
C TRP A 49 17.65 4.06 -6.39
N PRO A 50 17.97 4.13 -5.10
CA PRO A 50 18.67 5.25 -4.55
C PRO A 50 20.12 5.16 -5.01
N GLY A 51 20.72 6.29 -5.44
CA GLY A 51 22.14 6.33 -5.75
C GLY A 51 22.52 6.20 -7.24
N LYS A 52 21.57 6.39 -8.16
CA LYS A 52 21.88 6.31 -9.57
C LYS A 52 22.86 7.42 -9.98
N ASP A 53 23.18 8.35 -9.08
CA ASP A 53 24.10 9.46 -9.29
C ASP A 53 25.47 9.15 -8.67
N GLY A 54 25.60 7.92 -8.16
CA GLY A 54 26.84 7.46 -7.54
C GLY A 54 27.97 7.27 -8.55
N LYS A 55 28.98 6.49 -8.14
CA LYS A 55 30.19 6.27 -8.94
C LYS A 55 29.98 5.27 -10.09
N HIS A 56 28.91 4.48 -10.03
CA HIS A 56 28.51 3.53 -11.07
C HIS A 56 27.08 3.09 -10.79
N PRO A 57 26.32 2.68 -11.81
CA PRO A 57 24.97 2.14 -11.65
C PRO A 57 24.91 0.71 -11.08
N ARG A 58 26.07 0.07 -10.81
CA ARG A 58 26.17 -1.28 -10.27
C ARG A 58 26.21 -1.25 -8.75
N CYS A 59 25.54 -0.24 -8.17
CA CYS A 59 25.50 -0.07 -6.72
C CYS A 59 24.08 0.00 -6.16
N PRO A 60 23.14 -0.81 -6.66
CA PRO A 60 21.78 -0.84 -6.17
C PRO A 60 21.81 -1.57 -4.84
N PRO A 61 20.69 -1.56 -4.08
CA PRO A 61 20.65 -2.22 -2.75
C PRO A 61 21.06 -3.69 -2.74
N LYS A 62 21.39 -4.18 -1.53
CA LYS A 62 21.87 -5.56 -1.29
C LYS A 62 20.93 -6.61 -1.84
N GLY A 63 19.68 -6.28 -2.20
CA GLY A 63 18.72 -7.26 -2.71
C GLY A 63 17.36 -6.64 -3.05
N TYR A 64 17.26 -5.31 -3.17
CA TYR A 64 15.98 -4.62 -3.33
C TYR A 64 15.99 -3.63 -4.49
N VAL A 65 14.81 -3.35 -5.01
CA VAL A 65 14.59 -2.33 -6.04
C VAL A 65 13.10 -1.94 -6.07
N TYR A 66 12.83 -0.75 -6.61
CA TYR A 66 11.47 -0.25 -6.76
C TYR A 66 11.21 -0.05 -8.24
N LEU A 67 9.96 -0.20 -8.66
CA LEU A 67 9.59 0.01 -10.04
C LEU A 67 8.49 1.09 -10.22
N VAL A 68 8.60 1.91 -11.26
CA VAL A 68 7.63 2.92 -11.60
C VAL A 68 7.39 2.85 -13.11
N PHE A 69 6.13 2.79 -13.54
CA PHE A 69 5.83 2.69 -14.94
C PHE A 69 4.34 2.94 -15.15
N GLU A 70 3.86 2.62 -16.36
CA GLU A 70 2.46 2.84 -16.73
C GLU A 70 1.56 2.37 -15.59
N LEU A 71 0.72 3.26 -15.07
CA LEU A 71 -0.04 3.18 -13.85
C LEU A 71 -1.01 2.02 -13.74
N GLU A 72 -1.40 1.37 -14.84
CA GLU A 72 -2.52 0.43 -14.75
C GLU A 72 -2.32 -0.85 -15.56
N LYS A 73 -2.04 -0.71 -16.86
CA LYS A 73 -2.04 -1.86 -17.76
C LYS A 73 -0.81 -2.73 -17.52
N SER A 74 0.37 -2.11 -17.41
CA SER A 74 1.58 -2.87 -17.23
C SER A 74 1.57 -3.49 -15.84
N VAL A 75 0.86 -2.86 -14.90
CA VAL A 75 0.88 -3.32 -13.54
C VAL A 75 0.13 -4.65 -13.47
N ARG A 76 -1.12 -4.69 -13.98
CA ARG A 76 -1.93 -5.90 -13.96
C ARG A 76 -1.35 -6.97 -14.88
N SER A 77 -0.64 -6.55 -15.92
CA SER A 77 -0.05 -7.48 -16.87
C SER A 77 1.05 -8.30 -16.21
N LEU A 78 1.95 -7.66 -15.46
CA LEU A 78 3.05 -8.39 -14.81
C LEU A 78 2.51 -9.38 -13.79
N LEU A 79 1.52 -8.97 -13.01
CA LEU A 79 1.00 -9.74 -11.89
C LEU A 79 0.20 -10.93 -12.41
N GLN A 80 -0.35 -10.79 -13.62
CA GLN A 80 -1.25 -11.75 -14.20
C GLN A 80 -0.53 -12.55 -15.28
N ALA A 81 0.78 -12.31 -15.50
CA ALA A 81 1.58 -13.12 -16.41
C ALA A 81 2.59 -13.95 -15.63
N CYS A 82 2.74 -13.63 -14.34
CA CYS A 82 3.65 -14.39 -13.48
C CYS A 82 2.86 -15.28 -12.50
N SER A 83 3.40 -15.50 -11.30
CA SER A 83 2.79 -16.40 -10.34
C SER A 83 2.14 -15.61 -9.19
N HIS A 84 1.03 -16.12 -8.67
CA HIS A 84 0.27 -15.50 -7.60
C HIS A 84 -0.28 -16.59 -6.70
N ASP A 85 -0.53 -16.21 -5.44
CA ASP A 85 -1.15 -17.06 -4.46
C ASP A 85 -2.01 -16.18 -3.56
N PRO A 86 -3.21 -16.67 -3.23
CA PRO A 86 -4.14 -15.95 -2.41
C PRO A 86 -3.64 -15.93 -0.97
N LEU A 87 -4.23 -16.77 -0.11
CA LEU A 87 -4.02 -16.76 1.32
C LEU A 87 -3.35 -18.07 1.76
N SER A 88 -2.80 -18.82 0.82
CA SER A 88 -2.07 -20.06 1.03
C SER A 88 -0.75 -19.82 1.76
N PRO A 89 -0.13 -18.63 1.67
CA PRO A 89 0.98 -18.23 2.52
C PRO A 89 0.60 -18.20 3.99
N ASP A 90 -0.69 -18.39 4.29
CA ASP A 90 -1.22 -18.48 5.65
C ASP A 90 -0.97 -17.23 6.50
N GLY A 91 -0.98 -16.03 5.90
CA GLY A 91 -0.75 -14.79 6.61
C GLY A 91 -1.01 -13.54 5.77
N LEU A 92 -0.59 -13.54 4.49
CA LEU A 92 -0.80 -12.40 3.60
C LEU A 92 -0.85 -12.83 2.13
N SER A 93 -1.33 -11.96 1.26
CA SER A 93 -1.32 -12.19 -0.19
C SER A 93 0.07 -11.90 -0.71
N GLU A 94 0.49 -12.61 -1.77
CA GLU A 94 1.80 -12.36 -2.35
C GLU A 94 1.83 -12.70 -3.83
N TYR A 95 2.72 -11.98 -4.57
CA TYR A 95 2.98 -12.27 -5.98
C TYR A 95 4.45 -12.68 -6.17
N TYR A 96 4.77 -13.45 -7.20
CA TYR A 96 6.13 -13.92 -7.43
C TYR A 96 6.39 -14.06 -8.94
N PHE A 97 7.66 -13.92 -9.34
CA PHE A 97 8.06 -14.10 -10.72
C PHE A 97 9.52 -14.52 -10.73
N LYS A 98 10.08 -14.78 -11.91
CA LYS A 98 11.38 -15.39 -12.04
C LYS A 98 11.99 -14.93 -13.36
N MET A 99 13.19 -14.36 -13.28
CA MET A 99 13.85 -13.69 -14.40
C MET A 99 15.26 -14.24 -14.59
N SER A 100 15.55 -15.37 -13.92
CA SER A 100 16.81 -16.10 -14.04
C SER A 100 16.76 -17.11 -15.20
N SER A 101 17.95 -17.53 -15.67
CA SER A 101 18.08 -18.42 -16.84
C SER A 101 19.31 -19.30 -16.70
N ARG A 102 19.61 -19.76 -15.47
CA ARG A 102 20.79 -20.55 -15.21
C ARG A 102 22.07 -19.87 -15.73
N ARG A 103 22.10 -18.52 -15.68
CA ARG A 103 23.27 -17.76 -16.12
C ARG A 103 24.31 -17.75 -14.99
N MET A 104 23.91 -17.82 -13.72
CA MET A 104 24.81 -17.98 -12.58
C MET A 104 24.09 -18.55 -11.35
N ARG A 105 22.87 -18.06 -11.11
CA ARG A 105 21.97 -18.55 -10.06
C ARG A 105 20.52 -18.40 -10.52
N CYS A 106 19.62 -19.05 -9.78
CA CYS A 106 18.19 -19.01 -10.04
C CYS A 106 17.40 -18.94 -8.74
N LYS A 107 16.56 -17.91 -8.63
CA LYS A 107 15.66 -17.72 -7.51
C LYS A 107 14.54 -16.78 -7.95
N GLU A 108 13.37 -16.92 -7.32
CA GLU A 108 12.20 -16.12 -7.64
C GLU A 108 12.17 -14.84 -6.80
N VAL A 109 11.46 -13.84 -7.33
CA VAL A 109 11.34 -12.51 -6.72
C VAL A 109 9.88 -12.30 -6.26
N GLN A 110 9.64 -11.47 -5.22
CA GLN A 110 8.32 -11.30 -4.65
C GLN A 110 7.81 -9.85 -4.80
N VAL A 111 6.56 -9.72 -5.28
CA VAL A 111 6.00 -8.41 -5.63
C VAL A 111 4.84 -8.05 -4.73
N ILE A 112 4.75 -6.77 -4.41
CA ILE A 112 3.58 -6.18 -3.73
C ILE A 112 3.37 -4.73 -4.22
N PRO A 113 2.46 -4.51 -5.18
CA PRO A 113 2.16 -3.22 -5.80
C PRO A 113 1.18 -2.40 -4.97
N TRP A 114 1.09 -1.09 -5.20
CA TRP A 114 0.17 -0.21 -4.50
C TRP A 114 -1.16 -0.19 -5.23
N VAL A 115 -2.21 -0.53 -4.49
CA VAL A 115 -3.54 -0.65 -5.06
C VAL A 115 -4.37 0.58 -4.66
N LEU A 116 -5.38 0.94 -5.45
CA LEU A 116 -6.30 2.00 -5.11
C LEU A 116 -6.95 1.79 -3.71
N ALA A 117 -7.06 0.52 -3.25
CA ALA A 117 -7.64 0.19 -1.95
C ALA A 117 -6.69 0.51 -0.79
N ASP A 118 -5.52 1.04 -1.11
CA ASP A 118 -4.58 1.54 -0.14
C ASP A 118 -4.57 3.08 -0.20
N SER A 119 -5.29 3.68 -1.15
CA SER A 119 -5.29 5.14 -1.26
C SER A 119 -6.53 5.81 -0.64
N ASN A 120 -7.69 5.14 -0.75
CA ASN A 120 -8.91 5.69 -0.20
C ASN A 120 -10.06 4.68 -0.12
N PHE A 121 -11.16 5.07 0.53
CA PHE A 121 -12.38 4.31 0.62
C PHE A 121 -13.53 5.28 0.89
N VAL A 122 -14.73 4.87 0.51
CA VAL A 122 -15.93 5.63 0.83
C VAL A 122 -17.03 4.75 1.44
N ARG A 123 -17.85 5.34 2.34
CA ARG A 123 -19.03 4.70 2.85
C ARG A 123 -20.20 5.05 1.93
N SER A 124 -20.06 6.07 1.07
CA SER A 124 -21.05 6.40 0.06
C SER A 124 -20.36 7.06 -1.13
N PRO A 125 -20.35 6.43 -2.32
CA PRO A 125 -19.72 6.97 -3.51
C PRO A 125 -20.51 8.15 -4.08
N SER A 126 -21.76 8.33 -3.64
CA SER A 126 -22.67 9.34 -4.15
C SER A 126 -22.50 10.69 -3.43
N GLN A 127 -21.51 10.79 -2.54
CA GLN A 127 -21.23 11.97 -1.72
C GLN A 127 -19.90 12.57 -2.08
N ARG A 128 -19.48 13.59 -1.33
CA ARG A 128 -18.30 14.37 -1.68
C ARG A 128 -17.52 14.73 -0.45
N LEU A 129 -16.41 15.46 -0.68
CA LEU A 129 -15.55 15.93 0.40
C LEU A 129 -16.17 17.21 0.93
N ASP A 130 -16.53 17.24 2.22
CA ASP A 130 -17.31 18.37 2.77
C ASP A 130 -16.40 19.56 3.08
N PRO A 131 -16.90 20.79 3.01
CA PRO A 131 -16.13 22.01 3.24
C PRO A 131 -15.45 21.95 4.59
N SER A 132 -14.12 21.78 4.59
CA SER A 132 -13.29 21.92 5.78
C SER A 132 -13.74 21.05 6.97
N ARG A 133 -14.49 19.95 6.76
CA ARG A 133 -14.81 19.03 7.84
C ARG A 133 -14.00 17.77 7.67
N THR A 134 -12.71 17.83 7.98
CA THR A 134 -11.85 16.68 7.86
C THR A 134 -10.66 16.84 8.79
N VAL A 135 -10.19 15.75 9.40
CA VAL A 135 -9.10 15.82 10.35
C VAL A 135 -7.95 14.93 9.92
N PHE A 136 -6.77 15.23 10.45
CA PHE A 136 -5.53 14.56 10.05
C PHE A 136 -5.30 13.24 10.75
N VAL A 137 -4.67 12.33 10.01
CA VAL A 137 -4.42 10.96 10.45
C VAL A 137 -2.98 10.65 10.20
N GLY A 138 -2.33 10.01 11.19
CA GLY A 138 -0.93 9.67 11.07
C GLY A 138 -0.58 8.54 12.02
N ALA A 139 0.71 8.16 12.04
CA ALA A 139 1.27 7.09 12.87
C ALA A 139 0.50 5.77 12.74
N LEU A 140 -0.21 5.58 11.63
CA LEU A 140 -0.99 4.38 11.37
C LEU A 140 -0.09 3.25 10.85
N HIS A 141 -0.63 2.03 10.72
CA HIS A 141 0.05 0.87 10.13
C HIS A 141 0.69 1.28 8.81
N GLY A 142 1.81 0.63 8.45
CA GLY A 142 2.57 0.87 7.24
C GLY A 142 1.80 0.50 5.96
N MET A 143 0.51 0.22 6.09
CA MET A 143 -0.38 0.01 4.96
C MET A 143 -1.78 0.55 5.28
N LEU A 144 -2.37 0.13 6.41
CA LEU A 144 -3.67 0.62 6.87
C LEU A 144 -4.63 0.75 5.67
N ASN A 145 -4.89 -0.38 5.00
CA ASN A 145 -5.68 -0.42 3.78
C ASN A 145 -7.16 -0.19 4.06
N ALA A 146 -7.96 -0.07 3.01
CA ALA A 146 -9.38 0.28 3.09
C ALA A 146 -10.23 -0.65 3.98
N GLU A 147 -9.77 -1.86 4.28
CA GLU A 147 -10.50 -2.76 5.17
C GLU A 147 -10.26 -2.39 6.63
N ALA A 148 -9.05 -1.94 6.96
CA ALA A 148 -8.71 -1.54 8.33
C ALA A 148 -9.11 -0.09 8.60
N LEU A 149 -9.15 0.73 7.56
CA LEU A 149 -9.50 2.13 7.69
C LEU A 149 -11.05 2.21 7.81
N ALA A 150 -11.75 1.27 7.16
CA ALA A 150 -13.19 1.23 7.27
C ALA A 150 -13.64 0.64 8.59
N ALA A 151 -12.83 -0.24 9.16
CA ALA A 151 -13.16 -0.88 10.43
C ALA A 151 -13.03 0.08 11.62
N ILE A 152 -11.97 0.90 11.67
CA ILE A 152 -11.70 1.74 12.82
C ILE A 152 -12.62 2.97 12.77
N LEU A 153 -12.90 3.49 11.58
CA LEU A 153 -13.66 4.71 11.44
C LEU A 153 -15.15 4.46 11.56
N ASN A 154 -15.68 3.24 11.30
CA ASN A 154 -17.09 2.97 11.50
C ASN A 154 -17.34 2.49 12.93
N ASP A 155 -16.34 1.93 13.60
CA ASP A 155 -16.49 1.47 14.97
C ASP A 155 -16.50 2.62 15.96
N LEU A 156 -15.69 3.66 15.69
CA LEU A 156 -15.56 4.80 16.56
C LEU A 156 -16.84 5.64 16.63
N PHE A 157 -17.60 5.73 15.53
CA PHE A 157 -18.81 6.57 15.53
C PHE A 157 -19.84 6.22 14.46
N GLY A 158 -19.45 5.48 13.42
CA GLY A 158 -20.38 5.03 12.39
C GLY A 158 -20.87 6.15 11.47
N GLY A 159 -20.52 7.40 11.83
CA GLY A 159 -20.84 8.58 11.04
C GLY A 159 -19.72 8.98 10.08
N VAL A 160 -19.60 8.31 8.93
CA VAL A 160 -18.54 8.59 7.96
C VAL A 160 -19.06 8.68 6.53
N VAL A 161 -18.27 9.33 5.66
CA VAL A 161 -18.66 9.49 4.28
C VAL A 161 -17.49 9.20 3.35
N TYR A 162 -16.25 9.51 3.76
CA TYR A 162 -15.09 9.38 2.90
C TYR A 162 -13.88 9.28 3.81
N ALA A 163 -12.86 8.53 3.39
CA ALA A 163 -11.61 8.51 4.12
C ALA A 163 -10.49 8.13 3.18
N GLY A 164 -9.28 8.67 3.39
CA GLY A 164 -8.16 8.28 2.56
C GLY A 164 -6.80 8.62 3.16
N ILE A 165 -5.77 8.20 2.44
CA ILE A 165 -4.38 8.50 2.76
C ILE A 165 -3.72 9.22 1.57
N ASP A 166 -2.88 10.20 1.88
CA ASP A 166 -2.33 11.07 0.89
C ASP A 166 -1.09 10.41 0.26
N THR A 167 -0.87 10.73 -1.01
CA THR A 167 0.27 10.27 -1.75
C THR A 167 0.89 11.46 -2.45
N ASP A 168 2.16 11.32 -2.82
CA ASP A 168 2.89 12.28 -3.63
C ASP A 168 3.41 11.51 -4.83
N LYS A 169 4.21 12.10 -5.70
CA LYS A 169 4.67 11.45 -6.91
C LYS A 169 5.76 10.41 -6.64
N HIS A 170 5.33 9.18 -6.36
CA HIS A 170 6.20 8.03 -6.25
C HIS A 170 7.09 8.02 -5.03
N LYS A 171 6.54 8.48 -3.90
CA LYS A 171 7.23 8.55 -2.64
C LYS A 171 6.66 7.53 -1.67
N TYR A 172 5.58 6.82 -2.07
CA TYR A 172 4.94 5.74 -1.36
C TYR A 172 4.88 5.92 0.15
N PRO A 173 4.33 7.03 0.64
CA PRO A 173 4.34 7.35 2.05
C PRO A 173 3.45 6.38 2.84
N ILE A 174 2.21 6.10 2.41
CA ILE A 174 1.25 5.26 3.13
C ILE A 174 1.29 5.52 4.66
N GLY A 175 1.49 6.77 5.10
CA GLY A 175 1.68 7.05 6.52
C GLY A 175 1.22 8.42 7.01
N SER A 176 0.49 9.13 6.16
CA SER A 176 -0.06 10.43 6.50
C SER A 176 -1.32 10.72 5.64
N GLY A 177 -2.44 11.06 6.29
CA GLY A 177 -3.71 11.17 5.59
C GLY A 177 -4.75 12.06 6.26
N ARG A 178 -5.98 11.92 5.81
CA ARG A 178 -7.10 12.73 6.33
C ARG A 178 -8.39 11.94 6.18
N VAL A 179 -9.44 12.35 6.91
CA VAL A 179 -10.71 11.63 6.88
C VAL A 179 -11.85 12.64 6.96
N THR A 180 -12.84 12.45 6.10
CA THR A 180 -13.91 13.42 5.91
C THR A 180 -15.21 12.85 6.44
N PHE A 181 -16.03 13.70 7.04
CA PHE A 181 -17.26 13.31 7.65
C PHE A 181 -18.39 14.21 7.21
N ASN A 182 -19.62 13.72 7.43
CA ASN A 182 -20.81 14.50 7.19
C ASN A 182 -21.63 14.58 8.46
N ASN A 183 -20.99 14.35 9.60
CA ASN A 183 -21.60 14.43 10.91
C ASN A 183 -20.60 15.08 11.88
N GLN A 184 -21.08 15.68 12.97
CA GLN A 184 -20.17 16.31 13.94
C GLN A 184 -19.68 15.28 14.93
N ARG A 185 -20.45 14.21 15.13
CA ARG A 185 -20.15 13.21 16.14
C ARG A 185 -18.72 12.68 16.00
N SER A 186 -18.22 12.66 14.75
CA SER A 186 -16.91 12.10 14.42
C SER A 186 -15.80 13.10 14.74
N TYR A 187 -16.09 14.42 14.66
CA TYR A 187 -15.08 15.41 14.87
C TYR A 187 -14.64 15.50 16.34
N LEU A 188 -15.58 15.68 17.28
CA LEU A 188 -15.22 15.81 18.70
C LEU A 188 -14.93 14.44 19.35
N LYS A 189 -15.35 13.31 18.77
CA LYS A 189 -15.02 11.99 19.31
C LYS A 189 -13.68 11.47 18.82
N ALA A 190 -13.28 11.82 17.58
CA ALA A 190 -11.98 11.40 17.06
C ALA A 190 -10.87 12.20 17.74
N VAL A 191 -11.17 13.47 18.08
CA VAL A 191 -10.22 14.37 18.74
C VAL A 191 -10.09 14.06 20.23
N SER A 192 -11.19 13.56 20.83
CA SER A 192 -11.17 13.16 22.23
C SER A 192 -10.51 11.78 22.40
N ALA A 193 -10.64 10.90 21.40
CA ALA A 193 -10.00 9.59 21.44
C ALA A 193 -8.51 9.70 21.13
N ALA A 194 -8.17 10.49 20.10
CA ALA A 194 -6.84 10.79 19.61
C ALA A 194 -5.93 9.57 19.27
N PHE A 195 -6.23 8.37 19.76
CA PHE A 195 -5.46 7.19 19.45
C PHE A 195 -6.25 5.96 19.84
N VAL A 196 -6.28 4.92 19.01
CA VAL A 196 -6.90 3.66 19.39
C VAL A 196 -6.01 2.47 18.99
N GLU A 197 -6.15 1.34 19.69
CA GLU A 197 -5.27 0.16 19.53
C GLU A 197 -6.03 -1.03 18.93
N ILE A 198 -5.38 -1.78 18.03
CA ILE A 198 -5.90 -3.06 17.55
C ILE A 198 -5.22 -4.19 18.28
N LYS A 199 -6.00 -5.06 18.95
CA LYS A 199 -5.44 -6.13 19.76
C LYS A 199 -5.88 -7.52 19.29
N THR A 200 -5.71 -7.82 17.98
CA THR A 200 -6.04 -9.10 17.40
C THR A 200 -5.00 -10.12 17.88
N THR A 201 -5.16 -11.38 17.47
CA THR A 201 -4.31 -12.50 17.89
C THR A 201 -2.94 -12.52 17.21
N LYS A 202 -2.81 -11.97 16.01
CA LYS A 202 -1.56 -12.03 15.26
C LYS A 202 -1.35 -10.74 14.47
N PHE A 203 -2.12 -9.71 14.85
CA PHE A 203 -2.12 -8.43 14.14
C PHE A 203 -2.49 -7.36 15.14
N THR A 204 -1.54 -6.47 15.44
CA THR A 204 -1.74 -5.37 16.37
C THR A 204 -1.15 -4.07 15.81
N LYS A 205 -1.94 -2.99 15.87
CA LYS A 205 -1.56 -1.70 15.27
C LYS A 205 -2.19 -0.60 16.10
N LYS A 206 -1.89 0.66 15.73
CA LYS A 206 -2.56 1.81 16.32
C LYS A 206 -2.72 2.88 15.22
N VAL A 207 -3.63 3.83 15.42
CA VAL A 207 -3.84 4.94 14.48
C VAL A 207 -4.04 6.21 15.28
N GLN A 208 -3.36 7.27 14.91
CA GLN A 208 -3.44 8.54 15.62
C GLN A 208 -4.25 9.57 14.82
N ILE A 209 -4.77 10.56 15.53
CA ILE A 209 -5.63 11.58 14.91
C ILE A 209 -5.29 12.93 15.53
N ASP A 210 -5.44 14.01 14.75
CA ASP A 210 -5.15 15.37 15.20
C ASP A 210 -6.20 16.33 14.63
N PRO A 211 -6.51 17.43 15.34
CA PRO A 211 -7.57 18.36 14.99
C PRO A 211 -7.16 19.16 13.75
N TYR A 212 -8.15 19.77 13.09
CA TYR A 212 -7.97 20.60 11.93
C TYR A 212 -8.29 22.07 12.24
N MET A 1 -8.39 4.40 24.58
CA MET A 1 -9.68 4.22 23.83
C MET A 1 -9.55 3.00 22.92
N THR A 2 -10.43 2.01 23.08
CA THR A 2 -10.30 0.69 22.47
C THR A 2 -11.69 0.02 22.32
N TRP A 3 -11.78 -0.96 21.41
CA TRP A 3 -13.02 -1.70 21.16
C TRP A 3 -12.78 -3.14 20.65
N SER A 4 -11.58 -3.46 20.16
CA SER A 4 -11.23 -4.80 19.67
C SER A 4 -12.34 -5.40 18.82
N GLY A 5 -12.76 -4.64 17.82
CA GLY A 5 -13.89 -4.97 16.98
C GLY A 5 -13.59 -6.14 16.04
N GLN A 6 -12.30 -6.37 15.77
CA GLN A 6 -11.83 -7.38 14.84
C GLN A 6 -12.36 -7.17 13.41
N LEU A 7 -12.66 -5.91 13.03
CA LEU A 7 -13.21 -5.64 11.71
C LEU A 7 -12.18 -5.56 10.55
N PRO A 8 -10.89 -5.30 10.73
CA PRO A 8 -10.03 -5.03 9.58
C PRO A 8 -9.84 -6.28 8.71
N PRO A 9 -10.21 -6.24 7.41
CA PRO A 9 -10.13 -7.35 6.48
C PRO A 9 -8.78 -7.38 5.75
N ARG A 10 -8.50 -8.50 5.07
CA ARG A 10 -7.25 -8.66 4.34
C ARG A 10 -7.45 -9.44 3.03
N ASN A 11 -8.70 -9.74 2.69
CA ASN A 11 -9.10 -10.48 1.49
C ASN A 11 -9.92 -9.56 0.61
N TYR A 12 -9.63 -8.25 0.67
CA TYR A 12 -10.36 -7.26 -0.11
C TYR A 12 -10.29 -7.50 -1.63
N LYS A 13 -11.25 -6.94 -2.39
CA LYS A 13 -11.47 -7.22 -3.84
C LYS A 13 -10.35 -6.76 -4.81
N ASN A 14 -9.20 -6.29 -4.26
CA ASN A 14 -8.02 -5.90 -5.04
C ASN A 14 -8.40 -5.23 -6.38
N PRO A 15 -8.92 -4.00 -6.31
CA PRO A 15 -9.47 -3.23 -7.43
C PRO A 15 -8.44 -2.83 -8.50
N ILE A 16 -7.81 -1.67 -8.36
CA ILE A 16 -6.86 -1.09 -9.33
C ILE A 16 -5.58 -0.75 -8.57
N TYR A 17 -4.55 -0.24 -9.26
CA TYR A 17 -3.31 0.17 -8.61
C TYR A 17 -3.07 1.68 -8.82
N SER A 18 -2.28 2.39 -8.00
CA SER A 18 -2.12 3.83 -8.19
C SER A 18 -0.83 4.42 -7.63
N CYS A 19 0.18 3.63 -7.25
CA CYS A 19 1.50 4.09 -6.85
C CYS A 19 2.52 3.01 -7.16
N LYS A 20 3.80 3.23 -6.81
CA LYS A 20 4.86 2.33 -7.24
C LYS A 20 4.76 0.94 -6.60
N VAL A 21 5.79 0.13 -6.86
CA VAL A 21 5.81 -1.26 -6.45
C VAL A 21 7.21 -1.65 -5.99
N PHE A 22 7.29 -2.53 -4.98
CA PHE A 22 8.55 -2.99 -4.45
C PHE A 22 9.06 -4.23 -5.19
N LEU A 23 10.39 -4.36 -5.23
CA LEU A 23 11.03 -5.48 -5.91
C LEU A 23 12.22 -5.95 -5.08
N GLY A 24 12.29 -7.25 -4.75
CA GLY A 24 13.45 -7.81 -4.08
C GLY A 24 13.30 -9.30 -3.77
N GLY A 25 14.41 -9.91 -3.37
CA GLY A 25 14.41 -11.32 -2.98
C GLY A 25 15.63 -12.03 -3.59
N VAL A 26 16.49 -11.30 -4.27
CA VAL A 26 17.69 -11.86 -4.88
C VAL A 26 18.92 -11.59 -3.99
N PRO A 27 19.78 -12.60 -3.76
CA PRO A 27 21.01 -12.45 -3.01
C PRO A 27 22.11 -11.82 -3.87
N TRP A 28 21.81 -11.59 -5.14
CA TRP A 28 22.76 -11.08 -6.12
C TRP A 28 22.18 -9.84 -6.87
N ASP A 29 22.96 -9.34 -7.84
CA ASP A 29 22.58 -8.18 -8.63
C ASP A 29 23.45 -8.00 -9.86
N ILE A 30 22.81 -7.44 -10.88
CA ILE A 30 23.51 -6.95 -12.08
C ILE A 30 22.79 -5.67 -12.51
N THR A 31 23.14 -5.08 -13.63
CA THR A 31 22.41 -3.93 -14.15
C THR A 31 20.92 -4.16 -14.02
N GLU A 32 20.19 -3.19 -13.45
CA GLU A 32 18.78 -3.34 -13.26
C GLU A 32 18.01 -3.37 -14.60
N ALA A 33 18.55 -2.78 -15.68
CA ALA A 33 17.80 -2.63 -16.92
C ALA A 33 17.56 -3.97 -17.59
N GLY A 34 18.38 -4.99 -17.32
CA GLY A 34 18.20 -6.30 -17.93
C GLY A 34 16.96 -7.00 -17.35
N LEU A 35 16.66 -6.68 -16.10
CA LEU A 35 15.45 -7.21 -15.44
C LEU A 35 14.22 -6.44 -15.97
N VAL A 36 14.39 -5.13 -16.24
CA VAL A 36 13.37 -4.32 -16.87
C VAL A 36 13.16 -4.76 -18.32
N ASN A 37 14.24 -5.16 -19.01
CA ASN A 37 14.14 -5.63 -20.37
C ASN A 37 13.48 -7.02 -20.40
N THR A 38 13.46 -7.73 -19.26
CA THR A 38 12.79 -9.02 -19.18
C THR A 38 11.28 -8.84 -19.18
N PHE A 39 10.78 -7.73 -18.58
CA PHE A 39 9.37 -7.42 -18.64
C PHE A 39 9.08 -5.93 -18.84
N ARG A 40 9.20 -5.47 -20.09
CA ARG A 40 8.78 -4.11 -20.48
C ARG A 40 7.96 -4.13 -21.78
N VAL A 41 7.72 -5.33 -22.33
CA VAL A 41 7.06 -5.51 -23.63
C VAL A 41 5.53 -5.33 -23.51
N PHE A 42 5.02 -5.09 -22.30
CA PHE A 42 3.57 -4.96 -22.07
C PHE A 42 3.17 -3.49 -21.99
N GLY A 43 4.14 -2.59 -21.82
CA GLY A 43 3.87 -1.16 -21.74
C GLY A 43 5.05 -0.55 -21.02
N SER A 44 5.10 0.78 -21.01
CA SER A 44 6.19 1.53 -20.42
C SER A 44 6.36 1.35 -18.90
N LEU A 45 7.59 1.09 -18.49
CA LEU A 45 7.95 1.11 -17.08
C LEU A 45 9.43 1.45 -16.89
N SER A 46 9.80 1.81 -15.65
CA SER A 46 11.16 2.18 -15.34
C SER A 46 11.59 1.63 -13.97
N VAL A 47 12.89 1.76 -13.66
CA VAL A 47 13.47 1.32 -12.38
C VAL A 47 14.13 2.48 -11.66
N GLU A 48 14.08 2.44 -10.33
CA GLU A 48 14.73 3.41 -9.47
C GLU A 48 15.36 2.70 -8.27
N TRP A 49 16.60 3.05 -7.94
CA TRP A 49 17.38 2.47 -6.87
C TRP A 49 18.46 3.47 -6.39
N PRO A 50 18.87 3.42 -5.13
CA PRO A 50 19.93 4.23 -4.58
C PRO A 50 21.30 3.68 -4.99
N GLY A 51 22.32 4.54 -5.04
CA GLY A 51 23.65 4.14 -5.48
C GLY A 51 23.83 4.21 -6.98
N LYS A 52 22.86 4.82 -7.69
CA LYS A 52 22.93 4.99 -9.14
C LYS A 52 23.84 6.14 -9.55
N ASP A 53 24.56 6.69 -8.58
CA ASP A 53 25.49 7.79 -8.74
C ASP A 53 26.90 7.34 -8.36
N GLY A 54 27.94 7.89 -8.99
CA GLY A 54 29.31 7.44 -8.74
C GLY A 54 29.65 6.16 -9.52
N LYS A 55 30.69 5.45 -9.08
CA LYS A 55 31.09 4.26 -9.77
C LYS A 55 30.10 3.12 -9.53
N HIS A 56 30.09 2.18 -10.49
CA HIS A 56 29.19 1.06 -10.51
C HIS A 56 27.75 1.49 -10.23
N PRO A 57 27.17 2.34 -11.06
CA PRO A 57 25.80 2.77 -10.92
C PRO A 57 24.89 1.57 -11.16
N ARG A 58 25.37 0.51 -11.82
CA ARG A 58 24.62 -0.69 -12.10
C ARG A 58 24.56 -1.65 -10.91
N CYS A 59 24.99 -1.25 -9.71
CA CYS A 59 25.05 -2.12 -8.56
C CYS A 59 24.46 -1.46 -7.31
N PRO A 60 23.30 -1.94 -6.83
CA PRO A 60 22.78 -1.58 -5.53
C PRO A 60 23.51 -2.38 -4.45
N PRO A 61 23.50 -1.88 -3.20
CA PRO A 61 24.15 -2.56 -2.11
C PRO A 61 23.34 -3.76 -1.62
N LYS A 62 22.09 -3.92 -2.05
CA LYS A 62 21.15 -4.96 -1.69
C LYS A 62 20.31 -5.37 -2.88
N GLY A 63 19.36 -6.32 -2.64
CA GLY A 63 18.58 -6.91 -3.70
C GLY A 63 17.21 -6.19 -3.73
N TYR A 64 17.07 -5.15 -2.89
CA TYR A 64 15.79 -4.41 -2.76
C TYR A 64 15.84 -3.08 -3.47
N VAL A 65 15.01 -2.89 -4.50
CA VAL A 65 14.95 -1.60 -5.21
C VAL A 65 13.49 -1.36 -5.65
N TYR A 66 13.17 -0.13 -6.00
CA TYR A 66 11.84 0.23 -6.44
C TYR A 66 11.59 0.06 -7.96
N LEU A 67 10.33 -0.08 -8.33
CA LEU A 67 9.91 -0.08 -9.72
C LEU A 67 8.80 0.94 -9.87
N VAL A 68 8.80 1.66 -10.98
CA VAL A 68 7.74 2.61 -11.33
C VAL A 68 7.26 2.35 -12.75
N PHE A 69 6.03 2.74 -13.09
CA PHE A 69 5.41 2.33 -14.36
C PHE A 69 4.11 3.04 -14.68
N GLU A 70 3.56 2.74 -15.86
CA GLU A 70 2.19 3.11 -16.23
C GLU A 70 1.29 2.41 -15.21
N LEU A 71 1.05 3.11 -14.09
CA LEU A 71 0.47 2.67 -12.84
C LEU A 71 -0.93 2.04 -12.89
N GLU A 72 -1.50 1.81 -14.07
CA GLU A 72 -2.81 1.16 -14.14
C GLU A 72 -2.83 0.01 -15.16
N LYS A 73 -2.20 0.21 -16.31
CA LYS A 73 -2.25 -0.76 -17.42
C LYS A 73 -1.05 -1.68 -17.40
N SER A 74 0.11 -1.19 -16.97
CA SER A 74 1.27 -2.04 -16.90
C SER A 74 1.24 -2.82 -15.60
N VAL A 75 0.45 -2.39 -14.60
CA VAL A 75 0.29 -3.13 -13.37
C VAL A 75 -0.75 -4.25 -13.57
N ARG A 76 -1.76 -4.01 -14.40
CA ARG A 76 -2.75 -5.03 -14.72
C ARG A 76 -2.09 -6.21 -15.45
N SER A 77 -1.25 -5.87 -16.46
CA SER A 77 -0.73 -6.86 -17.36
C SER A 77 0.40 -7.67 -16.72
N LEU A 78 1.19 -7.07 -15.83
CA LEU A 78 2.27 -7.80 -15.18
C LEU A 78 1.79 -8.76 -14.12
N LEU A 79 0.81 -8.36 -13.31
CA LEU A 79 0.36 -9.22 -12.24
C LEU A 79 -0.49 -10.34 -12.80
N GLN A 80 -0.97 -10.16 -14.03
CA GLN A 80 -1.71 -11.20 -14.71
C GLN A 80 -0.87 -11.90 -15.77
N ALA A 81 0.40 -11.53 -15.95
CA ALA A 81 1.32 -12.23 -16.86
C ALA A 81 2.45 -12.94 -16.07
N CYS A 82 2.75 -12.41 -14.87
CA CYS A 82 3.65 -13.05 -13.94
C CYS A 82 2.90 -14.18 -13.23
N SER A 83 3.41 -14.54 -12.04
CA SER A 83 2.87 -15.61 -11.24
C SER A 83 2.33 -15.07 -9.89
N HIS A 84 1.47 -15.83 -9.22
CA HIS A 84 0.89 -15.41 -7.95
C HIS A 84 0.80 -16.62 -7.03
N ASP A 85 0.88 -16.38 -5.74
CA ASP A 85 0.80 -17.46 -4.76
C ASP A 85 -0.03 -17.00 -3.55
N PRO A 86 -1.15 -17.69 -3.29
CA PRO A 86 -1.99 -17.51 -2.11
C PRO A 86 -1.34 -18.17 -0.91
N LEU A 87 0.00 -18.18 -0.86
CA LEU A 87 0.70 -18.85 0.24
C LEU A 87 0.20 -18.35 1.61
N SER A 88 -0.31 -17.11 1.62
CA SER A 88 -0.99 -16.58 2.80
C SER A 88 -0.34 -16.89 4.15
N PRO A 89 0.82 -16.29 4.45
CA PRO A 89 1.46 -16.29 5.75
C PRO A 89 0.72 -15.38 6.72
N ASP A 90 -0.34 -14.69 6.30
CA ASP A 90 -1.05 -13.79 7.18
C ASP A 90 -2.47 -13.47 6.70
N GLY A 91 -3.14 -14.36 5.96
CA GLY A 91 -4.51 -14.09 5.50
C GLY A 91 -4.54 -13.21 4.27
N LEU A 92 -3.39 -12.99 3.60
CA LEU A 92 -3.27 -12.17 2.39
C LEU A 92 -2.48 -12.94 1.34
N SER A 93 -2.01 -12.27 0.29
CA SER A 93 -1.29 -12.95 -0.78
C SER A 93 -0.16 -12.12 -1.34
N GLU A 94 0.85 -12.73 -1.96
CA GLU A 94 1.96 -11.97 -2.48
C GLU A 94 2.28 -12.43 -3.89
N TYR A 95 2.78 -11.54 -4.75
CA TYR A 95 3.08 -11.79 -6.16
C TYR A 95 4.57 -12.11 -6.39
N TYR A 96 4.86 -12.94 -7.39
CA TYR A 96 6.22 -13.41 -7.66
C TYR A 96 6.41 -13.66 -9.13
N PHE A 97 7.66 -13.61 -9.58
CA PHE A 97 8.00 -13.87 -10.96
C PHE A 97 9.48 -14.25 -11.05
N LYS A 98 9.89 -14.90 -12.14
CA LYS A 98 11.30 -15.20 -12.37
C LYS A 98 11.73 -14.51 -13.68
N MET A 99 12.90 -13.86 -13.66
CA MET A 99 13.33 -12.99 -14.74
C MET A 99 14.77 -13.24 -15.20
N SER A 100 15.40 -14.32 -14.72
CA SER A 100 16.75 -14.66 -15.21
C SER A 100 16.64 -15.88 -16.13
N SER A 101 17.47 -15.93 -17.17
CA SER A 101 17.47 -17.09 -18.07
C SER A 101 18.90 -17.32 -18.60
N ARG A 102 19.70 -16.25 -18.78
CA ARG A 102 21.04 -16.35 -19.39
C ARG A 102 22.13 -15.49 -18.69
N ARG A 103 21.76 -14.73 -17.65
CA ARG A 103 22.74 -13.93 -16.94
C ARG A 103 23.10 -14.56 -15.60
N MET A 104 22.14 -15.27 -14.99
CA MET A 104 22.29 -16.03 -13.77
C MET A 104 21.61 -17.38 -14.00
N ARG A 105 21.32 -18.13 -12.91
CA ARG A 105 20.62 -19.41 -13.03
C ARG A 105 19.16 -19.17 -13.44
N CYS A 106 18.27 -19.11 -12.46
CA CYS A 106 16.84 -18.96 -12.68
C CYS A 106 16.17 -18.35 -11.44
N LYS A 107 16.86 -17.53 -10.65
CA LYS A 107 16.30 -17.15 -9.36
C LYS A 107 15.07 -16.21 -9.48
N GLU A 108 13.93 -16.67 -8.92
CA GLU A 108 12.70 -15.88 -8.89
C GLU A 108 12.75 -14.79 -7.81
N VAL A 109 11.84 -13.81 -7.89
CA VAL A 109 11.83 -12.65 -7.01
C VAL A 109 10.38 -12.25 -6.69
N GLN A 110 10.15 -11.42 -5.66
CA GLN A 110 8.81 -11.09 -5.19
C GLN A 110 8.47 -9.63 -5.53
N VAL A 111 7.17 -9.34 -5.67
CA VAL A 111 6.72 -7.99 -5.88
C VAL A 111 5.41 -7.74 -5.18
N ILE A 112 5.26 -6.48 -4.77
CA ILE A 112 4.05 -6.02 -4.07
C ILE A 112 3.80 -4.55 -4.37
N PRO A 113 2.64 -4.25 -4.98
CA PRO A 113 2.28 -2.91 -5.44
C PRO A 113 1.37 -2.16 -4.48
N TRP A 114 1.13 -0.87 -4.80
CA TRP A 114 0.14 -0.05 -4.13
C TRP A 114 -1.23 -0.25 -4.78
N VAL A 115 -2.24 -0.61 -3.98
CA VAL A 115 -3.58 -0.81 -4.51
C VAL A 115 -4.41 0.47 -4.33
N LEU A 116 -5.39 0.68 -5.21
CA LEU A 116 -6.28 1.80 -5.16
C LEU A 116 -7.09 1.78 -3.84
N ALA A 117 -7.30 0.61 -3.26
CA ALA A 117 -7.99 0.50 -1.98
C ALA A 117 -7.15 1.05 -0.83
N ASP A 118 -5.88 1.41 -1.10
CA ASP A 118 -5.01 2.05 -0.14
C ASP A 118 -4.88 3.53 -0.47
N SER A 119 -5.68 4.03 -1.43
CA SER A 119 -5.73 5.46 -1.74
C SER A 119 -7.07 6.03 -1.32
N ASN A 120 -8.16 5.26 -1.40
CA ASN A 120 -9.46 5.77 -1.02
C ASN A 120 -10.42 4.66 -0.61
N PHE A 121 -11.43 5.04 0.16
CA PHE A 121 -12.54 4.17 0.45
C PHE A 121 -13.77 4.99 0.78
N VAL A 122 -14.94 4.55 0.30
CA VAL A 122 -16.21 5.21 0.51
C VAL A 122 -17.13 4.44 1.45
N ARG A 123 -17.93 5.21 2.19
CA ARG A 123 -18.97 4.67 3.06
C ARG A 123 -20.35 5.04 2.48
N SER A 124 -20.33 5.87 1.44
CA SER A 124 -21.50 6.22 0.68
C SER A 124 -21.24 5.87 -0.78
N PRO A 125 -22.15 5.19 -1.48
CA PRO A 125 -21.96 4.82 -2.88
C PRO A 125 -21.77 6.05 -3.79
N SER A 126 -21.84 7.27 -3.25
CA SER A 126 -21.76 8.49 -4.06
C SER A 126 -20.33 8.98 -4.31
N GLN A 127 -19.37 8.45 -3.55
CA GLN A 127 -17.99 8.85 -3.65
C GLN A 127 -17.79 10.39 -3.56
N ARG A 128 -18.43 10.99 -2.55
CA ARG A 128 -18.45 12.43 -2.31
C ARG A 128 -17.41 12.83 -1.28
N LEU A 129 -17.37 14.13 -0.96
CA LEU A 129 -16.47 14.67 0.05
C LEU A 129 -17.19 15.87 0.67
N ASP A 130 -16.73 16.35 1.84
CA ASP A 130 -17.36 17.49 2.52
C ASP A 130 -16.35 18.63 2.67
N PRO A 131 -16.83 19.86 3.00
CA PRO A 131 -16.07 21.09 3.12
C PRO A 131 -14.93 21.07 4.15
N SER A 132 -13.92 20.21 3.94
CA SER A 132 -12.69 20.21 4.75
C SER A 132 -12.92 19.95 6.26
N ARG A 133 -14.07 19.35 6.62
CA ARG A 133 -14.34 18.98 8.02
C ARG A 133 -13.69 17.65 8.32
N THR A 134 -12.39 17.65 8.13
CA THR A 134 -11.58 16.44 8.15
C THR A 134 -10.55 16.44 9.27
N VAL A 135 -9.95 15.28 9.55
CA VAL A 135 -8.83 15.19 10.45
C VAL A 135 -7.72 14.32 9.84
N PHE A 136 -6.47 14.63 10.22
CA PHE A 136 -5.32 13.93 9.70
C PHE A 136 -5.17 12.59 10.40
N VAL A 137 -4.77 11.60 9.61
CA VAL A 137 -4.56 10.24 10.13
C VAL A 137 -3.10 9.90 9.90
N GLY A 138 -2.49 9.19 10.85
CA GLY A 138 -1.09 8.81 10.77
C GLY A 138 -0.72 7.72 11.76
N ALA A 139 0.59 7.46 11.90
CA ALA A 139 1.14 6.43 12.77
C ALA A 139 0.69 5.01 12.42
N LEU A 140 -0.18 4.87 11.41
CA LEU A 140 -0.58 3.58 10.89
C LEU A 140 0.56 2.89 10.14
N HIS A 141 0.48 1.57 9.98
CA HIS A 141 1.56 0.83 9.32
C HIS A 141 1.31 0.67 7.82
N GLY A 142 2.27 0.13 7.07
CA GLY A 142 2.20 0.05 5.62
C GLY A 142 1.10 -0.80 4.98
N MET A 143 0.12 -1.31 5.75
CA MET A 143 -0.91 -2.17 5.21
C MET A 143 -2.26 -1.89 5.87
N LEU A 144 -2.30 -0.86 6.72
CA LEU A 144 -3.53 -0.43 7.33
C LEU A 144 -4.31 0.47 6.36
N ASN A 145 -4.78 -0.20 5.30
CA ASN A 145 -5.48 0.42 4.16
C ASN A 145 -6.79 1.11 4.56
N ALA A 146 -7.46 1.76 3.61
CA ALA A 146 -8.63 2.57 3.90
C ALA A 146 -9.87 1.78 4.34
N GLU A 147 -9.89 0.47 4.15
CA GLU A 147 -10.99 -0.38 4.58
C GLU A 147 -10.80 -0.66 6.06
N ALA A 148 -9.54 -0.61 6.53
CA ALA A 148 -9.26 -0.81 7.96
C ALA A 148 -9.42 0.51 8.72
N LEU A 149 -9.11 1.66 8.09
CA LEU A 149 -9.35 2.97 8.68
C LEU A 149 -10.84 3.30 8.69
N ALA A 150 -11.63 2.84 7.72
CA ALA A 150 -13.05 3.16 7.76
C ALA A 150 -13.77 2.25 8.74
N ALA A 151 -13.21 1.07 8.99
CA ALA A 151 -13.78 0.14 9.95
C ALA A 151 -13.75 0.74 11.35
N ILE A 152 -12.60 1.34 11.69
CA ILE A 152 -12.36 1.86 13.04
C ILE A 152 -13.25 3.07 13.28
N LEU A 153 -13.32 3.94 12.28
CA LEU A 153 -13.93 5.26 12.47
C LEU A 153 -15.46 5.24 12.23
N ASN A 154 -15.97 4.19 11.57
CA ASN A 154 -17.42 4.13 11.41
C ASN A 154 -18.06 3.32 12.53
N ASP A 155 -17.31 2.42 13.17
CA ASP A 155 -17.87 1.50 14.15
C ASP A 155 -17.76 2.04 15.58
N LEU A 156 -16.78 2.95 15.77
CA LEU A 156 -16.51 3.50 17.07
C LEU A 156 -16.98 4.95 17.28
N PHE A 157 -17.36 5.62 16.19
CA PHE A 157 -17.93 6.98 16.30
C PHE A 157 -19.40 7.07 15.86
N GLY A 158 -19.82 6.32 14.83
CA GLY A 158 -21.20 6.33 14.42
C GLY A 158 -21.37 6.29 12.92
N GLY A 159 -20.58 7.10 12.20
CA GLY A 159 -20.74 7.10 10.76
C GLY A 159 -19.73 8.05 10.11
N VAL A 160 -19.35 7.73 8.87
CA VAL A 160 -18.39 8.44 8.04
C VAL A 160 -18.91 8.40 6.63
N VAL A 161 -18.30 9.15 5.71
CA VAL A 161 -18.75 9.19 4.32
C VAL A 161 -17.62 8.79 3.39
N TYR A 162 -16.39 9.05 3.78
CA TYR A 162 -15.25 8.78 2.95
C TYR A 162 -13.97 8.84 3.74
N ALA A 163 -12.97 8.16 3.20
CA ALA A 163 -11.64 8.13 3.78
C ALA A 163 -10.60 8.04 2.68
N GLY A 164 -9.40 8.59 2.93
CA GLY A 164 -8.32 8.53 1.95
C GLY A 164 -6.93 8.53 2.58
N ILE A 165 -5.93 8.18 1.81
CA ILE A 165 -4.53 8.16 2.21
C ILE A 165 -3.78 9.15 1.30
N ASP A 166 -2.83 9.87 1.89
CA ASP A 166 -2.11 10.92 1.20
C ASP A 166 -0.87 10.29 0.57
N THR A 167 -0.56 10.73 -0.66
CA THR A 167 0.59 10.23 -1.40
C THR A 167 1.37 11.39 -1.98
N ASP A 168 2.56 11.07 -2.46
CA ASP A 168 3.43 11.90 -3.25
C ASP A 168 3.98 11.00 -4.33
N LYS A 169 4.45 11.56 -5.44
CA LYS A 169 4.81 10.74 -6.59
C LYS A 169 5.88 9.70 -6.29
N HIS A 170 5.55 8.41 -6.33
CA HIS A 170 6.52 7.35 -6.14
C HIS A 170 7.18 7.35 -4.77
N LYS A 171 6.49 7.89 -3.76
CA LYS A 171 7.04 7.97 -2.41
C LYS A 171 6.64 6.79 -1.53
N TYR A 172 5.51 6.14 -1.86
CA TYR A 172 4.93 5.02 -1.12
C TYR A 172 5.01 5.25 0.39
N PRO A 173 4.41 6.33 0.94
CA PRO A 173 4.52 6.62 2.35
C PRO A 173 3.62 5.68 3.16
N ILE A 174 2.45 5.33 2.59
CA ILE A 174 1.41 4.49 3.21
C ILE A 174 1.40 4.68 4.74
N GLY A 175 1.39 5.96 5.17
CA GLY A 175 1.46 6.28 6.58
C GLY A 175 0.85 7.63 6.91
N SER A 176 0.11 8.25 5.97
CA SER A 176 -0.45 9.58 6.15
C SER A 176 -1.78 9.70 5.41
N GLY A 177 -2.69 10.58 5.82
CA GLY A 177 -3.98 10.73 5.14
C GLY A 177 -4.94 11.57 5.95
N ARG A 178 -6.22 11.58 5.53
CA ARG A 178 -7.23 12.39 6.13
C ARG A 178 -8.57 11.68 5.95
N VAL A 179 -9.57 12.06 6.73
CA VAL A 179 -10.86 11.34 6.72
C VAL A 179 -12.01 12.32 6.87
N THR A 180 -13.15 12.03 6.22
CA THR A 180 -14.30 12.91 6.21
C THR A 180 -15.52 12.20 6.73
N PHE A 181 -16.34 12.93 7.48
CA PHE A 181 -17.42 12.32 8.22
C PHE A 181 -18.78 12.84 7.77
N ASN A 182 -18.85 14.05 7.20
CA ASN A 182 -20.12 14.72 6.93
C ASN A 182 -20.98 14.89 8.17
N ASN A 183 -20.38 14.76 9.34
CA ASN A 183 -21.08 14.98 10.60
C ASN A 183 -20.10 15.44 11.69
N GLN A 184 -20.62 16.13 12.70
CA GLN A 184 -19.76 16.72 13.72
C GLN A 184 -19.49 15.78 14.88
N ARG A 185 -20.29 14.74 15.09
CA ARG A 185 -20.09 13.86 16.25
C ARG A 185 -18.66 13.32 16.24
N SER A 186 -18.19 12.94 15.06
CA SER A 186 -16.95 12.26 14.89
C SER A 186 -15.78 13.23 14.84
N TYR A 187 -16.01 14.54 14.70
CA TYR A 187 -14.91 15.48 14.65
C TYR A 187 -14.36 15.73 16.05
N LEU A 188 -15.22 16.03 17.02
CA LEU A 188 -14.72 16.33 18.36
C LEU A 188 -14.36 15.08 19.07
N LYS A 189 -15.02 13.95 18.76
CA LYS A 189 -14.69 12.68 19.39
C LYS A 189 -13.32 12.14 18.91
N ALA A 190 -12.94 12.50 17.68
CA ALA A 190 -11.70 12.02 17.11
C ALA A 190 -10.48 12.81 17.60
N VAL A 191 -10.59 14.14 17.62
CA VAL A 191 -9.46 14.95 18.05
C VAL A 191 -9.23 14.74 19.53
N SER A 192 -10.28 14.40 20.26
CA SER A 192 -10.21 14.23 21.69
C SER A 192 -9.68 12.86 22.06
N ALA A 193 -9.86 11.86 21.18
CA ALA A 193 -9.29 10.55 21.41
C ALA A 193 -7.81 10.58 20.96
N ALA A 194 -7.53 11.24 19.83
CA ALA A 194 -6.21 11.39 19.22
C ALA A 194 -5.49 10.07 18.87
N PHE A 195 -5.97 8.94 19.37
CA PHE A 195 -5.32 7.64 19.22
C PHE A 195 -6.28 6.54 19.66
N VAL A 196 -6.28 5.38 18.97
CA VAL A 196 -7.02 4.22 19.48
C VAL A 196 -6.20 2.96 19.35
N GLU A 197 -6.62 1.92 20.09
CA GLU A 197 -5.88 0.68 20.08
C GLU A 197 -6.61 -0.41 19.30
N ILE A 198 -5.85 -1.26 18.59
CA ILE A 198 -6.42 -2.32 17.79
C ILE A 198 -5.80 -3.62 18.20
N LYS A 199 -6.62 -4.55 18.68
CA LYS A 199 -6.15 -5.84 19.10
C LYS A 199 -7.24 -6.82 18.72
N THR A 200 -6.83 -7.90 18.06
CA THR A 200 -7.69 -8.98 17.63
C THR A 200 -6.94 -10.27 17.96
N THR A 201 -7.35 -11.36 17.33
CA THR A 201 -6.72 -12.66 17.50
C THR A 201 -5.56 -12.88 16.52
N LYS A 202 -5.34 -11.89 15.63
CA LYS A 202 -4.36 -11.95 14.55
C LYS A 202 -3.70 -10.59 14.24
N PHE A 203 -4.11 -9.51 14.89
CA PHE A 203 -3.64 -8.15 14.59
C PHE A 203 -3.40 -7.37 15.87
N THR A 204 -2.32 -6.56 15.91
CA THR A 204 -2.00 -5.68 17.05
C THR A 204 -1.32 -4.38 16.56
N LYS A 205 -2.05 -3.26 16.49
CA LYS A 205 -1.48 -1.96 16.06
C LYS A 205 -2.26 -0.82 16.67
N LYS A 206 -1.79 0.41 16.47
CA LYS A 206 -2.48 1.63 16.91
C LYS A 206 -2.52 2.61 15.75
N VAL A 207 -3.39 3.62 15.82
CA VAL A 207 -3.56 4.58 14.75
C VAL A 207 -3.75 5.98 15.34
N GLN A 208 -3.04 6.96 14.79
CA GLN A 208 -3.06 8.29 15.35
C GLN A 208 -3.99 9.26 14.60
N ILE A 209 -4.53 10.22 15.36
CA ILE A 209 -5.41 11.25 14.82
C ILE A 209 -4.99 12.62 15.34
N ASP A 210 -5.00 13.63 14.46
CA ASP A 210 -4.64 14.98 14.83
C ASP A 210 -5.62 16.00 14.25
N PRO A 211 -5.81 17.13 14.94
CA PRO A 211 -6.75 18.16 14.48
C PRO A 211 -6.25 18.83 13.21
N TYR A 212 -7.19 19.30 12.37
CA TYR A 212 -6.93 19.93 11.09
C TYR A 212 -6.57 21.41 11.24
N MET A 1 -7.60 4.38 24.91
CA MET A 1 -8.93 4.06 24.43
C MET A 1 -9.08 2.61 24.02
N THR A 2 -8.04 2.06 23.40
CA THR A 2 -7.96 0.71 22.83
C THR A 2 -9.02 0.48 21.74
N TRP A 3 -8.80 -0.53 20.88
CA TRP A 3 -9.72 -0.89 19.83
C TRP A 3 -9.42 -2.30 19.34
N SER A 4 -10.42 -2.93 18.71
CA SER A 4 -10.27 -4.27 18.22
C SER A 4 -11.02 -4.45 16.89
N GLY A 5 -10.25 -4.48 15.81
CA GLY A 5 -10.76 -4.73 14.48
C GLY A 5 -11.14 -6.19 14.32
N GLN A 6 -12.44 -6.41 14.20
CA GLN A 6 -12.99 -7.73 14.03
C GLN A 6 -13.53 -7.89 12.60
N LEU A 7 -13.76 -6.78 11.87
CA LEU A 7 -14.25 -6.90 10.48
C LEU A 7 -13.52 -6.13 9.38
N PRO A 8 -12.32 -5.58 9.61
CA PRO A 8 -11.61 -4.88 8.54
C PRO A 8 -11.54 -5.67 7.24
N PRO A 9 -12.02 -5.08 6.13
CA PRO A 9 -11.96 -5.69 4.80
C PRO A 9 -10.54 -6.11 4.46
N ARG A 10 -10.35 -7.26 3.80
CA ARG A 10 -9.03 -7.71 3.36
C ARG A 10 -9.03 -8.40 2.01
N ASN A 11 -10.20 -8.59 1.39
CA ASN A 11 -10.26 -9.32 0.13
C ASN A 11 -11.04 -8.57 -0.95
N TYR A 12 -10.57 -7.37 -1.28
CA TYR A 12 -11.20 -6.46 -2.23
C TYR A 12 -10.27 -6.17 -3.43
N LYS A 13 -10.83 -5.64 -4.51
CA LYS A 13 -10.03 -5.31 -5.67
C LYS A 13 -10.75 -4.25 -6.50
N ASN A 14 -9.98 -3.37 -7.11
CA ASN A 14 -10.46 -2.35 -8.04
C ASN A 14 -9.56 -2.44 -9.29
N PRO A 15 -10.06 -2.04 -10.46
CA PRO A 15 -9.38 -2.29 -11.72
C PRO A 15 -8.34 -1.22 -12.07
N ILE A 16 -7.75 -0.56 -11.06
CA ILE A 16 -6.77 0.50 -11.27
C ILE A 16 -5.58 0.34 -10.29
N TYR A 17 -4.41 0.87 -10.67
CA TYR A 17 -3.18 0.87 -9.88
C TYR A 17 -2.68 2.32 -9.76
N SER A 18 -1.67 2.56 -8.91
CA SER A 18 -1.13 3.90 -8.69
C SER A 18 0.32 3.81 -8.27
N CYS A 19 0.77 4.85 -7.57
CA CYS A 19 2.18 5.12 -7.24
C CYS A 19 2.90 3.96 -6.57
N LYS A 20 4.14 3.73 -7.02
CA LYS A 20 5.06 2.75 -6.46
C LYS A 20 4.58 1.30 -6.40
N VAL A 21 5.53 0.39 -6.64
CA VAL A 21 5.35 -1.04 -6.54
C VAL A 21 6.68 -1.61 -6.07
N PHE A 22 6.65 -2.71 -5.33
CA PHE A 22 7.85 -3.27 -4.73
C PHE A 22 8.28 -4.54 -5.42
N LEU A 23 9.56 -4.85 -5.30
CA LEU A 23 10.13 -6.04 -5.94
C LEU A 23 11.30 -6.51 -5.06
N GLY A 24 11.39 -7.81 -4.79
CA GLY A 24 12.49 -8.35 -3.94
C GLY A 24 12.49 -9.89 -3.92
N GLY A 25 13.65 -10.47 -3.62
CA GLY A 25 13.83 -11.92 -3.60
C GLY A 25 15.13 -12.38 -4.27
N VAL A 26 15.99 -11.40 -4.65
CA VAL A 26 17.24 -11.61 -5.36
C VAL A 26 18.44 -11.11 -4.51
N PRO A 27 18.77 -11.83 -3.42
CA PRO A 27 19.85 -11.53 -2.50
C PRO A 27 21.22 -11.85 -3.10
N TRP A 28 21.29 -12.17 -4.39
CA TRP A 28 22.52 -12.57 -5.05
C TRP A 28 22.74 -11.93 -6.41
N ASP A 29 21.72 -11.21 -6.94
CA ASP A 29 21.80 -10.66 -8.30
C ASP A 29 22.88 -9.57 -8.29
N ILE A 30 23.94 -9.79 -9.06
CA ILE A 30 25.09 -8.86 -9.08
C ILE A 30 24.82 -7.56 -9.78
N THR A 31 23.95 -7.51 -10.79
CA THR A 31 23.67 -6.29 -11.59
C THR A 31 22.22 -6.23 -12.05
N GLU A 32 21.60 -5.09 -11.75
CA GLU A 32 20.22 -4.83 -12.10
C GLU A 32 19.94 -4.95 -13.58
N ALA A 33 20.95 -4.73 -14.41
CA ALA A 33 20.81 -4.77 -15.84
C ALA A 33 20.38 -6.11 -16.38
N GLY A 34 20.50 -7.19 -15.59
CA GLY A 34 20.03 -8.50 -16.02
C GLY A 34 18.54 -8.65 -15.86
N LEU A 35 18.06 -8.46 -14.62
CA LEU A 35 16.63 -8.60 -14.31
C LEU A 35 15.86 -7.50 -15.03
N VAL A 36 16.34 -6.25 -14.89
CA VAL A 36 15.65 -5.13 -15.47
C VAL A 36 15.59 -5.22 -17.01
N ASN A 37 16.62 -5.80 -17.65
CA ASN A 37 16.58 -6.00 -19.07
C ASN A 37 15.71 -7.23 -19.45
N THR A 38 15.25 -8.04 -18.49
CA THR A 38 14.37 -9.18 -18.79
C THR A 38 12.88 -8.75 -18.90
N PHE A 39 12.46 -7.64 -18.31
CA PHE A 39 11.06 -7.18 -18.48
C PHE A 39 10.89 -5.66 -18.61
N ARG A 40 11.89 -4.93 -19.16
CA ARG A 40 11.70 -3.51 -19.50
C ARG A 40 11.20 -3.30 -20.91
N VAL A 41 10.74 -4.35 -21.56
CA VAL A 41 10.46 -4.36 -22.99
C VAL A 41 9.22 -3.58 -23.44
N PHE A 42 8.82 -2.54 -22.69
CA PHE A 42 7.66 -1.73 -23.07
C PHE A 42 8.03 -0.27 -23.18
N GLY A 43 9.30 0.06 -22.90
CA GLY A 43 9.86 1.37 -23.19
C GLY A 43 9.49 2.44 -22.16
N SER A 44 8.76 2.07 -21.11
CA SER A 44 8.36 2.99 -20.05
C SER A 44 8.74 2.49 -18.64
N LEU A 45 9.83 1.71 -18.51
CA LEU A 45 10.22 1.17 -17.21
C LEU A 45 11.36 1.96 -16.53
N SER A 46 11.31 2.03 -15.19
CA SER A 46 12.33 2.65 -14.37
C SER A 46 12.42 1.94 -13.02
N VAL A 47 13.56 2.13 -12.34
CA VAL A 47 13.89 1.34 -11.16
C VAL A 47 14.56 2.25 -10.10
N GLU A 48 14.36 1.97 -8.80
CA GLU A 48 14.87 2.86 -7.76
C GLU A 48 15.45 2.05 -6.60
N TRP A 49 16.45 2.64 -5.94
CA TRP A 49 17.07 2.04 -4.77
C TRP A 49 16.88 2.90 -3.53
N PRO A 50 16.69 2.27 -2.36
CA PRO A 50 16.56 2.96 -1.11
C PRO A 50 17.95 3.43 -0.60
N GLY A 51 19.05 2.77 -0.97
CA GLY A 51 20.38 3.19 -0.49
C GLY A 51 21.54 2.27 -0.88
N LYS A 52 21.38 1.37 -1.87
CA LYS A 52 22.49 0.54 -2.35
C LYS A 52 22.91 0.89 -3.78
N ASP A 53 22.58 2.12 -4.19
CA ASP A 53 22.92 2.65 -5.50
C ASP A 53 24.43 2.96 -5.59
N GLY A 54 24.99 2.84 -6.79
CA GLY A 54 26.41 3.09 -6.99
C GLY A 54 26.67 4.26 -7.95
N LYS A 55 27.95 4.64 -8.09
CA LYS A 55 28.38 5.70 -9.03
C LYS A 55 28.77 5.14 -10.40
N HIS A 56 28.57 3.83 -10.57
CA HIS A 56 28.84 3.08 -11.79
C HIS A 56 27.57 2.89 -12.64
N PRO A 57 27.68 2.51 -13.91
CA PRO A 57 26.55 2.21 -14.78
C PRO A 57 25.88 0.90 -14.34
N ARG A 58 26.33 0.33 -13.24
CA ARG A 58 25.82 -0.92 -12.67
C ARG A 58 25.75 -0.86 -11.15
N CYS A 59 24.78 -1.53 -10.55
CA CYS A 59 24.61 -1.53 -9.10
C CYS A 59 23.84 -2.77 -8.62
N PRO A 60 24.16 -3.31 -7.41
CA PRO A 60 23.52 -4.49 -6.83
C PRO A 60 22.36 -4.08 -5.93
N PRO A 61 21.32 -4.93 -5.82
CA PRO A 61 20.21 -4.72 -4.92
C PRO A 61 20.68 -5.12 -3.53
N LYS A 62 19.93 -4.68 -2.51
CA LYS A 62 20.19 -5.10 -1.15
C LYS A 62 19.26 -6.26 -0.83
N GLY A 63 18.81 -6.97 -1.88
CA GLY A 63 17.82 -8.01 -1.77
C GLY A 63 16.39 -7.46 -1.88
N TYR A 64 16.26 -6.15 -2.07
CA TYR A 64 14.95 -5.51 -2.26
C TYR A 64 15.15 -4.10 -2.82
N VAL A 65 14.42 -3.80 -3.90
CA VAL A 65 14.41 -2.48 -4.47
C VAL A 65 13.04 -2.24 -5.11
N TYR A 66 12.74 -0.95 -5.32
CA TYR A 66 11.43 -0.56 -5.84
C TYR A 66 11.34 -0.41 -7.35
N LEU A 67 10.12 -0.46 -7.91
CA LEU A 67 9.87 -0.28 -9.34
C LEU A 67 8.88 0.87 -9.55
N VAL A 68 9.10 1.64 -10.60
CA VAL A 68 8.20 2.68 -11.05
C VAL A 68 8.22 2.70 -12.56
N PHE A 69 7.03 2.74 -13.17
CA PHE A 69 6.91 2.69 -14.62
C PHE A 69 5.45 2.98 -14.97
N GLU A 70 5.04 2.66 -16.21
CA GLU A 70 3.67 2.81 -16.69
C GLU A 70 2.75 2.14 -15.67
N LEU A 71 2.01 2.95 -14.89
CA LEU A 71 1.27 2.52 -13.69
C LEU A 71 -0.16 2.07 -13.91
N GLU A 72 -0.57 1.72 -15.14
CA GLU A 72 -1.91 1.17 -15.34
C GLU A 72 -1.82 -0.16 -16.11
N LYS A 73 -1.49 -0.11 -17.42
CA LYS A 73 -1.54 -1.31 -18.25
C LYS A 73 -0.24 -2.11 -18.12
N SER A 74 0.90 -1.50 -17.77
CA SER A 74 2.11 -2.31 -17.68
C SER A 74 2.20 -2.99 -16.32
N VAL A 75 1.56 -2.49 -15.30
CA VAL A 75 1.58 -3.14 -14.00
C VAL A 75 0.69 -4.35 -14.02
N ARG A 76 -0.52 -4.22 -14.57
CA ARG A 76 -1.44 -5.34 -14.64
C ARG A 76 -1.01 -6.37 -15.69
N SER A 77 -0.14 -6.03 -16.64
CA SER A 77 0.31 -6.97 -17.63
C SER A 77 1.32 -7.92 -16.99
N LEU A 78 2.27 -7.37 -16.21
CA LEU A 78 3.23 -8.15 -15.48
C LEU A 78 2.59 -9.08 -14.45
N LEU A 79 1.66 -8.57 -13.64
CA LEU A 79 1.01 -9.34 -12.57
C LEU A 79 0.19 -10.48 -13.18
N GLN A 80 -0.24 -10.28 -14.44
CA GLN A 80 -0.97 -11.29 -15.17
C GLN A 80 -0.11 -12.07 -16.16
N ALA A 81 1.18 -11.71 -16.30
CA ALA A 81 2.13 -12.44 -17.16
C ALA A 81 3.13 -13.24 -16.31
N CYS A 82 3.14 -12.99 -14.99
CA CYS A 82 3.99 -13.71 -14.06
C CYS A 82 3.14 -14.70 -13.25
N SER A 83 3.42 -14.87 -11.95
CA SER A 83 2.75 -15.86 -11.14
C SER A 83 2.14 -15.22 -9.89
N HIS A 84 1.23 -15.94 -9.24
CA HIS A 84 0.52 -15.41 -8.08
C HIS A 84 0.17 -16.55 -7.11
N ASP A 85 0.05 -16.18 -5.83
CA ASP A 85 -0.38 -17.05 -4.78
C ASP A 85 -1.38 -16.28 -3.96
N PRO A 86 -2.60 -16.81 -3.82
CA PRO A 86 -3.69 -16.08 -3.20
C PRO A 86 -3.51 -15.88 -1.69
N LEU A 87 -3.83 -16.92 -0.92
CA LEU A 87 -3.91 -16.85 0.54
C LEU A 87 -2.90 -17.81 1.18
N SER A 88 -1.79 -18.09 0.49
CA SER A 88 -0.67 -18.91 0.98
C SER A 88 0.06 -18.32 2.20
N PRO A 89 0.12 -16.99 2.34
CA PRO A 89 0.60 -16.31 3.54
C PRO A 89 -0.37 -16.49 4.71
N ASP A 90 -1.52 -17.15 4.46
CA ASP A 90 -2.57 -17.42 5.42
C ASP A 90 -3.13 -16.14 6.07
N GLY A 91 -3.06 -14.99 5.38
CA GLY A 91 -3.68 -13.76 5.85
C GLY A 91 -3.54 -12.59 4.84
N LEU A 92 -2.86 -12.78 3.69
CA LEU A 92 -2.60 -11.70 2.75
C LEU A 92 -2.33 -12.27 1.35
N SER A 93 -2.23 -11.40 0.33
CA SER A 93 -1.88 -11.85 -1.01
C SER A 93 -0.49 -11.39 -1.39
N GLU A 94 0.23 -12.22 -2.15
CA GLU A 94 1.54 -11.89 -2.68
C GLU A 94 1.73 -12.45 -4.10
N TYR A 95 2.37 -11.67 -4.97
CA TYR A 95 2.64 -12.04 -6.35
C TYR A 95 4.08 -12.47 -6.50
N TYR A 96 4.39 -13.32 -7.49
CA TYR A 96 5.74 -13.82 -7.67
C TYR A 96 6.15 -13.91 -9.15
N PHE A 97 7.44 -13.92 -9.41
CA PHE A 97 7.95 -14.22 -10.74
C PHE A 97 9.32 -14.91 -10.65
N LYS A 98 9.88 -15.28 -11.81
CA LYS A 98 11.11 -16.05 -11.88
C LYS A 98 11.87 -15.62 -13.14
N MET A 99 13.11 -15.16 -12.94
CA MET A 99 13.87 -14.48 -13.97
C MET A 99 15.37 -14.78 -13.92
N SER A 100 15.71 -15.72 -13.04
CA SER A 100 17.09 -16.14 -12.77
C SER A 100 17.66 -16.91 -13.96
N SER A 101 19.00 -16.97 -14.07
CA SER A 101 19.68 -17.50 -15.22
C SER A 101 20.47 -18.74 -14.81
N ARG A 102 21.03 -19.44 -15.78
CA ARG A 102 21.75 -20.68 -15.61
C ARG A 102 23.07 -20.46 -14.89
N ARG A 103 23.53 -19.21 -14.83
CA ARG A 103 24.88 -18.93 -14.34
C ARG A 103 25.14 -19.19 -12.86
N MET A 104 24.12 -19.23 -12.01
CA MET A 104 24.24 -19.32 -10.56
C MET A 104 22.95 -19.81 -9.92
N ARG A 105 22.83 -19.64 -8.59
CA ARG A 105 21.66 -19.97 -7.78
C ARG A 105 20.44 -19.24 -8.31
N CYS A 106 19.28 -19.80 -7.96
CA CYS A 106 17.99 -19.37 -8.48
C CYS A 106 16.94 -19.41 -7.36
N LYS A 107 16.01 -18.45 -7.43
CA LYS A 107 14.94 -18.30 -6.46
C LYS A 107 13.95 -17.30 -7.02
N GLU A 108 12.67 -17.55 -6.71
CA GLU A 108 11.65 -16.66 -7.19
C GLU A 108 11.72 -15.28 -6.54
N VAL A 109 11.16 -14.27 -7.22
CA VAL A 109 11.07 -12.90 -6.72
C VAL A 109 9.61 -12.60 -6.40
N GLN A 110 9.32 -11.67 -5.49
CA GLN A 110 7.95 -11.36 -5.14
C GLN A 110 7.62 -9.91 -5.50
N VAL A 111 6.32 -9.61 -5.65
CA VAL A 111 5.86 -8.29 -6.04
C VAL A 111 4.70 -7.86 -5.16
N ILE A 112 4.63 -6.54 -4.89
CA ILE A 112 3.54 -5.96 -4.13
C ILE A 112 3.21 -4.58 -4.73
N PRO A 113 2.20 -4.47 -5.59
CA PRO A 113 1.84 -3.21 -6.22
C PRO A 113 0.95 -2.36 -5.34
N TRP A 114 0.89 -1.05 -5.58
CA TRP A 114 -0.11 -0.21 -4.94
C TRP A 114 -1.39 -0.28 -5.76
N VAL A 115 -2.50 -0.70 -5.16
CA VAL A 115 -3.78 -0.72 -5.84
C VAL A 115 -4.55 0.55 -5.50
N LEU A 116 -5.34 1.06 -6.45
CA LEU A 116 -6.22 2.20 -6.26
C LEU A 116 -7.20 1.88 -5.10
N ALA A 117 -7.45 0.60 -4.83
CA ALA A 117 -8.29 0.21 -3.70
C ALA A 117 -7.67 0.62 -2.35
N ASP A 118 -6.37 0.89 -2.33
CA ASP A 118 -5.67 1.25 -1.09
C ASP A 118 -5.44 2.75 -0.99
N SER A 119 -6.03 3.56 -1.87
CA SER A 119 -5.78 5.01 -1.84
C SER A 119 -6.93 5.79 -1.22
N ASN A 120 -8.17 5.26 -1.27
CA ASN A 120 -9.35 5.90 -0.69
C ASN A 120 -10.52 4.92 -0.63
N PHE A 121 -11.55 5.26 0.14
CA PHE A 121 -12.75 4.47 0.35
C PHE A 121 -13.93 5.34 0.82
N VAL A 122 -15.16 4.95 0.45
CA VAL A 122 -16.36 5.61 0.95
C VAL A 122 -17.27 4.58 1.58
N ARG A 123 -18.04 4.99 2.58
CA ARG A 123 -19.02 4.13 3.21
C ARG A 123 -20.40 4.30 2.58
N SER A 124 -20.56 5.33 1.75
CA SER A 124 -21.83 5.67 1.12
C SER A 124 -21.63 6.17 -0.29
N PRO A 125 -22.61 5.96 -1.19
CA PRO A 125 -22.57 6.52 -2.53
C PRO A 125 -22.92 8.01 -2.50
N SER A 126 -21.99 8.85 -2.93
CA SER A 126 -22.19 10.27 -2.92
C SER A 126 -21.52 10.94 -4.12
N GLN A 127 -21.93 12.17 -4.45
CA GLN A 127 -21.34 12.93 -5.54
C GLN A 127 -20.02 13.60 -5.15
N ARG A 128 -19.83 13.89 -3.85
CA ARG A 128 -18.66 14.59 -3.32
C ARG A 128 -18.62 14.39 -1.80
N LEU A 129 -17.53 14.80 -1.18
CA LEU A 129 -17.24 14.64 0.23
C LEU A 129 -17.60 15.90 1.02
N ASP A 130 -17.37 15.91 2.34
CA ASP A 130 -17.61 17.08 3.18
C ASP A 130 -16.25 17.76 3.44
N PRO A 131 -15.95 18.87 2.77
CA PRO A 131 -14.66 19.53 2.92
C PRO A 131 -14.56 20.43 4.17
N SER A 132 -15.68 20.60 4.90
CA SER A 132 -15.73 21.54 6.00
C SER A 132 -15.35 20.86 7.31
N ARG A 133 -15.50 19.52 7.38
CA ARG A 133 -15.22 18.80 8.61
C ARG A 133 -14.34 17.61 8.34
N THR A 134 -13.05 17.66 8.67
CA THR A 134 -12.15 16.57 8.44
C THR A 134 -10.97 16.63 9.43
N VAL A 135 -10.34 15.48 9.68
CA VAL A 135 -9.17 15.43 10.53
C VAL A 135 -8.07 14.61 9.89
N PHE A 136 -6.84 14.91 10.27
CA PHE A 136 -5.68 14.28 9.72
C PHE A 136 -5.39 13.00 10.50
N VAL A 137 -4.90 11.99 9.78
CA VAL A 137 -4.53 10.73 10.39
C VAL A 137 -3.05 10.47 10.10
N GLY A 138 -2.32 9.94 11.10
CA GLY A 138 -0.87 9.70 10.95
C GLY A 138 -0.35 8.68 11.97
N ALA A 139 0.94 8.35 11.88
CA ALA A 139 1.71 7.50 12.80
C ALA A 139 1.19 6.06 12.93
N LEU A 140 0.22 5.70 12.10
CA LEU A 140 -0.34 4.36 12.01
C LEU A 140 0.53 3.36 11.24
N HIS A 141 0.02 2.15 10.98
CA HIS A 141 0.64 1.02 10.27
C HIS A 141 1.34 1.38 8.95
N GLY A 142 2.40 0.64 8.67
CA GLY A 142 3.33 0.88 7.57
C GLY A 142 2.76 0.56 6.19
N MET A 143 1.53 0.05 6.09
CA MET A 143 0.92 -0.23 4.78
C MET A 143 -0.62 -0.11 4.84
N LEU A 144 -1.13 0.78 5.70
CA LEU A 144 -2.55 0.97 5.91
C LEU A 144 -3.32 1.00 4.60
N ASN A 145 -4.49 0.39 4.60
CA ASN A 145 -5.35 0.34 3.43
C ASN A 145 -6.80 0.68 3.82
N ALA A 146 -7.72 0.62 2.85
CA ALA A 146 -9.13 0.84 3.15
C ALA A 146 -9.63 -0.09 4.27
N GLU A 147 -8.91 -1.20 4.48
CA GLU A 147 -9.14 -2.20 5.52
C GLU A 147 -9.40 -1.53 6.88
N ALA A 148 -8.41 -0.80 7.38
CA ALA A 148 -8.47 -0.24 8.72
C ALA A 148 -9.29 1.06 8.69
N LEU A 149 -9.29 1.79 7.59
CA LEU A 149 -10.07 3.03 7.55
C LEU A 149 -11.55 2.72 7.66
N ALA A 150 -12.00 1.60 7.07
CA ALA A 150 -13.41 1.29 7.11
C ALA A 150 -13.84 0.81 8.50
N ALA A 151 -13.01 -0.02 9.16
CA ALA A 151 -13.39 -0.56 10.46
C ALA A 151 -13.29 0.49 11.56
N ILE A 152 -12.24 1.29 11.53
CA ILE A 152 -12.02 2.27 12.58
C ILE A 152 -13.13 3.32 12.54
N LEU A 153 -13.53 3.80 11.37
CA LEU A 153 -14.42 4.95 11.29
C LEU A 153 -15.88 4.58 11.59
N ASN A 154 -16.34 3.38 11.25
CA ASN A 154 -17.73 3.06 11.56
C ASN A 154 -17.90 2.60 13.02
N ASP A 155 -16.80 2.22 13.67
CA ASP A 155 -16.88 1.71 15.02
C ASP A 155 -16.46 2.75 16.07
N LEU A 156 -15.64 3.73 15.69
CA LEU A 156 -15.07 4.69 16.62
C LEU A 156 -15.93 5.92 16.74
N PHE A 157 -16.75 6.18 15.71
CA PHE A 157 -17.69 7.29 15.66
C PHE A 157 -19.07 6.85 15.12
N GLY A 158 -19.05 6.10 14.00
CA GLY A 158 -20.26 5.59 13.40
C GLY A 158 -20.99 6.57 12.47
N GLY A 159 -20.67 7.87 12.56
CA GLY A 159 -21.30 8.89 11.73
C GLY A 159 -20.45 9.31 10.51
N VAL A 160 -19.52 8.46 10.07
CA VAL A 160 -18.57 8.81 9.05
C VAL A 160 -19.09 8.49 7.65
N VAL A 161 -18.39 9.04 6.65
CA VAL A 161 -18.79 8.86 5.27
C VAL A 161 -17.66 8.50 4.33
N TYR A 162 -16.44 8.95 4.59
CA TYR A 162 -15.33 8.74 3.66
C TYR A 162 -13.99 8.79 4.36
N ALA A 163 -12.95 8.26 3.69
CA ALA A 163 -11.58 8.35 4.15
C ALA A 163 -10.64 8.27 2.94
N GLY A 164 -9.48 8.96 2.95
CA GLY A 164 -8.50 8.84 1.89
C GLY A 164 -7.05 9.01 2.40
N ILE A 165 -6.12 8.35 1.71
CA ILE A 165 -4.70 8.37 1.99
C ILE A 165 -4.06 9.57 1.27
N ASP A 166 -3.17 10.27 1.97
CA ASP A 166 -2.51 11.48 1.46
C ASP A 166 -1.28 11.14 0.63
N THR A 167 -1.53 10.37 -0.44
CA THR A 167 -0.47 10.00 -1.36
C THR A 167 0.20 11.22 -2.01
N ASP A 168 1.43 10.96 -2.48
CA ASP A 168 2.26 11.89 -3.22
C ASP A 168 2.94 11.09 -4.33
N LYS A 169 3.40 11.76 -5.40
CA LYS A 169 3.95 11.11 -6.57
C LYS A 169 5.14 10.21 -6.17
N HIS A 170 4.95 8.90 -6.33
CA HIS A 170 6.00 7.88 -6.14
C HIS A 170 6.68 7.95 -4.76
N LYS A 171 6.10 8.64 -3.76
CA LYS A 171 6.70 8.76 -2.44
C LYS A 171 6.35 7.60 -1.52
N TYR A 172 5.42 6.73 -1.93
CA TYR A 172 4.93 5.57 -1.19
C TYR A 172 4.75 5.78 0.33
N PRO A 173 3.98 6.81 0.76
CA PRO A 173 3.80 7.12 2.18
C PRO A 173 2.94 6.09 2.92
N ILE A 174 1.78 5.73 2.37
CA ILE A 174 0.83 4.74 2.90
C ILE A 174 0.67 4.77 4.44
N GLY A 175 0.92 5.95 5.03
CA GLY A 175 0.93 6.10 6.48
C GLY A 175 0.42 7.45 6.90
N SER A 176 -0.32 8.15 6.03
CA SER A 176 -0.92 9.43 6.37
C SER A 176 -2.20 9.65 5.58
N GLY A 177 -3.08 10.54 6.03
CA GLY A 177 -4.36 10.76 5.34
C GLY A 177 -5.29 11.77 5.96
N ARG A 178 -6.58 11.63 5.66
CA ARG A 178 -7.63 12.46 6.23
C ARG A 178 -8.97 11.74 6.11
N VAL A 179 -9.99 12.20 6.85
CA VAL A 179 -11.31 11.58 6.85
C VAL A 179 -12.39 12.67 6.86
N THR A 180 -13.49 12.44 6.16
CA THR A 180 -14.62 13.37 6.16
C THR A 180 -15.79 12.72 6.84
N PHE A 181 -16.60 13.55 7.48
CA PHE A 181 -17.66 13.10 8.34
C PHE A 181 -18.96 13.64 7.82
N ASN A 182 -20.06 13.03 8.25
CA ASN A 182 -21.40 13.48 7.83
C ASN A 182 -22.18 14.06 9.00
N ASN A 183 -21.57 14.12 10.17
CA ASN A 183 -22.11 14.76 11.36
C ASN A 183 -20.94 15.27 12.21
N GLN A 184 -21.20 16.16 13.19
CA GLN A 184 -20.15 16.75 13.99
C GLN A 184 -19.72 15.82 15.10
N ARG A 185 -20.51 14.77 15.37
CA ARG A 185 -20.16 13.88 16.48
C ARG A 185 -18.78 13.25 16.25
N SER A 186 -18.42 12.96 15.01
CA SER A 186 -17.20 12.28 14.72
C SER A 186 -16.01 13.23 14.76
N TYR A 187 -16.28 14.54 14.65
CA TYR A 187 -15.23 15.53 14.61
C TYR A 187 -14.58 15.64 15.97
N LEU A 188 -15.35 16.06 16.97
CA LEU A 188 -14.76 16.27 18.27
C LEU A 188 -14.40 14.98 18.96
N LYS A 189 -14.99 13.86 18.53
CA LYS A 189 -14.72 12.57 19.16
C LYS A 189 -13.40 11.99 18.64
N ALA A 190 -12.97 12.38 17.43
CA ALA A 190 -11.74 11.88 16.86
C ALA A 190 -10.53 12.59 17.44
N VAL A 191 -10.68 13.90 17.66
CA VAL A 191 -9.56 14.67 18.18
C VAL A 191 -9.44 14.45 19.69
N SER A 192 -10.50 14.02 20.36
CA SER A 192 -10.46 13.79 21.80
C SER A 192 -9.99 12.35 22.06
N ALA A 193 -10.24 11.44 21.10
CA ALA A 193 -9.78 10.07 21.22
C ALA A 193 -8.27 10.06 21.01
N ALA A 194 -7.82 10.77 19.96
CA ALA A 194 -6.42 11.03 19.62
C ALA A 194 -5.57 9.77 19.33
N PHE A 195 -5.91 8.60 19.88
CA PHE A 195 -5.14 7.38 19.66
C PHE A 195 -5.97 6.14 19.90
N VAL A 196 -5.66 5.05 19.17
CA VAL A 196 -6.24 3.75 19.46
C VAL A 196 -5.17 2.68 19.40
N GLU A 197 -5.34 1.66 20.22
CA GLU A 197 -4.43 0.53 20.25
C GLU A 197 -5.15 -0.66 19.61
N ILE A 198 -4.96 -0.90 18.33
CA ILE A 198 -5.57 -2.02 17.66
C ILE A 198 -4.95 -3.32 18.17
N LYS A 199 -5.81 -4.25 18.58
CA LYS A 199 -5.37 -5.57 19.04
C LYS A 199 -6.17 -6.67 18.33
N THR A 200 -5.46 -7.72 17.90
CA THR A 200 -6.01 -8.88 17.21
C THR A 200 -5.03 -10.06 17.39
N THR A 201 -5.38 -11.27 16.93
CA THR A 201 -4.50 -12.42 17.10
C THR A 201 -3.31 -12.38 16.13
N LYS A 202 -3.44 -11.60 15.04
CA LYS A 202 -2.40 -11.51 14.00
C LYS A 202 -2.22 -10.06 13.49
N PHE A 203 -2.60 -9.07 14.32
CA PHE A 203 -2.47 -7.65 14.00
C PHE A 203 -2.42 -6.79 15.28
N THR A 204 -1.32 -6.06 15.52
CA THR A 204 -1.17 -5.21 16.71
C THR A 204 -0.35 -3.96 16.42
N LYS A 205 -0.99 -2.79 16.46
CA LYS A 205 -0.29 -1.52 16.38
C LYS A 205 -1.19 -0.38 16.81
N LYS A 206 -0.61 0.83 16.91
CA LYS A 206 -1.38 2.03 17.24
C LYS A 206 -1.66 2.82 15.95
N VAL A 207 -2.55 3.80 16.08
CA VAL A 207 -2.95 4.67 14.98
C VAL A 207 -3.35 6.00 15.56
N GLN A 208 -2.93 7.12 14.97
CA GLN A 208 -3.11 8.42 15.59
C GLN A 208 -3.99 9.35 14.78
N ILE A 209 -4.65 10.30 15.47
CA ILE A 209 -5.53 11.27 14.84
C ILE A 209 -5.04 12.63 15.28
N ASP A 210 -4.96 13.59 14.36
CA ASP A 210 -4.41 14.91 14.68
C ASP A 210 -5.36 16.00 14.16
N PRO A 211 -5.57 17.08 14.93
CA PRO A 211 -6.39 18.22 14.53
C PRO A 211 -6.04 18.88 13.20
N TYR A 212 -7.05 19.45 12.54
CA TYR A 212 -6.94 20.04 11.22
C TYR A 212 -6.80 21.56 11.24
N MET A 1 -7.53 3.60 24.21
CA MET A 1 -8.97 3.39 23.94
C MET A 1 -9.30 1.91 23.93
N THR A 2 -8.83 1.22 22.87
CA THR A 2 -9.02 -0.23 22.62
C THR A 2 -10.47 -0.67 22.71
N TRP A 3 -11.01 -1.22 21.60
CA TRP A 3 -12.39 -1.71 21.55
C TRP A 3 -12.43 -3.14 20.99
N SER A 4 -11.31 -3.57 20.41
CA SER A 4 -11.17 -4.88 19.79
C SER A 4 -12.36 -5.27 18.93
N GLY A 5 -12.63 -4.50 17.90
CA GLY A 5 -13.75 -4.76 17.00
C GLY A 5 -13.54 -5.98 16.08
N GLN A 6 -12.31 -6.44 15.86
CA GLN A 6 -12.06 -7.62 15.03
C GLN A 6 -12.60 -7.51 13.60
N LEU A 7 -12.60 -6.29 13.06
CA LEU A 7 -12.97 -6.05 11.66
C LEU A 7 -11.81 -6.49 10.76
N PRO A 8 -12.10 -6.91 9.51
CA PRO A 8 -11.09 -7.31 8.55
C PRO A 8 -10.26 -6.08 8.09
N PRO A 9 -8.93 -6.08 8.36
CA PRO A 9 -8.00 -5.01 8.05
C PRO A 9 -7.20 -5.21 6.75
N ARG A 10 -7.49 -6.26 5.96
CA ARG A 10 -6.75 -6.61 4.74
C ARG A 10 -7.66 -7.02 3.58
N ASN A 11 -8.98 -6.80 3.73
CA ASN A 11 -9.94 -7.28 2.74
C ASN A 11 -10.05 -6.33 1.54
N TYR A 12 -8.92 -5.76 1.12
CA TYR A 12 -8.92 -4.79 0.04
C TYR A 12 -9.39 -5.40 -1.28
N LYS A 13 -9.94 -4.55 -2.16
CA LYS A 13 -10.64 -4.97 -3.39
C LYS A 13 -9.68 -5.11 -4.56
N ASN A 14 -8.45 -4.59 -4.44
CA ASN A 14 -7.43 -4.74 -5.49
C ASN A 14 -7.85 -4.38 -6.92
N PRO A 15 -8.58 -3.26 -7.12
CA PRO A 15 -9.13 -2.93 -8.43
C PRO A 15 -8.09 -2.34 -9.41
N ILE A 16 -7.23 -1.42 -8.95
CA ILE A 16 -6.30 -0.64 -9.78
C ILE A 16 -5.10 -0.28 -8.90
N TYR A 17 -3.96 0.01 -9.54
CA TYR A 17 -2.74 0.45 -8.85
C TYR A 17 -2.57 1.96 -9.02
N SER A 18 -2.07 2.64 -7.99
CA SER A 18 -2.04 4.11 -8.05
C SER A 18 -0.65 4.68 -7.75
N CYS A 19 0.35 3.81 -7.55
CA CYS A 19 1.70 4.26 -7.26
C CYS A 19 2.67 3.18 -7.73
N LYS A 20 3.97 3.45 -7.54
CA LYS A 20 5.04 2.52 -7.85
C LYS A 20 4.73 1.14 -7.25
N VAL A 21 5.48 0.14 -7.70
CA VAL A 21 5.31 -1.24 -7.26
C VAL A 21 6.62 -1.83 -6.77
N PHE A 22 6.54 -2.75 -5.81
CA PHE A 22 7.74 -3.40 -5.28
C PHE A 22 8.05 -4.72 -5.97
N LEU A 23 9.33 -4.85 -6.34
CA LEU A 23 9.85 -6.05 -6.97
C LEU A 23 11.19 -6.44 -6.32
N GLY A 24 11.26 -7.63 -5.73
CA GLY A 24 12.49 -8.04 -5.06
C GLY A 24 12.32 -9.38 -4.31
N GLY A 25 13.41 -9.95 -3.85
CA GLY A 25 13.42 -11.20 -3.10
C GLY A 25 14.49 -12.18 -3.59
N VAL A 26 15.30 -11.81 -4.58
CA VAL A 26 16.30 -12.71 -5.08
C VAL A 26 17.45 -12.75 -4.10
N PRO A 27 17.92 -13.94 -3.73
CA PRO A 27 19.02 -14.14 -2.79
C PRO A 27 20.37 -14.14 -3.50
N TRP A 28 20.36 -14.25 -4.83
CA TRP A 28 21.60 -14.14 -5.60
C TRP A 28 21.79 -12.84 -6.36
N ASP A 29 20.79 -12.46 -7.23
CA ASP A 29 20.97 -11.36 -8.16
C ASP A 29 22.15 -11.47 -9.14
N ILE A 30 21.98 -10.85 -10.29
CA ILE A 30 23.05 -10.86 -11.30
C ILE A 30 23.12 -9.55 -12.07
N THR A 31 21.96 -9.00 -12.40
CA THR A 31 21.83 -7.72 -13.04
C THR A 31 20.37 -7.27 -12.90
N GLU A 32 20.06 -6.14 -12.27
CA GLU A 32 18.69 -5.68 -12.10
C GLU A 32 18.14 -5.14 -13.40
N ALA A 33 19.01 -4.71 -14.31
CA ALA A 33 18.65 -4.17 -15.60
C ALA A 33 18.35 -5.30 -16.60
N GLY A 34 18.72 -6.53 -16.23
CA GLY A 34 18.41 -7.70 -17.04
C GLY A 34 16.93 -8.07 -16.86
N LEU A 35 16.41 -8.00 -15.63
CA LEU A 35 15.02 -8.33 -15.34
C LEU A 35 14.10 -7.29 -15.96
N VAL A 36 14.49 -6.03 -15.84
CA VAL A 36 13.78 -4.94 -16.45
C VAL A 36 13.77 -5.10 -17.98
N ASN A 37 14.86 -5.59 -18.57
CA ASN A 37 14.87 -5.83 -20.00
C ASN A 37 14.03 -7.08 -20.35
N THR A 38 13.69 -7.92 -19.37
CA THR A 38 12.91 -9.13 -19.63
C THR A 38 11.44 -8.77 -19.77
N PHE A 39 11.04 -7.65 -19.14
CA PHE A 39 9.64 -7.25 -19.14
C PHE A 39 9.39 -5.74 -19.33
N ARG A 40 10.24 -5.02 -20.08
CA ARG A 40 9.97 -3.64 -20.46
C ARG A 40 9.50 -3.54 -21.92
N VAL A 41 9.14 -4.68 -22.54
CA VAL A 41 8.82 -4.73 -23.96
C VAL A 41 7.39 -4.22 -24.25
N PHE A 42 6.86 -3.40 -23.36
CA PHE A 42 5.52 -2.80 -23.54
C PHE A 42 5.61 -1.30 -23.84
N GLY A 43 6.85 -0.77 -23.87
CA GLY A 43 7.08 0.62 -24.16
C GLY A 43 7.56 1.39 -22.92
N SER A 44 6.58 1.74 -22.07
CA SER A 44 6.86 2.63 -20.94
C SER A 44 7.31 1.84 -19.71
N LEU A 45 8.59 1.93 -19.34
CA LEU A 45 9.06 1.42 -18.05
C LEU A 45 10.30 2.20 -17.60
N SER A 46 10.38 2.53 -16.29
CA SER A 46 11.57 3.11 -15.66
C SER A 46 11.77 2.47 -14.31
N VAL A 47 12.91 2.80 -13.67
CA VAL A 47 13.39 2.10 -12.48
C VAL A 47 14.07 3.03 -11.49
N GLU A 48 13.94 2.73 -10.21
CA GLU A 48 14.57 3.50 -9.14
C GLU A 48 14.78 2.63 -7.89
N TRP A 49 15.83 2.98 -7.10
CA TRP A 49 16.04 2.30 -5.83
C TRP A 49 16.94 3.19 -4.96
N PRO A 50 16.64 3.29 -3.66
CA PRO A 50 17.43 4.08 -2.74
C PRO A 50 18.70 3.33 -2.31
N GLY A 51 19.66 4.08 -1.72
CA GLY A 51 20.90 3.54 -1.21
C GLY A 51 22.01 3.68 -2.21
N LYS A 52 22.71 2.58 -2.50
CA LYS A 52 23.83 2.61 -3.41
C LYS A 52 23.30 2.50 -4.86
N ASP A 53 23.41 3.61 -5.57
CA ASP A 53 22.95 3.70 -6.95
C ASP A 53 24.11 4.20 -7.83
N GLY A 54 24.24 3.65 -9.05
CA GLY A 54 25.25 4.09 -10.01
C GLY A 54 25.12 3.37 -11.36
N LYS A 55 26.27 3.16 -12.02
CA LYS A 55 26.39 2.57 -13.34
C LYS A 55 26.32 1.03 -13.27
N HIS A 56 26.14 0.47 -12.07
CA HIS A 56 26.19 -0.99 -11.85
C HIS A 56 24.92 -1.45 -11.15
N PRO A 57 24.00 -2.07 -11.93
CA PRO A 57 22.68 -2.50 -11.49
C PRO A 57 22.75 -3.81 -10.68
N ARG A 58 23.86 -4.05 -10.01
CA ARG A 58 24.05 -5.26 -9.21
C ARG A 58 24.63 -4.95 -7.82
N CYS A 59 24.64 -3.66 -7.44
CA CYS A 59 25.27 -3.22 -6.20
C CYS A 59 24.34 -3.42 -4.97
N PRO A 60 23.00 -3.31 -5.07
CA PRO A 60 22.09 -3.56 -3.95
C PRO A 60 22.29 -4.96 -3.35
N PRO A 61 22.59 -5.07 -2.05
CA PRO A 61 22.82 -6.32 -1.37
C PRO A 61 21.51 -7.00 -0.94
N LYS A 62 20.36 -6.45 -1.33
CA LYS A 62 19.04 -6.91 -0.87
C LYS A 62 18.08 -7.35 -1.97
N GLY A 63 18.54 -7.42 -3.23
CA GLY A 63 17.72 -7.95 -4.31
C GLY A 63 16.40 -7.20 -4.52
N TYR A 64 16.26 -5.98 -3.99
CA TYR A 64 15.02 -5.23 -4.09
C TYR A 64 15.21 -4.00 -4.97
N VAL A 65 14.13 -3.66 -5.66
CA VAL A 65 14.08 -2.51 -6.57
C VAL A 65 12.64 -2.02 -6.72
N TYR A 66 12.45 -0.75 -7.12
CA TYR A 66 11.12 -0.23 -7.31
C TYR A 66 10.85 -0.02 -8.80
N LEU A 67 9.60 -0.04 -9.24
CA LEU A 67 9.29 0.35 -10.60
C LEU A 67 8.40 1.61 -10.61
N VAL A 68 8.77 2.54 -11.47
CA VAL A 68 8.01 3.76 -11.74
C VAL A 68 7.71 3.76 -13.24
N PHE A 69 6.43 3.57 -13.56
CA PHE A 69 6.03 3.45 -14.93
C PHE A 69 4.50 3.55 -15.07
N GLU A 70 3.97 3.18 -16.26
CA GLU A 70 2.56 3.17 -16.59
C GLU A 70 1.83 2.34 -15.54
N LEU A 71 1.25 3.01 -14.53
CA LEU A 71 0.74 2.40 -13.30
C LEU A 71 -0.58 1.63 -13.46
N GLU A 72 -1.17 1.65 -14.66
CA GLU A 72 -2.45 1.01 -14.86
C GLU A 72 -2.38 -0.24 -15.75
N LYS A 73 -2.04 -0.04 -17.04
CA LYS A 73 -2.12 -1.12 -18.03
C LYS A 73 -0.80 -1.90 -18.05
N SER A 74 0.36 -1.32 -17.76
CA SER A 74 1.57 -2.12 -17.72
C SER A 74 1.72 -2.79 -16.34
N VAL A 75 1.16 -2.23 -15.30
CA VAL A 75 1.20 -2.86 -13.97
C VAL A 75 0.32 -4.10 -14.03
N ARG A 76 -0.96 -3.98 -14.42
CA ARG A 76 -1.88 -5.11 -14.44
C ARG A 76 -1.37 -6.25 -15.35
N SER A 77 -0.65 -5.90 -16.41
CA SER A 77 -0.11 -6.89 -17.35
C SER A 77 0.96 -7.72 -16.73
N LEU A 78 1.80 -7.10 -15.90
CA LEU A 78 2.91 -7.80 -15.28
C LEU A 78 2.33 -8.74 -14.23
N LEU A 79 1.34 -8.27 -13.48
CA LEU A 79 0.80 -9.06 -12.40
C LEU A 79 -0.05 -10.21 -12.89
N GLN A 80 -0.51 -10.11 -14.15
CA GLN A 80 -1.30 -11.17 -14.77
C GLN A 80 -0.40 -12.03 -15.65
N ALA A 81 0.88 -11.64 -15.75
CA ALA A 81 1.91 -12.47 -16.38
C ALA A 81 2.76 -13.15 -15.32
N CYS A 82 2.48 -12.76 -14.07
CA CYS A 82 3.07 -13.31 -12.85
C CYS A 82 2.22 -14.48 -12.34
N SER A 83 2.35 -14.76 -11.05
CA SER A 83 1.60 -15.81 -10.40
C SER A 83 1.08 -15.34 -9.03
N HIS A 84 0.41 -16.21 -8.29
CA HIS A 84 -0.25 -15.89 -7.05
C HIS A 84 -0.05 -16.96 -5.99
N ASP A 85 0.08 -16.54 -4.75
CA ASP A 85 0.29 -17.47 -3.64
C ASP A 85 -0.82 -17.35 -2.62
N PRO A 86 -1.45 -18.49 -2.28
CA PRO A 86 -2.47 -18.64 -1.28
C PRO A 86 -1.83 -18.80 0.11
N LEU A 87 -0.74 -18.09 0.40
CA LEU A 87 -0.07 -18.16 1.68
C LEU A 87 -0.87 -17.50 2.81
N SER A 88 -1.81 -16.61 2.42
CA SER A 88 -2.75 -15.97 3.31
C SER A 88 -3.89 -15.39 2.48
N PRO A 89 -4.78 -16.25 2.00
CA PRO A 89 -5.88 -15.87 1.16
C PRO A 89 -6.90 -14.94 1.84
N ASP A 90 -6.76 -14.67 3.14
CA ASP A 90 -7.76 -13.89 3.88
C ASP A 90 -7.72 -12.43 3.47
N GLY A 91 -6.65 -12.04 2.76
CA GLY A 91 -6.50 -10.71 2.22
C GLY A 91 -5.04 -10.33 2.02
N LEU A 92 -4.13 -10.94 2.78
CA LEU A 92 -2.68 -10.68 2.76
C LEU A 92 -1.94 -11.67 1.87
N SER A 93 -2.55 -12.04 0.74
CA SER A 93 -1.98 -12.93 -0.26
C SER A 93 -0.78 -12.26 -0.89
N GLU A 94 0.05 -12.97 -1.64
CA GLU A 94 1.27 -12.38 -2.19
C GLU A 94 1.47 -12.84 -3.61
N TYR A 95 2.17 -12.04 -4.42
CA TYR A 95 2.38 -12.42 -5.81
C TYR A 95 3.83 -12.77 -6.07
N TYR A 96 4.07 -13.65 -7.05
CA TYR A 96 5.39 -14.15 -7.33
C TYR A 96 5.53 -14.41 -8.81
N PHE A 97 6.77 -14.47 -9.30
CA PHE A 97 7.05 -14.81 -10.68
C PHE A 97 8.53 -15.20 -10.80
N LYS A 98 8.90 -16.06 -11.75
CA LYS A 98 10.31 -16.41 -11.96
C LYS A 98 10.77 -15.92 -13.33
N MET A 99 11.92 -15.24 -13.34
CA MET A 99 12.44 -14.58 -14.53
C MET A 99 13.72 -15.27 -15.02
N SER A 100 13.96 -16.49 -14.54
CA SER A 100 15.13 -17.27 -14.91
C SER A 100 14.79 -18.71 -15.29
N SER A 101 15.32 -19.18 -16.41
CA SER A 101 15.09 -20.54 -16.92
C SER A 101 16.39 -21.15 -17.47
N ARG A 102 17.39 -20.31 -17.77
CA ARG A 102 18.69 -20.78 -18.20
C ARG A 102 19.86 -20.01 -17.55
N ARG A 103 19.57 -18.83 -16.97
CA ARG A 103 20.58 -18.01 -16.34
C ARG A 103 20.78 -18.32 -14.87
N MET A 104 19.79 -18.86 -14.17
CA MET A 104 19.86 -19.25 -12.77
C MET A 104 18.95 -20.44 -12.51
N ARG A 105 17.71 -20.38 -13.01
CA ARG A 105 16.72 -21.47 -13.02
C ARG A 105 16.56 -22.18 -11.68
N CYS A 106 16.58 -21.45 -10.55
CA CYS A 106 16.51 -22.08 -9.23
C CYS A 106 15.50 -21.42 -8.32
N LYS A 107 15.08 -20.18 -8.61
CA LYS A 107 14.21 -19.41 -7.73
C LYS A 107 13.26 -18.45 -8.47
N GLU A 108 12.32 -17.93 -7.70
CA GLU A 108 11.37 -16.93 -8.14
C GLU A 108 11.47 -15.70 -7.23
N VAL A 109 11.01 -14.57 -7.76
CA VAL A 109 10.96 -13.31 -7.01
C VAL A 109 9.51 -13.00 -6.64
N GLN A 110 9.27 -12.06 -5.71
CA GLN A 110 7.93 -11.72 -5.27
C GLN A 110 7.57 -10.27 -5.55
N VAL A 111 6.30 -9.94 -5.44
CA VAL A 111 5.79 -8.63 -5.83
C VAL A 111 4.71 -8.14 -4.86
N ILE A 112 4.76 -6.82 -4.57
CA ILE A 112 3.74 -6.16 -3.74
C ILE A 112 3.50 -4.75 -4.33
N PRO A 113 2.45 -4.57 -5.14
CA PRO A 113 2.17 -3.29 -5.76
C PRO A 113 1.40 -2.37 -4.83
N TRP A 114 1.50 -1.06 -5.05
CA TRP A 114 0.67 -0.13 -4.30
C TRP A 114 -0.70 -0.08 -4.93
N VAL A 115 -1.69 -0.44 -4.14
CA VAL A 115 -3.06 -0.54 -4.66
C VAL A 115 -3.86 0.73 -4.36
N LEU A 116 -4.90 0.96 -5.16
CA LEU A 116 -5.84 2.05 -4.92
C LEU A 116 -6.41 1.99 -3.49
N ALA A 117 -6.53 0.78 -2.96
CA ALA A 117 -7.01 0.49 -1.62
C ALA A 117 -5.95 0.83 -0.53
N ASP A 118 -4.83 1.44 -0.92
CA ASP A 118 -3.84 1.97 0.00
C ASP A 118 -3.81 3.50 -0.08
N SER A 119 -4.73 4.10 -0.83
CA SER A 119 -4.76 5.55 -1.04
C SER A 119 -6.10 6.19 -0.65
N ASN A 120 -7.23 5.49 -0.74
CA ASN A 120 -8.51 6.13 -0.48
C ASN A 120 -9.55 5.10 -0.02
N PHE A 121 -10.67 5.59 0.53
CA PHE A 121 -11.82 4.79 0.97
C PHE A 121 -13.12 5.60 0.91
N VAL A 122 -14.22 5.03 0.41
CA VAL A 122 -15.53 5.66 0.48
C VAL A 122 -16.52 4.82 1.32
N ARG A 123 -17.41 5.53 1.99
CA ARG A 123 -18.46 4.89 2.79
C ARG A 123 -19.84 5.15 2.18
N SER A 124 -19.83 5.81 1.02
CA SER A 124 -21.00 6.23 0.27
C SER A 124 -20.83 5.87 -1.21
N PRO A 125 -21.94 5.60 -1.92
CA PRO A 125 -21.95 5.17 -3.30
C PRO A 125 -21.91 6.33 -4.33
N SER A 126 -22.02 7.58 -3.86
CA SER A 126 -22.07 8.67 -4.83
C SER A 126 -21.47 9.97 -4.31
N GLN A 127 -21.30 10.09 -2.98
CA GLN A 127 -20.84 11.31 -2.31
C GLN A 127 -19.36 11.23 -2.05
N ARG A 128 -18.74 12.36 -1.70
CA ARG A 128 -17.30 12.45 -1.53
C ARG A 128 -16.95 13.52 -0.51
N LEU A 129 -15.66 13.84 -0.44
CA LEU A 129 -15.03 14.84 0.44
C LEU A 129 -15.87 16.09 0.68
N ASP A 130 -15.62 16.68 1.86
CA ASP A 130 -16.24 17.92 2.35
C ASP A 130 -15.12 18.83 2.87
N PRO A 131 -15.15 20.13 2.54
CA PRO A 131 -14.03 21.02 2.80
C PRO A 131 -14.00 21.57 4.21
N SER A 132 -14.89 21.15 5.12
CA SER A 132 -14.92 21.75 6.44
C SER A 132 -15.14 20.75 7.58
N ARG A 133 -15.39 19.47 7.28
CA ARG A 133 -15.67 18.47 8.31
C ARG A 133 -14.71 17.31 8.15
N THR A 134 -13.43 17.53 8.45
CA THR A 134 -12.41 16.51 8.23
C THR A 134 -11.30 16.69 9.22
N VAL A 135 -10.59 15.61 9.56
CA VAL A 135 -9.47 15.71 10.51
C VAL A 135 -8.22 15.06 9.94
N PHE A 136 -7.08 15.34 10.56
CA PHE A 136 -5.82 14.78 10.13
C PHE A 136 -5.59 13.37 10.69
N VAL A 137 -4.83 12.57 9.94
CA VAL A 137 -4.47 11.22 10.31
C VAL A 137 -2.98 11.00 10.12
N GLY A 138 -2.36 10.26 11.02
CA GLY A 138 -0.96 9.92 10.85
C GLY A 138 -0.54 8.78 11.76
N ALA A 139 0.77 8.63 11.92
CA ALA A 139 1.44 7.61 12.71
C ALA A 139 1.06 6.18 12.31
N LEU A 140 0.87 5.93 11.01
CA LEU A 140 0.55 4.57 10.55
C LEU A 140 1.80 3.68 10.67
N HIS A 141 1.65 2.35 10.55
CA HIS A 141 2.74 1.42 10.78
C HIS A 141 3.65 1.22 9.56
N GLY A 142 3.40 1.99 8.47
CA GLY A 142 4.32 1.98 7.34
C GLY A 142 3.75 1.25 6.13
N MET A 143 2.52 0.74 6.24
CA MET A 143 1.84 0.14 5.10
C MET A 143 0.34 -0.01 5.39
N LEU A 144 -0.25 0.77 6.32
CA LEU A 144 -1.63 0.61 6.68
C LEU A 144 -2.54 0.91 5.48
N ASN A 145 -3.60 0.14 5.31
CA ASN A 145 -4.44 0.22 4.11
C ASN A 145 -5.87 0.69 4.44
N ALA A 146 -6.74 0.74 3.41
CA ALA A 146 -8.07 1.31 3.49
C ALA A 146 -8.98 0.48 4.37
N GLU A 147 -8.73 -0.82 4.45
CA GLU A 147 -9.59 -1.68 5.25
C GLU A 147 -9.39 -1.46 6.75
N ALA A 148 -8.16 -1.13 7.18
CA ALA A 148 -7.92 -0.89 8.60
C ALA A 148 -8.50 0.49 8.96
N LEU A 149 -8.43 1.43 8.01
CA LEU A 149 -9.07 2.74 8.17
C LEU A 149 -10.58 2.53 8.33
N ALA A 150 -11.21 1.80 7.41
CA ALA A 150 -12.63 1.60 7.39
C ALA A 150 -13.14 0.90 8.67
N ALA A 151 -12.26 0.20 9.41
CA ALA A 151 -12.65 -0.52 10.62
C ALA A 151 -12.81 0.47 11.79
N ILE A 152 -11.87 1.43 11.86
CA ILE A 152 -11.90 2.49 12.83
C ILE A 152 -13.08 3.42 12.52
N LEU A 153 -13.49 3.49 11.26
CA LEU A 153 -14.42 4.52 10.82
C LEU A 153 -15.89 4.04 10.81
N ASN A 154 -16.11 2.72 10.76
CA ASN A 154 -17.45 2.18 10.82
C ASN A 154 -17.73 1.57 12.18
N ASP A 155 -16.74 1.46 13.08
CA ASP A 155 -16.99 0.84 14.37
C ASP A 155 -16.70 1.73 15.57
N LEU A 156 -16.02 2.88 15.38
CA LEU A 156 -15.75 3.80 16.49
C LEU A 156 -16.42 5.15 16.26
N PHE A 157 -17.05 5.33 15.10
CA PHE A 157 -17.75 6.57 14.74
C PHE A 157 -19.14 6.30 14.17
N GLY A 158 -19.28 5.17 13.47
CA GLY A 158 -20.57 4.73 12.96
C GLY A 158 -21.03 5.43 11.67
N GLY A 159 -20.37 6.49 11.21
CA GLY A 159 -20.78 7.13 9.98
C GLY A 159 -19.71 8.11 9.51
N VAL A 160 -19.31 7.95 8.24
CA VAL A 160 -18.29 8.76 7.55
C VAL A 160 -18.69 8.78 6.07
N VAL A 161 -18.01 9.61 5.26
CA VAL A 161 -18.34 9.76 3.85
C VAL A 161 -17.14 9.33 2.99
N TYR A 162 -15.93 9.51 3.50
CA TYR A 162 -14.73 9.11 2.80
C TYR A 162 -13.53 9.25 3.72
N ALA A 163 -12.46 8.55 3.39
CA ALA A 163 -11.20 8.72 4.07
C ALA A 163 -10.06 8.46 3.10
N GLY A 164 -8.95 9.16 3.22
CA GLY A 164 -7.84 8.90 2.32
C GLY A 164 -6.46 9.22 2.91
N ILE A 165 -5.50 9.08 2.00
CA ILE A 165 -4.09 9.16 2.37
C ILE A 165 -3.43 10.36 1.68
N ASP A 166 -2.50 11.02 2.37
CA ASP A 166 -1.75 12.14 1.83
C ASP A 166 -0.67 11.70 0.84
N THR A 167 -1.03 10.77 -0.05
CA THR A 167 -0.11 10.27 -1.06
C THR A 167 0.44 11.42 -1.89
N ASP A 168 1.60 11.19 -2.47
CA ASP A 168 2.20 12.08 -3.44
C ASP A 168 2.94 11.17 -4.44
N LYS A 169 2.98 11.52 -5.73
CA LYS A 169 3.49 10.69 -6.80
C LYS A 169 4.87 10.14 -6.44
N HIS A 170 4.91 8.81 -6.32
CA HIS A 170 6.13 8.05 -6.15
C HIS A 170 6.95 8.48 -4.93
N LYS A 171 6.29 8.99 -3.88
CA LYS A 171 6.99 9.36 -2.62
C LYS A 171 6.70 8.35 -1.50
N TYR A 172 5.86 7.32 -1.78
CA TYR A 172 5.53 6.20 -0.90
C TYR A 172 5.52 6.58 0.58
N PRO A 173 4.68 7.54 0.99
CA PRO A 173 4.61 7.97 2.38
C PRO A 173 3.85 6.98 3.29
N ILE A 174 2.65 6.57 2.87
CA ILE A 174 1.72 5.72 3.62
C ILE A 174 1.82 5.95 5.15
N GLY A 175 1.95 7.23 5.56
CA GLY A 175 2.10 7.55 6.98
C GLY A 175 1.34 8.80 7.37
N SER A 176 0.46 9.29 6.50
CA SER A 176 -0.29 10.52 6.73
C SER A 176 -1.60 10.44 5.98
N GLY A 177 -2.64 11.14 6.45
CA GLY A 177 -3.90 11.13 5.73
C GLY A 177 -4.94 12.07 6.32
N ARG A 178 -6.19 11.93 5.90
CA ARG A 178 -7.28 12.77 6.37
C ARG A 178 -8.59 11.99 6.22
N VAL A 179 -9.70 12.45 6.80
CA VAL A 179 -10.93 11.69 6.73
C VAL A 179 -12.13 12.60 6.84
N THR A 180 -13.12 12.38 6.00
CA THR A 180 -14.31 13.21 6.00
C THR A 180 -15.48 12.50 6.60
N PHE A 181 -16.14 13.14 7.56
CA PHE A 181 -17.19 12.51 8.32
C PHE A 181 -18.59 12.78 7.79
N ASN A 182 -18.88 14.04 7.47
CA ASN A 182 -20.23 14.49 7.15
C ASN A 182 -21.20 14.17 8.28
N ASN A 183 -20.65 13.91 9.46
CA ASN A 183 -21.34 13.61 10.70
C ASN A 183 -20.57 14.29 11.86
N GLN A 184 -21.25 14.58 12.97
CA GLN A 184 -20.65 15.38 14.01
C GLN A 184 -20.21 14.53 15.19
N ARG A 185 -20.94 13.49 15.59
CA ARG A 185 -20.48 12.73 16.76
C ARG A 185 -19.12 12.13 16.50
N SER A 186 -18.76 11.95 15.23
CA SER A 186 -17.46 11.42 14.90
C SER A 186 -16.37 12.45 15.12
N TYR A 187 -16.72 13.74 15.02
CA TYR A 187 -15.76 14.80 15.08
C TYR A 187 -15.27 14.98 16.53
N LEU A 188 -16.18 15.21 17.48
CA LEU A 188 -15.75 15.43 18.85
C LEU A 188 -15.23 14.13 19.46
N LYS A 189 -15.67 12.99 18.92
CA LYS A 189 -15.21 11.69 19.42
C LYS A 189 -13.81 11.37 18.90
N ALA A 190 -13.47 11.84 17.70
CA ALA A 190 -12.16 11.54 17.11
C ALA A 190 -11.04 12.31 17.80
N VAL A 191 -11.29 13.57 18.13
CA VAL A 191 -10.29 14.39 18.80
C VAL A 191 -10.13 13.95 20.24
N SER A 192 -11.24 13.44 20.81
CA SER A 192 -11.26 12.96 22.18
C SER A 192 -10.63 11.58 22.34
N ALA A 193 -10.42 10.89 21.22
CA ALA A 193 -9.66 9.66 21.20
C ALA A 193 -8.16 9.97 20.99
N ALA A 194 -7.87 10.84 20.01
CA ALA A 194 -6.54 11.27 19.57
C ALA A 194 -5.60 10.13 19.16
N PHE A 195 -5.93 8.89 19.55
CA PHE A 195 -5.18 7.70 19.23
C PHE A 195 -6.12 6.54 19.51
N VAL A 196 -6.04 5.48 18.74
CA VAL A 196 -6.80 4.26 19.04
C VAL A 196 -5.89 3.05 18.89
N GLU A 197 -6.31 1.93 19.51
CA GLU A 197 -5.52 0.69 19.53
C GLU A 197 -6.31 -0.41 18.85
N ILE A 198 -5.69 -1.07 17.89
CA ILE A 198 -6.26 -2.25 17.28
C ILE A 198 -5.58 -3.44 17.96
N LYS A 199 -6.33 -4.36 18.53
CA LYS A 199 -5.78 -5.52 19.22
C LYS A 199 -6.45 -6.81 18.77
N THR A 200 -6.71 -6.91 17.46
CA THR A 200 -7.34 -8.09 16.85
C THR A 200 -6.33 -9.22 16.73
N THR A 201 -6.80 -10.40 16.35
CA THR A 201 -5.96 -11.59 16.26
C THR A 201 -5.01 -11.56 15.07
N LYS A 202 -5.10 -10.49 14.27
CA LYS A 202 -4.26 -10.34 13.11
C LYS A 202 -3.55 -8.99 13.07
N PHE A 203 -3.90 -8.06 13.93
CA PHE A 203 -3.30 -6.76 13.92
C PHE A 203 -3.28 -6.19 15.32
N THR A 204 -2.08 -5.82 15.80
CA THR A 204 -1.88 -5.31 17.14
C THR A 204 -1.05 -4.03 17.13
N LYS A 205 -1.66 -2.92 16.66
CA LYS A 205 -0.98 -1.66 16.42
C LYS A 205 -1.95 -0.48 16.57
N LYS A 206 -1.43 0.73 16.41
CA LYS A 206 -2.20 1.97 16.62
C LYS A 206 -2.25 2.89 15.40
N VAL A 207 -2.93 4.04 15.54
CA VAL A 207 -2.93 5.15 14.58
C VAL A 207 -3.18 6.43 15.34
N GLN A 208 -2.85 7.59 14.73
CA GLN A 208 -3.00 8.89 15.38
C GLN A 208 -4.01 9.76 14.62
N ILE A 209 -4.60 10.69 15.35
CA ILE A 209 -5.59 11.59 14.82
C ILE A 209 -5.40 12.98 15.48
N ASP A 210 -5.51 14.04 14.67
CA ASP A 210 -5.21 15.40 15.13
C ASP A 210 -6.26 16.34 14.56
N PRO A 211 -6.52 17.47 15.24
CA PRO A 211 -7.46 18.47 14.79
C PRO A 211 -6.99 19.11 13.49
N TYR A 212 -7.97 19.54 12.67
CA TYR A 212 -7.78 20.13 11.34
C TYR A 212 -7.28 21.56 11.43
N MET A 1 -7.84 5.76 24.81
CA MET A 1 -9.05 5.20 24.18
C MET A 1 -8.66 3.93 23.44
N THR A 2 -9.54 2.93 23.37
CA THR A 2 -9.31 1.70 22.64
C THR A 2 -10.70 1.06 22.46
N TRP A 3 -10.97 0.25 21.43
CA TRP A 3 -12.32 -0.30 21.25
C TRP A 3 -12.30 -1.77 20.87
N SER A 4 -11.16 -2.25 20.39
CA SER A 4 -10.96 -3.66 20.01
C SER A 4 -12.16 -4.24 19.24
N GLY A 5 -12.49 -3.57 18.13
CA GLY A 5 -13.68 -3.83 17.34
C GLY A 5 -13.63 -5.08 16.50
N GLN A 6 -12.40 -5.60 16.28
CA GLN A 6 -12.16 -6.84 15.55
C GLN A 6 -12.92 -6.94 14.23
N LEU A 7 -12.92 -5.85 13.47
CA LEU A 7 -13.59 -5.86 12.18
C LEU A 7 -12.82 -5.18 11.03
N PRO A 8 -11.56 -4.75 11.15
CA PRO A 8 -10.92 -4.10 10.01
C PRO A 8 -10.69 -5.14 8.92
N PRO A 9 -11.12 -4.87 7.67
CA PRO A 9 -11.00 -5.80 6.58
C PRO A 9 -9.57 -5.80 5.98
N ARG A 10 -9.18 -6.95 5.41
CA ARG A 10 -7.90 -7.16 4.72
C ARG A 10 -8.08 -8.01 3.47
N ASN A 11 -9.35 -8.34 3.16
CA ASN A 11 -9.69 -9.18 2.05
C ASN A 11 -10.30 -8.29 0.94
N TYR A 12 -9.53 -7.38 0.35
CA TYR A 12 -9.98 -6.41 -0.66
C TYR A 12 -9.27 -6.68 -1.98
N LYS A 13 -8.21 -5.92 -2.28
CA LYS A 13 -7.39 -6.06 -3.47
C LYS A 13 -8.21 -5.93 -4.76
N ASN A 14 -9.33 -5.17 -4.69
CA ASN A 14 -10.22 -5.04 -5.81
C ASN A 14 -9.90 -3.84 -6.74
N PRO A 15 -9.58 -2.64 -6.24
CA PRO A 15 -9.30 -1.49 -7.09
C PRO A 15 -8.09 -1.67 -8.04
N ILE A 16 -7.68 -0.58 -8.68
CA ILE A 16 -6.65 -0.56 -9.72
C ILE A 16 -5.38 0.03 -9.13
N TYR A 17 -4.29 0.13 -9.89
CA TYR A 17 -3.00 0.55 -9.39
C TYR A 17 -2.83 2.04 -9.67
N SER A 18 -2.06 2.73 -8.83
CA SER A 18 -1.91 4.16 -8.99
C SER A 18 -0.52 4.63 -8.56
N CYS A 19 0.33 3.74 -8.08
CA CYS A 19 1.64 4.08 -7.56
C CYS A 19 2.73 3.07 -7.93
N LYS A 20 3.91 3.21 -7.31
CA LYS A 20 5.02 2.30 -7.52
C LYS A 20 4.72 0.88 -7.04
N VAL A 21 5.64 -0.04 -7.38
CA VAL A 21 5.48 -1.43 -6.98
C VAL A 21 6.81 -1.98 -6.48
N PHE A 22 6.81 -2.81 -5.41
CA PHE A 22 7.99 -3.42 -4.87
C PHE A 22 8.29 -4.67 -5.71
N LEU A 23 9.57 -4.85 -6.09
CA LEU A 23 9.96 -6.01 -6.87
C LEU A 23 11.37 -6.45 -6.45
N GLY A 24 11.51 -7.68 -5.93
CA GLY A 24 12.82 -8.22 -5.57
C GLY A 24 12.79 -9.53 -4.77
N GLY A 25 13.93 -9.84 -4.13
CA GLY A 25 14.04 -11.08 -3.37
C GLY A 25 15.33 -11.85 -3.72
N VAL A 26 16.22 -11.24 -4.51
CA VAL A 26 17.45 -11.93 -4.89
C VAL A 26 18.54 -11.67 -3.86
N PRO A 27 19.24 -12.71 -3.38
CA PRO A 27 20.30 -12.60 -2.39
C PRO A 27 21.64 -12.31 -3.08
N TRP A 28 21.72 -12.29 -4.42
CA TRP A 28 22.93 -12.08 -5.15
C TRP A 28 22.93 -10.83 -6.04
N ASP A 29 21.84 -10.58 -6.75
CA ASP A 29 21.77 -9.52 -7.78
C ASP A 29 22.81 -9.52 -8.85
N ILE A 30 22.41 -8.91 -10.00
CA ILE A 30 23.23 -8.68 -11.14
C ILE A 30 22.83 -7.32 -11.73
N THR A 31 23.49 -6.90 -12.79
CA THR A 31 23.24 -5.64 -13.44
C THR A 31 21.73 -5.45 -13.59
N GLU A 32 21.20 -4.35 -13.05
CA GLU A 32 19.75 -4.13 -12.94
C GLU A 32 19.06 -4.04 -14.29
N ALA A 33 19.78 -3.64 -15.36
CA ALA A 33 19.20 -3.52 -16.71
C ALA A 33 18.89 -4.88 -17.32
N GLY A 34 19.43 -5.94 -16.74
CA GLY A 34 19.18 -7.28 -17.24
C GLY A 34 17.77 -7.78 -16.92
N LEU A 35 17.32 -7.55 -15.68
CA LEU A 35 16.04 -8.03 -15.21
C LEU A 35 14.94 -7.16 -15.78
N VAL A 36 15.25 -5.85 -15.89
CA VAL A 36 14.29 -4.91 -16.46
C VAL A 36 14.01 -5.29 -17.93
N ASN A 37 15.03 -5.77 -18.64
CA ASN A 37 14.91 -6.11 -20.05
C ASN A 37 14.27 -7.50 -20.22
N THR A 38 14.22 -8.28 -19.15
CA THR A 38 13.54 -9.56 -19.16
C THR A 38 12.03 -9.40 -19.01
N PHE A 39 11.55 -8.36 -18.34
CA PHE A 39 10.12 -8.19 -18.19
C PHE A 39 9.61 -6.78 -18.55
N ARG A 40 10.31 -6.05 -19.44
CA ARG A 40 9.76 -4.80 -19.98
C ARG A 40 9.19 -4.97 -21.40
N VAL A 41 9.22 -6.18 -21.94
CA VAL A 41 8.89 -6.44 -23.34
C VAL A 41 7.38 -6.40 -23.57
N PHE A 42 6.63 -6.46 -22.46
CA PHE A 42 5.18 -6.45 -22.50
C PHE A 42 4.67 -5.03 -22.49
N GLY A 43 5.49 -4.02 -22.14
CA GLY A 43 5.11 -2.62 -22.22
C GLY A 43 6.04 -1.71 -21.41
N SER A 44 5.84 -0.40 -21.58
CA SER A 44 6.63 0.66 -20.94
C SER A 44 6.67 0.64 -19.41
N LEU A 45 7.87 0.74 -18.86
CA LEU A 45 8.10 1.00 -17.46
C LEU A 45 9.52 1.52 -17.24
N SER A 46 9.79 1.91 -15.97
CA SER A 46 11.10 2.34 -15.56
C SER A 46 11.41 1.77 -14.16
N VAL A 47 12.64 2.00 -13.69
CA VAL A 47 13.18 1.45 -12.46
C VAL A 47 14.01 2.48 -11.69
N GLU A 48 13.99 2.41 -10.35
CA GLU A 48 14.69 3.38 -9.49
C GLU A 48 15.22 2.75 -8.19
N TRP A 49 16.42 3.20 -7.79
CA TRP A 49 17.06 2.83 -6.52
C TRP A 49 17.99 3.96 -6.02
N PRO A 50 17.98 4.22 -4.72
CA PRO A 50 18.78 5.28 -4.06
C PRO A 50 20.24 4.89 -3.86
N GLY A 51 20.65 3.77 -4.47
CA GLY A 51 22.01 3.27 -4.38
C GLY A 51 22.95 4.09 -5.24
N LYS A 52 24.17 3.56 -5.41
CA LYS A 52 25.22 4.22 -6.15
C LYS A 52 25.05 4.03 -7.65
N ASP A 53 23.86 4.38 -8.17
CA ASP A 53 23.53 4.21 -9.57
C ASP A 53 24.29 5.13 -10.54
N GLY A 54 24.91 6.20 -10.02
CA GLY A 54 25.63 7.14 -10.86
C GLY A 54 27.02 6.64 -11.28
N LYS A 55 27.53 5.55 -10.68
CA LYS A 55 28.84 5.02 -11.08
C LYS A 55 28.66 3.75 -11.90
N HIS A 56 27.81 2.84 -11.43
CA HIS A 56 27.49 1.62 -12.16
C HIS A 56 26.19 0.99 -11.61
N PRO A 57 25.39 0.37 -12.48
CA PRO A 57 24.10 -0.24 -12.19
C PRO A 57 24.22 -1.61 -11.51
N ARG A 58 25.16 -1.71 -10.57
CA ARG A 58 25.44 -2.94 -9.88
C ARG A 58 25.54 -2.72 -8.37
N CYS A 59 25.15 -1.54 -7.86
CA CYS A 59 25.22 -1.23 -6.43
C CYS A 59 23.87 -0.77 -5.85
N PRO A 60 22.78 -1.57 -5.96
CA PRO A 60 21.54 -1.25 -5.27
C PRO A 60 21.73 -1.51 -3.77
N PRO A 61 21.07 -0.79 -2.88
CA PRO A 61 21.26 -0.96 -1.47
C PRO A 61 20.92 -2.35 -0.97
N LYS A 62 19.94 -3.02 -1.62
CA LYS A 62 19.39 -4.29 -1.17
C LYS A 62 18.97 -5.15 -2.38
N GLY A 63 18.52 -6.39 -2.15
CA GLY A 63 18.19 -7.33 -3.23
C GLY A 63 16.82 -7.15 -3.88
N TYR A 64 16.29 -5.92 -3.80
CA TYR A 64 15.05 -5.55 -4.46
C TYR A 64 15.16 -4.14 -5.01
N VAL A 65 14.15 -3.70 -5.73
CA VAL A 65 14.17 -2.39 -6.37
C VAL A 65 12.75 -1.91 -6.59
N TYR A 66 12.57 -0.60 -6.72
CA TYR A 66 11.25 -0.02 -6.97
C TYR A 66 11.00 0.08 -8.48
N LEU A 67 9.79 -0.21 -8.95
CA LEU A 67 9.46 -0.08 -10.37
C LEU A 67 8.32 0.92 -10.54
N VAL A 68 8.31 1.63 -11.67
CA VAL A 68 7.29 2.62 -11.98
C VAL A 68 6.82 2.34 -13.41
N PHE A 69 5.70 1.63 -13.53
CA PHE A 69 5.14 1.24 -14.81
C PHE A 69 4.27 2.35 -15.40
N GLU A 70 3.59 2.02 -16.48
CA GLU A 70 2.61 2.91 -17.11
C GLU A 70 1.30 2.94 -16.31
N LEU A 71 1.48 3.02 -14.97
CA LEU A 71 0.52 3.12 -13.87
C LEU A 71 -0.57 2.04 -13.81
N GLU A 72 -0.95 1.44 -14.93
CA GLU A 72 -2.12 0.56 -14.95
C GLU A 72 -1.97 -0.55 -16.00
N LYS A 73 -1.47 -0.17 -17.18
CA LYS A 73 -1.37 -1.07 -18.33
C LYS A 73 -0.54 -2.32 -18.05
N SER A 74 0.78 -2.15 -17.98
CA SER A 74 1.73 -3.24 -17.85
C SER A 74 1.61 -3.85 -16.41
N VAL A 75 0.90 -3.21 -15.46
CA VAL A 75 0.84 -3.74 -14.09
C VAL A 75 -0.04 -4.95 -14.00
N ARG A 76 -1.24 -4.83 -14.62
CA ARG A 76 -2.24 -5.90 -14.58
C ARG A 76 -1.77 -7.06 -15.47
N SER A 77 -1.00 -6.75 -16.50
CA SER A 77 -0.43 -7.75 -17.39
C SER A 77 0.58 -8.62 -16.65
N LEU A 78 1.36 -8.01 -15.74
CA LEU A 78 2.44 -8.70 -15.03
C LEU A 78 1.89 -9.69 -14.04
N LEU A 79 0.99 -9.28 -13.15
CA LEU A 79 0.45 -10.21 -12.19
C LEU A 79 -0.40 -11.30 -12.86
N GLN A 80 -1.03 -11.00 -13.99
CA GLN A 80 -1.83 -11.99 -14.69
C GLN A 80 -0.95 -12.91 -15.53
N ALA A 81 0.34 -12.59 -15.71
CA ALA A 81 1.26 -13.46 -16.46
C ALA A 81 2.29 -14.12 -15.53
N CYS A 82 2.22 -13.79 -14.24
CA CYS A 82 3.04 -14.38 -13.19
C CYS A 82 2.18 -15.38 -12.40
N SER A 83 2.58 -15.61 -11.16
CA SER A 83 1.95 -16.59 -10.30
C SER A 83 1.52 -15.91 -9.01
N HIS A 84 0.69 -16.59 -8.23
CA HIS A 84 0.10 -16.02 -7.01
C HIS A 84 0.06 -17.03 -5.87
N ASP A 85 -0.08 -16.59 -4.62
CA ASP A 85 -0.19 -17.46 -3.45
C ASP A 85 -1.12 -16.78 -2.41
N PRO A 86 -2.19 -17.47 -1.98
CA PRO A 86 -3.09 -17.04 -0.92
C PRO A 86 -2.59 -17.43 0.47
N LEU A 87 -1.28 -17.65 0.60
CA LEU A 87 -0.64 -18.09 1.83
C LEU A 87 -1.17 -17.37 3.07
N SER A 88 -1.50 -16.08 2.97
CA SER A 88 -2.19 -15.31 4.01
C SER A 88 -1.61 -15.49 5.42
N PRO A 89 -0.28 -15.34 5.57
CA PRO A 89 0.38 -15.55 6.83
C PRO A 89 0.08 -14.45 7.85
N ASP A 90 -0.55 -13.36 7.38
CA ASP A 90 -0.88 -12.19 8.21
C ASP A 90 -2.22 -11.62 7.77
N GLY A 91 -2.96 -12.33 6.90
CA GLY A 91 -4.23 -11.82 6.43
C GLY A 91 -4.12 -11.17 5.04
N LEU A 92 -2.92 -11.13 4.44
CA LEU A 92 -2.72 -10.54 3.13
C LEU A 92 -2.00 -11.52 2.21
N SER A 93 -2.18 -11.33 0.91
CA SER A 93 -1.65 -12.22 -0.12
C SER A 93 -0.42 -11.60 -0.76
N GLU A 94 0.33 -12.42 -1.49
CA GLU A 94 1.54 -11.95 -2.16
C GLU A 94 1.69 -12.64 -3.52
N TYR A 95 2.41 -11.99 -4.45
CA TYR A 95 2.56 -12.51 -5.80
C TYR A 95 4.01 -12.94 -6.05
N TYR A 96 4.23 -13.88 -6.98
CA TYR A 96 5.56 -14.45 -7.19
C TYR A 96 5.82 -14.77 -8.66
N PHE A 97 7.08 -14.67 -9.06
CA PHE A 97 7.54 -15.07 -10.38
C PHE A 97 9.03 -15.25 -10.36
N LYS A 98 9.62 -15.97 -11.31
CA LYS A 98 11.06 -16.19 -11.33
C LYS A 98 11.65 -15.74 -12.65
N MET A 99 12.90 -15.26 -12.65
CA MET A 99 13.49 -14.58 -13.80
C MET A 99 14.91 -15.06 -14.04
N SER A 100 15.31 -16.14 -13.32
CA SER A 100 16.64 -16.73 -13.50
C SER A 100 16.50 -18.20 -13.89
N SER A 101 16.59 -19.13 -12.94
CA SER A 101 16.56 -20.57 -13.20
C SER A 101 17.78 -21.04 -14.00
N ARG A 102 18.61 -20.08 -14.41
CA ARG A 102 19.91 -20.23 -15.02
C ARG A 102 20.80 -19.14 -14.42
N ARG A 103 22.10 -19.23 -14.69
CA ARG A 103 23.18 -18.29 -14.30
C ARG A 103 23.19 -17.92 -12.81
N MET A 104 22.36 -18.57 -11.99
CA MET A 104 22.22 -18.24 -10.58
C MET A 104 21.70 -19.44 -9.82
N ARG A 105 21.44 -19.23 -8.54
CA ARG A 105 20.97 -20.27 -7.62
C ARG A 105 19.45 -20.47 -7.70
N CYS A 106 18.84 -20.02 -8.80
CA CYS A 106 17.44 -20.23 -9.06
C CYS A 106 16.54 -19.73 -7.92
N LYS A 107 16.49 -18.42 -7.73
CA LYS A 107 15.73 -17.85 -6.63
C LYS A 107 14.73 -16.85 -7.18
N GLU A 108 13.46 -17.23 -7.14
CA GLU A 108 12.34 -16.44 -7.58
C GLU A 108 12.18 -15.14 -6.79
N VAL A 109 11.33 -14.26 -7.28
CA VAL A 109 11.10 -12.95 -6.68
C VAL A 109 9.64 -12.77 -6.34
N GLN A 110 9.28 -11.64 -5.75
CA GLN A 110 7.90 -11.38 -5.36
C GLN A 110 7.51 -9.96 -5.78
N VAL A 111 6.19 -9.71 -5.84
CA VAL A 111 5.63 -8.45 -6.31
C VAL A 111 4.56 -8.01 -5.30
N ILE A 112 4.57 -6.71 -4.96
CA ILE A 112 3.55 -6.08 -4.14
C ILE A 112 3.32 -4.62 -4.63
N PRO A 113 2.26 -4.40 -5.45
CA PRO A 113 1.90 -3.13 -6.02
C PRO A 113 1.09 -2.26 -5.08
N TRP A 114 1.06 -0.95 -5.37
CA TRP A 114 0.26 0.04 -4.62
C TRP A 114 -1.13 0.15 -5.25
N VAL A 115 -2.16 -0.05 -4.43
CA VAL A 115 -3.54 -0.16 -4.90
C VAL A 115 -4.27 1.10 -4.46
N LEU A 116 -5.24 1.55 -5.26
CA LEU A 116 -5.95 2.75 -4.85
C LEU A 116 -6.60 2.60 -3.47
N ALA A 117 -6.87 1.38 -2.99
CA ALA A 117 -7.36 1.18 -1.65
C ALA A 117 -6.42 1.73 -0.56
N ASP A 118 -5.17 2.04 -0.92
CA ASP A 118 -4.16 2.56 -0.02
C ASP A 118 -4.04 4.06 -0.16
N SER A 119 -4.91 4.69 -0.94
CA SER A 119 -4.90 6.12 -1.16
C SER A 119 -6.31 6.73 -1.00
N ASN A 120 -7.33 5.95 -1.39
CA ASN A 120 -8.72 6.37 -1.36
C ASN A 120 -9.63 5.20 -1.04
N PHE A 121 -10.76 5.56 -0.45
CA PHE A 121 -11.85 4.61 -0.22
C PHE A 121 -13.11 5.38 0.12
N VAL A 122 -14.27 4.90 -0.41
CA VAL A 122 -15.53 5.63 -0.23
C VAL A 122 -16.57 4.79 0.55
N ARG A 123 -17.47 5.46 1.28
CA ARG A 123 -18.63 4.82 1.93
C ARG A 123 -19.91 5.53 1.49
N SER A 124 -19.89 6.11 0.29
CA SER A 124 -20.96 6.93 -0.24
C SER A 124 -21.04 6.78 -1.77
N PRO A 125 -22.26 6.79 -2.33
CA PRO A 125 -22.48 6.68 -3.78
C PRO A 125 -22.07 7.97 -4.47
N SER A 126 -21.82 9.01 -3.67
CA SER A 126 -21.39 10.31 -4.16
C SER A 126 -19.87 10.38 -4.24
N GLN A 127 -19.16 9.37 -3.70
CA GLN A 127 -17.72 9.22 -3.75
C GLN A 127 -16.88 10.51 -3.51
N ARG A 128 -17.48 11.56 -2.94
CA ARG A 128 -16.79 12.80 -2.63
C ARG A 128 -16.75 13.12 -1.14
N LEU A 129 -16.02 14.20 -0.81
CA LEU A 129 -15.94 14.71 0.53
C LEU A 129 -17.06 15.68 0.83
N ASP A 130 -17.20 16.05 2.11
CA ASP A 130 -18.15 17.06 2.56
C ASP A 130 -17.35 18.28 3.01
N PRO A 131 -17.97 19.47 2.95
CA PRO A 131 -17.23 20.73 3.19
C PRO A 131 -16.49 20.73 4.55
N SER A 132 -15.15 20.67 4.48
CA SER A 132 -14.26 20.87 5.65
C SER A 132 -14.66 20.01 6.84
N ARG A 133 -15.13 18.79 6.57
CA ARG A 133 -15.53 17.88 7.62
C ARG A 133 -14.64 16.61 7.65
N THR A 134 -13.36 16.79 7.95
CA THR A 134 -12.39 15.71 7.95
C THR A 134 -11.29 15.93 8.99
N VAL A 135 -10.59 14.87 9.42
CA VAL A 135 -9.50 15.01 10.40
C VAL A 135 -8.23 14.33 9.93
N PHE A 136 -7.10 14.63 10.57
CA PHE A 136 -5.81 14.07 10.16
C PHE A 136 -5.53 12.73 10.83
N VAL A 137 -4.58 11.97 10.26
CA VAL A 137 -4.27 10.62 10.70
C VAL A 137 -2.74 10.42 10.69
N GLY A 138 -2.17 9.86 11.77
CA GLY A 138 -0.73 9.70 11.89
C GLY A 138 -0.37 8.31 12.44
N ALA A 139 0.94 8.10 12.64
CA ALA A 139 1.55 6.79 12.95
C ALA A 139 1.37 5.77 11.81
N LEU A 140 0.14 5.47 11.38
CA LEU A 140 -0.17 4.57 10.27
C LEU A 140 0.63 3.23 10.39
N HIS A 141 0.78 2.54 9.26
CA HIS A 141 1.56 1.32 9.10
C HIS A 141 2.12 1.32 7.69
N GLY A 142 3.12 0.47 7.43
CA GLY A 142 3.79 0.41 6.13
C GLY A 142 2.86 -0.02 4.99
N MET A 143 1.56 -0.20 5.26
CA MET A 143 0.62 -0.51 4.20
C MET A 143 -0.80 -0.28 4.72
N LEU A 144 -0.98 0.69 5.63
CA LEU A 144 -2.28 1.01 6.22
C LEU A 144 -3.25 1.49 5.14
N ASN A 145 -4.28 0.68 4.89
CA ASN A 145 -5.25 0.93 3.84
C ASN A 145 -6.43 1.77 4.31
N ALA A 146 -7.16 2.41 3.38
CA ALA A 146 -8.24 3.30 3.77
C ALA A 146 -9.46 2.55 4.31
N GLU A 147 -9.60 1.25 4.01
CA GLU A 147 -10.73 0.55 4.56
C GLU A 147 -10.48 0.30 6.04
N ALA A 148 -9.21 0.31 6.44
CA ALA A 148 -8.92 0.22 7.86
C ALA A 148 -9.27 1.53 8.51
N LEU A 149 -9.06 2.63 7.81
CA LEU A 149 -9.41 3.92 8.38
C LEU A 149 -10.94 4.07 8.42
N ALA A 150 -11.65 3.45 7.49
CA ALA A 150 -13.11 3.54 7.52
C ALA A 150 -13.69 2.47 8.43
N ALA A 151 -12.94 1.42 8.80
CA ALA A 151 -13.47 0.38 9.68
C ALA A 151 -13.29 0.77 11.14
N ILE A 152 -12.11 1.31 11.46
CA ILE A 152 -11.88 1.84 12.78
C ILE A 152 -12.89 2.94 13.06
N LEU A 153 -13.01 3.92 12.16
CA LEU A 153 -13.85 5.09 12.44
C LEU A 153 -15.34 4.80 12.41
N ASN A 154 -15.84 3.97 11.50
CA ASN A 154 -17.26 3.80 11.44
C ASN A 154 -17.74 2.97 12.62
N ASP A 155 -16.86 2.17 13.25
CA ASP A 155 -17.27 1.42 14.42
C ASP A 155 -17.03 2.23 15.68
N LEU A 156 -16.27 3.33 15.56
CA LEU A 156 -15.90 4.15 16.70
C LEU A 156 -17.08 4.99 17.15
N PHE A 157 -18.05 5.20 16.27
CA PHE A 157 -19.24 5.99 16.63
C PHE A 157 -20.49 5.69 15.80
N GLY A 158 -20.37 5.55 14.47
CA GLY A 158 -21.56 5.44 13.64
C GLY A 158 -21.25 5.21 12.16
N GLY A 159 -20.66 6.19 11.47
CA GLY A 159 -20.46 6.03 10.04
C GLY A 159 -19.86 7.24 9.35
N VAL A 160 -19.12 6.96 8.28
CA VAL A 160 -18.32 7.96 7.57
C VAL A 160 -18.79 8.11 6.12
N VAL A 161 -18.24 9.09 5.41
CA VAL A 161 -18.57 9.31 4.00
C VAL A 161 -17.42 8.96 3.06
N TYR A 162 -16.19 9.13 3.53
CA TYR A 162 -15.02 8.93 2.71
C TYR A 162 -13.80 8.81 3.60
N ALA A 163 -12.75 8.17 3.12
CA ALA A 163 -11.51 8.08 3.85
C ALA A 163 -10.34 8.06 2.88
N GLY A 164 -9.16 8.51 3.30
CA GLY A 164 -8.02 8.52 2.41
C GLY A 164 -6.69 8.63 3.11
N ILE A 165 -5.64 8.36 2.34
CA ILE A 165 -4.24 8.41 2.71
C ILE A 165 -3.58 9.51 1.87
N ASP A 166 -2.50 10.11 2.34
CA ASP A 166 -1.82 11.18 1.61
C ASP A 166 -0.62 10.64 0.86
N THR A 167 -0.51 11.04 -0.41
CA THR A 167 0.55 10.54 -1.29
C THR A 167 1.16 11.69 -2.05
N ASP A 168 2.42 11.48 -2.45
CA ASP A 168 3.22 12.38 -3.28
C ASP A 168 3.96 11.46 -4.24
N LYS A 169 4.42 12.00 -5.37
CA LYS A 169 5.01 11.23 -6.44
C LYS A 169 6.05 10.22 -5.94
N HIS A 170 5.64 8.94 -5.90
CA HIS A 170 6.44 7.75 -5.61
C HIS A 170 7.38 7.91 -4.42
N LYS A 171 6.90 8.46 -3.29
CA LYS A 171 7.74 8.63 -2.12
C LYS A 171 7.44 7.56 -1.07
N TYR A 172 6.55 6.62 -1.41
CA TYR A 172 6.14 5.50 -0.55
C TYR A 172 5.91 5.92 0.89
N PRO A 173 5.07 6.93 1.14
CA PRO A 173 4.81 7.44 2.45
C PRO A 173 3.99 6.45 3.30
N ILE A 174 2.73 6.23 2.89
CA ILE A 174 1.76 5.43 3.65
C ILE A 174 1.80 5.75 5.13
N GLY A 175 2.18 6.97 5.47
CA GLY A 175 2.45 7.34 6.85
C GLY A 175 1.61 8.53 7.34
N SER A 176 0.60 8.94 6.58
CA SER A 176 -0.25 10.07 6.94
C SER A 176 -1.56 9.91 6.18
N GLY A 177 -2.63 10.54 6.66
CA GLY A 177 -3.92 10.47 5.98
C GLY A 177 -4.96 11.45 6.50
N ARG A 178 -6.22 11.25 6.06
CA ARG A 178 -7.36 12.01 6.54
C ARG A 178 -8.63 11.14 6.46
N VAL A 179 -9.70 11.54 7.12
CA VAL A 179 -10.95 10.83 7.07
C VAL A 179 -12.10 11.83 7.19
N THR A 180 -13.13 11.65 6.34
CA THR A 180 -14.18 12.64 6.19
C THR A 180 -15.52 12.08 6.65
N PHE A 181 -16.34 12.92 7.29
CA PHE A 181 -17.59 12.49 7.89
C PHE A 181 -18.77 13.21 7.29
N ASN A 182 -19.96 12.64 7.56
CA ASN A 182 -21.23 13.29 7.25
C ASN A 182 -22.02 13.59 8.51
N ASN A 183 -21.37 13.35 9.65
CA ASN A 183 -21.92 13.62 10.98
C ASN A 183 -20.86 14.44 11.71
N GLN A 184 -21.25 15.07 12.83
CA GLN A 184 -20.32 15.89 13.59
C GLN A 184 -19.90 15.23 14.91
N ARG A 185 -20.75 14.41 15.54
CA ARG A 185 -20.41 13.89 16.86
C ARG A 185 -19.07 13.16 16.90
N SER A 186 -18.64 12.56 15.80
CA SER A 186 -17.34 11.92 15.73
C SER A 186 -16.17 12.92 15.54
N TYR A 187 -16.45 14.00 14.80
CA TYR A 187 -15.46 15.02 14.51
C TYR A 187 -14.78 15.52 15.79
N LEU A 188 -15.57 15.90 16.80
CA LEU A 188 -14.95 16.33 18.03
C LEU A 188 -14.59 15.16 18.95
N LYS A 189 -15.28 14.02 18.88
CA LYS A 189 -14.94 12.89 19.73
C LYS A 189 -13.67 12.21 19.25
N ALA A 190 -13.29 12.44 17.99
CA ALA A 190 -12.10 11.83 17.43
C ALA A 190 -10.84 12.69 17.65
N VAL A 191 -10.93 14.03 17.58
CA VAL A 191 -9.76 14.85 17.85
C VAL A 191 -9.44 14.80 19.36
N SER A 192 -10.47 14.45 20.15
CA SER A 192 -10.39 14.40 21.59
C SER A 192 -9.82 13.09 22.10
N ALA A 193 -10.03 11.99 21.37
CA ALA A 193 -9.39 10.70 21.64
C ALA A 193 -7.91 10.74 21.25
N ALA A 194 -7.61 11.36 20.10
CA ALA A 194 -6.29 11.54 19.52
C ALA A 194 -5.42 10.28 19.32
N PHE A 195 -5.84 9.12 19.87
CA PHE A 195 -5.12 7.87 19.61
C PHE A 195 -5.98 6.68 20.00
N VAL A 196 -5.84 5.55 19.32
CA VAL A 196 -6.48 4.29 19.72
C VAL A 196 -5.52 3.11 19.48
N GLU A 197 -5.83 1.95 20.10
CA GLU A 197 -5.07 0.72 19.89
C GLU A 197 -5.91 -0.32 19.15
N ILE A 198 -5.28 -1.02 18.21
CA ILE A 198 -5.87 -2.15 17.57
C ILE A 198 -5.25 -3.42 18.14
N LYS A 199 -6.10 -4.31 18.62
CA LYS A 199 -5.64 -5.55 19.27
C LYS A 199 -6.28 -6.78 18.62
N THR A 200 -6.63 -6.71 17.33
CA THR A 200 -7.36 -7.78 16.70
C THR A 200 -6.51 -9.05 16.56
N THR A 201 -7.17 -10.06 16.00
CA THR A 201 -6.61 -11.37 15.77
C THR A 201 -5.62 -11.41 14.60
N LYS A 202 -5.50 -10.32 13.83
CA LYS A 202 -4.61 -10.23 12.69
C LYS A 202 -3.90 -8.87 12.64
N PHE A 203 -4.12 -8.00 13.63
CA PHE A 203 -3.49 -6.70 13.60
C PHE A 203 -3.17 -6.16 14.99
N THR A 204 -2.02 -5.48 15.14
CA THR A 204 -1.62 -4.82 16.37
C THR A 204 -0.85 -3.57 16.06
N LYS A 205 -1.51 -2.41 16.24
CA LYS A 205 -0.89 -1.11 15.96
C LYS A 205 -1.75 0.00 16.57
N LYS A 206 -1.26 1.25 16.46
CA LYS A 206 -2.00 2.44 16.89
C LYS A 206 -2.24 3.33 15.67
N VAL A 207 -3.19 4.27 15.78
CA VAL A 207 -3.48 5.26 14.74
C VAL A 207 -3.71 6.60 15.43
N GLN A 208 -3.18 7.68 14.87
CA GLN A 208 -3.23 8.97 15.49
C GLN A 208 -4.36 9.76 14.86
N ILE A 209 -4.92 10.68 15.64
CA ILE A 209 -6.00 11.55 15.18
C ILE A 209 -5.71 12.97 15.64
N ASP A 210 -5.87 13.97 14.78
CA ASP A 210 -5.52 15.34 15.13
C ASP A 210 -6.42 16.30 14.35
N PRO A 211 -6.70 17.49 14.91
CA PRO A 211 -7.57 18.46 14.27
C PRO A 211 -7.09 18.82 12.90
N TYR A 212 -8.02 19.28 12.07
CA TYR A 212 -7.76 19.64 10.68
C TYR A 212 -7.50 21.14 10.57
N MET A 1 -9.14 5.98 24.12
CA MET A 1 -9.72 4.71 24.58
C MET A 1 -9.45 3.58 23.59
N THR A 2 -9.16 2.37 24.13
CA THR A 2 -8.87 1.17 23.35
C THR A 2 -10.05 0.83 22.43
N TRP A 3 -9.79 0.15 21.32
CA TRP A 3 -10.79 -0.11 20.30
C TRP A 3 -11.02 -1.62 20.19
N SER A 4 -9.97 -2.37 19.86
CA SER A 4 -10.01 -3.82 19.72
C SER A 4 -11.28 -4.29 19.03
N GLY A 5 -11.58 -3.69 17.89
CA GLY A 5 -12.84 -3.88 17.16
C GLY A 5 -12.85 -5.21 16.42
N GLN A 6 -11.69 -5.83 16.21
CA GLN A 6 -11.56 -7.12 15.55
C GLN A 6 -11.99 -7.12 14.09
N LEU A 7 -11.80 -5.97 13.43
CA LEU A 7 -12.20 -5.72 12.06
C LEU A 7 -10.94 -5.61 11.20
N PRO A 8 -10.49 -6.72 10.60
CA PRO A 8 -9.33 -6.74 9.73
C PRO A 8 -9.60 -6.18 8.33
N PRO A 9 -8.60 -5.53 7.69
CA PRO A 9 -8.63 -5.11 6.29
C PRO A 9 -8.46 -6.31 5.38
N ARG A 10 -7.85 -6.10 4.21
CA ARG A 10 -7.59 -7.16 3.22
C ARG A 10 -8.91 -7.64 2.61
N ASN A 11 -9.93 -6.76 2.55
CA ASN A 11 -11.24 -7.09 1.98
C ASN A 11 -11.31 -6.75 0.48
N TYR A 12 -10.25 -6.14 -0.05
CA TYR A 12 -10.18 -5.69 -1.43
C TYR A 12 -10.17 -6.85 -2.43
N LYS A 13 -10.76 -6.62 -3.62
CA LYS A 13 -10.76 -7.55 -4.76
C LYS A 13 -10.90 -6.76 -6.07
N ASN A 14 -10.33 -5.55 -6.10
CA ASN A 14 -10.44 -4.64 -7.24
C ASN A 14 -9.03 -4.20 -7.60
N PRO A 15 -8.29 -5.04 -8.33
CA PRO A 15 -6.89 -4.80 -8.60
C PRO A 15 -6.70 -3.75 -9.68
N ILE A 16 -6.28 -2.55 -9.25
CA ILE A 16 -5.91 -1.41 -10.06
C ILE A 16 -4.85 -0.64 -9.29
N TYR A 17 -3.90 0.02 -9.98
CA TYR A 17 -2.72 0.55 -9.31
C TYR A 17 -2.52 2.02 -9.57
N SER A 18 -1.78 2.70 -8.69
CA SER A 18 -1.52 4.13 -8.87
C SER A 18 -0.22 4.61 -8.25
N CYS A 19 0.50 3.70 -7.59
CA CYS A 19 1.75 4.08 -6.95
C CYS A 19 2.78 2.95 -7.05
N LYS A 20 3.95 3.22 -6.49
CA LYS A 20 5.11 2.34 -6.55
C LYS A 20 4.85 0.89 -6.10
N VAL A 21 5.79 0.02 -6.52
CA VAL A 21 5.72 -1.42 -6.24
C VAL A 21 7.06 -1.92 -5.69
N PHE A 22 7.00 -2.97 -4.86
CA PHE A 22 8.16 -3.63 -4.31
C PHE A 22 8.53 -4.82 -5.18
N LEU A 23 9.82 -5.03 -5.38
CA LEU A 23 10.29 -6.12 -6.22
C LEU A 23 11.61 -6.57 -5.60
N GLY A 24 11.67 -7.76 -4.98
CA GLY A 24 12.89 -8.26 -4.38
C GLY A 24 12.86 -9.78 -4.13
N GLY A 25 14.03 -10.39 -3.89
CA GLY A 25 14.07 -11.83 -3.61
C GLY A 25 15.25 -12.51 -4.30
N VAL A 26 16.08 -11.72 -4.99
CA VAL A 26 17.23 -12.23 -5.68
C VAL A 26 18.51 -11.89 -4.89
N PRO A 27 19.14 -12.90 -4.28
CA PRO A 27 20.38 -12.71 -3.59
C PRO A 27 21.59 -12.63 -4.54
N TRP A 28 21.47 -13.14 -5.78
CA TRP A 28 22.60 -13.28 -6.71
C TRP A 28 22.66 -12.19 -7.76
N ASP A 29 21.49 -11.57 -8.09
CA ASP A 29 21.35 -10.54 -9.12
C ASP A 29 22.46 -9.51 -9.05
N ILE A 30 23.38 -9.61 -9.99
CA ILE A 30 24.54 -8.70 -10.01
C ILE A 30 24.25 -7.28 -10.50
N THR A 31 23.23 -7.12 -11.34
CA THR A 31 22.86 -5.78 -11.81
C THR A 31 21.35 -5.71 -12.03
N GLU A 32 20.70 -4.63 -11.58
CA GLU A 32 19.26 -4.53 -11.70
C GLU A 32 18.80 -4.23 -13.12
N ALA A 33 19.72 -3.91 -14.03
CA ALA A 33 19.35 -3.66 -15.40
C ALA A 33 18.92 -4.97 -16.11
N GLY A 34 19.48 -6.10 -15.62
CA GLY A 34 19.24 -7.42 -16.21
C GLY A 34 17.77 -7.80 -16.08
N LEU A 35 17.19 -7.86 -14.87
CA LEU A 35 15.78 -8.23 -14.81
C LEU A 35 14.88 -7.10 -15.35
N VAL A 36 15.36 -5.85 -15.33
CA VAL A 36 14.63 -4.71 -15.85
C VAL A 36 14.52 -4.81 -17.35
N ASN A 37 15.46 -5.49 -17.98
CA ASN A 37 15.51 -5.61 -19.41
C ASN A 37 14.85 -6.88 -19.90
N THR A 38 14.60 -7.81 -18.98
CA THR A 38 13.91 -9.03 -19.34
C THR A 38 12.41 -8.81 -19.37
N PHE A 39 11.88 -7.84 -18.59
CA PHE A 39 10.45 -7.55 -18.67
C PHE A 39 10.14 -6.07 -18.80
N ARG A 40 10.58 -5.48 -19.92
CA ARG A 40 10.23 -4.12 -20.32
C ARG A 40 9.97 -4.01 -21.81
N VAL A 41 10.04 -5.16 -22.49
CA VAL A 41 9.97 -5.24 -23.95
C VAL A 41 8.52 -5.12 -24.39
N PHE A 42 7.60 -5.18 -23.44
CA PHE A 42 6.17 -5.07 -23.66
C PHE A 42 5.53 -4.10 -22.66
N GLY A 43 6.29 -3.11 -22.17
CA GLY A 43 5.83 -2.26 -21.07
C GLY A 43 6.21 -0.81 -21.23
N SER A 44 6.18 -0.10 -20.11
CA SER A 44 6.39 1.32 -20.09
C SER A 44 6.87 1.76 -18.70
N LEU A 45 7.94 1.10 -18.20
CA LEU A 45 8.39 1.32 -16.83
C LEU A 45 9.79 1.94 -16.71
N SER A 46 10.13 2.23 -15.47
CA SER A 46 11.45 2.67 -15.04
C SER A 46 11.80 2.11 -13.67
N VAL A 47 13.01 2.39 -13.16
CA VAL A 47 13.46 1.77 -11.89
C VAL A 47 14.22 2.80 -11.04
N GLU A 48 14.06 2.60 -9.73
CA GLU A 48 14.65 3.47 -8.74
C GLU A 48 14.77 2.73 -7.37
N TRP A 49 15.74 3.15 -6.57
CA TRP A 49 15.86 2.61 -5.26
C TRP A 49 16.59 3.55 -4.28
N PRO A 50 16.24 3.48 -3.00
CA PRO A 50 16.95 4.21 -1.98
C PRO A 50 18.28 3.53 -1.76
N GLY A 51 19.30 4.25 -1.31
CA GLY A 51 20.61 3.65 -1.21
C GLY A 51 21.38 3.82 -2.53
N LYS A 52 20.97 4.81 -3.36
CA LYS A 52 21.59 5.17 -4.64
C LYS A 52 23.04 5.63 -4.54
N ASP A 53 23.57 5.72 -3.33
CA ASP A 53 24.92 6.14 -3.04
C ASP A 53 25.69 5.01 -2.34
N GLY A 54 26.89 4.70 -2.81
CA GLY A 54 27.70 3.65 -2.25
C GLY A 54 28.86 3.39 -3.17
N LYS A 55 29.51 2.27 -2.94
CA LYS A 55 30.57 1.84 -3.82
C LYS A 55 30.04 0.87 -4.86
N HIS A 56 30.67 0.90 -6.03
CA HIS A 56 30.36 0.01 -7.15
C HIS A 56 28.86 -0.15 -7.38
N PRO A 57 28.07 0.92 -7.45
CA PRO A 57 26.62 0.80 -7.49
C PRO A 57 26.17 0.02 -8.74
N ARG A 58 25.40 -1.06 -8.53
CA ARG A 58 24.91 -1.91 -9.62
C ARG A 58 23.63 -2.64 -9.21
N CYS A 59 23.50 -3.00 -7.92
CA CYS A 59 22.30 -3.64 -7.42
C CYS A 59 22.16 -3.37 -5.92
N PRO A 60 20.93 -3.13 -5.42
CA PRO A 60 20.63 -2.96 -4.00
C PRO A 60 20.63 -4.25 -3.18
N PRO A 61 20.82 -4.15 -1.85
CA PRO A 61 20.79 -5.27 -0.91
C PRO A 61 19.49 -6.04 -0.92
N LYS A 62 19.55 -7.30 -0.52
CA LYS A 62 18.45 -8.25 -0.50
C LYS A 62 17.71 -8.29 -1.83
N GLY A 63 18.35 -7.93 -2.94
CA GLY A 63 17.68 -7.77 -4.22
C GLY A 63 16.54 -6.78 -4.24
N TYR A 64 16.24 -6.10 -3.14
CA TYR A 64 15.07 -5.24 -3.08
C TYR A 64 15.22 -3.96 -3.92
N VAL A 65 14.26 -3.71 -4.79
CA VAL A 65 14.26 -2.55 -5.67
C VAL A 65 12.83 -2.14 -5.92
N TYR A 66 12.63 -0.91 -6.40
CA TYR A 66 11.28 -0.37 -6.65
C TYR A 66 11.12 -0.05 -8.12
N LEU A 67 9.89 -0.18 -8.59
CA LEU A 67 9.54 0.16 -9.95
C LEU A 67 8.58 1.34 -9.97
N VAL A 68 8.82 2.26 -10.89
CA VAL A 68 7.98 3.45 -11.04
C VAL A 68 7.66 3.58 -12.53
N PHE A 69 6.39 3.46 -12.87
CA PHE A 69 5.99 3.32 -14.26
C PHE A 69 4.65 3.98 -14.58
N GLU A 70 4.08 3.65 -15.74
CA GLU A 70 2.70 3.97 -16.08
C GLU A 70 1.83 3.56 -14.91
N LEU A 71 0.84 4.35 -14.53
CA LEU A 71 0.08 4.11 -13.31
C LEU A 71 -0.90 2.93 -13.45
N GLU A 72 -1.57 2.77 -14.60
CA GLU A 72 -2.66 1.79 -14.68
C GLU A 72 -2.43 0.72 -15.76
N LYS A 73 -2.02 1.15 -16.96
CA LYS A 73 -2.01 0.29 -18.15
C LYS A 73 -0.96 -0.80 -18.05
N SER A 74 0.31 -0.44 -18.16
CA SER A 74 1.39 -1.38 -18.19
C SER A 74 1.42 -2.24 -16.95
N VAL A 75 0.94 -1.65 -15.86
CA VAL A 75 1.01 -2.29 -14.57
C VAL A 75 0.17 -3.56 -14.51
N ARG A 76 -1.12 -3.47 -14.79
CA ARG A 76 -2.00 -4.62 -14.68
C ARG A 76 -1.64 -5.67 -15.72
N SER A 77 -1.11 -5.24 -16.86
CA SER A 77 -0.76 -6.15 -17.92
C SER A 77 0.29 -7.16 -17.48
N LEU A 78 1.48 -6.68 -17.08
CA LEU A 78 2.61 -7.54 -16.77
C LEU A 78 2.49 -8.15 -15.38
N LEU A 79 1.78 -7.52 -14.44
CA LEU A 79 1.52 -8.20 -13.19
C LEU A 79 0.70 -9.47 -13.41
N GLN A 80 -0.21 -9.42 -14.38
CA GLN A 80 -1.03 -10.56 -14.77
C GLN A 80 -0.38 -11.40 -15.86
N ALA A 81 0.79 -10.99 -16.37
CA ALA A 81 1.54 -11.78 -17.34
C ALA A 81 2.60 -12.54 -16.60
N CYS A 82 2.89 -12.14 -15.35
CA CYS A 82 3.73 -12.86 -14.44
C CYS A 82 2.85 -13.92 -13.74
N SER A 83 3.32 -14.40 -12.59
CA SER A 83 2.56 -15.36 -11.77
C SER A 83 1.81 -14.61 -10.68
N HIS A 84 0.77 -15.25 -10.17
CA HIS A 84 -0.02 -14.66 -9.13
C HIS A 84 -0.74 -15.78 -8.39
N ASP A 85 -1.09 -15.55 -7.10
CA ASP A 85 -2.00 -16.43 -6.39
C ASP A 85 -2.85 -15.57 -5.45
N PRO A 86 -4.10 -15.98 -5.24
CA PRO A 86 -4.94 -15.43 -4.21
C PRO A 86 -4.56 -15.93 -2.83
N LEU A 87 -3.46 -16.70 -2.75
CA LEU A 87 -2.84 -17.33 -1.59
C LEU A 87 -3.75 -17.40 -0.34
N SER A 88 -4.30 -18.60 -0.18
CA SER A 88 -5.24 -18.93 0.89
C SER A 88 -4.82 -18.56 2.31
N PRO A 89 -3.52 -18.52 2.68
CA PRO A 89 -3.06 -18.20 4.01
C PRO A 89 -3.48 -16.83 4.50
N ASP A 90 -3.80 -15.90 3.60
CA ASP A 90 -4.23 -14.58 4.00
C ASP A 90 -5.26 -14.08 2.99
N GLY A 91 -6.25 -13.31 3.43
CA GLY A 91 -7.30 -12.83 2.52
C GLY A 91 -6.80 -11.82 1.47
N LEU A 92 -5.49 -11.55 1.44
CA LEU A 92 -4.88 -10.61 0.51
C LEU A 92 -4.31 -11.31 -0.73
N SER A 93 -3.54 -10.55 -1.54
CA SER A 93 -2.90 -11.08 -2.75
C SER A 93 -1.39 -11.06 -2.68
N GLU A 94 -0.77 -11.95 -3.47
CA GLU A 94 0.68 -11.99 -3.61
C GLU A 94 0.99 -12.25 -5.06
N TYR A 95 1.99 -11.54 -5.59
CA TYR A 95 2.43 -11.66 -6.96
C TYR A 95 3.88 -12.16 -7.03
N TYR A 96 4.19 -12.97 -8.05
CA TYR A 96 5.51 -13.59 -8.20
C TYR A 96 5.95 -13.70 -9.66
N PHE A 97 7.26 -13.82 -9.89
CA PHE A 97 7.82 -14.03 -11.20
C PHE A 97 9.20 -14.63 -11.02
N LYS A 98 9.82 -15.10 -12.11
CA LYS A 98 11.17 -15.60 -12.06
C LYS A 98 11.92 -15.27 -13.34
N MET A 99 13.23 -15.03 -13.24
CA MET A 99 14.10 -14.60 -14.32
C MET A 99 15.50 -15.21 -14.13
N SER A 100 16.32 -15.22 -15.19
CA SER A 100 17.66 -15.79 -15.10
C SER A 100 18.51 -15.43 -16.29
N SER A 101 19.78 -15.86 -16.29
CA SER A 101 20.69 -15.69 -17.40
C SER A 101 21.26 -17.04 -17.81
N ARG A 102 20.40 -18.06 -17.80
CA ARG A 102 20.75 -19.45 -18.10
C ARG A 102 21.84 -19.96 -17.19
N ARG A 103 22.00 -19.38 -16.00
CA ARG A 103 23.09 -19.80 -15.13
C ARG A 103 22.82 -19.91 -13.63
N MET A 104 21.64 -19.54 -13.15
CA MET A 104 21.30 -19.74 -11.74
C MET A 104 19.80 -19.95 -11.49
N ARG A 105 19.08 -20.40 -12.50
CA ARG A 105 17.65 -20.68 -12.39
C ARG A 105 17.35 -21.53 -11.15
N CYS A 106 16.71 -20.93 -10.16
CA CYS A 106 16.33 -21.67 -8.96
C CYS A 106 15.29 -20.86 -8.19
N LYS A 107 15.54 -19.58 -7.95
CA LYS A 107 14.74 -18.78 -7.05
C LYS A 107 13.94 -17.74 -7.82
N GLU A 108 12.65 -17.67 -7.49
CA GLU A 108 11.71 -16.67 -7.96
C GLU A 108 11.74 -15.39 -7.13
N VAL A 109 11.30 -14.26 -7.73
CA VAL A 109 11.24 -12.99 -7.04
C VAL A 109 9.79 -12.77 -6.57
N GLN A 110 9.53 -11.78 -5.70
CA GLN A 110 8.17 -11.48 -5.24
C GLN A 110 7.77 -10.02 -5.44
N VAL A 111 6.46 -9.78 -5.65
CA VAL A 111 5.96 -8.44 -5.98
C VAL A 111 4.77 -8.03 -5.11
N ILE A 112 4.71 -6.74 -4.77
CA ILE A 112 3.63 -6.17 -3.95
C ILE A 112 3.40 -4.72 -4.35
N PRO A 113 2.41 -4.44 -5.22
CA PRO A 113 2.07 -3.09 -5.68
C PRO A 113 1.12 -2.36 -4.75
N TRP A 114 0.95 -1.06 -5.01
CA TRP A 114 -0.05 -0.20 -4.36
C TRP A 114 -1.34 -0.18 -5.18
N VAL A 115 -2.41 -0.59 -4.51
CA VAL A 115 -3.72 -0.67 -5.10
C VAL A 115 -4.58 0.52 -4.68
N LEU A 116 -5.44 1.00 -5.57
CA LEU A 116 -6.23 2.20 -5.33
C LEU A 116 -7.16 1.99 -4.14
N ALA A 117 -7.53 0.74 -3.87
CA ALA A 117 -8.38 0.43 -2.71
C ALA A 117 -7.69 0.76 -1.38
N ASP A 118 -6.42 1.20 -1.44
CA ASP A 118 -5.70 1.58 -0.23
C ASP A 118 -5.63 3.09 -0.10
N SER A 119 -6.01 3.82 -1.16
CA SER A 119 -5.91 5.28 -1.22
C SER A 119 -7.29 5.92 -1.06
N ASN A 120 -8.35 5.19 -1.38
CA ASN A 120 -9.68 5.75 -1.24
C ASN A 120 -10.65 4.71 -0.78
N PHE A 121 -11.61 5.11 0.06
CA PHE A 121 -12.63 4.22 0.53
C PHE A 121 -13.84 5.05 0.88
N VAL A 122 -15.02 4.57 0.45
CA VAL A 122 -16.29 5.24 0.72
C VAL A 122 -17.18 4.33 1.54
N ARG A 123 -18.01 4.91 2.41
CA ARG A 123 -19.00 4.13 3.15
C ARG A 123 -20.33 4.22 2.42
N SER A 124 -20.41 5.18 1.48
CA SER A 124 -21.57 5.47 0.61
C SER A 124 -21.07 5.95 -0.75
N PRO A 125 -21.50 5.31 -1.86
CA PRO A 125 -21.07 5.67 -3.19
C PRO A 125 -21.78 6.88 -3.75
N SER A 126 -22.80 7.35 -3.04
CA SER A 126 -23.70 8.38 -3.55
C SER A 126 -23.42 9.73 -2.92
N GLN A 127 -22.34 9.87 -2.13
CA GLN A 127 -21.97 11.13 -1.49
C GLN A 127 -20.57 11.54 -1.96
N ARG A 128 -20.19 12.80 -1.71
CA ARG A 128 -18.88 13.36 -2.05
C ARG A 128 -18.14 13.72 -0.78
N LEU A 129 -16.93 14.23 -0.97
CA LEU A 129 -16.08 14.66 0.13
C LEU A 129 -16.64 15.96 0.70
N ASP A 130 -16.32 16.24 1.98
CA ASP A 130 -16.67 17.52 2.58
C ASP A 130 -15.46 18.41 2.50
N PRO A 131 -15.56 19.55 1.81
CA PRO A 131 -14.43 20.42 1.57
C PRO A 131 -14.05 21.24 2.81
N SER A 132 -14.82 21.17 3.88
CA SER A 132 -14.51 21.92 5.10
C SER A 132 -14.38 21.04 6.33
N ARG A 133 -14.79 19.78 6.29
CA ARG A 133 -14.74 18.91 7.45
C ARG A 133 -13.90 17.65 7.20
N THR A 134 -12.65 17.68 7.66
CA THR A 134 -11.77 16.51 7.63
C THR A 134 -10.80 16.59 8.81
N VAL A 135 -10.18 15.47 9.17
CA VAL A 135 -9.12 15.48 10.14
C VAL A 135 -7.95 14.65 9.66
N PHE A 136 -6.76 15.06 10.11
CA PHE A 136 -5.53 14.44 9.71
C PHE A 136 -5.35 13.16 10.52
N VAL A 137 -5.23 12.05 9.78
CA VAL A 137 -5.02 10.72 10.36
C VAL A 137 -3.54 10.38 10.34
N GLY A 138 -3.09 9.80 11.45
CA GLY A 138 -1.71 9.36 11.60
C GLY A 138 -1.68 7.89 12.02
N ALA A 139 -2.16 7.04 11.11
CA ALA A 139 -2.38 5.62 11.36
C ALA A 139 -1.43 4.75 10.51
N LEU A 140 -0.63 3.89 11.17
CA LEU A 140 0.35 3.06 10.50
C LEU A 140 0.75 1.83 11.29
N HIS A 141 1.23 0.85 10.53
CA HIS A 141 1.80 -0.38 11.03
C HIS A 141 2.83 -0.98 10.06
N GLY A 142 3.08 -0.23 8.99
CA GLY A 142 4.01 -0.62 7.93
C GLY A 142 3.35 -0.50 6.55
N MET A 143 2.02 -0.65 6.48
CA MET A 143 1.26 -0.45 5.25
C MET A 143 -0.23 -0.23 5.55
N LEU A 144 -0.53 0.59 6.56
CA LEU A 144 -1.93 0.85 6.96
C LEU A 144 -2.67 1.54 5.82
N ASN A 145 -3.88 1.08 5.50
CA ASN A 145 -4.63 1.61 4.38
C ASN A 145 -6.06 1.95 4.78
N ALA A 146 -6.82 2.35 3.77
CA ALA A 146 -8.18 2.87 3.95
C ALA A 146 -9.18 1.81 4.45
N GLU A 147 -8.84 0.51 4.41
CA GLU A 147 -9.79 -0.50 4.85
C GLU A 147 -9.76 -0.59 6.37
N ALA A 148 -8.66 -0.12 6.95
CA ALA A 148 -8.52 -0.03 8.39
C ALA A 148 -9.15 1.28 8.85
N LEU A 149 -9.04 2.36 8.05
CA LEU A 149 -9.62 3.62 8.46
C LEU A 149 -11.13 3.58 8.34
N ALA A 150 -11.65 2.73 7.47
CA ALA A 150 -13.09 2.52 7.33
C ALA A 150 -13.63 1.69 8.49
N ALA A 151 -12.90 0.66 8.91
CA ALA A 151 -13.29 -0.23 10.00
C ALA A 151 -13.21 0.51 11.33
N ILE A 152 -12.06 1.14 11.59
CA ILE A 152 -11.80 1.76 12.89
C ILE A 152 -12.69 2.96 13.15
N LEU A 153 -12.96 3.78 12.12
CA LEU A 153 -13.67 5.03 12.29
C LEU A 153 -15.18 4.90 12.17
N ASN A 154 -15.67 3.92 11.40
CA ASN A 154 -17.12 3.68 11.37
C ASN A 154 -17.55 2.89 12.61
N ASP A 155 -16.62 2.28 13.35
CA ASP A 155 -16.93 1.52 14.54
C ASP A 155 -16.73 2.34 15.82
N LEU A 156 -15.98 3.44 15.71
CA LEU A 156 -15.68 4.30 16.85
C LEU A 156 -16.59 5.52 16.97
N PHE A 157 -17.17 6.01 15.86
CA PHE A 157 -18.18 7.06 15.92
C PHE A 157 -19.26 6.92 14.82
N GLY A 158 -18.94 6.24 13.72
CA GLY A 158 -19.92 5.94 12.68
C GLY A 158 -20.35 7.15 11.87
N GLY A 159 -19.94 8.37 12.21
CA GLY A 159 -20.39 9.58 11.57
C GLY A 159 -19.62 9.94 10.31
N VAL A 160 -18.80 8.99 9.84
CA VAL A 160 -17.89 9.17 8.74
C VAL A 160 -18.53 8.78 7.41
N VAL A 161 -17.93 9.21 6.29
CA VAL A 161 -18.52 8.91 5.00
C VAL A 161 -17.45 8.49 3.99
N TYR A 162 -16.21 8.94 4.14
CA TYR A 162 -15.11 8.57 3.24
C TYR A 162 -13.79 8.68 3.99
N ALA A 163 -12.85 7.78 3.68
CA ALA A 163 -11.53 7.76 4.28
C ALA A 163 -10.51 7.56 3.18
N GLY A 164 -9.37 8.25 3.27
CA GLY A 164 -8.30 8.11 2.30
C GLY A 164 -6.92 8.19 2.95
N ILE A 165 -5.99 7.55 2.27
CA ILE A 165 -4.58 7.64 2.61
C ILE A 165 -3.96 8.78 1.79
N ASP A 166 -3.12 9.58 2.42
CA ASP A 166 -2.44 10.65 1.73
C ASP A 166 -1.24 10.07 1.01
N THR A 167 -1.00 10.45 -0.25
CA THR A 167 0.14 9.94 -1.01
C THR A 167 1.01 11.05 -1.56
N ASP A 168 2.25 10.68 -1.95
CA ASP A 168 3.21 11.55 -2.60
C ASP A 168 3.69 10.85 -3.85
N LYS A 169 4.20 11.57 -4.83
CA LYS A 169 4.48 11.02 -6.15
C LYS A 169 5.44 9.85 -6.07
N HIS A 170 4.89 8.64 -6.13
CA HIS A 170 5.64 7.39 -6.10
C HIS A 170 6.60 7.25 -4.90
N LYS A 171 6.23 7.70 -3.69
CA LYS A 171 7.10 7.49 -2.52
C LYS A 171 6.62 6.39 -1.56
N TYR A 172 5.46 5.78 -1.79
CA TYR A 172 4.90 4.73 -0.89
C TYR A 172 4.89 5.14 0.58
N PRO A 173 4.34 6.30 0.97
CA PRO A 173 4.38 6.79 2.34
C PRO A 173 3.59 5.85 3.25
N ILE A 174 2.33 5.52 2.87
CA ILE A 174 1.43 4.58 3.55
C ILE A 174 1.53 4.76 5.08
N GLY A 175 1.65 6.00 5.54
CA GLY A 175 1.85 6.33 6.94
C GLY A 175 1.22 7.65 7.31
N SER A 176 0.13 8.00 6.63
CA SER A 176 -0.60 9.24 6.88
C SER A 176 -1.92 9.21 6.13
N GLY A 177 -2.90 10.00 6.56
CA GLY A 177 -4.16 10.06 5.84
C GLY A 177 -5.06 11.22 6.26
N ARG A 178 -6.30 11.16 5.76
CA ARG A 178 -7.34 12.13 6.08
C ARG A 178 -8.67 11.42 5.98
N VAL A 179 -9.69 11.95 6.65
CA VAL A 179 -10.98 11.31 6.66
C VAL A 179 -12.03 12.40 6.68
N THR A 180 -13.01 12.26 5.78
CA THR A 180 -14.08 13.22 5.64
C THR A 180 -15.29 12.73 6.41
N PHE A 181 -15.95 13.65 7.11
CA PHE A 181 -17.11 13.36 7.93
C PHE A 181 -18.37 13.99 7.38
N ASN A 182 -19.50 13.39 7.74
CA ASN A 182 -20.79 13.86 7.28
C ASN A 182 -21.67 14.13 8.48
N ASN A 183 -21.27 13.71 9.69
CA ASN A 183 -21.93 14.05 10.94
C ASN A 183 -20.95 14.78 11.82
N GLN A 184 -21.44 15.68 12.68
CA GLN A 184 -20.51 16.46 13.48
C GLN A 184 -19.86 15.61 14.58
N ARG A 185 -20.41 14.42 14.89
CA ARG A 185 -19.99 13.60 16.03
C ARG A 185 -18.58 13.10 15.84
N SER A 186 -18.26 12.77 14.61
CA SER A 186 -16.95 12.22 14.33
C SER A 186 -15.85 13.27 14.46
N TYR A 187 -16.21 14.55 14.35
CA TYR A 187 -15.23 15.63 14.41
C TYR A 187 -14.66 15.76 15.83
N LEU A 188 -15.51 16.10 16.80
CA LEU A 188 -15.03 16.36 18.15
C LEU A 188 -14.67 15.08 18.90
N LYS A 189 -15.18 13.93 18.49
CA LYS A 189 -14.89 12.68 19.19
C LYS A 189 -13.58 12.08 18.72
N ALA A 190 -13.15 12.47 17.50
CA ALA A 190 -11.92 11.96 16.93
C ALA A 190 -10.71 12.72 17.48
N VAL A 191 -10.84 14.03 17.69
CA VAL A 191 -9.73 14.82 18.23
C VAL A 191 -9.59 14.61 19.74
N SER A 192 -10.67 14.20 20.39
CA SER A 192 -10.66 14.00 21.82
C SER A 192 -10.27 12.58 22.21
N ALA A 193 -10.31 11.62 21.28
CA ALA A 193 -9.81 10.27 21.53
C ALA A 193 -8.35 10.21 21.14
N ALA A 194 -7.99 10.95 20.08
CA ALA A 194 -6.64 11.19 19.60
C ALA A 194 -5.77 9.97 19.27
N PHE A 195 -5.79 8.89 20.05
CA PHE A 195 -4.89 7.76 19.83
C PHE A 195 -5.52 6.52 20.47
N VAL A 196 -5.70 5.44 19.70
CA VAL A 196 -6.21 4.19 20.26
C VAL A 196 -5.29 2.98 20.05
N GLU A 197 -5.45 1.96 20.90
CA GLU A 197 -4.68 0.72 20.80
C GLU A 197 -5.46 -0.31 20.01
N ILE A 198 -4.75 -1.06 19.16
CA ILE A 198 -5.34 -2.11 18.35
C ILE A 198 -4.70 -3.46 18.62
N LYS A 199 -5.58 -4.42 18.94
CA LYS A 199 -5.19 -5.77 19.27
C LYS A 199 -5.91 -6.78 18.38
N THR A 200 -5.85 -6.61 17.06
CA THR A 200 -6.49 -7.53 16.13
C THR A 200 -5.66 -8.80 15.98
N THR A 201 -6.16 -9.71 15.15
CA THR A 201 -5.58 -11.02 14.99
C THR A 201 -4.56 -11.00 13.84
N LYS A 202 -4.30 -9.82 13.25
CA LYS A 202 -3.33 -9.73 12.17
C LYS A 202 -2.09 -8.95 12.58
N PHE A 203 -2.24 -7.99 13.50
CA PHE A 203 -1.13 -7.17 13.95
C PHE A 203 -1.50 -6.49 15.26
N THR A 204 -0.50 -5.98 15.98
CA THR A 204 -0.73 -5.20 17.17
C THR A 204 -0.06 -3.83 16.99
N LYS A 205 -0.86 -2.75 16.91
CA LYS A 205 -0.32 -1.42 16.64
C LYS A 205 -1.31 -0.33 17.03
N LYS A 206 -0.93 0.92 16.85
CA LYS A 206 -1.77 2.04 17.27
C LYS A 206 -2.04 2.97 16.10
N VAL A 207 -3.01 3.87 16.26
CA VAL A 207 -3.35 4.83 15.22
C VAL A 207 -3.69 6.15 15.86
N GLN A 208 -3.47 7.24 15.11
CA GLN A 208 -3.53 8.59 15.63
C GLN A 208 -4.46 9.48 14.82
N ILE A 209 -4.87 10.58 15.46
CA ILE A 209 -5.67 11.62 14.83
C ILE A 209 -5.17 12.99 15.30
N ASP A 210 -5.13 14.00 14.40
CA ASP A 210 -4.65 15.33 14.74
C ASP A 210 -5.56 16.36 14.09
N PRO A 211 -5.61 17.60 14.59
CA PRO A 211 -6.48 18.63 14.09
C PRO A 211 -6.12 19.01 12.66
N TYR A 212 -7.09 19.58 11.92
CA TYR A 212 -6.87 19.96 10.52
C TYR A 212 -6.21 21.33 10.39
N MET A 1 -9.53 4.47 24.26
CA MET A 1 -10.65 3.61 23.85
C MET A 1 -10.20 2.50 22.89
N THR A 2 -10.88 1.36 22.94
CA THR A 2 -10.60 0.13 22.19
C THR A 2 -11.91 -0.60 21.91
N TRP A 3 -11.97 -1.37 20.81
CA TRP A 3 -13.21 -2.06 20.44
C TRP A 3 -13.00 -3.45 19.86
N SER A 4 -11.74 -3.88 19.66
CA SER A 4 -11.41 -5.21 19.17
C SER A 4 -12.38 -5.69 18.09
N GLY A 5 -12.48 -4.97 16.98
CA GLY A 5 -13.50 -5.24 15.97
C GLY A 5 -13.29 -6.60 15.28
N GLN A 6 -12.03 -7.06 15.21
CA GLN A 6 -11.71 -8.35 14.58
C GLN A 6 -12.27 -8.45 13.15
N LEU A 7 -12.06 -7.38 12.37
CA LEU A 7 -12.45 -7.29 10.97
C LEU A 7 -11.41 -6.63 10.02
N PRO A 8 -10.09 -6.62 10.27
CA PRO A 8 -9.17 -5.96 9.36
C PRO A 8 -9.16 -6.70 8.00
N PRO A 9 -9.47 -5.99 6.90
CA PRO A 9 -9.51 -6.55 5.57
C PRO A 9 -8.10 -6.76 4.99
N ARG A 10 -7.93 -7.90 4.30
CA ARG A 10 -6.67 -8.34 3.75
C ARG A 10 -6.91 -9.24 2.54
N ASN A 11 -5.84 -9.59 1.80
CA ASN A 11 -5.92 -10.47 0.63
C ASN A 11 -7.08 -10.04 -0.28
N TYR A 12 -7.14 -8.74 -0.59
CA TYR A 12 -8.23 -8.09 -1.31
C TYR A 12 -8.55 -8.84 -2.59
N LYS A 13 -9.80 -8.71 -3.02
CA LYS A 13 -10.34 -9.37 -4.22
C LYS A 13 -10.66 -8.35 -5.33
N ASN A 14 -10.07 -7.14 -5.21
CA ASN A 14 -10.22 -6.06 -6.18
C ASN A 14 -8.86 -5.55 -6.64
N PRO A 15 -7.92 -6.43 -7.01
CA PRO A 15 -6.55 -6.03 -7.29
C PRO A 15 -6.39 -5.20 -8.55
N ILE A 16 -6.20 -3.90 -8.34
CA ILE A 16 -5.79 -2.95 -9.37
C ILE A 16 -4.80 -2.05 -8.68
N TYR A 17 -3.74 -1.61 -9.39
CA TYR A 17 -2.65 -0.85 -8.79
C TYR A 17 -2.66 0.56 -9.32
N SER A 18 -2.23 1.53 -8.51
CA SER A 18 -2.38 2.93 -8.89
C SER A 18 -1.12 3.76 -8.61
N CYS A 19 -0.14 3.18 -7.92
CA CYS A 19 1.11 3.85 -7.61
C CYS A 19 2.28 2.91 -7.85
N LYS A 20 3.47 3.38 -7.47
CA LYS A 20 4.67 2.62 -7.73
C LYS A 20 4.72 1.29 -6.98
N VAL A 21 5.58 0.40 -7.46
CA VAL A 21 5.68 -0.96 -6.95
C VAL A 21 7.08 -1.28 -6.48
N PHE A 22 7.19 -2.14 -5.48
CA PHE A 22 8.48 -2.68 -5.04
C PHE A 22 8.77 -4.00 -5.73
N LEU A 23 10.01 -4.20 -6.18
CA LEU A 23 10.40 -5.39 -6.91
C LEU A 23 11.84 -5.73 -6.55
N GLY A 24 12.10 -6.95 -6.07
CA GLY A 24 13.48 -7.41 -5.87
C GLY A 24 13.58 -8.60 -4.92
N GLY A 25 14.80 -8.95 -4.52
CA GLY A 25 15.02 -10.06 -3.62
C GLY A 25 16.18 -10.91 -4.13
N VAL A 26 16.97 -10.45 -5.09
CA VAL A 26 18.09 -11.25 -5.60
C VAL A 26 19.11 -11.56 -4.50
N PRO A 27 19.41 -12.86 -4.28
CA PRO A 27 20.38 -13.25 -3.30
C PRO A 27 21.83 -13.23 -3.78
N TRP A 28 22.05 -12.84 -5.03
CA TRP A 28 23.36 -12.84 -5.67
C TRP A 28 23.66 -11.54 -6.44
N ASP A 29 22.65 -10.68 -6.71
CA ASP A 29 22.72 -9.35 -7.30
C ASP A 29 23.67 -9.23 -8.52
N ILE A 30 23.09 -9.08 -9.69
CA ILE A 30 23.84 -9.05 -10.92
C ILE A 30 23.95 -7.64 -11.47
N THR A 31 23.04 -7.25 -12.40
CA THR A 31 22.94 -5.93 -12.92
C THR A 31 21.45 -5.59 -13.12
N GLU A 32 21.06 -4.40 -12.63
CA GLU A 32 19.64 -3.95 -12.72
C GLU A 32 19.07 -3.85 -14.14
N ALA A 33 19.95 -3.70 -15.14
CA ALA A 33 19.56 -3.57 -16.53
C ALA A 33 18.94 -4.87 -17.03
N GLY A 34 19.50 -6.03 -16.63
CA GLY A 34 19.01 -7.33 -17.06
C GLY A 34 17.54 -7.55 -16.70
N LEU A 35 17.19 -7.25 -15.45
CA LEU A 35 15.81 -7.44 -15.03
C LEU A 35 14.89 -6.51 -15.80
N VAL A 36 15.35 -5.30 -16.05
CA VAL A 36 14.53 -4.28 -16.69
C VAL A 36 14.34 -4.56 -18.18
N ASN A 37 15.41 -4.98 -18.82
CA ASN A 37 15.40 -5.28 -20.24
C ASN A 37 14.76 -6.65 -20.49
N THR A 38 14.41 -7.37 -19.41
CA THR A 38 13.65 -8.59 -19.51
C THR A 38 12.14 -8.29 -19.46
N PHE A 39 11.67 -7.30 -18.70
CA PHE A 39 10.23 -7.00 -18.74
C PHE A 39 9.99 -5.49 -18.82
N ARG A 40 10.21 -4.93 -20.01
CA ARG A 40 9.94 -3.51 -20.30
C ARG A 40 9.39 -3.34 -21.72
N VAL A 41 8.96 -4.45 -22.31
CA VAL A 41 8.55 -4.49 -23.71
C VAL A 41 7.18 -3.81 -23.91
N PHE A 42 6.47 -3.47 -22.83
CA PHE A 42 5.24 -2.72 -22.96
C PHE A 42 5.58 -1.25 -23.06
N GLY A 43 6.88 -0.92 -22.95
CA GLY A 43 7.38 0.41 -23.18
C GLY A 43 6.83 1.51 -22.25
N SER A 44 6.02 1.12 -21.25
CA SER A 44 5.37 2.05 -20.37
C SER A 44 6.02 2.16 -19.00
N LEU A 45 7.18 1.52 -18.77
CA LEU A 45 7.73 1.48 -17.44
C LEU A 45 9.20 1.91 -17.40
N SER A 46 9.70 2.22 -16.21
CA SER A 46 11.06 2.69 -15.97
C SER A 46 11.46 2.30 -14.55
N VAL A 47 12.75 2.44 -14.24
CA VAL A 47 13.37 2.05 -12.97
C VAL A 47 13.98 3.22 -12.23
N GLU A 48 13.91 3.18 -10.87
CA GLU A 48 14.51 4.21 -10.06
C GLU A 48 15.09 3.61 -8.79
N TRP A 49 16.36 3.96 -8.48
CA TRP A 49 17.04 3.51 -7.27
C TRP A 49 18.20 4.44 -6.87
N PRO A 50 18.43 4.58 -5.55
CA PRO A 50 19.51 5.40 -5.05
C PRO A 50 20.81 4.61 -4.94
N GLY A 51 21.94 5.32 -4.77
CA GLY A 51 23.26 4.71 -4.60
C GLY A 51 23.81 4.23 -5.94
N LYS A 52 23.23 4.67 -7.06
CA LYS A 52 23.61 4.30 -8.42
C LYS A 52 24.98 4.88 -8.84
N ASP A 53 25.81 5.32 -7.89
CA ASP A 53 27.13 5.86 -8.15
C ASP A 53 28.14 4.75 -8.46
N GLY A 54 29.16 5.08 -9.25
CA GLY A 54 30.23 4.17 -9.61
C GLY A 54 30.37 4.04 -11.12
N LYS A 55 31.47 3.44 -11.58
CA LYS A 55 31.76 3.18 -12.98
C LYS A 55 31.01 1.98 -13.53
N HIS A 56 30.07 1.42 -12.74
CA HIS A 56 29.22 0.29 -13.11
C HIS A 56 27.81 0.66 -12.66
N PRO A 57 26.75 0.15 -13.30
CA PRO A 57 25.39 0.28 -12.81
C PRO A 57 25.19 -0.61 -11.58
N ARG A 58 26.28 -1.20 -11.04
CA ARG A 58 26.25 -2.14 -9.94
C ARG A 58 27.02 -1.55 -8.78
N CYS A 59 26.34 -1.32 -7.66
CA CYS A 59 27.00 -0.77 -6.50
C CYS A 59 26.26 -0.96 -5.14
N PRO A 60 24.91 -1.00 -5.07
CA PRO A 60 24.18 -0.98 -3.81
C PRO A 60 24.23 -2.34 -3.08
N PRO A 61 24.33 -2.30 -1.73
CA PRO A 61 24.37 -3.46 -0.88
C PRO A 61 23.02 -4.15 -0.69
N LYS A 62 21.95 -3.55 -1.25
CA LYS A 62 20.61 -4.04 -1.11
C LYS A 62 20.18 -4.70 -2.44
N GLY A 63 19.28 -5.69 -2.33
CA GLY A 63 18.88 -6.51 -3.46
C GLY A 63 17.55 -6.09 -4.07
N TYR A 64 17.08 -4.84 -3.88
CA TYR A 64 15.81 -4.42 -4.46
C TYR A 64 15.74 -2.92 -4.67
N VAL A 65 14.74 -2.49 -5.46
CA VAL A 65 14.51 -1.10 -5.81
C VAL A 65 12.99 -0.93 -6.06
N TYR A 66 12.59 0.22 -6.60
CA TYR A 66 11.18 0.48 -6.87
C TYR A 66 10.94 0.90 -8.32
N LEU A 67 9.77 0.55 -8.86
CA LEU A 67 9.47 0.71 -10.27
C LEU A 67 8.19 1.52 -10.49
N VAL A 68 8.11 2.23 -11.61
CA VAL A 68 6.91 2.93 -12.10
C VAL A 68 6.41 2.28 -13.38
N PHE A 69 5.12 2.47 -13.69
CA PHE A 69 4.46 1.77 -14.76
C PHE A 69 3.21 2.55 -15.24
N GLU A 70 2.52 1.93 -16.20
CA GLU A 70 1.22 2.32 -16.66
C GLU A 70 0.13 1.91 -15.65
N LEU A 71 0.59 1.66 -14.41
CA LEU A 71 -0.16 1.39 -13.18
C LEU A 71 -1.14 0.23 -13.24
N GLU A 72 -2.02 0.22 -14.23
CA GLU A 72 -3.13 -0.71 -14.31
C GLU A 72 -2.81 -1.82 -15.31
N LYS A 73 -2.40 -1.40 -16.52
CA LYS A 73 -2.27 -2.29 -17.68
C LYS A 73 -1.18 -3.34 -17.51
N SER A 74 0.07 -2.91 -17.60
CA SER A 74 1.20 -3.80 -17.55
C SER A 74 1.29 -4.45 -16.21
N VAL A 75 0.87 -3.76 -15.15
CA VAL A 75 1.13 -4.23 -13.80
C VAL A 75 0.36 -5.49 -13.45
N ARG A 76 -0.95 -5.45 -13.65
CA ARG A 76 -1.81 -6.57 -13.36
C ARG A 76 -1.52 -7.72 -14.33
N SER A 77 -1.00 -7.39 -15.54
CA SER A 77 -0.72 -8.40 -16.55
C SER A 77 0.45 -9.27 -16.12
N LEU A 78 1.55 -8.71 -15.58
CA LEU A 78 2.70 -9.52 -15.17
C LEU A 78 2.36 -10.38 -13.95
N LEU A 79 1.85 -9.81 -12.86
CA LEU A 79 1.62 -10.60 -11.66
C LEU A 79 0.26 -11.30 -11.58
N GLN A 80 -0.52 -11.31 -12.67
CA GLN A 80 -1.71 -12.17 -12.74
C GLN A 80 -1.54 -13.22 -13.84
N ALA A 81 -0.47 -13.10 -14.61
CA ALA A 81 -0.07 -14.10 -15.60
C ALA A 81 0.91 -15.12 -15.01
N CYS A 82 1.65 -14.72 -13.97
CA CYS A 82 2.61 -15.64 -13.35
C CYS A 82 2.05 -16.23 -12.05
N SER A 83 2.70 -15.97 -10.92
CA SER A 83 2.33 -16.62 -9.66
C SER A 83 2.01 -15.64 -8.55
N HIS A 84 1.24 -16.15 -7.59
CA HIS A 84 0.81 -15.46 -6.39
C HIS A 84 0.53 -16.49 -5.33
N ASP A 85 0.50 -16.12 -4.05
CA ASP A 85 0.14 -17.04 -2.98
C ASP A 85 -0.58 -16.24 -1.87
N PRO A 86 -1.70 -16.78 -1.36
CA PRO A 86 -2.46 -16.24 -0.23
C PRO A 86 -1.84 -16.70 1.09
N LEU A 87 -0.52 -16.94 1.11
CA LEU A 87 0.13 -17.49 2.29
C LEU A 87 0.16 -16.47 3.43
N SER A 88 -0.12 -15.19 3.12
CA SER A 88 -0.24 -14.07 4.07
C SER A 88 0.76 -14.14 5.25
N PRO A 89 2.01 -13.75 5.01
CA PRO A 89 3.06 -13.87 6.00
C PRO A 89 2.88 -12.86 7.15
N ASP A 90 2.16 -11.77 6.91
CA ASP A 90 1.81 -10.77 7.94
C ASP A 90 0.42 -10.21 7.67
N GLY A 91 -0.22 -10.75 6.63
CA GLY A 91 -1.55 -10.37 6.20
C GLY A 91 -1.48 -9.76 4.79
N LEU A 92 -0.28 -9.45 4.31
CA LEU A 92 -0.05 -8.87 3.01
C LEU A 92 0.47 -10.00 2.10
N SER A 93 -0.39 -10.43 1.18
CA SER A 93 -0.09 -11.57 0.29
C SER A 93 1.13 -11.26 -0.55
N GLU A 94 1.67 -12.25 -1.27
CA GLU A 94 2.90 -12.05 -2.01
C GLU A 94 2.72 -12.50 -3.43
N TYR A 95 3.19 -11.67 -4.35
CA TYR A 95 3.15 -11.91 -5.78
C TYR A 95 4.55 -12.37 -6.16
N TYR A 96 4.62 -13.42 -7.00
CA TYR A 96 5.88 -13.98 -7.42
C TYR A 96 6.08 -13.96 -8.91
N PHE A 97 7.33 -13.77 -9.34
CA PHE A 97 7.68 -13.73 -10.76
C PHE A 97 9.08 -14.24 -10.98
N LYS A 98 9.33 -14.79 -12.17
CA LYS A 98 10.63 -15.30 -12.53
C LYS A 98 11.13 -14.64 -13.81
N MET A 99 12.24 -13.91 -13.64
CA MET A 99 12.79 -12.99 -14.62
C MET A 99 14.32 -13.19 -14.79
N SER A 100 14.93 -14.14 -14.08
CA SER A 100 16.38 -14.39 -14.16
C SER A 100 16.75 -15.79 -14.64
N SER A 101 15.77 -16.64 -14.99
CA SER A 101 16.03 -17.94 -15.58
C SER A 101 16.74 -17.82 -16.93
N ARG A 102 16.93 -16.57 -17.37
CA ARG A 102 17.60 -16.23 -18.64
C ARG A 102 19.12 -16.10 -18.47
N ARG A 103 19.62 -16.12 -17.23
CA ARG A 103 21.06 -16.08 -16.94
C ARG A 103 21.47 -16.74 -15.62
N MET A 104 20.47 -17.10 -14.80
CA MET A 104 20.59 -17.86 -13.55
C MET A 104 19.67 -19.08 -13.63
N ARG A 105 19.61 -19.88 -12.57
CA ARG A 105 18.87 -21.13 -12.64
C ARG A 105 17.45 -21.01 -12.11
N CYS A 106 17.25 -20.22 -11.05
CA CYS A 106 15.96 -20.04 -10.42
C CYS A 106 16.08 -19.02 -9.29
N LYS A 107 15.03 -18.23 -9.07
CA LYS A 107 14.96 -17.28 -7.95
C LYS A 107 13.53 -17.00 -7.48
N GLU A 108 12.68 -16.55 -8.39
CA GLU A 108 11.34 -16.11 -8.09
C GLU A 108 11.39 -14.89 -7.18
N VAL A 109 11.22 -13.72 -7.80
CA VAL A 109 11.32 -12.46 -7.11
C VAL A 109 10.01 -12.10 -6.42
N GLN A 110 10.02 -11.28 -5.37
CA GLN A 110 8.81 -10.90 -4.69
C GLN A 110 8.35 -9.54 -5.19
N VAL A 111 7.01 -9.35 -5.20
CA VAL A 111 6.45 -8.10 -5.68
C VAL A 111 5.33 -7.64 -4.78
N ILE A 112 5.35 -6.37 -4.33
CA ILE A 112 4.28 -5.81 -3.54
C ILE A 112 3.98 -4.40 -4.06
N PRO A 113 2.97 -4.30 -4.95
CA PRO A 113 2.62 -3.03 -5.56
C PRO A 113 1.63 -2.25 -4.71
N TRP A 114 1.55 -0.94 -4.94
CA TRP A 114 0.56 -0.12 -4.26
C TRP A 114 -0.83 -0.38 -4.87
N VAL A 115 -1.80 -0.76 -4.03
CA VAL A 115 -3.11 -1.19 -4.47
C VAL A 115 -4.10 -0.02 -4.39
N LEU A 116 -5.08 -0.04 -5.29
CA LEU A 116 -6.11 0.99 -5.42
C LEU A 116 -6.86 1.09 -4.11
N ALA A 117 -6.98 -0.04 -3.41
CA ALA A 117 -7.71 -0.16 -2.17
C ALA A 117 -6.99 0.47 -0.97
N ASP A 118 -5.75 0.92 -1.15
CA ASP A 118 -4.98 1.58 -0.11
C ASP A 118 -4.96 3.09 -0.33
N SER A 119 -5.62 3.60 -1.38
CA SER A 119 -5.59 5.03 -1.64
C SER A 119 -6.74 5.80 -0.99
N ASN A 120 -7.97 5.38 -1.25
CA ASN A 120 -9.18 6.05 -0.80
C ASN A 120 -10.38 5.13 -0.75
N PHE A 121 -11.37 5.44 0.10
CA PHE A 121 -12.61 4.69 0.18
C PHE A 121 -13.75 5.55 0.73
N VAL A 122 -14.98 5.29 0.27
CA VAL A 122 -16.16 5.99 0.74
C VAL A 122 -17.19 5.04 1.30
N ARG A 123 -18.05 5.56 2.20
CA ARG A 123 -19.11 4.78 2.84
C ARG A 123 -20.47 5.30 2.37
N SER A 124 -20.52 5.77 1.14
CA SER A 124 -21.70 6.35 0.54
C SER A 124 -21.66 6.16 -0.98
N PRO A 125 -22.82 5.87 -1.60
CA PRO A 125 -22.92 5.64 -3.05
C PRO A 125 -22.63 6.90 -3.86
N SER A 126 -22.48 8.05 -3.19
CA SER A 126 -22.02 9.26 -3.84
C SER A 126 -20.67 9.66 -3.25
N GLN A 127 -19.80 10.29 -4.04
CA GLN A 127 -18.51 10.68 -3.55
C GLN A 127 -18.57 12.15 -3.18
N ARG A 128 -17.95 12.48 -2.06
CA ARG A 128 -17.81 13.87 -1.65
C ARG A 128 -16.64 14.01 -0.65
N LEU A 129 -16.06 15.20 -0.66
CA LEU A 129 -15.07 15.63 0.31
C LEU A 129 -15.51 16.97 0.89
N ASP A 130 -14.77 17.47 1.88
CA ASP A 130 -15.03 18.77 2.46
C ASP A 130 -13.70 19.47 2.76
N PRO A 131 -13.34 20.54 2.02
CA PRO A 131 -12.03 21.17 2.09
C PRO A 131 -11.75 21.91 3.39
N SER A 132 -12.67 21.92 4.36
CA SER A 132 -12.51 22.71 5.59
C SER A 132 -12.85 21.94 6.84
N ARG A 133 -13.23 20.66 6.72
CA ARG A 133 -13.66 19.85 7.86
C ARG A 133 -13.25 18.40 7.62
N THR A 134 -11.97 18.14 7.93
CA THR A 134 -11.42 16.80 7.98
C THR A 134 -10.55 16.75 9.21
N VAL A 135 -10.04 15.56 9.56
CA VAL A 135 -9.03 15.46 10.61
C VAL A 135 -7.89 14.55 10.14
N PHE A 136 -6.67 14.90 10.54
CA PHE A 136 -5.49 14.25 10.07
C PHE A 136 -5.24 12.90 10.78
N VAL A 137 -4.68 11.95 10.00
CA VAL A 137 -4.31 10.64 10.52
C VAL A 137 -2.90 10.19 10.14
N GLY A 138 -2.24 9.41 11.00
CA GLY A 138 -0.91 8.92 10.73
C GLY A 138 -0.38 8.01 11.82
N ALA A 139 0.96 7.84 11.81
CA ALA A 139 1.70 6.98 12.74
C ALA A 139 1.12 5.57 12.89
N LEU A 140 0.35 5.10 11.90
CA LEU A 140 -0.12 3.73 11.86
C LEU A 140 1.01 2.83 11.38
N HIS A 141 0.81 1.51 11.42
CA HIS A 141 1.88 0.53 11.21
C HIS A 141 2.47 0.46 9.78
N GLY A 142 2.10 1.40 8.93
CA GLY A 142 2.68 1.46 7.60
C GLY A 142 1.85 0.88 6.46
N MET A 143 0.53 0.64 6.67
CA MET A 143 -0.40 0.18 5.64
C MET A 143 -1.79 0.75 5.88
N LEU A 144 -2.61 0.06 6.68
CA LEU A 144 -3.98 0.51 6.98
C LEU A 144 -4.69 1.02 5.70
N ASN A 145 -5.03 0.06 4.84
CA ASN A 145 -5.69 0.33 3.59
C ASN A 145 -7.01 1.10 3.79
N ALA A 146 -7.64 1.59 2.73
CA ALA A 146 -8.81 2.46 2.87
C ALA A 146 -10.00 1.77 3.51
N GLU A 147 -10.14 0.44 3.40
CA GLU A 147 -11.26 -0.25 4.02
C GLU A 147 -10.95 -0.44 5.51
N ALA A 148 -9.66 -0.40 5.88
CA ALA A 148 -9.27 -0.52 7.26
C ALA A 148 -9.46 0.82 7.99
N LEU A 149 -9.42 1.94 7.25
CA LEU A 149 -9.83 3.21 7.78
C LEU A 149 -11.35 3.25 7.94
N ALA A 150 -12.08 2.77 6.94
CA ALA A 150 -13.54 2.80 7.03
C ALA A 150 -14.07 1.88 8.12
N ALA A 151 -13.38 0.78 8.37
CA ALA A 151 -13.78 -0.10 9.46
C ALA A 151 -13.65 0.62 10.81
N ILE A 152 -12.46 1.18 11.08
CA ILE A 152 -12.21 1.83 12.37
C ILE A 152 -13.13 3.03 12.54
N LEU A 153 -13.32 3.84 11.49
CA LEU A 153 -14.03 5.08 11.61
C LEU A 153 -15.56 4.90 11.60
N ASN A 154 -16.12 3.97 10.79
CA ASN A 154 -17.58 3.91 10.69
C ASN A 154 -18.21 3.01 11.76
N ASP A 155 -17.40 2.22 12.46
CA ASP A 155 -17.92 1.30 13.47
C ASP A 155 -17.65 1.85 14.89
N LEU A 156 -16.65 2.74 15.01
CA LEU A 156 -16.27 3.27 16.31
C LEU A 156 -16.85 4.65 16.58
N PHE A 157 -17.33 5.35 15.56
CA PHE A 157 -17.89 6.69 15.74
C PHE A 157 -19.41 6.71 15.63
N GLY A 158 -19.99 6.76 14.42
CA GLY A 158 -21.45 6.73 14.24
C GLY A 158 -21.85 7.18 12.83
N GLY A 159 -20.97 7.87 12.10
CA GLY A 159 -21.26 8.25 10.73
C GLY A 159 -20.07 8.93 10.03
N VAL A 160 -19.92 8.61 8.74
CA VAL A 160 -18.82 9.10 7.91
C VAL A 160 -19.30 9.32 6.49
N VAL A 161 -18.39 9.82 5.66
CA VAL A 161 -18.66 9.87 4.24
C VAL A 161 -17.42 9.52 3.41
N TYR A 162 -16.20 9.80 3.86
CA TYR A 162 -14.99 9.48 3.11
C TYR A 162 -13.85 9.37 4.13
N ALA A 163 -12.90 8.47 3.86
CA ALA A 163 -11.69 8.27 4.65
C ALA A 163 -10.61 7.75 3.71
N GLY A 164 -9.37 8.27 3.79
CA GLY A 164 -8.31 7.82 2.88
C GLY A 164 -6.89 8.15 3.27
N ILE A 165 -5.96 7.59 2.47
CA ILE A 165 -4.54 7.78 2.64
C ILE A 165 -4.09 8.96 1.81
N ASP A 166 -3.18 9.76 2.37
CA ASP A 166 -2.60 10.89 1.67
C ASP A 166 -1.37 10.40 0.88
N THR A 167 -1.47 10.51 -0.44
CA THR A 167 -0.38 10.11 -1.35
C THR A 167 0.24 11.31 -2.04
N ASP A 168 1.42 11.09 -2.60
CA ASP A 168 2.08 12.04 -3.47
C ASP A 168 2.59 11.28 -4.71
N LYS A 169 2.85 11.97 -5.82
CA LYS A 169 3.21 11.31 -7.07
C LYS A 169 4.40 10.37 -6.90
N HIS A 170 4.12 9.06 -6.85
CA HIS A 170 5.13 8.01 -6.75
C HIS A 170 6.10 8.13 -5.57
N LYS A 171 5.57 8.40 -4.36
CA LYS A 171 6.33 8.48 -3.08
C LYS A 171 6.10 7.32 -2.10
N TYR A 172 4.98 6.60 -2.28
CA TYR A 172 4.65 5.47 -1.41
C TYR A 172 4.85 5.82 0.08
N PRO A 173 4.17 6.87 0.60
CA PRO A 173 4.31 7.24 2.00
C PRO A 173 3.63 6.28 2.95
N ILE A 174 2.43 5.84 2.57
CA ILE A 174 1.50 4.94 3.31
C ILE A 174 1.62 5.11 4.82
N GLY A 175 1.79 6.33 5.31
CA GLY A 175 1.97 6.65 6.73
C GLY A 175 1.20 7.93 7.12
N SER A 176 0.34 8.38 6.21
CA SER A 176 -0.40 9.63 6.42
C SER A 176 -1.76 9.61 5.71
N GLY A 177 -2.69 10.46 6.15
CA GLY A 177 -4.03 10.51 5.60
C GLY A 177 -4.90 11.52 6.35
N ARG A 178 -6.18 11.60 5.92
CA ARG A 178 -7.16 12.40 6.64
C ARG A 178 -8.52 11.76 6.41
N VAL A 179 -9.51 12.17 7.19
CA VAL A 179 -10.83 11.57 7.08
C VAL A 179 -11.85 12.68 7.02
N THR A 180 -12.86 12.50 6.18
CA THR A 180 -13.82 13.53 5.91
C THR A 180 -15.13 13.18 6.56
N PHE A 181 -15.74 14.12 7.27
CA PHE A 181 -17.01 13.88 7.98
C PHE A 181 -18.04 14.95 7.63
N ASN A 182 -19.30 14.70 7.98
CA ASN A 182 -20.35 15.69 7.82
C ASN A 182 -21.32 15.65 8.99
N ASN A 183 -20.97 14.90 10.03
CA ASN A 183 -21.71 14.79 11.26
C ASN A 183 -20.76 15.15 12.39
N GLN A 184 -21.31 15.80 13.41
CA GLN A 184 -20.52 16.30 14.53
C GLN A 184 -19.94 15.18 15.42
N ARG A 185 -20.55 14.00 15.44
CA ARG A 185 -20.08 12.93 16.31
C ARG A 185 -18.58 12.66 16.13
N SER A 186 -18.07 12.72 14.89
CA SER A 186 -16.70 12.43 14.55
C SER A 186 -15.75 13.56 14.88
N TYR A 187 -16.23 14.80 15.06
CA TYR A 187 -15.35 15.90 15.39
C TYR A 187 -14.89 15.81 16.84
N LEU A 188 -15.84 15.78 17.78
CA LEU A 188 -15.43 15.78 19.17
C LEU A 188 -14.86 14.45 19.64
N LYS A 189 -15.23 13.36 18.97
CA LYS A 189 -14.76 12.05 19.40
C LYS A 189 -13.37 11.77 18.83
N ALA A 190 -13.02 12.39 17.69
CA ALA A 190 -11.73 12.17 17.05
C ALA A 190 -10.63 12.99 17.71
N VAL A 191 -10.96 14.13 18.32
CA VAL A 191 -9.97 14.96 18.99
C VAL A 191 -9.87 14.64 20.46
N SER A 192 -10.92 14.09 21.06
CA SER A 192 -10.88 13.71 22.47
C SER A 192 -10.30 12.29 22.67
N ALA A 193 -10.22 11.48 21.60
CA ALA A 193 -9.60 10.17 21.67
C ALA A 193 -8.14 10.23 21.22
N ALA A 194 -7.86 10.95 20.12
CA ALA A 194 -6.51 11.12 19.54
C ALA A 194 -5.76 9.82 19.21
N PHE A 195 -6.26 8.66 19.65
CA PHE A 195 -5.62 7.37 19.42
C PHE A 195 -6.54 6.23 19.85
N VAL A 196 -6.39 5.05 19.24
CA VAL A 196 -7.05 3.84 19.71
C VAL A 196 -6.15 2.65 19.51
N GLU A 197 -6.43 1.55 20.20
CA GLU A 197 -5.67 0.32 20.04
C GLU A 197 -6.44 -0.66 19.14
N ILE A 198 -5.78 -1.09 18.06
CA ILE A 198 -6.33 -2.09 17.18
C ILE A 198 -5.81 -3.42 17.68
N LYS A 199 -6.57 -4.03 18.58
CA LYS A 199 -6.13 -5.20 19.33
C LYS A 199 -7.02 -6.41 19.00
N THR A 200 -6.48 -7.35 18.22
CA THR A 200 -7.17 -8.59 17.82
C THR A 200 -6.21 -9.78 17.87
N THR A 201 -6.67 -10.98 17.49
CA THR A 201 -5.79 -12.15 17.40
C THR A 201 -4.97 -12.11 16.09
N LYS A 202 -5.32 -11.20 15.19
CA LYS A 202 -4.71 -11.05 13.87
C LYS A 202 -3.83 -9.79 13.75
N PHE A 203 -4.05 -8.80 14.63
CA PHE A 203 -3.39 -7.51 14.53
C PHE A 203 -3.29 -6.88 15.92
N THR A 204 -2.16 -6.24 16.20
CA THR A 204 -1.92 -5.54 17.46
C THR A 204 -1.09 -4.28 17.21
N LYS A 205 -1.78 -3.18 16.93
CA LYS A 205 -1.13 -1.89 16.70
C LYS A 205 -2.04 -0.76 17.16
N LYS A 206 -1.62 0.48 16.84
CA LYS A 206 -2.43 1.67 17.13
C LYS A 206 -2.54 2.54 15.87
N VAL A 207 -3.45 3.53 15.95
CA VAL A 207 -3.67 4.49 14.87
C VAL A 207 -3.94 5.86 15.50
N GLN A 208 -3.36 6.92 14.91
CA GLN A 208 -3.34 8.22 15.55
C GLN A 208 -4.17 9.28 14.82
N ILE A 209 -4.60 10.29 15.59
CA ILE A 209 -5.48 11.35 15.08
C ILE A 209 -4.97 12.70 15.53
N ASP A 210 -4.95 13.63 14.58
CA ASP A 210 -4.45 14.98 14.81
C ASP A 210 -5.35 16.04 14.15
N PRO A 211 -5.32 17.28 14.67
CA PRO A 211 -6.11 18.40 14.17
C PRO A 211 -5.61 18.82 12.79
N TYR A 212 -6.46 19.57 12.10
CA TYR A 212 -6.22 20.02 10.74
C TYR A 212 -6.54 21.52 10.61
N MET A 1 -10.42 3.14 24.52
CA MET A 1 -11.49 2.57 23.68
C MET A 1 -11.32 1.06 23.53
N THR A 2 -10.29 0.64 22.78
CA THR A 2 -9.96 -0.76 22.53
C THR A 2 -11.20 -1.62 22.40
N TRP A 3 -12.04 -1.29 21.43
CA TRP A 3 -13.35 -1.91 21.25
C TRP A 3 -13.32 -3.34 20.68
N SER A 4 -12.14 -3.87 20.30
CA SER A 4 -12.02 -5.23 19.82
C SER A 4 -13.12 -5.59 18.83
N GLY A 5 -13.31 -4.78 17.78
CA GLY A 5 -14.37 -4.99 16.81
C GLY A 5 -14.13 -6.20 15.90
N GLN A 6 -12.87 -6.58 15.67
CA GLN A 6 -12.52 -7.73 14.84
C GLN A 6 -13.07 -7.66 13.41
N LEU A 7 -13.17 -6.46 12.84
CA LEU A 7 -13.54 -6.35 11.42
C LEU A 7 -12.40 -6.86 10.51
N PRO A 8 -12.73 -7.47 9.38
CA PRO A 8 -11.80 -7.92 8.36
C PRO A 8 -11.22 -6.77 7.55
N PRO A 9 -9.88 -6.63 7.50
CA PRO A 9 -9.12 -5.66 6.75
C PRO A 9 -8.82 -6.07 5.28
N ARG A 10 -9.35 -7.19 4.81
CA ARG A 10 -9.14 -7.66 3.41
C ARG A 10 -10.44 -7.97 2.69
N ASN A 11 -11.54 -7.32 3.10
CA ASN A 11 -12.86 -7.45 2.47
C ASN A 11 -13.00 -6.35 1.42
N TYR A 12 -11.88 -6.00 0.79
CA TYR A 12 -11.78 -4.83 -0.07
C TYR A 12 -12.32 -5.06 -1.49
N LYS A 13 -12.31 -3.99 -2.29
CA LYS A 13 -12.59 -3.98 -3.72
C LYS A 13 -11.44 -4.74 -4.40
N ASN A 14 -11.64 -5.39 -5.54
CA ASN A 14 -10.62 -6.23 -6.15
C ASN A 14 -9.49 -5.41 -6.76
N PRO A 15 -8.31 -6.01 -6.91
CA PRO A 15 -7.09 -5.33 -7.28
C PRO A 15 -7.21 -4.40 -8.46
N ILE A 16 -6.52 -3.27 -8.29
CA ILE A 16 -6.24 -2.23 -9.26
C ILE A 16 -4.96 -1.61 -8.69
N TYR A 17 -4.10 -1.02 -9.51
CA TYR A 17 -2.87 -0.45 -8.97
C TYR A 17 -2.73 1.03 -9.35
N SER A 18 -2.08 1.83 -8.52
CA SER A 18 -2.06 3.26 -8.70
C SER A 18 -0.78 3.94 -8.22
N CYS A 19 0.28 3.19 -7.91
CA CYS A 19 1.53 3.81 -7.52
C CYS A 19 2.68 2.87 -7.88
N LYS A 20 3.87 3.18 -7.36
CA LYS A 20 5.05 2.33 -7.56
C LYS A 20 4.76 0.95 -7.01
N VAL A 21 5.69 0.02 -7.28
CA VAL A 21 5.52 -1.38 -6.89
C VAL A 21 6.83 -1.91 -6.39
N PHE A 22 6.80 -2.91 -5.51
CA PHE A 22 7.99 -3.44 -4.93
C PHE A 22 8.52 -4.58 -5.79
N LEU A 23 9.84 -4.72 -5.88
CA LEU A 23 10.46 -5.78 -6.67
C LEU A 23 11.78 -6.13 -5.98
N GLY A 24 12.03 -7.41 -5.65
CA GLY A 24 13.24 -7.78 -4.95
C GLY A 24 13.23 -9.25 -4.54
N GLY A 25 14.42 -9.72 -4.16
CA GLY A 25 14.66 -11.12 -3.81
C GLY A 25 16.05 -11.61 -4.30
N VAL A 26 16.85 -10.70 -4.87
CA VAL A 26 18.11 -11.08 -5.53
C VAL A 26 19.35 -10.66 -4.72
N PRO A 27 20.20 -11.64 -4.36
CA PRO A 27 21.51 -11.39 -3.81
C PRO A 27 22.61 -11.43 -4.88
N TRP A 28 22.33 -11.96 -6.08
CA TRP A 28 23.40 -12.15 -7.05
C TRP A 28 23.17 -11.47 -8.39
N ASP A 29 21.94 -11.08 -8.72
CA ASP A 29 21.71 -10.37 -9.96
C ASP A 29 22.70 -9.17 -10.11
N ILE A 30 23.69 -9.40 -10.97
CA ILE A 30 24.75 -8.46 -11.14
C ILE A 30 24.35 -7.08 -11.75
N THR A 31 23.19 -7.02 -12.39
CA THR A 31 22.73 -5.74 -12.89
C THR A 31 21.20 -5.72 -12.97
N GLU A 32 20.61 -4.69 -12.34
CA GLU A 32 19.17 -4.50 -12.31
C GLU A 32 18.67 -4.07 -13.69
N ALA A 33 19.44 -3.29 -14.45
CA ALA A 33 18.98 -2.86 -15.77
C ALA A 33 18.86 -4.04 -16.70
N GLY A 34 19.56 -5.17 -16.37
CA GLY A 34 19.51 -6.35 -17.20
C GLY A 34 18.06 -6.88 -17.30
N LEU A 35 17.48 -7.13 -16.13
CA LEU A 35 16.09 -7.59 -16.00
C LEU A 35 15.13 -6.60 -16.68
N VAL A 36 15.42 -5.29 -16.56
CA VAL A 36 14.62 -4.24 -17.14
C VAL A 36 14.70 -4.30 -18.65
N ASN A 37 15.76 -4.91 -19.17
CA ASN A 37 15.86 -5.13 -20.61
C ASN A 37 15.34 -6.52 -20.98
N THR A 38 14.97 -7.36 -20.01
CA THR A 38 14.38 -8.66 -20.26
C THR A 38 12.89 -8.53 -20.52
N PHE A 39 12.25 -7.47 -20.01
CA PHE A 39 10.80 -7.31 -20.18
C PHE A 39 10.28 -5.85 -20.40
N ARG A 40 11.06 -4.92 -20.93
CA ARG A 40 10.54 -3.56 -21.19
C ARG A 40 10.03 -3.35 -22.60
N VAL A 41 10.09 -4.39 -23.43
CA VAL A 41 9.89 -4.30 -24.87
C VAL A 41 8.40 -4.12 -25.20
N PHE A 42 7.50 -4.50 -24.31
CA PHE A 42 6.08 -4.40 -24.65
C PHE A 42 5.47 -3.06 -24.22
N GLY A 43 6.21 -2.19 -23.51
CA GLY A 43 5.61 -1.02 -22.92
C GLY A 43 6.58 0.09 -22.51
N SER A 44 6.48 0.47 -21.23
CA SER A 44 7.27 1.58 -20.71
C SER A 44 7.47 1.40 -19.23
N LEU A 45 8.72 1.12 -18.82
CA LEU A 45 9.05 1.00 -17.42
C LEU A 45 10.51 1.38 -17.19
N SER A 46 10.84 1.66 -15.91
CA SER A 46 12.12 2.10 -15.44
C SER A 46 12.37 1.54 -14.02
N VAL A 47 13.61 1.69 -13.52
CA VAL A 47 14.02 1.18 -12.21
C VAL A 47 14.81 2.20 -11.44
N GLU A 48 14.58 2.20 -10.13
CA GLU A 48 15.21 3.18 -9.25
C GLU A 48 15.50 2.57 -7.91
N TRP A 49 16.69 2.83 -7.38
CA TRP A 49 17.16 2.37 -6.08
C TRP A 49 18.36 3.22 -5.61
N PRO A 50 18.51 3.39 -4.28
CA PRO A 50 19.68 4.01 -3.68
C PRO A 50 20.84 3.03 -3.50
N GLY A 51 22.07 3.56 -3.50
CA GLY A 51 23.23 2.73 -3.24
C GLY A 51 23.78 2.09 -4.52
N LYS A 52 23.59 2.70 -5.71
CA LYS A 52 24.07 2.09 -6.95
C LYS A 52 25.58 1.86 -6.91
N ASP A 53 26.27 2.80 -6.28
CA ASP A 53 27.67 2.78 -5.90
C ASP A 53 28.55 2.02 -6.90
N GLY A 54 29.07 2.73 -7.90
CA GLY A 54 29.99 2.15 -8.87
C GLY A 54 30.00 2.95 -10.19
N LYS A 55 30.93 2.60 -11.08
CA LYS A 55 31.06 3.25 -12.38
C LYS A 55 29.79 3.10 -13.21
N HIS A 56 29.04 2.04 -12.93
CA HIS A 56 27.79 1.71 -13.59
C HIS A 56 26.77 1.35 -12.51
N PRO A 57 25.46 1.49 -12.79
CA PRO A 57 24.43 1.12 -11.82
C PRO A 57 24.35 -0.41 -11.80
N ARG A 58 24.84 -1.04 -10.73
CA ARG A 58 24.83 -2.48 -10.59
C ARG A 58 24.02 -2.91 -9.37
N CYS A 59 24.19 -4.18 -8.98
CA CYS A 59 23.46 -4.76 -7.85
C CYS A 59 23.62 -3.87 -6.59
N PRO A 60 22.52 -3.63 -5.87
CA PRO A 60 22.51 -2.99 -4.57
C PRO A 60 22.80 -3.97 -3.45
N PRO A 61 23.43 -3.58 -2.35
CA PRO A 61 23.76 -4.50 -1.26
C PRO A 61 22.51 -4.83 -0.41
N LYS A 62 21.38 -4.15 -0.68
CA LYS A 62 20.17 -4.40 0.09
C LYS A 62 19.23 -5.41 -0.62
N GLY A 63 19.55 -5.83 -1.84
CA GLY A 63 18.75 -6.81 -2.55
C GLY A 63 17.30 -6.43 -2.79
N TYR A 64 16.96 -5.15 -2.68
CA TYR A 64 15.61 -4.70 -2.90
C TYR A 64 15.62 -3.52 -3.88
N VAL A 65 14.52 -3.31 -4.60
CA VAL A 65 14.44 -2.27 -5.63
C VAL A 65 12.97 -1.85 -5.72
N TYR A 66 12.71 -0.71 -6.38
CA TYR A 66 11.36 -0.26 -6.70
C TYR A 66 11.17 -0.05 -8.20
N LEU A 67 9.96 -0.28 -8.73
CA LEU A 67 9.68 0.00 -10.12
C LEU A 67 8.80 1.23 -10.26
N VAL A 68 9.09 1.99 -11.32
CA VAL A 68 8.37 3.20 -11.67
C VAL A 68 8.12 3.13 -13.18
N PHE A 69 6.82 2.95 -13.47
CA PHE A 69 6.35 2.67 -14.82
C PHE A 69 4.87 3.01 -15.00
N GLU A 70 4.30 2.51 -16.10
CA GLU A 70 2.87 2.53 -16.37
C GLU A 70 2.17 1.81 -15.21
N LEU A 71 1.82 2.61 -14.19
CA LEU A 71 1.32 2.21 -12.86
C LEU A 71 -0.08 1.61 -12.85
N GLU A 72 -0.57 1.23 -14.03
CA GLU A 72 -1.86 0.53 -14.17
C GLU A 72 -1.71 -0.73 -15.03
N LYS A 73 -1.28 -0.56 -16.29
CA LYS A 73 -1.31 -1.68 -17.24
C LYS A 73 -0.04 -2.54 -17.27
N SER A 74 1.14 -1.97 -17.05
CA SER A 74 2.36 -2.79 -16.96
C SER A 74 2.36 -3.50 -15.62
N VAL A 75 1.53 -3.02 -14.67
CA VAL A 75 1.45 -3.65 -13.39
C VAL A 75 0.64 -4.93 -13.54
N ARG A 76 -0.61 -4.84 -14.01
CA ARG A 76 -1.44 -6.01 -14.17
C ARG A 76 -0.86 -7.02 -15.18
N SER A 77 -0.15 -6.58 -16.22
CA SER A 77 0.39 -7.47 -17.23
C SER A 77 1.50 -8.33 -16.63
N LEU A 78 2.36 -7.74 -15.83
CA LEU A 78 3.49 -8.47 -15.31
C LEU A 78 3.06 -9.34 -14.17
N LEU A 79 2.15 -8.90 -13.29
CA LEU A 79 1.69 -9.78 -12.22
C LEU A 79 1.02 -11.05 -12.75
N GLN A 80 0.49 -10.94 -13.97
CA GLN A 80 -0.20 -12.05 -14.62
C GLN A 80 0.66 -12.77 -15.67
N ALA A 81 1.86 -12.24 -15.96
CA ALA A 81 2.83 -12.90 -16.83
C ALA A 81 3.84 -13.63 -15.97
N CYS A 82 3.87 -13.34 -14.67
CA CYS A 82 4.60 -14.10 -13.70
C CYS A 82 3.60 -15.05 -13.05
N SER A 83 3.90 -15.45 -11.82
CA SER A 83 3.04 -16.35 -11.05
C SER A 83 2.50 -15.68 -9.79
N HIS A 84 1.62 -16.40 -9.07
CA HIS A 84 0.95 -15.83 -7.92
C HIS A 84 0.66 -16.95 -6.94
N ASP A 85 0.62 -16.60 -5.65
CA ASP A 85 0.24 -17.52 -4.61
C ASP A 85 -0.73 -16.88 -3.60
N PRO A 86 -1.88 -17.54 -3.43
CA PRO A 86 -2.84 -17.23 -2.41
C PRO A 86 -2.37 -17.88 -1.09
N LEU A 87 -1.05 -17.89 -0.81
CA LEU A 87 -0.50 -18.53 0.40
C LEU A 87 -1.26 -18.10 1.68
N SER A 88 -1.68 -16.85 1.72
CA SER A 88 -2.45 -16.23 2.80
C SER A 88 -2.14 -16.81 4.17
N PRO A 89 -0.94 -16.56 4.73
CA PRO A 89 -0.56 -17.06 6.03
C PRO A 89 -1.24 -16.25 7.14
N ASP A 90 -1.90 -15.16 6.76
CA ASP A 90 -2.65 -14.33 7.67
C ASP A 90 -3.68 -13.47 6.92
N GLY A 91 -3.64 -13.52 5.56
CA GLY A 91 -4.51 -12.72 4.71
C GLY A 91 -3.76 -11.98 3.61
N LEU A 92 -2.43 -11.96 3.65
CA LEU A 92 -1.56 -11.33 2.66
C LEU A 92 -1.53 -12.14 1.37
N SER A 93 -1.03 -11.52 0.28
CA SER A 93 -0.90 -12.16 -1.03
C SER A 93 0.51 -11.86 -1.57
N GLU A 94 1.05 -12.74 -2.40
CA GLU A 94 2.41 -12.61 -2.89
C GLU A 94 2.48 -13.12 -4.33
N TYR A 95 3.25 -12.37 -5.16
CA TYR A 95 3.55 -12.74 -6.53
C TYR A 95 5.05 -13.06 -6.69
N TYR A 96 5.37 -14.03 -7.54
CA TYR A 96 6.74 -14.49 -7.74
C TYR A 96 7.02 -14.70 -9.23
N PHE A 97 8.32 -14.68 -9.58
CA PHE A 97 8.78 -14.87 -10.95
C PHE A 97 10.23 -15.37 -10.98
N LYS A 98 10.70 -15.75 -12.17
CA LYS A 98 12.07 -16.21 -12.38
C LYS A 98 12.59 -15.55 -13.65
N MET A 99 13.72 -14.84 -13.54
CA MET A 99 14.21 -13.96 -14.60
C MET A 99 15.72 -14.02 -14.76
N SER A 100 16.38 -15.15 -14.43
CA SER A 100 17.85 -15.21 -14.48
C SER A 100 18.42 -14.57 -15.74
N SER A 101 19.52 -13.82 -15.58
CA SER A 101 20.14 -13.08 -16.65
C SER A 101 21.55 -13.63 -16.91
N ARG A 102 22.32 -13.74 -15.82
CA ARG A 102 23.64 -14.38 -15.86
C ARG A 102 23.46 -15.88 -15.98
N ARG A 103 22.32 -16.39 -15.50
CA ARG A 103 21.92 -17.79 -15.56
C ARG A 103 22.95 -18.75 -14.96
N MET A 104 23.75 -18.27 -14.03
CA MET A 104 24.67 -19.10 -13.25
C MET A 104 23.85 -19.80 -12.16
N ARG A 105 22.68 -19.27 -11.85
CA ARG A 105 21.83 -19.80 -10.79
C ARG A 105 20.40 -19.33 -11.02
N CYS A 106 19.47 -19.76 -10.17
CA CYS A 106 18.07 -19.32 -10.16
C CYS A 106 17.68 -18.99 -8.71
N LYS A 107 17.00 -17.85 -8.53
CA LYS A 107 16.70 -17.39 -7.19
C LYS A 107 15.28 -16.87 -7.05
N GLU A 108 14.55 -16.75 -8.15
CA GLU A 108 13.27 -16.10 -8.24
C GLU A 108 13.26 -14.66 -7.74
N VAL A 109 12.11 -14.01 -7.89
CA VAL A 109 11.89 -12.67 -7.36
C VAL A 109 10.40 -12.50 -7.04
N GLN A 110 10.08 -11.61 -6.10
CA GLN A 110 8.69 -11.37 -5.70
C GLN A 110 8.21 -9.94 -5.97
N VAL A 111 6.90 -9.79 -6.09
CA VAL A 111 6.30 -8.52 -6.45
C VAL A 111 5.06 -8.23 -5.62
N ILE A 112 4.91 -6.98 -5.21
CA ILE A 112 3.68 -6.48 -4.59
C ILE A 112 3.50 -4.98 -4.94
N PRO A 113 2.39 -4.61 -5.62
CA PRO A 113 2.10 -3.28 -6.07
C PRO A 113 1.19 -2.53 -5.09
N TRP A 114 1.15 -1.20 -5.19
CA TRP A 114 0.25 -0.37 -4.38
C TRP A 114 -1.18 -0.60 -4.85
N VAL A 115 -2.09 -1.10 -3.99
CA VAL A 115 -3.47 -1.35 -4.41
C VAL A 115 -4.30 -0.08 -4.29
N LEU A 116 -5.31 0.05 -5.16
CA LEU A 116 -6.24 1.17 -5.15
C LEU A 116 -6.94 1.25 -3.82
N ALA A 117 -7.30 0.10 -3.26
CA ALA A 117 -8.02 0.02 -2.01
C ALA A 117 -7.11 0.29 -0.81
N ASP A 118 -5.84 0.63 -1.05
CA ASP A 118 -4.94 1.03 0.01
C ASP A 118 -4.92 2.55 0.17
N SER A 119 -5.54 3.27 -0.79
CA SER A 119 -5.54 4.72 -0.76
C SER A 119 -6.73 5.31 -0.01
N ASN A 120 -7.96 5.00 -0.44
CA ASN A 120 -9.13 5.68 0.11
C ASN A 120 -10.42 4.88 -0.13
N PHE A 121 -11.52 5.36 0.45
CA PHE A 121 -12.85 4.87 0.18
C PHE A 121 -13.91 5.93 0.47
N VAL A 122 -15.12 5.74 -0.08
CA VAL A 122 -16.22 6.63 0.22
C VAL A 122 -17.41 5.85 0.76
N ARG A 123 -18.36 6.60 1.31
CA ARG A 123 -19.60 6.07 1.85
C ARG A 123 -20.78 6.81 1.19
N SER A 124 -20.54 7.28 -0.04
CA SER A 124 -21.46 8.13 -0.77
C SER A 124 -21.34 7.87 -2.26
N PRO A 125 -22.27 8.37 -3.11
CA PRO A 125 -22.20 8.28 -4.56
C PRO A 125 -21.09 9.17 -5.09
N SER A 126 -19.86 8.94 -4.61
CA SER A 126 -18.70 9.75 -4.94
C SER A 126 -18.92 11.23 -4.61
N GLN A 127 -19.59 11.50 -3.49
CA GLN A 127 -19.89 12.86 -3.06
C GLN A 127 -18.59 13.51 -2.60
N ARG A 128 -18.50 14.83 -2.72
CA ARG A 128 -17.32 15.59 -2.31
C ARG A 128 -17.13 15.51 -0.79
N LEU A 129 -15.90 15.74 -0.33
CA LEU A 129 -15.56 15.91 1.08
C LEU A 129 -16.33 17.07 1.71
N ASP A 130 -16.42 17.09 3.04
CA ASP A 130 -17.07 18.17 3.75
C ASP A 130 -16.23 19.44 3.64
N PRO A 131 -16.85 20.62 3.44
CA PRO A 131 -16.15 21.87 3.34
C PRO A 131 -15.48 22.24 4.67
N SER A 132 -14.20 21.87 4.74
CA SER A 132 -13.29 22.28 5.80
C SER A 132 -13.69 21.81 7.20
N ARG A 133 -14.00 20.52 7.36
CA ARG A 133 -14.37 19.91 8.63
C ARG A 133 -13.75 18.52 8.72
N THR A 134 -12.47 18.42 8.32
CA THR A 134 -11.77 17.17 8.20
C THR A 134 -10.59 17.20 9.18
N VAL A 135 -10.09 16.04 9.55
CA VAL A 135 -8.94 15.96 10.47
C VAL A 135 -7.87 15.06 9.86
N PHE A 136 -6.64 15.24 10.33
CA PHE A 136 -5.49 14.45 9.89
C PHE A 136 -5.45 13.06 10.51
N VAL A 137 -4.91 12.14 9.71
CA VAL A 137 -4.74 10.76 10.12
C VAL A 137 -3.31 10.32 9.83
N GLY A 138 -2.71 9.61 10.76
CA GLY A 138 -1.36 9.08 10.58
C GLY A 138 -0.91 8.14 11.70
N ALA A 139 0.41 7.99 11.85
CA ALA A 139 1.03 7.05 12.79
C ALA A 139 0.65 5.61 12.49
N LEU A 140 0.39 5.34 11.21
CA LEU A 140 -0.10 4.06 10.75
C LEU A 140 1.04 3.05 10.70
N HIS A 141 0.70 1.76 10.60
CA HIS A 141 1.70 0.74 10.55
C HIS A 141 2.36 0.63 9.18
N GLY A 142 2.13 1.61 8.31
CA GLY A 142 2.75 1.62 6.99
C GLY A 142 1.81 1.07 5.92
N MET A 143 0.58 0.71 6.29
CA MET A 143 -0.42 0.28 5.31
C MET A 143 -1.83 0.72 5.71
N LEU A 144 -2.42 0.10 6.76
CA LEU A 144 -3.78 0.39 7.18
C LEU A 144 -4.70 0.64 5.97
N ASN A 145 -4.99 -0.41 5.21
CA ASN A 145 -5.80 -0.22 4.00
C ASN A 145 -7.25 0.17 4.31
N ALA A 146 -8.05 0.37 3.27
CA ALA A 146 -9.36 0.93 3.40
C ALA A 146 -10.32 0.14 4.30
N GLU A 147 -10.16 -1.18 4.43
CA GLU A 147 -11.04 -1.97 5.29
C GLU A 147 -10.67 -1.85 6.75
N ALA A 148 -9.46 -1.35 7.06
CA ALA A 148 -9.05 -1.15 8.43
C ALA A 148 -9.37 0.26 8.90
N LEU A 149 -9.41 1.21 7.94
CA LEU A 149 -9.86 2.57 8.15
C LEU A 149 -11.39 2.61 8.24
N ALA A 150 -12.11 1.81 7.45
CA ALA A 150 -13.57 1.82 7.54
C ALA A 150 -14.03 1.07 8.78
N ALA A 151 -13.25 0.08 9.23
CA ALA A 151 -13.56 -0.66 10.46
C ALA A 151 -13.58 0.29 11.64
N ILE A 152 -12.51 1.09 11.77
CA ILE A 152 -12.39 2.02 12.88
C ILE A 152 -13.41 3.16 12.77
N LEU A 153 -13.80 3.60 11.58
CA LEU A 153 -14.71 4.72 11.45
C LEU A 153 -16.19 4.32 11.43
N ASN A 154 -16.54 3.11 10.94
CA ASN A 154 -17.94 2.71 10.96
C ASN A 154 -18.38 2.02 12.28
N ASP A 155 -17.45 1.50 13.10
CA ASP A 155 -17.82 0.76 14.29
C ASP A 155 -17.38 1.51 15.55
N LEU A 156 -16.45 2.48 15.44
CA LEU A 156 -16.04 3.30 16.58
C LEU A 156 -16.79 4.62 16.60
N PHE A 157 -17.61 4.91 15.58
CA PHE A 157 -18.40 6.13 15.53
C PHE A 157 -19.66 5.88 14.72
N GLY A 158 -19.49 5.28 13.54
CA GLY A 158 -20.60 4.89 12.67
C GLY A 158 -21.11 6.03 11.79
N GLY A 159 -20.53 7.22 11.95
CA GLY A 159 -20.88 8.37 11.13
C GLY A 159 -19.66 8.81 10.32
N VAL A 160 -19.75 8.62 8.99
CA VAL A 160 -18.66 8.89 8.06
C VAL A 160 -19.20 9.22 6.69
N VAL A 161 -18.33 9.77 5.83
CA VAL A 161 -18.69 9.97 4.43
C VAL A 161 -17.48 9.69 3.50
N TYR A 162 -16.27 9.91 3.99
CA TYR A 162 -15.07 9.64 3.23
C TYR A 162 -13.90 9.48 4.18
N ALA A 163 -12.89 8.72 3.73
CA ALA A 163 -11.62 8.65 4.41
C ALA A 163 -10.55 8.25 3.38
N GLY A 164 -9.42 8.96 3.34
CA GLY A 164 -8.36 8.68 2.38
C GLY A 164 -6.98 9.08 2.87
N ILE A 165 -5.99 8.44 2.25
CA ILE A 165 -4.57 8.67 2.45
C ILE A 165 -4.02 9.35 1.20
N ASP A 166 -3.14 10.33 1.40
CA ASP A 166 -2.62 11.13 0.31
C ASP A 166 -1.43 10.45 -0.40
N THR A 167 -1.23 10.79 -1.69
CA THR A 167 -0.12 10.26 -2.48
C THR A 167 0.51 11.36 -3.32
N ASP A 168 1.69 11.06 -3.83
CA ASP A 168 2.36 11.92 -4.80
C ASP A 168 2.99 11.01 -5.86
N LYS A 169 3.68 11.57 -6.85
CA LYS A 169 4.39 10.79 -7.87
C LYS A 169 5.44 9.88 -7.24
N HIS A 170 5.08 8.59 -7.08
CA HIS A 170 5.95 7.55 -6.58
C HIS A 170 6.63 7.97 -5.27
N LYS A 171 5.87 8.63 -4.39
CA LYS A 171 6.33 9.00 -3.05
C LYS A 171 6.03 7.87 -2.08
N TYR A 172 5.08 6.98 -2.43
CA TYR A 172 4.67 5.83 -1.64
C TYR A 172 4.64 6.10 -0.12
N PRO A 173 3.92 7.15 0.32
CA PRO A 173 3.88 7.60 1.69
C PRO A 173 3.11 6.62 2.59
N ILE A 174 1.91 6.21 2.17
CA ILE A 174 1.07 5.25 2.87
C ILE A 174 1.07 5.51 4.38
N GLY A 175 1.01 6.78 4.81
CA GLY A 175 1.10 7.11 6.22
C GLY A 175 0.61 8.50 6.59
N SER A 176 -0.11 9.17 5.68
CA SER A 176 -0.63 10.47 5.96
C SER A 176 -1.84 10.77 5.10
N GLY A 177 -2.89 11.26 5.74
CA GLY A 177 -4.15 11.54 5.05
C GLY A 177 -5.14 12.33 5.89
N ARG A 178 -6.38 12.33 5.43
CA ARG A 178 -7.44 13.04 6.12
C ARG A 178 -8.74 12.26 6.07
N VAL A 179 -9.69 12.68 6.89
CA VAL A 179 -10.96 11.95 6.98
C VAL A 179 -12.12 12.91 7.23
N THR A 180 -13.28 12.60 6.71
CA THR A 180 -14.44 13.40 6.89
C THR A 180 -15.55 12.51 7.41
N PHE A 181 -16.07 12.93 8.58
CA PHE A 181 -17.11 12.28 9.31
C PHE A 181 -18.49 12.70 8.82
N ASN A 182 -18.57 13.95 8.29
CA ASN A 182 -19.84 14.57 7.92
C ASN A 182 -20.87 14.58 9.06
N ASN A 183 -20.39 14.37 10.28
CA ASN A 183 -21.20 14.38 11.50
C ASN A 183 -20.43 15.04 12.67
N GLN A 184 -21.15 15.42 13.73
CA GLN A 184 -20.55 16.19 14.79
C GLN A 184 -20.14 15.37 15.99
N ARG A 185 -20.99 14.46 16.49
CA ARG A 185 -20.64 13.76 17.74
C ARG A 185 -19.35 12.96 17.63
N SER A 186 -19.03 12.57 16.40
CA SER A 186 -17.83 11.82 16.10
C SER A 186 -16.65 12.75 15.91
N TYR A 187 -16.88 14.03 15.65
CA TYR A 187 -15.80 14.99 15.51
C TYR A 187 -15.17 15.28 16.86
N LEU A 188 -15.98 15.72 17.84
CA LEU A 188 -15.39 16.04 19.12
C LEU A 188 -14.94 14.80 19.90
N LYS A 189 -15.56 13.64 19.71
CA LYS A 189 -15.14 12.44 20.44
C LYS A 189 -13.85 11.87 19.85
N ALA A 190 -13.58 12.13 18.57
CA ALA A 190 -12.39 11.62 17.92
C ALA A 190 -11.15 12.46 18.22
N VAL A 191 -11.33 13.77 18.47
CA VAL A 191 -10.22 14.60 18.92
C VAL A 191 -9.93 14.43 20.41
N SER A 192 -10.90 13.89 21.17
CA SER A 192 -10.75 13.74 22.60
C SER A 192 -10.08 12.39 22.92
N ALA A 193 -10.17 11.43 21.99
CA ALA A 193 -9.44 10.18 22.10
C ALA A 193 -8.02 10.32 21.55
N ALA A 194 -7.93 10.95 20.37
CA ALA A 194 -6.76 11.16 19.53
C ALA A 194 -5.88 9.93 19.27
N PHE A 195 -6.21 8.78 19.84
CA PHE A 195 -5.47 7.54 19.65
C PHE A 195 -6.41 6.38 19.99
N VAL A 196 -6.39 5.27 19.25
CA VAL A 196 -7.15 4.09 19.61
C VAL A 196 -6.27 2.86 19.45
N GLU A 197 -6.68 1.73 20.06
CA GLU A 197 -5.91 0.50 20.03
C GLU A 197 -6.66 -0.65 19.38
N ILE A 198 -5.98 -1.34 18.45
CA ILE A 198 -6.50 -2.54 17.84
C ILE A 198 -6.01 -3.76 18.59
N LYS A 199 -6.90 -4.55 19.20
CA LYS A 199 -6.49 -5.73 19.96
C LYS A 199 -7.07 -6.99 19.32
N THR A 200 -7.33 -6.91 18.00
CA THR A 200 -7.82 -8.05 17.23
C THR A 200 -6.78 -9.17 17.19
N THR A 201 -7.23 -10.40 16.92
CA THR A 201 -6.40 -11.60 17.00
C THR A 201 -5.65 -11.86 15.68
N LYS A 202 -5.87 -11.04 14.67
CA LYS A 202 -5.13 -11.07 13.41
C LYS A 202 -4.57 -9.69 13.05
N PHE A 203 -4.83 -8.66 13.86
CA PHE A 203 -4.30 -7.32 13.63
C PHE A 203 -4.11 -6.62 14.96
N THR A 204 -2.92 -6.08 15.23
CA THR A 204 -2.64 -5.45 16.52
C THR A 204 -1.78 -4.20 16.35
N LYS A 205 -2.36 -3.01 16.56
CA LYS A 205 -1.62 -1.76 16.48
C LYS A 205 -2.41 -0.59 17.06
N LYS A 206 -2.08 0.64 16.63
CA LYS A 206 -2.82 1.85 17.01
C LYS A 206 -2.92 2.79 15.81
N VAL A 207 -3.64 3.90 15.98
CA VAL A 207 -3.76 4.93 14.95
C VAL A 207 -3.88 6.28 15.64
N GLN A 208 -3.47 7.32 14.91
CA GLN A 208 -3.43 8.67 15.48
C GLN A 208 -4.38 9.61 14.73
N ILE A 209 -4.89 10.63 15.44
CA ILE A 209 -5.80 11.62 14.87
C ILE A 209 -5.32 12.98 15.34
N ASP A 210 -5.36 13.97 14.44
CA ASP A 210 -4.92 15.31 14.76
C ASP A 210 -5.78 16.40 14.11
N PRO A 211 -6.52 17.17 14.92
CA PRO A 211 -7.37 18.26 14.48
C PRO A 211 -6.57 19.50 14.05
N TYR A 212 -7.21 20.39 13.29
CA TYR A 212 -6.54 21.63 12.86
C TYR A 212 -6.88 22.80 13.77
N MET A 1 -9.50 2.78 24.14
CA MET A 1 -10.64 2.18 23.40
C MET A 1 -10.44 0.70 23.17
N THR A 2 -9.52 0.35 22.27
CA THR A 2 -9.14 -1.05 22.03
C THR A 2 -10.35 -1.99 21.92
N TRP A 3 -11.26 -1.66 20.99
CA TRP A 3 -12.45 -2.44 20.69
C TRP A 3 -12.15 -3.76 19.96
N SER A 4 -10.89 -4.20 20.05
CA SER A 4 -10.34 -5.34 19.33
C SER A 4 -11.33 -6.48 19.20
N GLY A 5 -11.62 -6.85 17.96
CA GLY A 5 -12.56 -7.91 17.67
C GLY A 5 -13.27 -7.76 16.33
N GLN A 6 -13.31 -6.56 15.74
CA GLN A 6 -13.97 -6.35 14.44
C GLN A 6 -12.97 -6.59 13.31
N LEU A 7 -11.70 -6.33 13.58
CA LEU A 7 -10.55 -6.63 12.71
C LEU A 7 -10.58 -5.93 11.35
N PRO A 8 -9.39 -5.61 10.78
CA PRO A 8 -9.29 -5.02 9.46
C PRO A 8 -9.82 -5.96 8.38
N PRO A 9 -10.68 -5.47 7.48
CA PRO A 9 -11.13 -6.22 6.33
C PRO A 9 -10.09 -6.12 5.22
N ARG A 10 -9.96 -7.18 4.43
CA ARG A 10 -8.99 -7.21 3.35
C ARG A 10 -9.56 -7.99 2.16
N ASN A 11 -10.89 -8.10 2.09
CA ASN A 11 -11.57 -8.81 1.02
C ASN A 11 -12.12 -7.85 -0.04
N TYR A 12 -11.43 -6.72 -0.25
CA TYR A 12 -11.81 -5.71 -1.22
C TYR A 12 -11.55 -6.19 -2.65
N LYS A 13 -12.21 -5.53 -3.60
CA LYS A 13 -12.27 -5.92 -5.00
C LYS A 13 -12.04 -4.70 -5.87
N ASN A 14 -12.73 -4.61 -7.01
CA ASN A 14 -12.63 -3.54 -7.99
C ASN A 14 -11.18 -3.00 -8.15
N PRO A 15 -10.19 -3.87 -8.38
CA PRO A 15 -8.80 -3.46 -8.41
C PRO A 15 -8.50 -2.52 -9.57
N ILE A 16 -8.08 -1.34 -9.19
CA ILE A 16 -7.54 -0.33 -10.09
C ILE A 16 -6.22 0.10 -9.47
N TYR A 17 -5.18 0.34 -10.27
CA TYR A 17 -3.88 0.68 -9.67
C TYR A 17 -3.59 2.18 -9.80
N SER A 18 -2.76 2.76 -8.93
CA SER A 18 -2.62 4.21 -8.84
C SER A 18 -1.17 4.69 -8.68
N CYS A 19 -0.32 3.94 -7.96
CA CYS A 19 1.00 4.42 -7.57
C CYS A 19 2.04 3.29 -7.52
N LYS A 20 2.53 2.93 -8.70
CA LYS A 20 3.63 2.01 -8.93
C LYS A 20 3.51 0.65 -8.24
N VAL A 21 4.62 -0.08 -8.27
CA VAL A 21 4.75 -1.40 -7.66
C VAL A 21 6.17 -1.62 -7.14
N PHE A 22 6.29 -2.34 -6.02
CA PHE A 22 7.54 -2.68 -5.38
C PHE A 22 8.11 -3.97 -5.97
N LEU A 23 9.45 -4.05 -5.97
CA LEU A 23 10.20 -5.20 -6.48
C LEU A 23 11.52 -5.35 -5.70
N GLY A 24 11.70 -6.47 -5.00
CA GLY A 24 12.92 -6.74 -4.29
C GLY A 24 12.89 -8.08 -3.55
N GLY A 25 13.99 -8.35 -2.85
CA GLY A 25 14.20 -9.55 -2.09
C GLY A 25 15.53 -10.24 -2.32
N VAL A 26 16.49 -9.52 -2.91
CA VAL A 26 17.80 -10.08 -3.30
C VAL A 26 18.95 -9.76 -2.33
N PRO A 27 19.69 -10.81 -1.94
CA PRO A 27 20.86 -10.70 -1.10
C PRO A 27 22.15 -10.45 -1.92
N TRP A 28 22.15 -10.53 -3.25
CA TRP A 28 23.42 -10.46 -4.00
C TRP A 28 23.30 -9.79 -5.38
N ASP A 29 22.10 -9.48 -5.87
CA ASP A 29 21.93 -8.96 -7.21
C ASP A 29 22.77 -7.67 -7.35
N ILE A 30 23.82 -7.78 -8.15
CA ILE A 30 24.78 -6.72 -8.30
C ILE A 30 24.18 -5.45 -8.90
N THR A 31 23.07 -5.52 -9.58
CA THR A 31 22.42 -4.41 -10.29
C THR A 31 20.92 -4.62 -10.40
N GLU A 32 20.21 -3.51 -10.51
CA GLU A 32 18.78 -3.51 -10.77
C GLU A 32 18.48 -3.62 -12.29
N ALA A 33 19.46 -3.36 -13.16
CA ALA A 33 19.26 -3.38 -14.59
C ALA A 33 19.16 -4.82 -15.11
N GLY A 34 19.61 -5.78 -14.33
CA GLY A 34 19.59 -7.17 -14.76
C GLY A 34 18.18 -7.75 -14.71
N LEU A 35 17.59 -7.80 -13.50
CA LEU A 35 16.29 -8.45 -13.39
C LEU A 35 15.20 -7.64 -14.09
N VAL A 36 15.38 -6.31 -14.08
CA VAL A 36 14.44 -5.46 -14.78
C VAL A 36 14.39 -5.89 -16.25
N ASN A 37 15.54 -5.99 -16.90
CA ASN A 37 15.60 -6.44 -18.28
C ASN A 37 15.29 -7.94 -18.42
N THR A 38 15.11 -8.67 -17.31
CA THR A 38 14.74 -10.07 -17.38
C THR A 38 13.22 -10.20 -17.64
N PHE A 39 12.43 -9.15 -17.33
CA PHE A 39 10.98 -9.17 -17.56
C PHE A 39 10.43 -7.91 -18.28
N ARG A 40 11.31 -6.93 -18.56
CA ARG A 40 11.02 -5.73 -19.32
C ARG A 40 11.05 -6.01 -20.83
N VAL A 41 11.74 -7.08 -21.20
CA VAL A 41 11.88 -7.49 -22.59
C VAL A 41 10.59 -7.83 -23.30
N PHE A 42 9.51 -8.06 -22.54
CA PHE A 42 8.14 -8.20 -23.05
C PHE A 42 7.16 -7.37 -22.20
N GLY A 43 7.65 -6.77 -21.11
CA GLY A 43 6.81 -6.07 -20.12
C GLY A 43 6.75 -4.55 -20.43
N SER A 44 6.26 -3.78 -19.47
CA SER A 44 5.98 -2.36 -19.67
C SER A 44 6.26 -1.66 -18.35
N LEU A 45 7.55 -1.65 -17.95
CA LEU A 45 7.92 -0.98 -16.72
C LEU A 45 9.33 -0.39 -16.83
N SER A 46 9.71 0.39 -15.83
CA SER A 46 11.03 1.00 -15.73
C SER A 46 11.49 0.91 -14.29
N VAL A 47 12.73 1.33 -14.00
CA VAL A 47 13.25 1.16 -12.66
C VAL A 47 13.88 2.46 -12.14
N GLU A 48 13.61 2.72 -10.85
CA GLU A 48 14.10 3.93 -10.21
C GLU A 48 14.33 3.64 -8.74
N TRP A 49 15.40 4.23 -8.18
CA TRP A 49 15.73 4.05 -6.77
C TRP A 49 16.73 5.14 -6.39
N PRO A 50 16.60 5.68 -5.17
CA PRO A 50 17.49 6.69 -4.61
C PRO A 50 18.65 6.06 -3.82
N GLY A 51 19.47 6.92 -3.23
CA GLY A 51 20.54 6.54 -2.33
C GLY A 51 21.73 5.76 -2.94
N LYS A 52 21.70 5.38 -4.22
CA LYS A 52 22.81 4.71 -4.85
C LYS A 52 22.98 5.17 -6.30
N ASP A 53 22.90 6.48 -6.51
CA ASP A 53 23.07 7.08 -7.81
C ASP A 53 23.75 8.43 -7.69
N GLY A 54 24.46 8.82 -8.74
CA GLY A 54 25.10 10.12 -8.86
C GLY A 54 26.62 10.00 -8.69
N LYS A 55 27.14 8.83 -8.36
CA LYS A 55 28.58 8.66 -8.21
C LYS A 55 29.05 7.23 -8.36
N HIS A 56 28.17 6.29 -8.04
CA HIS A 56 28.46 4.87 -8.10
C HIS A 56 27.16 4.13 -8.43
N PRO A 57 26.73 4.17 -9.70
CA PRO A 57 25.54 3.48 -10.17
C PRO A 57 25.70 1.96 -10.11
N ARG A 58 24.93 1.34 -9.21
CA ARG A 58 24.85 -0.09 -9.00
C ARG A 58 23.68 -0.31 -8.05
N CYS A 59 23.56 -1.51 -7.48
CA CYS A 59 22.50 -1.79 -6.55
C CYS A 59 22.77 -1.18 -5.16
N PRO A 60 21.69 -0.74 -4.47
CA PRO A 60 21.76 -0.20 -3.13
C PRO A 60 22.18 -1.30 -2.14
N PRO A 61 22.57 -0.94 -0.92
CA PRO A 61 22.97 -1.89 0.11
C PRO A 61 21.79 -2.73 0.61
N LYS A 62 20.60 -2.57 0.02
CA LYS A 62 19.42 -3.34 0.40
C LYS A 62 18.91 -4.12 -0.81
N GLY A 63 18.01 -5.06 -0.58
CA GLY A 63 17.57 -5.99 -1.62
C GLY A 63 16.44 -5.55 -2.52
N TYR A 64 16.03 -4.28 -2.47
CA TYR A 64 14.86 -3.82 -3.20
C TYR A 64 14.93 -2.40 -3.74
N VAL A 65 14.04 -2.09 -4.70
CA VAL A 65 13.86 -0.85 -5.43
C VAL A 65 12.44 -0.81 -5.95
N TYR A 66 12.10 0.09 -6.89
CA TYR A 66 10.71 0.20 -7.32
C TYR A 66 10.58 0.24 -8.85
N LEU A 67 9.44 -0.22 -9.38
CA LEU A 67 9.20 -0.19 -10.81
C LEU A 67 8.12 0.83 -11.14
N VAL A 68 8.28 1.57 -12.24
CA VAL A 68 7.38 2.64 -12.62
C VAL A 68 7.05 2.55 -14.12
N PHE A 69 6.70 3.69 -14.77
CA PHE A 69 6.25 3.74 -16.15
C PHE A 69 4.76 3.33 -16.25
N GLU A 70 4.43 2.15 -16.76
CA GLU A 70 3.03 1.81 -16.84
C GLU A 70 2.62 1.21 -15.48
N LEU A 71 1.54 1.74 -14.90
CA LEU A 71 1.20 1.46 -13.53
C LEU A 71 -0.30 1.16 -13.33
N GLU A 72 -1.00 0.84 -14.42
CA GLU A 72 -2.38 0.40 -14.40
C GLU A 72 -2.56 -0.92 -15.14
N LYS A 73 -2.45 -0.92 -16.48
CA LYS A 73 -2.69 -2.13 -17.27
C LYS A 73 -1.52 -3.09 -17.26
N SER A 74 -0.32 -2.62 -16.91
CA SER A 74 0.91 -3.47 -16.92
C SER A 74 1.28 -3.96 -15.53
N VAL A 75 0.64 -3.46 -14.50
CA VAL A 75 0.78 -4.06 -13.18
C VAL A 75 -0.25 -5.19 -13.17
N ARG A 76 -1.42 -4.93 -13.74
CA ARG A 76 -2.42 -5.94 -13.93
C ARG A 76 -1.86 -7.15 -14.68
N SER A 77 -1.35 -7.01 -15.92
CA SER A 77 -0.93 -8.13 -16.73
C SER A 77 0.42 -8.69 -16.27
N LEU A 78 1.39 -7.83 -15.89
CA LEU A 78 2.77 -8.29 -15.61
C LEU A 78 2.90 -9.15 -14.36
N LEU A 79 2.11 -8.90 -13.33
CA LEU A 79 2.17 -9.78 -12.16
C LEU A 79 1.12 -10.90 -12.23
N GLN A 80 0.12 -10.80 -13.13
CA GLN A 80 -0.74 -11.96 -13.42
C GLN A 80 -0.13 -12.84 -14.51
N ALA A 81 1.06 -12.46 -15.00
CA ALA A 81 1.88 -13.28 -15.91
C ALA A 81 2.95 -13.92 -15.08
N CYS A 82 3.28 -13.29 -13.96
CA CYS A 82 4.15 -13.89 -12.96
C CYS A 82 3.37 -14.90 -12.12
N SER A 83 3.76 -15.12 -10.89
CA SER A 83 3.18 -16.09 -10.03
C SER A 83 2.59 -15.47 -8.77
N HIS A 84 1.78 -16.24 -8.03
CA HIS A 84 1.08 -15.74 -6.88
C HIS A 84 0.97 -16.79 -5.80
N ASP A 85 0.90 -16.39 -4.54
CA ASP A 85 0.80 -17.33 -3.42
C ASP A 85 -0.14 -16.83 -2.32
N PRO A 86 -0.96 -17.74 -1.76
CA PRO A 86 -1.95 -17.38 -0.78
C PRO A 86 -1.36 -17.37 0.64
N LEU A 87 -0.03 -17.27 0.76
CA LEU A 87 0.64 -17.47 2.01
C LEU A 87 0.21 -16.48 3.10
N SER A 88 -0.42 -15.37 2.72
CA SER A 88 -1.08 -14.39 3.60
C SER A 88 -0.33 -14.17 4.92
N PRO A 89 0.93 -13.70 4.84
CA PRO A 89 1.79 -13.53 5.99
C PRO A 89 1.42 -12.30 6.81
N ASP A 90 0.39 -11.57 6.43
CA ASP A 90 -0.07 -10.34 7.09
C ASP A 90 -1.61 -10.21 7.11
N GLY A 91 -2.33 -11.09 6.41
CA GLY A 91 -3.79 -11.01 6.26
C GLY A 91 -4.19 -10.80 4.79
N LEU A 92 -3.16 -10.53 3.96
CA LEU A 92 -3.23 -10.40 2.52
C LEU A 92 -2.09 -11.21 1.88
N SER A 93 -2.38 -11.84 0.73
CA SER A 93 -1.43 -12.58 -0.07
C SER A 93 -0.37 -11.71 -0.73
N GLU A 94 0.69 -12.35 -1.30
CA GLU A 94 1.76 -11.59 -1.94
C GLU A 94 2.16 -12.28 -3.22
N TYR A 95 2.71 -11.51 -4.15
CA TYR A 95 3.05 -12.03 -5.48
C TYR A 95 4.55 -12.16 -5.55
N TYR A 96 5.03 -13.03 -6.44
CA TYR A 96 6.47 -13.36 -6.52
C TYR A 96 6.85 -13.80 -7.93
N PHE A 97 8.12 -13.65 -8.27
CA PHE A 97 8.66 -14.10 -9.54
C PHE A 97 10.14 -14.39 -9.37
N LYS A 98 10.70 -15.30 -10.17
CA LYS A 98 12.13 -15.58 -10.13
C LYS A 98 12.78 -15.08 -11.42
N MET A 99 14.03 -14.62 -11.30
CA MET A 99 14.73 -13.92 -12.34
C MET A 99 16.23 -14.19 -12.25
N SER A 100 16.65 -14.98 -11.24
CA SER A 100 18.05 -15.16 -10.94
C SER A 100 18.76 -16.00 -11.97
N SER A 101 20.04 -15.67 -12.21
CA SER A 101 20.88 -16.44 -13.13
C SER A 101 21.52 -17.62 -12.43
N ARG A 102 21.76 -18.69 -13.19
CA ARG A 102 22.18 -19.98 -12.64
C ARG A 102 23.53 -19.87 -11.93
N ARG A 103 24.26 -18.78 -12.16
CA ARG A 103 25.58 -18.63 -11.53
C ARG A 103 25.46 -18.54 -10.01
N MET A 104 24.30 -18.13 -9.48
CA MET A 104 24.10 -18.18 -8.04
C MET A 104 22.65 -18.16 -7.61
N ARG A 105 21.75 -18.43 -8.56
CA ARG A 105 20.33 -18.59 -8.28
C ARG A 105 20.08 -19.45 -7.04
N CYS A 106 19.05 -19.05 -6.29
CA CYS A 106 18.71 -19.75 -5.07
C CYS A 106 17.32 -19.35 -4.64
N LYS A 107 16.99 -18.06 -4.87
CA LYS A 107 15.77 -17.45 -4.41
C LYS A 107 15.12 -16.56 -5.50
N GLU A 108 13.85 -16.26 -5.25
CA GLU A 108 12.93 -15.42 -6.04
C GLU A 108 12.60 -14.09 -5.32
N VAL A 109 12.00 -13.13 -6.03
CA VAL A 109 11.72 -11.80 -5.46
C VAL A 109 10.24 -11.63 -5.10
N GLN A 110 9.98 -10.66 -4.23
CA GLN A 110 8.62 -10.31 -3.83
C GLN A 110 8.11 -9.16 -4.68
N VAL A 111 6.78 -9.10 -4.83
CA VAL A 111 6.12 -8.07 -5.61
C VAL A 111 4.87 -7.57 -4.89
N ILE A 112 4.73 -6.25 -4.76
CA ILE A 112 3.52 -5.63 -4.18
C ILE A 112 3.11 -4.38 -4.98
N PRO A 113 1.91 -4.34 -5.57
CA PRO A 113 1.40 -3.17 -6.27
C PRO A 113 0.71 -2.24 -5.32
N TRP A 114 0.40 -1.03 -5.78
CA TRP A 114 -0.44 -0.08 -5.05
C TRP A 114 -1.85 0.00 -5.64
N VAL A 115 -2.85 -0.24 -4.82
CA VAL A 115 -4.23 -0.26 -5.32
C VAL A 115 -4.94 1.02 -4.92
N LEU A 116 -5.81 1.54 -5.78
CA LEU A 116 -6.57 2.75 -5.58
C LEU A 116 -7.31 2.68 -4.25
N ALA A 117 -7.86 1.52 -3.93
CA ALA A 117 -8.64 1.37 -2.71
C ALA A 117 -7.72 1.50 -1.46
N ASP A 118 -6.39 1.49 -1.61
CA ASP A 118 -5.51 1.69 -0.45
C ASP A 118 -5.33 3.15 -0.17
N SER A 119 -5.64 4.02 -1.15
CA SER A 119 -5.42 5.44 -0.96
C SER A 119 -6.71 6.23 -0.90
N ASN A 120 -7.81 5.73 -1.49
CA ASN A 120 -9.09 6.45 -1.42
C ASN A 120 -10.24 5.46 -1.24
N PHE A 121 -11.25 5.82 -0.46
CA PHE A 121 -12.40 4.97 -0.22
C PHE A 121 -13.59 5.78 0.22
N VAL A 122 -14.81 5.27 -0.04
CA VAL A 122 -16.02 5.91 0.43
C VAL A 122 -16.87 4.96 1.27
N ARG A 123 -17.58 5.51 2.27
CA ARG A 123 -18.43 4.74 3.18
C ARG A 123 -19.91 4.99 2.83
N SER A 124 -20.18 5.23 1.55
CA SER A 124 -21.48 5.60 1.05
C SER A 124 -21.67 4.99 -0.33
N PRO A 125 -22.89 4.60 -0.70
CA PRO A 125 -23.17 3.97 -1.99
C PRO A 125 -22.99 4.97 -3.14
N SER A 126 -22.78 6.25 -2.82
CA SER A 126 -22.52 7.29 -3.81
C SER A 126 -21.33 8.17 -3.36
N GLN A 127 -20.79 8.95 -4.30
CA GLN A 127 -19.63 9.78 -4.01
C GLN A 127 -20.04 11.13 -3.40
N ARG A 128 -19.33 11.50 -2.32
CA ARG A 128 -19.43 12.80 -1.64
C ARG A 128 -18.15 13.12 -0.90
N LEU A 129 -17.96 14.38 -0.56
CA LEU A 129 -16.82 14.84 0.20
C LEU A 129 -17.24 16.08 1.00
N ASP A 130 -16.36 16.61 1.84
CA ASP A 130 -16.63 17.76 2.67
C ASP A 130 -15.37 18.59 2.84
N PRO A 131 -15.42 19.92 2.59
CA PRO A 131 -14.29 20.84 2.51
C PRO A 131 -13.89 21.49 3.86
N SER A 132 -14.59 21.15 4.94
CA SER A 132 -14.43 21.80 6.22
C SER A 132 -14.26 20.80 7.36
N ARG A 133 -14.43 19.50 7.11
CA ARG A 133 -14.34 18.48 8.14
C ARG A 133 -13.52 17.30 7.65
N THR A 134 -12.19 17.50 7.64
CA THR A 134 -11.23 16.52 7.14
C THR A 134 -10.06 16.44 8.14
N VAL A 135 -10.21 15.62 9.20
CA VAL A 135 -9.18 15.52 10.23
C VAL A 135 -8.01 14.68 9.77
N PHE A 136 -6.81 15.05 10.22
CA PHE A 136 -5.59 14.38 9.80
C PHE A 136 -5.45 12.98 10.45
N VAL A 137 -4.78 12.08 9.74
CA VAL A 137 -4.54 10.73 10.22
C VAL A 137 -3.10 10.32 9.96
N GLY A 138 -2.46 9.60 10.90
CA GLY A 138 -1.10 9.09 10.70
C GLY A 138 -0.69 8.01 11.69
N ALA A 139 0.62 7.72 11.70
CA ALA A 139 1.21 6.73 12.56
C ALA A 139 0.53 5.38 12.35
N LEU A 140 0.21 5.10 11.10
CA LEU A 140 -0.49 3.88 10.72
C LEU A 140 0.46 2.69 10.54
N HIS A 141 -0.12 1.55 10.19
CA HIS A 141 0.62 0.31 9.97
C HIS A 141 1.70 0.44 8.91
N GLY A 142 1.74 1.53 8.13
CA GLY A 142 2.74 1.71 7.08
C GLY A 142 2.38 1.01 5.77
N MET A 143 1.18 0.46 5.69
CA MET A 143 0.63 -0.11 4.45
C MET A 143 -0.87 -0.34 4.58
N LEU A 144 -1.51 0.44 5.44
CA LEU A 144 -2.91 0.23 5.77
C LEU A 144 -3.74 0.60 4.56
N ASN A 145 -4.83 -0.13 4.35
CA ASN A 145 -5.72 0.15 3.25
C ASN A 145 -6.87 1.03 3.73
N ALA A 146 -7.55 1.74 2.82
CA ALA A 146 -8.60 2.67 3.25
C ALA A 146 -9.88 1.95 3.69
N GLU A 147 -9.99 0.65 3.42
CA GLU A 147 -11.11 -0.14 3.93
C GLU A 147 -10.92 -0.38 5.42
N ALA A 148 -9.66 -0.44 5.84
CA ALA A 148 -9.34 -0.69 7.22
C ALA A 148 -9.32 0.62 7.99
N LEU A 149 -9.05 1.73 7.30
CA LEU A 149 -9.11 3.07 7.90
C LEU A 149 -10.56 3.46 8.14
N ALA A 150 -11.45 3.26 7.16
CA ALA A 150 -12.85 3.59 7.30
C ALA A 150 -13.52 2.61 8.23
N ALA A 151 -12.98 1.40 8.38
CA ALA A 151 -13.59 0.36 9.21
C ALA A 151 -13.47 0.75 10.67
N ILE A 152 -12.28 1.19 11.07
CA ILE A 152 -12.02 1.58 12.45
C ILE A 152 -12.87 2.81 12.77
N LEU A 153 -12.90 3.79 11.85
CA LEU A 153 -13.57 5.05 12.12
C LEU A 153 -15.08 5.02 11.87
N ASN A 154 -15.63 4.00 11.18
CA ASN A 154 -17.08 3.96 11.02
C ASN A 154 -17.75 3.07 12.05
N ASP A 155 -16.99 2.20 12.73
CA ASP A 155 -17.56 1.29 13.70
C ASP A 155 -17.39 1.77 15.16
N LEU A 156 -16.36 2.59 15.40
CA LEU A 156 -16.06 3.08 16.74
C LEU A 156 -17.09 4.13 17.18
N PHE A 157 -17.75 4.82 16.22
CA PHE A 157 -18.82 5.76 16.54
C PHE A 157 -19.66 6.10 15.31
N GLY A 158 -19.09 5.99 14.10
CA GLY A 158 -19.82 6.20 12.85
C GLY A 158 -20.12 7.67 12.60
N GLY A 159 -20.36 8.04 11.33
CA GLY A 159 -20.61 9.42 10.93
C GLY A 159 -19.67 9.85 9.81
N VAL A 160 -19.03 8.86 9.18
CA VAL A 160 -18.05 9.10 8.12
C VAL A 160 -18.68 9.03 6.74
N VAL A 161 -17.90 9.35 5.71
CA VAL A 161 -18.40 9.31 4.34
C VAL A 161 -17.27 9.07 3.33
N TYR A 162 -16.02 9.43 3.65
CA TYR A 162 -14.89 9.27 2.72
C TYR A 162 -13.57 9.25 3.49
N ALA A 163 -12.53 8.67 2.91
CA ALA A 163 -11.22 8.62 3.49
C ALA A 163 -10.19 8.73 2.39
N GLY A 164 -9.11 9.46 2.65
CA GLY A 164 -8.06 9.63 1.65
C GLY A 164 -6.66 9.76 2.25
N ILE A 165 -5.73 9.02 1.66
CA ILE A 165 -4.32 9.06 2.01
C ILE A 165 -3.69 10.20 1.23
N ASP A 166 -2.70 10.90 1.80
CA ASP A 166 -2.06 12.01 1.14
C ASP A 166 -0.89 11.49 0.31
N THR A 167 -1.19 10.78 -0.78
CA THR A 167 -0.17 10.22 -1.65
C THR A 167 0.60 11.29 -2.40
N ASP A 168 1.86 10.98 -2.72
CA ASP A 168 2.72 11.83 -3.51
C ASP A 168 3.47 10.94 -4.48
N LYS A 169 4.07 11.55 -5.52
CA LYS A 169 4.66 10.83 -6.64
C LYS A 169 5.72 9.82 -6.19
N HIS A 170 5.35 8.53 -6.20
CA HIS A 170 6.23 7.39 -5.92
C HIS A 170 6.99 7.51 -4.58
N LYS A 171 6.43 8.25 -3.60
CA LYS A 171 7.13 8.53 -2.35
C LYS A 171 6.92 7.41 -1.31
N TYR A 172 6.02 6.45 -1.61
CA TYR A 172 5.71 5.28 -0.78
C TYR A 172 5.28 5.66 0.65
N PRO A 173 4.41 6.65 0.82
CA PRO A 173 3.99 7.11 2.12
C PRO A 173 3.03 6.12 2.77
N ILE A 174 1.82 5.93 2.20
CA ILE A 174 0.80 5.02 2.72
C ILE A 174 0.72 5.02 4.25
N GLY A 175 0.94 6.17 4.88
CA GLY A 175 0.95 6.24 6.32
C GLY A 175 0.63 7.63 6.87
N SER A 176 0.08 8.52 6.02
CA SER A 176 -0.37 9.80 6.49
C SER A 176 -1.50 10.24 5.57
N GLY A 177 -2.40 11.09 6.05
CA GLY A 177 -3.49 11.54 5.23
C GLY A 177 -4.57 12.22 6.05
N ARG A 178 -5.83 12.09 5.64
CA ARG A 178 -6.95 12.69 6.35
C ARG A 178 -8.17 11.83 6.18
N VAL A 179 -9.25 12.13 6.91
CA VAL A 179 -10.51 11.44 6.72
C VAL A 179 -11.68 12.43 6.82
N THR A 180 -12.63 12.27 5.89
CA THR A 180 -13.75 13.19 5.73
C THR A 180 -14.99 12.62 6.43
N PHE A 181 -15.66 13.46 7.21
CA PHE A 181 -16.84 13.12 7.94
C PHE A 181 -17.99 13.94 7.39
N ASN A 182 -19.18 13.72 7.96
CA ASN A 182 -20.39 14.41 7.56
C ASN A 182 -21.23 14.66 8.81
N ASN A 183 -20.69 14.32 10.00
CA ASN A 183 -21.41 14.45 11.24
C ASN A 183 -20.43 14.89 12.33
N GLN A 184 -20.96 15.31 13.48
CA GLN A 184 -20.18 15.88 14.57
C GLN A 184 -19.61 14.78 15.44
N ARG A 185 -20.29 13.63 15.56
CA ARG A 185 -19.77 12.61 16.46
C ARG A 185 -18.45 12.02 16.02
N SER A 186 -18.16 12.00 14.71
CA SER A 186 -16.86 11.57 14.21
C SER A 186 -15.80 12.62 14.51
N TYR A 187 -16.17 13.90 14.61
CA TYR A 187 -15.21 14.99 14.79
C TYR A 187 -14.62 14.94 16.18
N LEU A 188 -15.50 14.98 17.18
CA LEU A 188 -15.06 15.08 18.54
C LEU A 188 -14.78 13.73 19.21
N LYS A 189 -15.11 12.60 18.56
CA LYS A 189 -14.80 11.32 19.17
C LYS A 189 -13.54 10.69 18.56
N ALA A 190 -13.19 11.12 17.34
CA ALA A 190 -11.95 10.73 16.70
C ALA A 190 -10.81 11.56 17.28
N VAL A 191 -11.09 12.81 17.62
CA VAL A 191 -10.10 13.71 18.20
C VAL A 191 -9.99 13.50 19.71
N SER A 192 -11.06 13.16 20.42
CA SER A 192 -10.99 12.88 21.83
C SER A 192 -10.25 11.55 22.04
N ALA A 193 -10.40 10.60 21.10
CA ALA A 193 -9.72 9.31 21.21
C ALA A 193 -8.21 9.47 20.93
N ALA A 194 -7.95 10.10 19.78
CA ALA A 194 -6.63 10.39 19.24
C ALA A 194 -5.71 9.18 19.02
N PHE A 195 -6.01 8.05 19.63
CA PHE A 195 -5.19 6.86 19.51
C PHE A 195 -6.02 5.60 19.85
N VAL A 196 -5.79 4.49 19.14
CA VAL A 196 -6.38 3.22 19.51
C VAL A 196 -5.44 2.06 19.16
N GLU A 197 -5.56 0.93 19.87
CA GLU A 197 -4.79 -0.25 19.52
C GLU A 197 -5.63 -1.27 18.75
N ILE A 198 -5.03 -1.92 17.75
CA ILE A 198 -5.59 -3.11 17.12
C ILE A 198 -4.76 -4.27 17.64
N LYS A 199 -5.40 -5.31 18.19
CA LYS A 199 -4.70 -6.44 18.77
C LYS A 199 -5.36 -7.70 18.19
N THR A 200 -4.56 -8.53 17.53
CA THR A 200 -5.08 -9.68 16.78
C THR A 200 -4.02 -10.78 16.78
N THR A 201 -4.41 -12.00 16.47
CA THR A 201 -3.47 -13.12 16.49
C THR A 201 -2.35 -13.03 15.44
N LYS A 202 -2.40 -12.02 14.55
CA LYS A 202 -1.42 -11.84 13.48
C LYS A 202 -1.14 -10.36 13.16
N PHE A 203 -1.71 -9.45 13.94
CA PHE A 203 -1.59 -8.01 13.69
C PHE A 203 -1.67 -7.22 14.98
N THR A 204 -0.70 -6.33 15.20
CA THR A 204 -0.68 -5.52 16.42
C THR A 204 -0.07 -4.14 16.11
N LYS A 205 -0.92 -3.12 15.98
CA LYS A 205 -0.47 -1.76 15.68
C LYS A 205 -1.42 -0.76 16.34
N LYS A 206 -1.07 0.53 16.29
CA LYS A 206 -1.95 1.59 16.77
C LYS A 206 -2.25 2.48 15.56
N VAL A 207 -3.06 3.52 15.79
CA VAL A 207 -3.38 4.53 14.78
C VAL A 207 -3.58 5.85 15.49
N GLN A 208 -3.19 6.96 14.85
CA GLN A 208 -3.30 8.27 15.47
C GLN A 208 -4.17 9.20 14.62
N ILE A 209 -4.93 10.07 15.31
CA ILE A 209 -5.72 11.11 14.67
C ILE A 209 -5.27 12.46 15.24
N ASP A 210 -5.30 13.51 14.40
CA ASP A 210 -4.95 14.85 14.86
C ASP A 210 -5.93 15.86 14.23
N PRO A 211 -6.36 16.84 15.03
CA PRO A 211 -7.33 17.83 14.61
C PRO A 211 -6.76 18.68 13.47
N TYR A 212 -7.66 19.26 12.67
CA TYR A 212 -7.33 19.95 11.43
C TYR A 212 -8.13 21.24 11.31
N MET A 1 -9.33 2.32 24.10
CA MET A 1 -10.12 2.57 22.88
C MET A 1 -9.75 1.53 21.85
N THR A 2 -10.55 0.46 21.82
CA THR A 2 -10.34 -0.70 20.98
C THR A 2 -11.68 -1.37 20.69
N TRP A 3 -11.74 -2.18 19.62
CA TRP A 3 -12.92 -2.94 19.26
C TRP A 3 -12.59 -4.23 18.48
N SER A 4 -11.33 -4.67 18.56
CA SER A 4 -10.83 -5.94 18.04
C SER A 4 -10.97 -6.13 16.53
N GLY A 5 -11.00 -5.02 15.78
CA GLY A 5 -11.12 -5.06 14.32
C GLY A 5 -12.30 -5.92 13.84
N GLN A 6 -13.53 -5.46 14.10
CA GLN A 6 -14.68 -6.27 13.75
C GLN A 6 -14.87 -6.37 12.25
N LEU A 7 -14.24 -5.47 11.47
CA LEU A 7 -14.28 -5.55 9.99
C LEU A 7 -12.93 -6.04 9.44
N PRO A 8 -12.94 -6.70 8.26
CA PRO A 8 -11.74 -7.29 7.68
C PRO A 8 -10.85 -6.26 6.94
N PRO A 9 -9.66 -5.95 7.49
CA PRO A 9 -8.74 -4.95 6.97
C PRO A 9 -7.94 -5.47 5.77
N ARG A 10 -8.23 -6.70 5.32
CA ARG A 10 -7.55 -7.36 4.23
C ARG A 10 -8.56 -8.18 3.43
N ASN A 11 -8.04 -8.99 2.50
CA ASN A 11 -8.79 -9.88 1.61
C ASN A 11 -9.81 -9.16 0.74
N TYR A 12 -9.61 -7.86 0.52
CA TYR A 12 -10.51 -7.09 -0.31
C TYR A 12 -10.51 -7.62 -1.75
N LYS A 13 -9.33 -8.06 -2.24
CA LYS A 13 -9.16 -8.64 -3.56
C LYS A 13 -9.96 -7.96 -4.66
N ASN A 14 -9.75 -6.65 -4.78
CA ASN A 14 -10.37 -5.82 -5.80
C ASN A 14 -9.29 -4.93 -6.39
N PRO A 15 -8.23 -5.53 -6.95
CA PRO A 15 -7.02 -4.83 -7.39
C PRO A 15 -7.21 -3.95 -8.62
N ILE A 16 -6.79 -2.70 -8.46
CA ILE A 16 -6.68 -1.66 -9.47
C ILE A 16 -5.46 -0.88 -9.00
N TYR A 17 -4.52 -0.60 -9.91
CA TYR A 17 -3.27 -0.06 -9.47
C TYR A 17 -3.29 1.43 -9.65
N SER A 18 -2.68 2.15 -8.71
CA SER A 18 -2.76 3.61 -8.68
C SER A 18 -1.42 4.29 -8.36
N CYS A 19 -0.32 3.54 -8.14
CA CYS A 19 0.96 4.15 -7.80
C CYS A 19 2.08 3.12 -8.13
N LYS A 20 3.28 3.38 -7.62
CA LYS A 20 4.46 2.55 -7.83
C LYS A 20 4.26 1.14 -7.27
N VAL A 21 5.27 0.28 -7.47
CA VAL A 21 5.27 -1.09 -6.94
C VAL A 21 6.62 -1.37 -6.31
N PHE A 22 6.56 -2.11 -5.20
CA PHE A 22 7.74 -2.59 -4.50
C PHE A 22 8.09 -3.98 -5.03
N LEU A 23 9.36 -4.19 -5.39
CA LEU A 23 9.84 -5.41 -6.02
C LEU A 23 11.16 -5.75 -5.37
N GLY A 24 11.22 -6.87 -4.62
CA GLY A 24 12.41 -7.25 -3.91
C GLY A 24 12.44 -8.71 -3.49
N GLY A 25 13.59 -9.09 -2.95
CA GLY A 25 13.81 -10.44 -2.50
C GLY A 25 14.89 -11.18 -3.27
N VAL A 26 15.76 -10.45 -3.98
CA VAL A 26 16.72 -11.06 -4.87
C VAL A 26 18.02 -11.31 -4.13
N PRO A 27 18.52 -12.55 -4.14
CA PRO A 27 19.69 -12.95 -3.40
C PRO A 27 20.99 -12.58 -4.14
N TRP A 28 20.93 -12.29 -5.45
CA TRP A 28 22.16 -11.99 -6.18
C TRP A 28 21.99 -10.69 -6.98
N ASP A 29 21.17 -10.69 -8.05
CA ASP A 29 21.00 -9.61 -9.00
C ASP A 29 22.07 -8.51 -8.86
N ILE A 30 23.18 -8.62 -9.57
CA ILE A 30 24.30 -7.71 -9.42
C ILE A 30 23.99 -6.24 -9.78
N THR A 31 22.99 -5.94 -10.59
CA THR A 31 22.60 -4.60 -10.91
C THR A 31 21.14 -4.57 -11.20
N GLU A 32 20.43 -3.51 -10.80
CA GLU A 32 18.96 -3.41 -10.88
C GLU A 32 18.53 -3.31 -12.35
N ALA A 33 19.44 -2.82 -13.21
CA ALA A 33 19.20 -2.63 -14.64
C ALA A 33 19.09 -3.96 -15.35
N GLY A 34 19.49 -5.04 -14.68
CA GLY A 34 19.42 -6.37 -15.25
C GLY A 34 17.96 -6.82 -15.35
N LEU A 35 17.26 -6.86 -14.22
CA LEU A 35 15.82 -7.12 -14.21
C LEU A 35 15.12 -6.20 -15.22
N VAL A 36 15.46 -4.90 -15.19
CA VAL A 36 14.84 -3.91 -16.04
C VAL A 36 15.01 -4.28 -17.51
N ASN A 37 16.22 -4.67 -17.91
CA ASN A 37 16.49 -4.98 -19.30
C ASN A 37 15.87 -6.32 -19.69
N THR A 38 15.33 -7.07 -18.72
CA THR A 38 14.60 -8.31 -19.01
C THR A 38 13.07 -8.12 -19.23
N PHE A 39 12.48 -7.02 -18.75
CA PHE A 39 11.06 -6.81 -18.95
C PHE A 39 10.70 -5.34 -19.17
N ARG A 40 11.59 -4.54 -19.77
CA ARG A 40 11.25 -3.15 -20.11
C ARG A 40 10.58 -2.96 -21.48
N VAL A 41 10.09 -4.03 -22.12
CA VAL A 41 9.61 -3.98 -23.49
C VAL A 41 8.21 -3.34 -23.60
N PHE A 42 7.70 -2.70 -22.54
CA PHE A 42 6.43 -1.97 -22.61
C PHE A 42 6.65 -0.49 -22.94
N GLY A 43 7.93 -0.07 -23.08
CA GLY A 43 8.28 1.27 -23.52
C GLY A 43 8.00 2.39 -22.55
N SER A 44 7.44 2.06 -21.38
CA SER A 44 7.08 3.08 -20.38
C SER A 44 7.71 2.82 -19.04
N LEU A 45 8.75 1.99 -19.02
CA LEU A 45 9.41 1.66 -17.77
C LEU A 45 10.47 2.68 -17.39
N SER A 46 10.59 2.94 -16.08
CA SER A 46 11.64 3.74 -15.48
C SER A 46 11.83 3.21 -14.08
N VAL A 47 13.03 3.35 -13.51
CA VAL A 47 13.37 2.70 -12.28
C VAL A 47 14.14 3.62 -11.36
N GLU A 48 13.79 3.55 -10.07
CA GLU A 48 14.33 4.46 -9.06
C GLU A 48 14.58 3.78 -7.70
N TRP A 49 15.47 4.34 -6.90
CA TRP A 49 15.76 3.88 -5.55
C TRP A 49 16.24 5.09 -4.72
N PRO A 50 16.32 4.98 -3.39
CA PRO A 50 16.52 6.11 -2.48
C PRO A 50 17.76 6.96 -2.76
N GLY A 51 18.77 6.46 -3.49
CA GLY A 51 19.94 7.26 -3.80
C GLY A 51 21.04 6.42 -4.44
N LYS A 52 21.92 7.10 -5.15
CA LYS A 52 23.05 6.49 -5.84
C LYS A 52 24.36 6.68 -5.10
N ASP A 53 24.26 7.07 -3.83
CA ASP A 53 25.37 7.28 -2.93
C ASP A 53 25.93 5.92 -2.53
N GLY A 54 27.26 5.85 -2.36
CA GLY A 54 27.95 4.60 -2.05
C GLY A 54 29.02 4.29 -3.12
N LYS A 55 29.77 3.21 -2.91
CA LYS A 55 30.74 2.78 -3.90
C LYS A 55 29.99 2.22 -5.10
N HIS A 56 30.74 1.90 -6.16
CA HIS A 56 30.22 1.30 -7.39
C HIS A 56 29.17 2.19 -8.08
N PRO A 57 29.19 2.20 -9.42
CA PRO A 57 28.21 2.87 -10.23
C PRO A 57 26.95 2.03 -10.40
N ARG A 58 27.00 0.74 -10.02
CA ARG A 58 25.92 -0.22 -10.29
C ARG A 58 25.05 -0.45 -9.07
N CYS A 59 24.87 0.60 -8.25
CA CYS A 59 24.16 0.53 -6.99
C CYS A 59 24.88 -0.38 -6.00
N PRO A 60 24.87 -0.06 -4.69
CA PRO A 60 25.38 -0.95 -3.67
C PRO A 60 24.55 -2.25 -3.52
N PRO A 61 25.06 -3.27 -2.83
CA PRO A 61 24.32 -4.51 -2.70
C PRO A 61 23.00 -4.30 -1.97
N LYS A 62 21.91 -4.49 -2.74
CA LYS A 62 20.52 -4.42 -2.27
C LYS A 62 19.69 -5.47 -2.98
N GLY A 63 18.71 -5.99 -2.21
CA GLY A 63 17.83 -7.06 -2.64
C GLY A 63 16.51 -6.57 -3.27
N TYR A 64 16.33 -5.25 -3.43
CA TYR A 64 15.08 -4.70 -3.93
C TYR A 64 15.22 -3.33 -4.62
N VAL A 65 14.19 -2.90 -5.35
CA VAL A 65 14.13 -1.61 -6.02
C VAL A 65 12.65 -1.23 -6.28
N TYR A 66 12.33 0.05 -6.54
CA TYR A 66 10.99 0.49 -6.87
C TYR A 66 10.84 0.60 -8.38
N LEU A 67 9.62 0.37 -8.90
CA LEU A 67 9.36 0.56 -10.32
C LEU A 67 8.30 1.65 -10.50
N VAL A 68 8.53 2.54 -11.48
CA VAL A 68 7.66 3.66 -11.80
C VAL A 68 7.47 3.65 -13.31
N PHE A 69 6.27 3.27 -13.73
CA PHE A 69 5.98 2.96 -15.13
C PHE A 69 4.51 3.19 -15.45
N GLU A 70 4.03 2.61 -16.54
CA GLU A 70 2.61 2.66 -16.89
C GLU A 70 1.85 1.96 -15.77
N LEU A 71 1.41 2.74 -14.78
CA LEU A 71 0.86 2.32 -13.49
C LEU A 71 -0.48 1.60 -13.50
N GLU A 72 -0.93 1.06 -14.63
CA GLU A 72 -2.19 0.31 -14.61
C GLU A 72 -2.06 -0.96 -15.45
N LYS A 73 -1.76 -0.84 -16.74
CA LYS A 73 -1.78 -1.99 -17.66
C LYS A 73 -0.46 -2.76 -17.68
N SER A 74 0.66 -2.11 -17.30
CA SER A 74 1.95 -2.77 -17.17
C SER A 74 2.04 -3.42 -15.82
N VAL A 75 1.25 -2.91 -14.87
CA VAL A 75 1.22 -3.49 -13.53
C VAL A 75 0.50 -4.82 -13.56
N ARG A 76 -0.67 -4.83 -14.20
CA ARG A 76 -1.53 -5.99 -14.20
C ARG A 76 -0.99 -7.09 -15.13
N SER A 77 -0.22 -6.74 -16.16
CA SER A 77 0.28 -7.73 -17.11
C SER A 77 1.46 -8.52 -16.57
N LEU A 78 2.35 -7.83 -15.82
CA LEU A 78 3.48 -8.49 -15.19
C LEU A 78 3.12 -9.37 -14.01
N LEU A 79 2.13 -8.98 -13.19
CA LEU A 79 1.70 -9.85 -12.11
C LEU A 79 0.96 -11.06 -12.68
N GLN A 80 0.40 -10.88 -13.87
CA GLN A 80 -0.29 -11.97 -14.54
C GLN A 80 0.69 -12.72 -15.46
N ALA A 81 1.96 -12.31 -15.59
CA ALA A 81 2.93 -13.02 -16.43
C ALA A 81 3.79 -13.95 -15.58
N CYS A 82 3.78 -13.67 -14.27
CA CYS A 82 4.51 -14.43 -13.27
C CYS A 82 3.56 -15.32 -12.47
N SER A 83 3.93 -15.59 -11.22
CA SER A 83 3.21 -16.54 -10.39
C SER A 83 2.78 -15.94 -9.04
N HIS A 84 2.07 -16.76 -8.27
CA HIS A 84 1.57 -16.37 -6.95
C HIS A 84 1.56 -17.52 -5.93
N ASP A 85 1.48 -17.18 -4.63
CA ASP A 85 1.31 -18.16 -3.57
C ASP A 85 0.41 -17.61 -2.46
N PRO A 86 -0.59 -18.40 -2.04
CA PRO A 86 -1.55 -18.06 -0.99
C PRO A 86 -1.02 -18.43 0.39
N LEU A 87 0.31 -18.51 0.52
CA LEU A 87 0.99 -19.02 1.75
C LEU A 87 0.46 -18.34 3.00
N SER A 88 0.22 -17.02 2.94
CA SER A 88 -0.42 -16.28 4.00
C SER A 88 0.18 -16.51 5.41
N PRO A 89 1.50 -16.36 5.59
CA PRO A 89 2.12 -16.46 6.88
C PRO A 89 1.96 -15.16 7.68
N ASP A 90 1.47 -14.11 7.02
CA ASP A 90 1.24 -12.83 7.68
C ASP A 90 -0.20 -12.36 7.47
N GLY A 91 -1.06 -13.19 6.89
CA GLY A 91 -2.43 -12.81 6.57
C GLY A 91 -2.53 -12.14 5.22
N LEU A 92 -1.39 -12.00 4.53
CA LEU A 92 -1.35 -11.43 3.21
C LEU A 92 -0.74 -12.44 2.27
N SER A 93 -1.03 -12.26 0.97
CA SER A 93 -0.52 -13.14 -0.06
C SER A 93 0.52 -12.40 -0.87
N GLU A 94 1.41 -13.16 -1.55
CA GLU A 94 2.56 -12.53 -2.21
C GLU A 94 2.76 -13.15 -3.58
N TYR A 95 3.02 -12.29 -4.62
CA TYR A 95 3.26 -12.82 -5.95
C TYR A 95 4.74 -13.17 -6.06
N TYR A 96 5.07 -14.20 -6.86
CA TYR A 96 6.45 -14.65 -7.01
C TYR A 96 6.81 -14.84 -8.48
N PHE A 97 8.08 -14.64 -8.82
CA PHE A 97 8.57 -14.75 -10.19
C PHE A 97 10.04 -15.15 -10.19
N LYS A 98 10.51 -15.53 -11.37
CA LYS A 98 11.93 -15.83 -11.56
C LYS A 98 12.54 -15.12 -12.77
N MET A 99 13.52 -14.24 -12.52
CA MET A 99 14.15 -13.42 -13.56
C MET A 99 15.59 -13.88 -13.77
N SER A 100 15.83 -15.16 -13.50
CA SER A 100 17.14 -15.75 -13.53
C SER A 100 17.58 -16.06 -14.95
N SER A 101 18.88 -16.29 -15.11
CA SER A 101 19.53 -16.64 -16.37
C SER A 101 20.11 -18.04 -16.17
N ARG A 102 20.69 -18.63 -17.23
CA ARG A 102 21.25 -19.97 -17.16
C ARG A 102 22.62 -20.00 -16.50
N ARG A 103 22.93 -19.00 -15.66
CA ARG A 103 24.23 -18.88 -14.98
C ARG A 103 24.04 -18.68 -13.47
N MET A 104 22.84 -18.95 -12.96
CA MET A 104 22.53 -18.72 -11.55
C MET A 104 21.73 -19.84 -10.93
N ARG A 105 21.43 -19.67 -9.64
CA ARG A 105 20.71 -20.66 -8.85
C ARG A 105 19.56 -20.00 -8.09
N CYS A 106 18.35 -20.20 -8.60
CA CYS A 106 17.12 -19.72 -8.01
C CYS A 106 17.05 -18.19 -8.00
N LYS A 107 15.84 -17.69 -7.74
CA LYS A 107 15.62 -16.25 -7.65
C LYS A 107 14.40 -15.95 -6.78
N GLU A 108 13.19 -16.37 -7.22
CA GLU A 108 11.97 -16.26 -6.43
C GLU A 108 11.84 -14.91 -5.73
N VAL A 109 11.61 -13.84 -6.48
CA VAL A 109 11.38 -12.52 -5.92
C VAL A 109 9.93 -12.36 -5.52
N GLN A 110 9.61 -11.42 -4.63
CA GLN A 110 8.22 -11.11 -4.31
C GLN A 110 7.78 -9.81 -5.02
N VAL A 111 6.47 -9.67 -5.28
CA VAL A 111 5.89 -8.48 -5.92
C VAL A 111 4.66 -8.08 -5.11
N ILE A 112 4.50 -6.76 -4.92
CA ILE A 112 3.44 -6.21 -4.10
C ILE A 112 3.17 -4.77 -4.57
N PRO A 113 2.29 -4.61 -5.55
CA PRO A 113 1.99 -3.31 -6.13
C PRO A 113 1.05 -2.47 -5.25
N TRP A 114 0.98 -1.16 -5.54
CA TRP A 114 0.01 -0.33 -4.84
C TRP A 114 -1.38 -0.52 -5.42
N VAL A 115 -2.33 -0.92 -4.57
CA VAL A 115 -3.71 -1.13 -4.93
C VAL A 115 -4.57 0.03 -4.45
N LEU A 116 -5.63 0.32 -5.19
CA LEU A 116 -6.58 1.39 -4.90
C LEU A 116 -7.11 1.27 -3.46
N ALA A 117 -7.34 0.04 -3.02
CA ALA A 117 -7.82 -0.22 -1.67
C ALA A 117 -6.79 0.19 -0.60
N ASP A 118 -5.60 0.67 -0.99
CA ASP A 118 -4.59 1.17 -0.07
C ASP A 118 -4.54 2.69 -0.06
N SER A 119 -5.50 3.33 -0.73
CA SER A 119 -5.55 4.78 -0.82
C SER A 119 -6.85 5.35 -0.24
N ASN A 120 -8.03 4.83 -0.63
CA ASN A 120 -9.27 5.48 -0.27
C ASN A 120 -10.42 4.48 -0.15
N PHE A 121 -11.46 4.88 0.60
CA PHE A 121 -12.68 4.11 0.79
C PHE A 121 -13.82 5.07 1.18
N VAL A 122 -15.01 4.75 0.66
CA VAL A 122 -16.23 5.47 0.98
C VAL A 122 -17.23 4.56 1.68
N ARG A 123 -18.13 5.16 2.46
CA ARG A 123 -19.21 4.44 3.12
C ARG A 123 -20.52 5.03 2.59
N SER A 124 -20.55 5.27 1.28
CA SER A 124 -21.69 5.85 0.56
C SER A 124 -21.90 5.11 -0.78
N PRO A 125 -23.17 4.99 -1.23
CA PRO A 125 -23.50 4.43 -2.53
C PRO A 125 -23.15 5.42 -3.66
N SER A 126 -22.71 6.63 -3.31
CA SER A 126 -22.26 7.58 -4.30
C SER A 126 -20.89 8.11 -3.86
N GLN A 127 -20.31 9.05 -4.60
CA GLN A 127 -19.04 9.69 -4.23
C GLN A 127 -19.29 11.10 -3.72
N ARG A 128 -18.64 11.48 -2.62
CA ARG A 128 -18.80 12.81 -2.05
C ARG A 128 -17.60 13.11 -1.16
N LEU A 129 -17.43 14.39 -0.79
CA LEU A 129 -16.38 14.88 0.10
C LEU A 129 -16.81 16.20 0.77
N ASP A 130 -16.32 16.46 1.97
CA ASP A 130 -16.55 17.72 2.67
C ASP A 130 -15.26 18.17 3.34
N PRO A 131 -14.67 19.25 2.84
CA PRO A 131 -13.43 19.81 3.36
C PRO A 131 -13.68 20.70 4.59
N SER A 132 -14.94 20.89 5.01
CA SER A 132 -15.24 21.69 6.18
C SER A 132 -15.14 20.93 7.51
N ARG A 133 -15.11 19.59 7.47
CA ARG A 133 -14.95 18.74 8.65
C ARG A 133 -14.03 17.55 8.31
N THR A 134 -12.74 17.71 8.63
CA THR A 134 -11.75 16.67 8.34
C THR A 134 -10.66 16.75 9.40
N VAL A 135 -9.99 15.63 9.70
CA VAL A 135 -8.87 15.64 10.62
C VAL A 135 -7.74 14.83 10.06
N PHE A 136 -6.52 15.18 10.47
CA PHE A 136 -5.32 14.53 10.02
C PHE A 136 -5.17 13.17 10.65
N VAL A 137 -4.61 12.25 9.87
CA VAL A 137 -4.36 10.89 10.32
C VAL A 137 -2.93 10.45 9.97
N GLY A 138 -2.26 9.71 10.89
CA GLY A 138 -0.89 9.22 10.68
C GLY A 138 -0.51 8.14 11.69
N ALA A 139 0.79 7.87 11.87
CA ALA A 139 1.27 6.79 12.73
C ALA A 139 0.66 5.44 12.33
N LEU A 140 0.38 5.27 11.03
CA LEU A 140 -0.30 4.08 10.53
C LEU A 140 0.62 2.88 10.29
N HIS A 141 1.74 2.82 11.02
CA HIS A 141 2.75 1.77 10.96
C HIS A 141 3.39 1.57 9.56
N GLY A 142 3.11 2.47 8.64
CA GLY A 142 3.82 2.55 7.39
C GLY A 142 3.34 1.64 6.26
N MET A 143 2.11 1.09 6.36
CA MET A 143 1.59 0.34 5.24
C MET A 143 0.10 0.09 5.36
N LEU A 144 -0.60 0.90 6.15
CA LEU A 144 -2.02 0.69 6.42
C LEU A 144 -2.86 0.96 5.17
N ASN A 145 -3.99 0.28 5.09
CA ASN A 145 -4.89 0.35 3.95
C ASN A 145 -6.26 0.97 4.28
N ALA A 146 -7.10 1.18 3.29
CA ALA A 146 -8.35 1.88 3.51
C ALA A 146 -9.41 1.03 4.22
N GLU A 147 -9.23 -0.31 4.28
CA GLU A 147 -10.21 -1.14 4.98
C GLU A 147 -10.09 -0.91 6.47
N ALA A 148 -8.89 -0.50 6.92
CA ALA A 148 -8.65 -0.31 8.33
C ALA A 148 -8.99 1.11 8.74
N LEU A 149 -8.81 2.11 7.85
CA LEU A 149 -9.17 3.50 8.17
C LEU A 149 -10.70 3.69 8.13
N ALA A 150 -11.38 2.96 7.23
CA ALA A 150 -12.82 3.03 7.18
C ALA A 150 -13.41 2.29 8.38
N ALA A 151 -12.80 1.17 8.81
CA ALA A 151 -13.40 0.33 9.82
C ALA A 151 -13.41 1.05 11.17
N ILE A 152 -12.29 1.66 11.54
CA ILE A 152 -12.15 2.39 12.78
C ILE A 152 -13.08 3.61 12.80
N LEU A 153 -13.18 4.36 11.70
CA LEU A 153 -13.92 5.59 11.71
C LEU A 153 -15.43 5.39 11.55
N ASN A 154 -15.88 4.32 10.89
CA ASN A 154 -17.30 4.13 10.65
C ASN A 154 -18.01 3.29 11.71
N ASP A 155 -17.26 2.59 12.57
CA ASP A 155 -17.83 1.70 13.57
C ASP A 155 -17.68 2.30 14.98
N LEU A 156 -16.73 3.22 15.21
CA LEU A 156 -16.58 3.85 16.50
C LEU A 156 -17.31 5.19 16.57
N PHE A 157 -17.68 5.81 15.44
CA PHE A 157 -18.34 7.11 15.45
C PHE A 157 -19.80 7.07 14.98
N GLY A 158 -20.21 5.96 14.37
CA GLY A 158 -21.58 5.77 13.92
C GLY A 158 -21.95 6.66 12.72
N GLY A 159 -20.99 7.44 12.17
CA GLY A 159 -21.30 8.32 11.04
C GLY A 159 -20.08 8.88 10.28
N VAL A 160 -19.94 8.49 8.99
CA VAL A 160 -18.86 8.95 8.12
C VAL A 160 -19.32 9.07 6.65
N VAL A 161 -18.43 9.52 5.76
CA VAL A 161 -18.76 9.59 4.35
C VAL A 161 -17.56 9.20 3.48
N TYR A 162 -16.33 9.60 3.86
CA TYR A 162 -15.12 9.25 3.10
C TYR A 162 -13.89 9.28 3.99
N ALA A 163 -12.86 8.50 3.67
CA ALA A 163 -11.56 8.53 4.31
C ALA A 163 -10.48 8.23 3.28
N GLY A 164 -9.25 8.73 3.43
CA GLY A 164 -8.20 8.39 2.50
C GLY A 164 -6.79 8.81 2.93
N ILE A 165 -5.83 8.29 2.17
CA ILE A 165 -4.42 8.45 2.39
C ILE A 165 -3.90 9.70 1.63
N ASP A 166 -2.86 10.35 2.14
CA ASP A 166 -2.31 11.53 1.50
C ASP A 166 -1.20 11.08 0.54
N THR A 167 -1.58 10.45 -0.58
CA THR A 167 -0.61 9.94 -1.52
C THR A 167 -0.03 11.06 -2.35
N ASP A 168 1.16 10.87 -2.92
CA ASP A 168 1.69 11.82 -3.87
C ASP A 168 2.53 11.08 -4.90
N LYS A 169 2.79 11.69 -6.06
CA LYS A 169 3.50 11.07 -7.17
C LYS A 169 4.76 10.32 -6.70
N HIS A 170 4.66 8.99 -6.61
CA HIS A 170 5.76 8.05 -6.32
C HIS A 170 6.57 8.49 -5.10
N LYS A 171 5.87 8.95 -4.05
CA LYS A 171 6.47 9.31 -2.79
C LYS A 171 6.33 8.14 -1.80
N TYR A 172 5.52 7.14 -2.16
CA TYR A 172 5.37 5.90 -1.39
C TYR A 172 5.23 6.08 0.13
N PRO A 173 4.40 7.03 0.60
CA PRO A 173 4.18 7.33 2.00
C PRO A 173 3.37 6.20 2.66
N ILE A 174 2.16 5.88 2.18
CA ILE A 174 1.28 4.87 2.73
C ILE A 174 1.20 4.90 4.27
N GLY A 175 1.31 6.11 4.88
CA GLY A 175 1.38 6.22 6.34
C GLY A 175 0.79 7.56 6.82
N SER A 176 0.04 8.26 5.96
CA SER A 176 -0.61 9.51 6.34
C SER A 176 -1.89 9.71 5.51
N GLY A 177 -2.79 10.53 6.02
CA GLY A 177 -4.06 10.82 5.33
C GLY A 177 -5.01 11.71 6.14
N ARG A 178 -6.27 11.71 5.72
CA ARG A 178 -7.34 12.42 6.41
C ARG A 178 -8.65 11.68 6.30
N VAL A 179 -9.65 12.18 7.00
CA VAL A 179 -10.99 11.59 6.95
C VAL A 179 -11.97 12.74 6.92
N THR A 180 -13.07 12.58 6.17
CA THR A 180 -14.14 13.55 6.13
C THR A 180 -15.45 12.94 6.62
N PHE A 181 -16.29 13.82 7.16
CA PHE A 181 -17.56 13.45 7.77
C PHE A 181 -18.70 14.31 7.22
N ASN A 182 -19.89 14.03 7.72
CA ASN A 182 -21.04 14.87 7.47
C ASN A 182 -21.68 15.25 8.79
N ASN A 183 -21.09 14.80 9.90
CA ASN A 183 -21.60 14.97 11.25
C ASN A 183 -20.52 15.53 12.13
N GLN A 184 -20.92 16.05 13.31
CA GLN A 184 -19.91 16.48 14.27
C GLN A 184 -19.63 15.44 15.35
N ARG A 185 -20.45 14.39 15.50
CA ARG A 185 -20.24 13.40 16.55
C ARG A 185 -18.89 12.72 16.31
N SER A 186 -18.58 12.49 15.04
CA SER A 186 -17.31 11.91 14.66
C SER A 186 -16.20 12.96 14.69
N TYR A 187 -16.57 14.25 14.68
CA TYR A 187 -15.60 15.34 14.74
C TYR A 187 -14.98 15.48 16.13
N LEU A 188 -15.79 15.76 17.15
CA LEU A 188 -15.22 15.90 18.47
C LEU A 188 -14.75 14.56 19.07
N LYS A 189 -15.34 13.43 18.66
CA LYS A 189 -14.93 12.14 19.21
C LYS A 189 -13.61 11.68 18.56
N ALA A 190 -13.27 12.22 17.38
CA ALA A 190 -12.03 11.90 16.75
C ALA A 190 -10.86 12.59 17.43
N VAL A 191 -11.06 13.84 17.87
CA VAL A 191 -9.95 14.54 18.54
C VAL A 191 -9.83 14.17 20.01
N SER A 192 -10.85 13.49 20.56
CA SER A 192 -10.90 13.12 21.96
C SER A 192 -10.64 11.63 22.19
N ALA A 193 -10.57 10.84 21.11
CA ALA A 193 -10.10 9.46 21.19
C ALA A 193 -8.62 9.45 20.90
N ALA A 194 -8.24 10.10 19.80
CA ALA A 194 -6.88 10.36 19.34
C ALA A 194 -5.99 9.13 19.08
N PHE A 195 -6.38 7.95 19.57
CA PHE A 195 -5.58 6.75 19.42
C PHE A 195 -6.48 5.52 19.57
N VAL A 196 -6.28 4.49 18.74
CA VAL A 196 -6.94 3.20 18.96
C VAL A 196 -6.02 2.03 18.57
N GLU A 197 -6.33 0.85 19.13
CA GLU A 197 -5.62 -0.38 18.82
C GLU A 197 -6.48 -1.25 17.90
N ILE A 198 -5.88 -1.85 16.86
CA ILE A 198 -6.57 -2.89 16.08
C ILE A 198 -6.12 -4.25 16.56
N LYS A 199 -7.06 -5.13 16.87
CA LYS A 199 -6.74 -6.41 17.47
C LYS A 199 -7.36 -7.58 16.72
N THR A 200 -7.16 -7.62 15.41
CA THR A 200 -7.74 -8.66 14.55
C THR A 200 -6.98 -9.97 14.78
N THR A 201 -7.56 -11.06 14.29
CA THR A 201 -6.96 -12.38 14.47
C THR A 201 -5.68 -12.62 13.64
N LYS A 202 -5.26 -11.66 12.83
CA LYS A 202 -4.07 -11.75 12.00
C LYS A 202 -3.39 -10.37 11.81
N PHE A 203 -3.91 -9.34 12.49
CA PHE A 203 -3.43 -7.99 12.32
C PHE A 203 -3.50 -7.19 13.60
N THR A 204 -2.36 -6.62 14.02
CA THR A 204 -2.24 -5.92 15.30
C THR A 204 -1.43 -4.62 15.21
N LYS A 205 -2.06 -3.45 15.37
CA LYS A 205 -1.34 -2.18 15.35
C LYS A 205 -2.12 -1.06 16.01
N LYS A 206 -1.54 0.16 15.98
CA LYS A 206 -2.20 1.33 16.55
C LYS A 206 -2.26 2.45 15.51
N VAL A 207 -3.11 3.45 15.73
CA VAL A 207 -3.30 4.54 14.77
C VAL A 207 -3.53 5.85 15.53
N GLN A 208 -3.26 6.97 14.88
CA GLN A 208 -3.30 8.26 15.55
C GLN A 208 -4.12 9.26 14.76
N ILE A 209 -4.67 10.23 15.49
CA ILE A 209 -5.46 11.31 14.91
C ILE A 209 -4.95 12.62 15.49
N ASP A 210 -4.93 13.65 14.61
CA ASP A 210 -4.52 14.98 14.99
C ASP A 210 -5.40 16.07 14.36
N PRO A 211 -5.44 17.25 14.99
CA PRO A 211 -6.30 18.36 14.60
C PRO A 211 -6.06 18.91 13.19
N TYR A 212 -7.06 19.59 12.61
CA TYR A 212 -7.03 20.23 11.31
C TYR A 212 -7.39 21.71 11.44
N MET A 1 -8.56 3.55 24.12
CA MET A 1 -9.66 2.63 23.81
C MET A 1 -9.29 1.74 22.63
N THR A 2 -10.00 0.61 22.50
CA THR A 2 -9.89 -0.26 21.34
C THR A 2 -10.99 -1.33 21.36
N TRP A 3 -11.06 -2.13 20.30
CA TRP A 3 -11.96 -3.26 20.23
C TRP A 3 -11.26 -4.57 19.84
N SER A 4 -9.92 -4.58 19.95
CA SER A 4 -9.07 -5.74 19.66
C SER A 4 -9.21 -6.28 18.23
N GLY A 5 -9.58 -5.47 17.23
CA GLY A 5 -9.65 -5.95 15.86
C GLY A 5 -10.89 -6.80 15.62
N GLN A 6 -12.00 -6.13 15.33
CA GLN A 6 -13.24 -6.83 15.00
C GLN A 6 -13.43 -6.87 13.49
N LEU A 7 -12.56 -6.20 12.71
CA LEU A 7 -12.62 -6.17 11.26
C LEU A 7 -11.22 -6.47 10.69
N PRO A 8 -11.11 -7.49 9.81
CA PRO A 8 -9.90 -7.80 9.05
C PRO A 8 -9.77 -6.91 7.82
N PRO A 9 -8.70 -6.10 7.78
CA PRO A 9 -8.38 -5.21 6.67
C PRO A 9 -7.65 -5.95 5.55
N ARG A 10 -7.31 -5.20 4.49
CA ARG A 10 -6.58 -5.65 3.30
C ARG A 10 -6.99 -7.05 2.83
N ASN A 11 -8.23 -7.20 2.37
CA ASN A 11 -8.79 -8.46 1.89
C ASN A 11 -9.73 -8.21 0.70
N TYR A 12 -9.52 -7.12 -0.06
CA TYR A 12 -10.37 -6.76 -1.19
C TYR A 12 -9.96 -7.45 -2.49
N LYS A 13 -8.76 -7.14 -3.02
CA LYS A 13 -8.26 -7.73 -4.27
C LYS A 13 -9.24 -7.55 -5.43
N ASN A 14 -9.75 -6.31 -5.59
CA ASN A 14 -10.70 -6.02 -6.68
C ASN A 14 -10.21 -4.97 -7.70
N PRO A 15 -9.72 -3.81 -7.25
CA PRO A 15 -9.31 -2.69 -8.10
C PRO A 15 -7.99 -2.92 -8.84
N ILE A 16 -7.51 -1.85 -9.49
CA ILE A 16 -6.30 -1.82 -10.28
C ILE A 16 -5.21 -1.16 -9.48
N TYR A 17 -4.07 -0.91 -10.14
CA TYR A 17 -2.87 -0.39 -9.49
C TYR A 17 -2.71 1.08 -9.87
N SER A 18 -2.13 1.88 -8.97
CA SER A 18 -2.07 3.33 -9.18
C SER A 18 -0.76 3.99 -8.70
N CYS A 19 0.27 3.21 -8.40
CA CYS A 19 1.51 3.84 -7.93
C CYS A 19 2.69 2.89 -8.12
N LYS A 20 3.67 2.91 -7.22
CA LYS A 20 4.82 2.02 -7.25
C LYS A 20 4.39 0.57 -6.99
N VAL A 21 5.33 -0.35 -7.20
CA VAL A 21 5.11 -1.75 -6.89
C VAL A 21 6.39 -2.37 -6.39
N PHE A 22 6.25 -3.44 -5.62
CA PHE A 22 7.37 -4.12 -4.98
C PHE A 22 7.85 -5.27 -5.87
N LEU A 23 9.16 -5.40 -6.04
CA LEU A 23 9.73 -6.47 -6.83
C LEU A 23 11.07 -6.93 -6.26
N GLY A 24 11.15 -8.23 -5.93
CA GLY A 24 12.36 -8.82 -5.37
C GLY A 24 12.09 -10.05 -4.56
N GLY A 25 13.12 -10.54 -3.87
CA GLY A 25 13.06 -11.73 -3.01
C GLY A 25 14.32 -12.58 -3.11
N VAL A 26 15.34 -12.10 -3.83
CA VAL A 26 16.56 -12.82 -4.07
C VAL A 26 17.71 -12.43 -3.13
N PRO A 27 18.58 -13.38 -2.75
CA PRO A 27 19.73 -13.16 -1.92
C PRO A 27 20.86 -12.49 -2.73
N TRP A 28 20.76 -12.46 -4.06
CA TRP A 28 21.81 -11.83 -4.89
C TRP A 28 21.37 -10.43 -5.34
N ASP A 29 20.95 -10.30 -6.62
CA ASP A 29 20.70 -9.02 -7.27
C ASP A 29 21.84 -8.01 -7.00
N ILE A 30 23.06 -8.35 -7.41
CA ILE A 30 24.26 -7.60 -7.03
C ILE A 30 24.30 -6.23 -7.74
N THR A 31 23.53 -6.00 -8.81
CA THR A 31 23.34 -4.76 -9.48
C THR A 31 21.93 -4.81 -10.03
N GLU A 32 21.11 -3.78 -9.88
CA GLU A 32 19.69 -3.82 -10.35
C GLU A 32 19.52 -3.75 -11.83
N ALA A 33 20.59 -3.47 -12.59
CA ALA A 33 20.47 -3.32 -14.04
C ALA A 33 20.36 -4.65 -14.78
N GLY A 34 20.75 -5.75 -14.16
CA GLY A 34 20.72 -7.06 -14.78
C GLY A 34 19.27 -7.52 -14.86
N LEU A 35 18.55 -7.31 -13.74
CA LEU A 35 17.17 -7.74 -13.70
C LEU A 35 16.32 -6.87 -14.63
N VAL A 36 16.54 -5.55 -14.55
CA VAL A 36 15.78 -4.65 -15.37
C VAL A 36 16.08 -4.86 -16.86
N ASN A 37 17.34 -5.14 -17.22
CA ASN A 37 17.67 -5.40 -18.62
C ASN A 37 17.07 -6.72 -19.09
N THR A 38 16.65 -7.59 -18.17
CA THR A 38 15.96 -8.80 -18.55
C THR A 38 14.49 -8.52 -18.89
N PHE A 39 13.81 -7.56 -18.26
CA PHE A 39 12.43 -7.27 -18.60
C PHE A 39 12.17 -5.77 -18.53
N ARG A 40 12.58 -5.08 -19.59
CA ARG A 40 12.27 -3.67 -19.79
C ARG A 40 11.91 -3.35 -21.24
N VAL A 41 11.81 -4.34 -22.12
CA VAL A 41 11.64 -4.13 -23.56
C VAL A 41 10.30 -3.43 -23.85
N PHE A 42 9.47 -3.22 -22.82
CA PHE A 42 8.21 -2.48 -22.96
C PHE A 42 8.51 -0.98 -23.02
N GLY A 43 9.74 -0.57 -22.68
CA GLY A 43 10.19 0.82 -22.84
C GLY A 43 9.46 1.87 -22.00
N SER A 44 8.51 1.47 -21.15
CA SER A 44 7.71 2.41 -20.38
C SER A 44 8.02 2.28 -18.88
N LEU A 45 9.16 1.62 -18.53
CA LEU A 45 9.50 1.37 -17.14
C LEU A 45 10.95 1.66 -16.80
N SER A 46 11.18 1.95 -15.51
CA SER A 46 12.45 2.21 -14.87
C SER A 46 12.38 1.70 -13.40
N VAL A 47 13.40 2.00 -12.59
CA VAL A 47 13.52 1.39 -11.25
C VAL A 47 13.92 2.42 -10.18
N GLU A 48 13.49 2.21 -8.93
CA GLU A 48 13.71 3.17 -7.88
C GLU A 48 14.08 2.44 -6.57
N TRP A 49 15.17 2.84 -5.91
CA TRP A 49 15.58 2.19 -4.69
C TRP A 49 16.44 3.08 -3.81
N PRO A 50 16.42 2.85 -2.48
CA PRO A 50 17.17 3.60 -1.49
C PRO A 50 18.62 3.17 -1.64
N GLY A 51 19.50 4.09 -1.35
CA GLY A 51 20.93 3.95 -1.56
C GLY A 51 21.34 4.56 -2.90
N LYS A 52 20.37 4.96 -3.75
CA LYS A 52 20.63 5.60 -5.04
C LYS A 52 21.26 6.98 -4.84
N ASP A 53 21.12 7.52 -3.63
CA ASP A 53 21.65 8.82 -3.23
C ASP A 53 23.13 8.75 -2.85
N GLY A 54 23.73 7.55 -2.82
CA GLY A 54 25.14 7.34 -2.49
C GLY A 54 25.91 6.88 -3.73
N LYS A 55 27.20 6.58 -3.59
CA LYS A 55 28.05 6.10 -4.69
C LYS A 55 27.77 4.64 -5.04
N HIS A 56 28.24 4.25 -6.23
CA HIS A 56 28.11 2.93 -6.80
C HIS A 56 26.65 2.58 -7.09
N PRO A 57 26.39 1.83 -8.15
CA PRO A 57 25.08 1.35 -8.53
C PRO A 57 24.68 0.12 -7.72
N ARG A 58 25.35 -0.15 -6.59
CA ARG A 58 25.09 -1.32 -5.72
C ARG A 58 25.30 -0.99 -4.24
N CYS A 59 24.42 -1.51 -3.37
CA CYS A 59 24.54 -1.35 -1.93
C CYS A 59 23.71 -2.38 -1.13
N PRO A 60 22.47 -2.71 -1.47
CA PRO A 60 21.64 -3.61 -0.65
C PRO A 60 21.94 -5.08 -0.95
N PRO A 61 22.06 -5.94 0.08
CA PRO A 61 22.37 -7.35 -0.09
C PRO A 61 21.09 -8.17 -0.14
N LYS A 62 19.90 -7.55 -0.18
CA LYS A 62 18.60 -8.18 0.00
C LYS A 62 17.85 -8.28 -1.33
N GLY A 63 18.47 -7.92 -2.44
CA GLY A 63 17.79 -7.92 -3.74
C GLY A 63 16.34 -7.45 -3.76
N TYR A 64 15.95 -6.55 -2.86
CA TYR A 64 14.58 -6.08 -2.79
C TYR A 64 14.52 -4.58 -3.05
N VAL A 65 13.77 -4.20 -4.09
CA VAL A 65 13.60 -2.79 -4.50
C VAL A 65 12.23 -2.54 -5.09
N TYR A 66 11.95 -1.27 -5.40
CA TYR A 66 10.68 -0.87 -6.04
C TYR A 66 10.83 -0.68 -7.55
N LEU A 67 9.70 -0.55 -8.22
CA LEU A 67 9.64 -0.17 -9.63
C LEU A 67 8.75 1.07 -9.78
N VAL A 68 9.11 1.97 -10.72
CA VAL A 68 8.35 3.19 -11.05
C VAL A 68 8.21 3.27 -12.57
N PHE A 69 6.97 3.16 -13.07
CA PHE A 69 6.73 3.04 -14.50
C PHE A 69 5.26 3.29 -14.85
N GLU A 70 4.89 2.84 -16.05
CA GLU A 70 3.51 2.85 -16.51
C GLU A 70 2.74 2.05 -15.44
N LEU A 71 1.87 2.74 -14.72
CA LEU A 71 1.21 2.26 -13.52
C LEU A 71 -0.08 1.45 -13.74
N GLU A 72 -0.41 1.01 -14.95
CA GLU A 72 -1.61 0.20 -15.16
C GLU A 72 -1.37 -0.99 -16.08
N LYS A 73 -1.08 -0.75 -17.37
CA LYS A 73 -1.08 -1.84 -18.34
C LYS A 73 0.21 -2.65 -18.30
N SER A 74 1.35 -2.04 -17.97
CA SER A 74 2.58 -2.80 -17.87
C SER A 74 2.60 -3.54 -16.53
N VAL A 75 1.98 -2.98 -15.50
CA VAL A 75 1.98 -3.62 -14.17
C VAL A 75 1.25 -4.96 -14.24
N ARG A 76 0.00 -4.96 -14.69
CA ARG A 76 -0.80 -6.17 -14.72
C ARG A 76 -0.28 -7.18 -15.74
N SER A 77 0.36 -6.74 -16.85
CA SER A 77 0.91 -7.64 -17.87
C SER A 77 2.06 -8.51 -17.37
N LEU A 78 2.89 -8.03 -16.46
CA LEU A 78 3.94 -8.83 -15.86
C LEU A 78 3.35 -9.90 -14.96
N LEU A 79 2.45 -9.49 -14.06
CA LEU A 79 1.87 -10.40 -13.05
C LEU A 79 0.83 -11.33 -13.66
N GLN A 80 0.54 -11.15 -14.95
CA GLN A 80 -0.33 -12.07 -15.66
C GLN A 80 0.42 -12.77 -16.79
N ALA A 81 1.66 -12.33 -17.08
CA ALA A 81 2.52 -13.04 -18.02
C ALA A 81 3.05 -14.32 -17.38
N CYS A 82 3.28 -14.30 -16.06
CA CYS A 82 3.88 -15.43 -15.39
C CYS A 82 2.91 -16.10 -14.44
N SER A 83 2.89 -15.70 -13.15
CA SER A 83 2.18 -16.48 -12.13
C SER A 83 1.46 -15.64 -11.08
N HIS A 84 0.48 -16.29 -10.45
CA HIS A 84 -0.30 -15.76 -9.36
C HIS A 84 -0.85 -16.94 -8.52
N ASP A 85 -1.14 -16.67 -7.26
CA ASP A 85 -1.69 -17.65 -6.33
C ASP A 85 -2.71 -16.96 -5.39
N PRO A 86 -4.01 -17.19 -5.62
CA PRO A 86 -5.13 -16.57 -4.93
C PRO A 86 -5.44 -17.27 -3.62
N LEU A 87 -4.55 -18.15 -3.17
CA LEU A 87 -4.80 -18.99 -2.01
C LEU A 87 -5.09 -18.21 -0.72
N SER A 88 -4.61 -16.97 -0.61
CA SER A 88 -4.90 -16.10 0.54
C SER A 88 -4.78 -16.85 1.88
N PRO A 89 -3.55 -17.26 2.26
CA PRO A 89 -3.30 -18.09 3.42
C PRO A 89 -3.17 -17.28 4.72
N ASP A 90 -3.23 -15.95 4.61
CA ASP A 90 -3.22 -15.09 5.79
C ASP A 90 -4.14 -13.87 5.63
N GLY A 91 -4.51 -13.50 4.40
CA GLY A 91 -5.41 -12.39 4.15
C GLY A 91 -5.16 -11.69 2.82
N LEU A 92 -3.97 -11.86 2.27
CA LEU A 92 -3.58 -11.28 0.97
C LEU A 92 -3.04 -12.38 0.08
N SER A 93 -2.92 -12.10 -1.22
CA SER A 93 -2.44 -13.10 -2.15
C SER A 93 -0.98 -12.84 -2.54
N GLU A 94 -0.40 -13.71 -3.35
CA GLU A 94 1.02 -13.58 -3.75
C GLU A 94 1.15 -13.68 -5.27
N TYR A 95 1.88 -12.74 -5.88
CA TYR A 95 2.13 -12.79 -7.33
C TYR A 95 3.59 -13.14 -7.54
N TYR A 96 3.89 -13.77 -8.66
CA TYR A 96 5.24 -14.25 -8.94
C TYR A 96 5.65 -13.99 -10.36
N PHE A 97 6.97 -13.89 -10.51
CA PHE A 97 7.62 -13.73 -11.81
C PHE A 97 8.97 -14.45 -11.79
N LYS A 98 9.73 -14.46 -12.91
CA LYS A 98 11.06 -15.07 -12.90
C LYS A 98 11.93 -14.32 -13.91
N MET A 99 13.22 -14.20 -13.65
CA MET A 99 14.06 -13.31 -14.45
C MET A 99 15.46 -13.92 -14.66
N SER A 100 15.85 -14.95 -13.92
CA SER A 100 17.08 -15.65 -14.25
C SER A 100 16.84 -16.88 -15.12
N SER A 101 17.87 -17.33 -15.87
CA SER A 101 17.78 -18.43 -16.80
C SER A 101 18.91 -19.48 -16.65
N ARG A 102 20.15 -19.03 -16.40
CA ARG A 102 21.30 -19.91 -16.41
C ARG A 102 22.46 -19.48 -15.49
N ARG A 103 22.41 -18.23 -15.00
CA ARG A 103 23.54 -17.68 -14.26
C ARG A 103 23.36 -17.74 -12.73
N MET A 104 22.11 -17.86 -12.28
CA MET A 104 21.77 -18.03 -10.87
C MET A 104 20.82 -19.20 -10.65
N ARG A 105 20.45 -19.42 -9.37
CA ARG A 105 19.72 -20.63 -9.03
C ARG A 105 18.39 -20.36 -8.34
N CYS A 106 17.72 -19.24 -8.68
CA CYS A 106 16.49 -18.82 -8.00
C CYS A 106 15.29 -19.11 -8.87
N LYS A 107 15.40 -18.76 -10.16
CA LYS A 107 14.36 -19.00 -11.16
C LYS A 107 12.96 -18.46 -10.78
N GLU A 108 12.88 -17.53 -9.80
CA GLU A 108 11.61 -17.03 -9.30
C GLU A 108 11.79 -15.77 -8.44
N VAL A 109 10.80 -14.87 -8.48
CA VAL A 109 10.74 -13.67 -7.60
C VAL A 109 9.28 -13.33 -7.26
N GLN A 110 9.00 -12.57 -6.20
CA GLN A 110 7.62 -12.23 -5.84
C GLN A 110 7.29 -10.79 -6.08
N VAL A 111 5.98 -10.52 -6.23
CA VAL A 111 5.48 -9.20 -6.57
C VAL A 111 4.19 -8.85 -5.83
N ILE A 112 4.10 -7.57 -5.42
CA ILE A 112 2.88 -7.01 -4.87
C ILE A 112 2.87 -5.49 -5.20
N PRO A 113 1.76 -4.95 -5.73
CA PRO A 113 1.68 -3.57 -6.14
C PRO A 113 0.88 -2.69 -5.19
N TRP A 114 0.87 -1.37 -5.46
CA TRP A 114 -0.01 -0.44 -4.76
C TRP A 114 -1.38 -0.51 -5.43
N VAL A 115 -2.45 -0.78 -4.67
CA VAL A 115 -3.78 -0.91 -5.22
C VAL A 115 -4.54 0.40 -5.00
N LEU A 116 -5.49 0.72 -5.89
CA LEU A 116 -6.28 1.92 -5.81
C LEU A 116 -7.11 1.96 -4.53
N ALA A 117 -7.44 0.81 -3.97
CA ALA A 117 -8.12 0.78 -2.69
C ALA A 117 -7.19 1.19 -1.58
N ASP A 118 -5.88 1.07 -1.79
CA ASP A 118 -4.92 1.35 -0.72
C ASP A 118 -4.82 2.86 -0.47
N SER A 119 -5.43 3.66 -1.36
CA SER A 119 -5.33 5.12 -1.33
C SER A 119 -6.55 5.78 -0.65
N ASN A 120 -7.74 5.16 -0.78
CA ASN A 120 -8.99 5.74 -0.30
C ASN A 120 -10.03 4.67 -0.02
N PHE A 121 -11.03 5.05 0.76
CA PHE A 121 -12.19 4.23 1.06
C PHE A 121 -13.38 5.15 1.22
N VAL A 122 -14.45 4.85 0.49
CA VAL A 122 -15.65 5.68 0.49
C VAL A 122 -16.72 4.99 1.31
N ARG A 123 -17.47 5.78 2.08
CA ARG A 123 -18.64 5.28 2.80
C ARG A 123 -19.92 5.72 2.09
N SER A 124 -19.78 6.58 1.08
CA SER A 124 -20.88 7.16 0.33
C SER A 124 -20.54 7.14 -1.14
N PRO A 125 -20.95 6.09 -1.86
CA PRO A 125 -20.60 5.89 -3.26
C PRO A 125 -21.21 6.92 -4.20
N SER A 126 -22.14 7.73 -3.71
CA SER A 126 -22.81 8.78 -4.48
C SER A 126 -22.49 10.19 -3.99
N GLN A 127 -21.40 10.31 -3.23
CA GLN A 127 -20.88 11.56 -2.70
C GLN A 127 -19.35 11.57 -2.78
N ARG A 128 -18.72 12.71 -2.47
CA ARG A 128 -17.27 12.79 -2.58
C ARG A 128 -16.64 13.30 -1.28
N LEU A 129 -16.60 14.62 -1.10
CA LEU A 129 -15.87 15.22 -0.01
C LEU A 129 -16.49 16.55 0.42
N ASP A 130 -15.98 17.13 1.51
CA ASP A 130 -16.51 18.38 2.07
C ASP A 130 -15.39 19.41 2.20
N PRO A 131 -15.73 20.71 2.12
CA PRO A 131 -14.77 21.79 1.95
C PRO A 131 -14.13 22.24 3.27
N SER A 132 -14.69 21.88 4.43
CA SER A 132 -14.10 22.36 5.68
C SER A 132 -14.27 21.40 6.89
N ARG A 133 -14.78 20.18 6.67
CA ARG A 133 -15.05 19.30 7.78
C ARG A 133 -14.31 17.97 7.59
N THR A 134 -13.07 17.93 8.08
CA THR A 134 -12.22 16.76 7.97
C THR A 134 -11.26 16.77 9.14
N VAL A 135 -10.75 15.61 9.55
CA VAL A 135 -9.75 15.53 10.61
C VAL A 135 -8.48 14.85 10.11
N PHE A 136 -7.33 15.23 10.69
CA PHE A 136 -6.03 14.79 10.21
C PHE A 136 -5.62 13.51 10.92
N VAL A 137 -5.00 12.60 10.15
CA VAL A 137 -4.61 11.29 10.63
C VAL A 137 -3.15 11.02 10.26
N GLY A 138 -2.42 10.41 11.18
CA GLY A 138 -0.99 10.19 10.99
C GLY A 138 -0.42 9.18 12.00
N ALA A 139 0.89 9.16 12.13
CA ALA A 139 1.60 8.24 13.02
C ALA A 139 1.27 6.77 12.72
N LEU A 140 0.95 6.45 11.46
CA LEU A 140 0.55 5.11 11.08
C LEU A 140 1.79 4.19 11.02
N HIS A 141 1.56 2.89 10.87
CA HIS A 141 2.61 1.90 11.06
C HIS A 141 3.63 1.83 9.91
N GLY A 142 3.20 2.18 8.70
CA GLY A 142 4.10 2.30 7.56
C GLY A 142 3.49 1.95 6.19
N MET A 143 2.29 1.34 6.17
CA MET A 143 1.63 1.02 4.89
C MET A 143 0.13 0.87 5.03
N LEU A 144 -0.38 1.51 6.09
CA LEU A 144 -1.77 1.42 6.46
C LEU A 144 -2.71 1.51 5.23
N ASN A 145 -3.66 0.57 5.12
CA ASN A 145 -4.56 0.45 3.98
C ASN A 145 -5.97 0.94 4.34
N ALA A 146 -6.80 1.20 3.34
CA ALA A 146 -8.04 1.88 3.57
C ALA A 146 -9.12 1.05 4.25
N GLU A 147 -8.96 -0.28 4.36
CA GLU A 147 -9.93 -1.08 5.07
C GLU A 147 -9.65 -1.00 6.57
N ALA A 148 -8.39 -0.78 6.96
CA ALA A 148 -8.05 -0.54 8.36
C ALA A 148 -8.62 0.81 8.75
N LEU A 149 -8.59 1.75 7.80
CA LEU A 149 -9.13 3.07 8.04
C LEU A 149 -10.65 2.99 8.14
N ALA A 150 -11.25 2.13 7.31
CA ALA A 150 -12.68 1.92 7.34
C ALA A 150 -13.06 1.25 8.66
N ALA A 151 -12.16 0.42 9.23
CA ALA A 151 -12.48 -0.28 10.48
C ALA A 151 -12.61 0.73 11.63
N ILE A 152 -11.67 1.68 11.68
CA ILE A 152 -11.62 2.68 12.72
C ILE A 152 -12.64 3.77 12.46
N LEU A 153 -12.90 4.09 11.19
CA LEU A 153 -13.72 5.23 10.84
C LEU A 153 -15.16 4.87 10.54
N ASN A 154 -15.53 3.60 10.65
CA ASN A 154 -16.92 3.19 10.50
C ASN A 154 -17.42 2.44 11.74
N ASP A 155 -16.51 1.86 12.53
CA ASP A 155 -16.89 1.10 13.72
C ASP A 155 -16.46 1.75 15.06
N LEU A 156 -15.64 2.83 15.02
CA LEU A 156 -15.35 3.63 16.20
C LEU A 156 -15.73 5.10 16.02
N PHE A 157 -16.23 5.49 14.82
CA PHE A 157 -16.67 6.88 14.54
C PHE A 157 -18.18 6.91 14.35
N GLY A 158 -18.79 5.77 13.93
CA GLY A 158 -20.23 5.62 13.84
C GLY A 158 -20.85 6.11 12.53
N GLY A 159 -20.12 6.93 11.78
CA GLY A 159 -20.57 7.30 10.45
C GLY A 159 -19.73 8.37 9.76
N VAL A 160 -19.28 8.09 8.53
CA VAL A 160 -18.46 9.01 7.75
C VAL A 160 -18.90 9.06 6.28
N VAL A 161 -18.30 9.95 5.50
CA VAL A 161 -18.64 10.07 4.07
C VAL A 161 -17.48 9.67 3.18
N TYR A 162 -16.23 9.85 3.67
CA TYR A 162 -15.03 9.52 2.93
C TYR A 162 -13.86 9.34 3.87
N ALA A 163 -12.88 8.53 3.50
CA ALA A 163 -11.59 8.43 4.22
C ALA A 163 -10.44 8.14 3.24
N GLY A 164 -9.21 8.60 3.51
CA GLY A 164 -8.07 8.29 2.63
C GLY A 164 -6.73 8.81 3.11
N ILE A 165 -5.69 8.45 2.35
CA ILE A 165 -4.33 8.90 2.58
C ILE A 165 -3.89 9.74 1.39
N ASP A 166 -3.05 10.75 1.61
CA ASP A 166 -2.58 11.62 0.55
C ASP A 166 -1.34 11.05 -0.15
N THR A 167 -1.37 11.00 -1.48
CA THR A 167 -0.29 10.43 -2.26
C THR A 167 0.46 11.50 -3.06
N ASP A 168 1.59 11.08 -3.62
CA ASP A 168 2.40 11.87 -4.51
C ASP A 168 3.05 10.93 -5.53
N LYS A 169 3.63 11.48 -6.59
CA LYS A 169 4.18 10.68 -7.67
C LYS A 169 5.26 9.69 -7.17
N HIS A 170 4.87 8.44 -7.01
CA HIS A 170 5.78 7.34 -6.68
C HIS A 170 6.63 7.59 -5.43
N LYS A 171 6.11 8.35 -4.45
CA LYS A 171 6.92 8.65 -3.30
C LYS A 171 6.65 7.73 -2.10
N TYR A 172 5.67 6.83 -2.22
CA TYR A 172 5.24 5.89 -1.18
C TYR A 172 5.07 6.54 0.20
N PRO A 173 4.24 7.58 0.30
CA PRO A 173 4.06 8.27 1.55
C PRO A 173 3.35 7.33 2.55
N ILE A 174 2.12 6.91 2.18
CA ILE A 174 1.28 5.94 2.90
C ILE A 174 1.28 6.12 4.43
N GLY A 175 1.32 7.37 4.88
CA GLY A 175 1.51 7.65 6.31
C GLY A 175 0.94 8.97 6.78
N SER A 176 0.22 9.69 5.90
CA SER A 176 -0.39 10.95 6.23
C SER A 176 -1.69 11.15 5.43
N GLY A 177 -2.82 11.34 6.10
CA GLY A 177 -4.11 11.38 5.44
C GLY A 177 -5.18 12.11 6.28
N ARG A 178 -6.45 12.01 5.88
CA ARG A 178 -7.54 12.72 6.51
C ARG A 178 -8.85 11.93 6.33
N VAL A 179 -9.90 12.37 7.02
CA VAL A 179 -11.17 11.73 6.90
C VAL A 179 -12.25 12.79 6.95
N THR A 180 -13.30 12.57 6.15
CA THR A 180 -14.35 13.55 6.02
C THR A 180 -15.64 12.98 6.58
N PHE A 181 -16.41 13.82 7.28
CA PHE A 181 -17.73 13.51 7.79
C PHE A 181 -18.47 14.80 8.17
N ASN A 182 -19.79 14.68 8.20
CA ASN A 182 -20.68 15.81 8.43
C ASN A 182 -21.69 15.47 9.56
N ASN A 183 -21.30 14.47 10.37
CA ASN A 183 -22.02 14.15 11.58
C ASN A 183 -21.24 14.76 12.75
N GLN A 184 -21.92 15.24 13.78
CA GLN A 184 -21.21 15.90 14.84
C GLN A 184 -20.73 14.97 15.95
N ARG A 185 -21.41 13.82 16.18
CA ARG A 185 -21.04 12.97 17.31
C ARG A 185 -19.68 12.35 17.05
N SER A 186 -19.29 12.21 15.78
CA SER A 186 -18.03 11.60 15.42
C SER A 186 -16.93 12.65 15.56
N TYR A 187 -17.28 13.96 15.53
CA TYR A 187 -16.30 15.01 15.66
C TYR A 187 -15.74 15.08 17.09
N LEU A 188 -16.55 15.35 18.12
CA LEU A 188 -16.05 15.39 19.51
C LEU A 188 -15.65 14.03 20.09
N LYS A 189 -16.09 12.92 19.50
CA LYS A 189 -15.66 11.59 19.95
C LYS A 189 -14.23 11.30 19.48
N ALA A 190 -13.81 11.75 18.29
CA ALA A 190 -12.49 11.44 17.77
C ALA A 190 -11.43 12.38 18.39
N VAL A 191 -11.84 13.57 18.81
CA VAL A 191 -10.98 14.57 19.45
C VAL A 191 -10.81 14.19 20.92
N SER A 192 -11.83 13.57 21.52
CA SER A 192 -11.78 13.16 22.90
C SER A 192 -10.92 11.91 23.10
N ALA A 193 -10.81 11.01 22.11
CA ALA A 193 -10.03 9.80 22.28
C ALA A 193 -8.60 10.02 21.80
N ALA A 194 -8.47 10.59 20.59
CA ALA A 194 -7.23 11.03 19.94
C ALA A 194 -6.22 9.94 19.60
N PHE A 195 -6.38 8.74 20.15
CA PHE A 195 -5.45 7.65 19.93
C PHE A 195 -6.15 6.33 20.23
N VAL A 196 -5.79 5.25 19.54
CA VAL A 196 -6.22 3.92 19.95
C VAL A 196 -5.08 2.95 19.74
N GLU A 197 -5.13 1.82 20.46
CA GLU A 197 -4.16 0.73 20.32
C GLU A 197 -4.82 -0.49 19.71
N ILE A 198 -4.37 -0.93 18.53
CA ILE A 198 -4.93 -2.10 17.88
C ILE A 198 -4.26 -3.35 18.44
N LYS A 199 -5.08 -4.31 18.87
CA LYS A 199 -4.59 -5.52 19.49
C LYS A 199 -5.02 -6.76 18.69
N THR A 200 -5.11 -6.68 17.37
CA THR A 200 -5.42 -7.85 16.57
C THR A 200 -4.36 -8.94 16.79
N THR A 201 -4.76 -10.20 16.56
CA THR A 201 -3.91 -11.36 16.87
C THR A 201 -2.74 -11.53 15.89
N LYS A 202 -2.62 -10.63 14.92
CA LYS A 202 -1.47 -10.61 14.01
C LYS A 202 -1.08 -9.17 13.61
N PHE A 203 -1.57 -8.16 14.33
CA PHE A 203 -1.20 -6.76 14.11
C PHE A 203 -1.31 -6.03 15.46
N THR A 204 -0.22 -5.44 15.93
CA THR A 204 -0.22 -4.68 17.17
C THR A 204 0.49 -3.33 16.97
N LYS A 205 -0.29 -2.23 16.99
CA LYS A 205 0.23 -0.89 16.77
C LYS A 205 -0.80 0.13 17.29
N LYS A 206 -0.48 1.41 17.07
CA LYS A 206 -1.38 2.49 17.42
C LYS A 206 -1.72 3.32 16.17
N VAL A 207 -2.65 4.28 16.29
CA VAL A 207 -2.89 5.24 15.22
C VAL A 207 -3.26 6.54 15.91
N GLN A 208 -2.93 7.66 15.24
CA GLN A 208 -3.19 8.96 15.83
C GLN A 208 -4.22 9.80 15.08
N ILE A 209 -4.90 10.67 15.82
CA ILE A 209 -5.94 11.55 15.30
C ILE A 209 -5.65 12.97 15.79
N ASP A 210 -5.87 14.02 14.98
CA ASP A 210 -5.67 15.40 15.42
C ASP A 210 -6.79 16.34 14.95
N PRO A 211 -7.22 17.30 15.79
CA PRO A 211 -8.22 18.29 15.40
C PRO A 211 -7.72 19.08 14.20
N TYR A 212 -8.65 19.60 13.43
CA TYR A 212 -8.35 20.38 12.24
C TYR A 212 -8.57 21.88 12.52
N MET A 1 -10.06 3.84 22.77
CA MET A 1 -10.80 2.55 22.76
C MET A 1 -10.83 1.95 21.36
N THR A 2 -10.86 0.62 21.27
CA THR A 2 -10.95 -0.05 19.99
C THR A 2 -12.05 -1.10 19.97
N TRP A 3 -12.18 -1.79 18.84
CA TRP A 3 -13.12 -2.88 18.66
C TRP A 3 -12.45 -4.11 18.07
N SER A 4 -11.11 -4.22 18.14
CA SER A 4 -10.34 -5.38 17.72
C SER A 4 -10.55 -5.82 16.28
N GLY A 5 -10.90 -4.91 15.38
CA GLY A 5 -11.02 -5.23 13.96
C GLY A 5 -12.35 -5.91 13.65
N GLN A 6 -13.47 -5.16 13.67
CA GLN A 6 -14.79 -5.75 13.38
C GLN A 6 -15.06 -5.91 11.89
N LEU A 7 -14.32 -5.21 11.05
CA LEU A 7 -14.43 -5.29 9.60
C LEU A 7 -13.07 -5.67 9.04
N PRO A 8 -13.00 -6.72 8.20
CA PRO A 8 -11.79 -7.16 7.55
C PRO A 8 -11.59 -6.33 6.27
N PRO A 9 -10.39 -5.78 6.02
CA PRO A 9 -10.10 -5.10 4.76
C PRO A 9 -9.83 -6.07 3.61
N ARG A 10 -9.78 -7.38 3.88
CA ARG A 10 -9.59 -8.40 2.86
C ARG A 10 -10.92 -8.66 2.17
N ASN A 11 -11.00 -9.74 1.36
CA ASN A 11 -12.17 -9.99 0.52
C ASN A 11 -12.41 -8.83 -0.44
N TYR A 12 -11.33 -8.10 -0.80
CA TYR A 12 -11.34 -7.12 -1.89
C TYR A 12 -12.14 -7.61 -3.10
N LYS A 13 -12.82 -6.69 -3.80
CA LYS A 13 -13.64 -6.99 -4.98
C LYS A 13 -13.49 -5.92 -6.06
N ASN A 14 -12.49 -5.05 -5.96
CA ASN A 14 -12.32 -3.96 -6.91
C ASN A 14 -10.84 -3.71 -7.24
N PRO A 15 -9.98 -4.71 -7.16
CA PRO A 15 -8.54 -4.49 -7.25
C PRO A 15 -8.12 -3.98 -8.62
N ILE A 16 -7.58 -2.77 -8.64
CA ILE A 16 -7.03 -2.11 -9.82
C ILE A 16 -5.84 -1.30 -9.29
N TYR A 17 -4.84 -1.02 -10.11
CA TYR A 17 -3.59 -0.42 -9.62
C TYR A 17 -3.54 0.97 -10.20
N SER A 18 -2.96 1.92 -9.45
CA SER A 18 -3.07 3.32 -9.83
C SER A 18 -1.88 4.24 -9.46
N CYS A 19 -0.77 3.68 -8.96
CA CYS A 19 0.39 4.49 -8.60
C CYS A 19 1.68 3.82 -9.04
N LYS A 20 2.08 2.78 -8.32
CA LYS A 20 3.33 2.07 -8.57
C LYS A 20 3.22 0.65 -8.01
N VAL A 21 4.36 -0.06 -7.97
CA VAL A 21 4.43 -1.44 -7.48
C VAL A 21 5.71 -1.58 -6.64
N PHE A 22 5.66 -2.52 -5.69
CA PHE A 22 6.75 -2.83 -4.78
C PHE A 22 7.50 -4.07 -5.27
N LEU A 23 8.81 -4.10 -5.03
CA LEU A 23 9.66 -5.23 -5.40
C LEU A 23 10.83 -5.28 -4.42
N GLY A 24 11.18 -6.48 -3.94
CA GLY A 24 12.41 -6.66 -3.19
C GLY A 24 12.36 -7.88 -2.26
N GLY A 25 13.41 -8.02 -1.44
CA GLY A 25 13.55 -9.15 -0.55
C GLY A 25 14.90 -9.84 -0.79
N VAL A 26 15.72 -9.33 -1.71
CA VAL A 26 17.04 -9.85 -1.97
C VAL A 26 18.03 -9.38 -0.89
N PRO A 27 18.76 -10.30 -0.24
CA PRO A 27 19.76 -10.00 0.80
C PRO A 27 21.14 -9.59 0.25
N TRP A 28 21.27 -9.44 -1.08
CA TRP A 28 22.51 -8.97 -1.70
C TRP A 28 22.29 -8.00 -2.85
N ASP A 29 21.39 -8.36 -3.78
CA ASP A 29 21.12 -7.71 -5.07
C ASP A 29 22.32 -7.58 -6.00
N ILE A 30 23.49 -7.22 -5.47
CA ILE A 30 24.71 -6.95 -6.21
C ILE A 30 24.65 -5.89 -7.34
N THR A 31 23.71 -5.93 -8.28
CA THR A 31 23.54 -4.83 -9.22
C THR A 31 22.07 -4.77 -9.63
N GLU A 32 21.49 -3.55 -9.67
CA GLU A 32 20.05 -3.44 -9.91
C GLU A 32 19.75 -3.67 -11.39
N ALA A 33 20.73 -3.47 -12.25
CA ALA A 33 20.55 -3.68 -13.67
C ALA A 33 20.36 -5.16 -13.97
N GLY A 34 20.66 -6.07 -13.02
CA GLY A 34 20.56 -7.50 -13.26
C GLY A 34 19.13 -7.98 -13.36
N LEU A 35 18.47 -8.04 -12.19
CA LEU A 35 17.12 -8.53 -12.12
C LEU A 35 16.19 -7.62 -12.93
N VAL A 36 16.45 -6.31 -12.91
CA VAL A 36 15.56 -5.43 -13.67
C VAL A 36 15.53 -5.87 -15.13
N ASN A 37 16.69 -6.05 -15.74
CA ASN A 37 16.77 -6.41 -17.13
C ASN A 37 16.35 -7.86 -17.39
N THR A 38 16.14 -8.62 -16.30
CA THR A 38 15.68 -10.00 -16.37
C THR A 38 14.20 -10.08 -16.64
N PHE A 39 13.44 -9.04 -16.26
CA PHE A 39 12.01 -8.95 -16.54
C PHE A 39 11.62 -7.61 -17.18
N ARG A 40 12.59 -6.86 -17.72
CA ARG A 40 12.33 -5.63 -18.48
C ARG A 40 12.35 -5.98 -19.97
N VAL A 41 12.93 -7.15 -20.32
CA VAL A 41 12.97 -7.62 -21.72
C VAL A 41 11.58 -8.02 -22.24
N PHE A 42 10.59 -8.11 -21.36
CA PHE A 42 9.21 -8.41 -21.73
C PHE A 42 8.26 -7.53 -20.96
N GLY A 43 8.84 -6.62 -20.16
CA GLY A 43 8.05 -5.78 -19.28
C GLY A 43 7.99 -4.34 -19.80
N SER A 44 6.84 -3.74 -19.45
CA SER A 44 6.64 -2.30 -19.62
C SER A 44 6.74 -1.65 -18.24
N LEU A 45 7.98 -1.37 -17.80
CA LEU A 45 8.28 -0.78 -16.50
C LEU A 45 9.54 0.07 -16.50
N SER A 46 9.76 0.77 -15.39
CA SER A 46 10.96 1.55 -15.14
C SER A 46 11.22 1.42 -13.65
N VAL A 47 12.42 1.80 -13.18
CA VAL A 47 12.79 1.64 -11.77
C VAL A 47 13.32 2.92 -11.13
N GLU A 48 13.13 3.07 -9.81
CA GLU A 48 13.64 4.21 -9.05
C GLU A 48 14.11 3.69 -7.69
N TRP A 49 15.21 4.29 -7.21
CA TRP A 49 15.83 3.92 -5.95
C TRP A 49 15.00 4.40 -4.77
N PRO A 50 15.08 3.73 -3.62
CA PRO A 50 14.38 4.13 -2.41
C PRO A 50 15.03 5.33 -1.72
N GLY A 51 16.30 5.65 -2.02
CA GLY A 51 16.89 6.85 -1.48
C GLY A 51 18.22 7.31 -2.09
N LYS A 52 18.82 6.56 -3.02
CA LYS A 52 20.08 6.92 -3.69
C LYS A 52 21.19 7.10 -2.64
N ASP A 53 21.86 6.02 -2.27
CA ASP A 53 23.02 6.05 -1.41
C ASP A 53 24.22 6.63 -2.18
N GLY A 54 25.27 7.00 -1.44
CA GLY A 54 26.42 7.71 -2.01
C GLY A 54 27.30 6.82 -2.88
N LYS A 55 27.76 5.69 -2.34
CA LYS A 55 28.67 4.84 -3.09
C LYS A 55 27.89 3.84 -3.95
N HIS A 56 28.54 3.34 -5.01
CA HIS A 56 27.99 2.30 -5.87
C HIS A 56 26.51 2.52 -6.23
N PRO A 57 26.21 3.61 -6.92
CA PRO A 57 24.88 3.93 -7.38
C PRO A 57 24.27 2.83 -8.28
N ARG A 58 24.98 1.71 -8.51
CA ARG A 58 24.45 0.62 -9.32
C ARG A 58 23.70 -0.40 -8.47
N CYS A 59 23.79 -0.27 -7.13
CA CYS A 59 23.27 -1.23 -6.15
C CYS A 59 22.69 -0.49 -4.95
N PRO A 60 21.45 -0.82 -4.54
CA PRO A 60 20.78 -0.26 -3.35
C PRO A 60 21.47 -0.72 -2.06
N PRO A 61 21.29 0.08 -1.00
CA PRO A 61 21.80 -0.17 0.32
C PRO A 61 20.95 -1.24 1.03
N LYS A 62 19.87 -1.71 0.38
CA LYS A 62 18.93 -2.71 0.93
C LYS A 62 18.31 -3.55 -0.19
N GLY A 63 17.45 -4.50 0.21
CA GLY A 63 16.84 -5.41 -0.75
C GLY A 63 15.57 -4.87 -1.39
N TYR A 64 15.22 -3.60 -1.17
CA TYR A 64 13.97 -3.05 -1.66
C TYR A 64 14.16 -1.92 -2.70
N VAL A 65 13.16 -1.77 -3.58
CA VAL A 65 13.11 -0.79 -4.66
C VAL A 65 11.66 -0.64 -5.13
N TYR A 66 11.41 0.39 -5.93
CA TYR A 66 10.07 0.61 -6.48
C TYR A 66 10.10 0.64 -7.98
N LEU A 67 9.03 0.21 -8.67
CA LEU A 67 8.99 0.28 -10.10
C LEU A 67 7.79 1.11 -10.50
N VAL A 68 7.96 1.80 -11.62
CA VAL A 68 7.04 2.80 -12.12
C VAL A 68 6.86 2.63 -13.62
N PHE A 69 6.48 3.73 -14.30
CA PHE A 69 6.17 3.70 -15.71
C PHE A 69 4.76 3.12 -15.87
N GLU A 70 4.49 2.05 -16.65
CA GLU A 70 3.08 1.65 -16.80
C GLU A 70 2.55 1.20 -15.45
N LEU A 71 1.31 1.57 -15.12
CA LEU A 71 0.69 1.40 -13.81
C LEU A 71 -0.74 0.86 -13.84
N GLU A 72 -1.17 0.44 -15.02
CA GLU A 72 -2.45 -0.22 -15.17
C GLU A 72 -2.36 -1.54 -15.92
N LYS A 73 -2.42 -1.48 -17.26
CA LYS A 73 -2.47 -2.66 -18.08
C LYS A 73 -1.24 -3.54 -17.93
N SER A 74 -0.08 -2.96 -17.64
CA SER A 74 1.12 -3.74 -17.63
C SER A 74 1.51 -4.13 -16.20
N VAL A 75 1.15 -3.40 -15.15
CA VAL A 75 1.44 -3.84 -13.79
C VAL A 75 0.67 -5.16 -13.53
N ARG A 76 -0.48 -5.33 -14.21
CA ARG A 76 -1.27 -6.55 -14.05
C ARG A 76 -0.77 -7.72 -14.94
N SER A 77 -0.24 -7.37 -16.11
CA SER A 77 0.23 -8.37 -17.07
C SER A 77 1.67 -8.77 -16.83
N LEU A 78 2.46 -7.80 -16.42
CA LEU A 78 3.86 -7.98 -16.05
C LEU A 78 3.96 -8.80 -14.76
N LEU A 79 3.09 -8.57 -13.75
CA LEU A 79 3.10 -9.37 -12.54
C LEU A 79 2.66 -10.81 -12.82
N GLN A 80 1.63 -11.03 -13.66
CA GLN A 80 1.19 -12.38 -13.99
C GLN A 80 2.08 -13.12 -15.00
N ALA A 81 3.05 -12.42 -15.57
CA ALA A 81 4.06 -13.00 -16.42
C ALA A 81 5.20 -13.49 -15.51
N CYS A 82 5.31 -12.78 -14.38
CA CYS A 82 6.13 -13.23 -13.28
C CYS A 82 5.32 -14.30 -12.55
N SER A 83 5.87 -14.73 -11.45
CA SER A 83 5.27 -15.79 -10.64
C SER A 83 4.15 -15.25 -9.75
N HIS A 84 3.20 -16.14 -9.46
CA HIS A 84 2.05 -15.79 -8.65
C HIS A 84 1.63 -16.94 -7.73
N ASP A 85 1.02 -16.60 -6.61
CA ASP A 85 0.50 -17.60 -5.73
C ASP A 85 -0.97 -17.31 -5.45
N PRO A 86 -1.89 -18.17 -5.96
CA PRO A 86 -3.30 -18.12 -5.64
C PRO A 86 -3.55 -18.77 -4.26
N LEU A 87 -2.72 -18.43 -3.27
CA LEU A 87 -2.80 -18.97 -1.92
C LEU A 87 -4.03 -18.44 -1.20
N SER A 88 -4.60 -17.32 -1.70
CA SER A 88 -5.81 -16.74 -1.12
C SER A 88 -6.52 -15.86 -2.18
N PRO A 89 -7.08 -16.48 -3.21
CA PRO A 89 -7.78 -15.80 -4.29
C PRO A 89 -9.03 -15.03 -3.89
N ASP A 90 -9.44 -15.15 -2.61
CA ASP A 90 -10.61 -14.48 -2.08
C ASP A 90 -10.17 -13.59 -0.90
N GLY A 91 -8.87 -13.56 -0.57
CA GLY A 91 -8.29 -12.76 0.51
C GLY A 91 -7.12 -11.93 0.02
N LEU A 92 -7.09 -11.60 -1.27
CA LEU A 92 -5.96 -10.99 -1.93
C LEU A 92 -4.74 -11.95 -1.97
N SER A 93 -4.13 -12.05 -3.16
CA SER A 93 -3.05 -12.99 -3.39
C SER A 93 -1.70 -12.29 -3.47
N GLU A 94 -0.64 -13.08 -3.67
CA GLU A 94 0.75 -12.57 -3.58
C GLU A 94 1.54 -12.92 -4.82
N TYR A 95 2.48 -12.05 -5.22
CA TYR A 95 3.32 -12.36 -6.35
C TYR A 95 4.77 -12.46 -5.92
N TYR A 96 5.53 -13.18 -6.72
CA TYR A 96 6.96 -13.37 -6.49
C TYR A 96 7.66 -13.60 -7.83
N PHE A 97 9.00 -13.67 -7.85
CA PHE A 97 9.73 -14.09 -9.04
C PHE A 97 11.08 -14.69 -8.64
N LYS A 98 11.73 -15.38 -9.61
CA LYS A 98 12.95 -16.12 -9.36
C LYS A 98 14.04 -15.74 -10.36
N MET A 99 14.35 -14.44 -10.40
CA MET A 99 15.32 -13.80 -11.27
C MET A 99 16.71 -14.39 -11.19
N SER A 100 16.95 -15.22 -10.17
CA SER A 100 18.24 -15.90 -10.02
C SER A 100 18.27 -17.23 -10.77
N SER A 101 19.39 -17.57 -11.45
CA SER A 101 19.47 -18.83 -12.18
C SER A 101 20.93 -19.25 -12.46
N ARG A 102 21.85 -18.29 -12.62
CA ARG A 102 23.25 -18.55 -12.98
C ARG A 102 24.20 -17.58 -12.28
N ARG A 103 23.78 -16.34 -11.98
CA ARG A 103 24.67 -15.40 -11.29
C ARG A 103 24.58 -15.56 -9.77
N MET A 104 23.39 -15.89 -9.30
CA MET A 104 23.12 -16.14 -7.87
C MET A 104 22.04 -17.19 -7.81
N ARG A 105 21.87 -17.75 -6.60
CA ARG A 105 20.87 -18.77 -6.34
C ARG A 105 20.65 -18.87 -4.82
N CYS A 106 19.80 -18.01 -4.25
CA CYS A 106 19.55 -18.03 -2.81
C CYS A 106 18.09 -17.94 -2.48
N LYS A 107 17.43 -16.82 -2.83
CA LYS A 107 16.06 -16.59 -2.44
C LYS A 107 15.33 -15.75 -3.51
N GLU A 108 14.08 -16.12 -3.76
CA GLU A 108 13.15 -15.45 -4.65
C GLU A 108 12.75 -14.06 -4.15
N VAL A 109 12.21 -13.22 -5.04
CA VAL A 109 11.82 -11.85 -4.68
C VAL A 109 10.29 -11.78 -4.61
N GLN A 110 9.75 -10.82 -3.83
CA GLN A 110 8.30 -10.66 -3.66
C GLN A 110 7.78 -9.40 -4.38
N VAL A 111 6.48 -9.39 -4.72
CA VAL A 111 5.88 -8.31 -5.50
C VAL A 111 4.46 -7.99 -5.04
N ILE A 112 4.14 -6.71 -4.86
CA ILE A 112 2.78 -6.27 -4.63
C ILE A 112 2.55 -4.90 -5.25
N PRO A 113 1.47 -4.72 -6.00
CA PRO A 113 1.16 -3.46 -6.64
C PRO A 113 0.46 -2.52 -5.67
N TRP A 114 0.38 -1.23 -6.02
CA TRP A 114 -0.39 -0.26 -5.25
C TRP A 114 -1.84 -0.31 -5.69
N VAL A 115 -2.73 -0.73 -4.80
CA VAL A 115 -4.15 -0.86 -5.13
C VAL A 115 -4.85 0.49 -4.98
N LEU A 116 -5.89 0.68 -5.79
CA LEU A 116 -6.71 1.89 -5.75
C LEU A 116 -7.41 2.01 -4.40
N ALA A 117 -7.52 0.87 -3.71
CA ALA A 117 -8.08 0.78 -2.34
C ALA A 117 -7.12 1.24 -1.25
N ASP A 118 -5.92 1.70 -1.60
CA ASP A 118 -4.99 2.23 -0.62
C ASP A 118 -4.89 3.75 -0.74
N SER A 119 -5.60 4.36 -1.69
CA SER A 119 -5.61 5.81 -1.90
C SER A 119 -6.88 6.47 -1.37
N ASN A 120 -8.04 5.80 -1.49
CA ASN A 120 -9.26 6.42 -1.02
C ASN A 120 -10.38 5.39 -0.83
N PHE A 121 -11.34 5.68 0.07
CA PHE A 121 -12.53 4.85 0.22
C PHE A 121 -13.76 5.67 0.60
N VAL A 122 -14.94 5.22 0.16
CA VAL A 122 -16.21 5.80 0.58
C VAL A 122 -17.15 4.75 1.16
N ARG A 123 -17.90 5.17 2.17
CA ARG A 123 -18.94 4.36 2.74
C ARG A 123 -20.21 4.54 1.90
N SER A 124 -20.29 5.67 1.20
CA SER A 124 -21.43 6.03 0.37
C SER A 124 -20.97 6.84 -0.84
N PRO A 125 -21.50 6.58 -2.05
CA PRO A 125 -21.15 7.36 -3.25
C PRO A 125 -22.07 8.59 -3.41
N SER A 126 -23.04 8.73 -2.51
CA SER A 126 -24.10 9.72 -2.62
C SER A 126 -23.66 11.11 -2.09
N GLN A 127 -22.43 11.21 -1.59
CA GLN A 127 -21.94 12.45 -1.00
C GLN A 127 -20.56 12.81 -1.55
N ARG A 128 -20.08 13.99 -1.15
CA ARG A 128 -18.77 14.52 -1.57
C ARG A 128 -17.92 14.97 -0.38
N LEU A 129 -16.63 15.20 -0.65
CA LEU A 129 -15.64 15.58 0.33
C LEU A 129 -15.89 17.01 0.80
N ASP A 130 -15.37 17.34 2.00
CA ASP A 130 -15.47 18.70 2.51
C ASP A 130 -14.07 19.34 2.47
N PRO A 131 -13.95 20.57 1.98
CA PRO A 131 -12.68 21.26 1.80
C PRO A 131 -12.15 21.85 3.12
N SER A 132 -12.93 21.83 4.21
CA SER A 132 -12.56 22.47 5.45
C SER A 132 -12.95 21.71 6.73
N ARG A 133 -13.55 20.52 6.59
CA ARG A 133 -14.01 19.69 7.72
C ARG A 133 -13.44 18.28 7.62
N THR A 134 -12.14 18.12 7.87
CA THR A 134 -11.49 16.81 7.88
C THR A 134 -10.43 16.82 8.97
N VAL A 135 -9.93 15.65 9.35
CA VAL A 135 -8.82 15.57 10.31
C VAL A 135 -7.73 14.68 9.77
N PHE A 136 -6.51 14.85 10.28
CA PHE A 136 -5.33 14.18 9.75
C PHE A 136 -5.05 12.85 10.47
N VAL A 137 -4.72 11.80 9.70
CA VAL A 137 -4.41 10.47 10.24
C VAL A 137 -2.96 10.11 9.93
N GLY A 138 -2.33 9.39 10.88
CA GLY A 138 -0.92 9.03 10.75
C GLY A 138 -0.55 7.88 11.68
N ALA A 139 0.76 7.76 11.93
CA ALA A 139 1.33 6.69 12.75
C ALA A 139 1.08 5.32 12.16
N LEU A 140 1.08 5.20 10.82
CA LEU A 140 0.74 3.97 10.14
C LEU A 140 2.00 3.16 9.95
N HIS A 141 1.83 1.90 9.54
CA HIS A 141 2.95 0.98 9.43
C HIS A 141 3.51 0.93 7.99
N GLY A 142 3.16 1.90 7.16
CA GLY A 142 3.80 2.05 5.86
C GLY A 142 3.19 1.22 4.73
N MET A 143 2.00 0.65 4.91
CA MET A 143 1.30 -0.05 3.81
C MET A 143 -0.19 -0.18 4.11
N LEU A 144 -0.73 0.55 5.07
CA LEU A 144 -2.14 0.42 5.40
C LEU A 144 -3.00 0.91 4.25
N ASN A 145 -4.11 0.19 4.04
CA ASN A 145 -5.04 0.47 2.98
C ASN A 145 -6.28 1.22 3.51
N ALA A 146 -7.17 1.61 2.59
CA ALA A 146 -8.31 2.45 2.92
C ALA A 146 -9.52 1.66 3.44
N GLU A 147 -9.57 0.34 3.21
CA GLU A 147 -10.64 -0.42 3.81
C GLU A 147 -10.32 -0.58 5.28
N ALA A 148 -9.03 -0.63 5.62
CA ALA A 148 -8.64 -0.72 7.01
C ALA A 148 -8.80 0.63 7.70
N LEU A 149 -8.52 1.71 6.97
CA LEU A 149 -8.61 3.06 7.50
C LEU A 149 -10.07 3.42 7.73
N ALA A 150 -10.93 3.04 6.80
CA ALA A 150 -12.33 3.41 6.85
C ALA A 150 -13.08 2.61 7.91
N ALA A 151 -12.66 1.37 8.10
CA ALA A 151 -13.27 0.52 9.11
C ALA A 151 -13.09 1.15 10.49
N ILE A 152 -11.90 1.67 10.77
CA ILE A 152 -11.62 2.24 12.06
C ILE A 152 -12.51 3.47 12.33
N LEU A 153 -12.61 4.37 11.35
CA LEU A 153 -13.24 5.65 11.57
C LEU A 153 -14.75 5.61 11.34
N ASN A 154 -15.26 4.75 10.47
CA ASN A 154 -16.69 4.73 10.16
C ASN A 154 -17.46 3.78 11.06
N ASP A 155 -16.79 2.93 11.82
CA ASP A 155 -17.51 2.04 12.72
C ASP A 155 -17.27 2.46 14.16
N LEU A 156 -16.17 3.17 14.45
CA LEU A 156 -15.89 3.57 15.81
C LEU A 156 -16.57 4.87 16.18
N PHE A 157 -17.00 5.67 15.21
CA PHE A 157 -17.69 6.93 15.50
C PHE A 157 -19.10 6.93 14.94
N GLY A 158 -19.38 6.09 13.95
CA GLY A 158 -20.66 6.05 13.29
C GLY A 158 -20.98 7.20 12.30
N GLY A 159 -20.33 8.36 12.47
CA GLY A 159 -20.64 9.56 11.72
C GLY A 159 -19.68 9.84 10.58
N VAL A 160 -19.34 8.85 9.72
CA VAL A 160 -18.31 9.06 8.72
C VAL A 160 -18.71 8.61 7.33
N VAL A 161 -18.32 9.35 6.30
CA VAL A 161 -18.77 9.07 4.92
C VAL A 161 -17.61 8.70 3.99
N TYR A 162 -16.41 9.14 4.33
CA TYR A 162 -15.24 8.88 3.51
C TYR A 162 -14.01 8.86 4.40
N ALA A 163 -12.99 8.09 3.98
CA ALA A 163 -11.68 8.04 4.59
C ALA A 163 -10.64 7.76 3.53
N GLY A 164 -9.49 8.43 3.57
CA GLY A 164 -8.48 8.24 2.55
C GLY A 164 -7.07 8.71 2.93
N ILE A 165 -6.07 8.12 2.26
CA ILE A 165 -4.68 8.48 2.45
C ILE A 165 -4.24 9.31 1.25
N ASP A 166 -3.37 10.31 1.45
CA ASP A 166 -2.97 11.17 0.36
C ASP A 166 -1.71 10.65 -0.31
N THR A 167 -1.54 10.88 -1.61
CA THR A 167 -0.39 10.40 -2.35
C THR A 167 0.29 11.54 -3.09
N ASP A 168 1.48 11.25 -3.62
CA ASP A 168 2.23 12.14 -4.46
C ASP A 168 2.78 11.31 -5.63
N LYS A 169 3.54 11.91 -6.54
CA LYS A 169 4.10 11.19 -7.68
C LYS A 169 5.24 10.26 -7.23
N HIS A 170 4.87 9.02 -6.90
CA HIS A 170 5.79 7.92 -6.67
C HIS A 170 6.66 8.15 -5.44
N LYS A 171 6.14 8.92 -4.48
CA LYS A 171 6.85 9.26 -3.26
C LYS A 171 6.66 8.23 -2.11
N TYR A 172 5.94 7.14 -2.37
CA TYR A 172 5.71 6.07 -1.39
C TYR A 172 5.32 6.59 0.00
N PRO A 173 4.37 7.51 0.14
CA PRO A 173 3.99 8.04 1.43
C PRO A 173 3.27 7.01 2.30
N ILE A 174 2.02 6.64 1.92
CA ILE A 174 1.11 5.70 2.60
C ILE A 174 1.14 5.87 4.14
N GLY A 175 1.50 7.07 4.62
CA GLY A 175 1.74 7.34 6.03
C GLY A 175 1.07 8.65 6.49
N SER A 176 0.33 9.28 5.60
CA SER A 176 -0.35 10.57 5.90
C SER A 176 -1.64 10.68 5.12
N GLY A 177 -2.75 11.03 5.79
CA GLY A 177 -4.05 11.10 5.18
C GLY A 177 -5.04 11.94 5.98
N ARG A 178 -6.33 11.79 5.67
CA ARG A 178 -7.42 12.53 6.33
C ARG A 178 -8.72 11.67 6.34
N VAL A 179 -9.81 12.23 6.88
CA VAL A 179 -11.10 11.58 6.91
C VAL A 179 -12.20 12.64 6.85
N THR A 180 -13.23 12.39 6.06
CA THR A 180 -14.32 13.32 5.90
C THR A 180 -15.53 12.81 6.65
N PHE A 181 -16.02 13.59 7.61
CA PHE A 181 -17.10 13.19 8.49
C PHE A 181 -18.42 13.71 7.95
N ASN A 182 -18.38 14.90 7.33
CA ASN A 182 -19.58 15.61 6.91
C ASN A 182 -20.44 16.08 8.07
N ASN A 183 -20.06 15.75 9.32
CA ASN A 183 -20.76 16.19 10.49
C ASN A 183 -19.81 16.29 11.67
N GLN A 184 -20.31 16.69 12.84
CA GLN A 184 -19.49 17.04 13.99
C GLN A 184 -19.24 15.86 14.94
N ARG A 185 -20.12 14.85 15.00
CA ARG A 185 -20.03 13.78 15.97
C ARG A 185 -18.70 13.04 15.90
N SER A 186 -18.19 12.77 14.70
CA SER A 186 -16.90 12.08 14.57
C SER A 186 -15.70 12.99 14.76
N TYR A 187 -15.89 14.31 14.81
CA TYR A 187 -14.77 15.21 15.07
C TYR A 187 -14.41 15.17 16.56
N LEU A 188 -15.37 15.43 17.46
CA LEU A 188 -15.05 15.50 18.89
C LEU A 188 -14.77 14.11 19.47
N LYS A 189 -15.29 13.05 18.84
CA LYS A 189 -15.02 11.69 19.28
C LYS A 189 -13.65 11.21 18.83
N ALA A 190 -13.18 11.60 17.64
CA ALA A 190 -11.92 11.11 17.12
C ALA A 190 -10.76 11.67 17.93
N VAL A 191 -10.89 12.90 18.47
CA VAL A 191 -9.86 13.48 19.31
C VAL A 191 -9.93 12.96 20.73
N SER A 192 -11.12 12.52 21.14
CA SER A 192 -11.31 11.93 22.45
C SER A 192 -10.73 10.52 22.44
N ALA A 193 -10.65 9.88 21.28
CA ALA A 193 -9.99 8.58 21.16
C ALA A 193 -8.45 8.70 20.95
N ALA A 194 -8.02 9.50 19.97
CA ALA A 194 -6.63 9.83 19.64
C ALA A 194 -5.73 8.64 19.24
N PHE A 195 -6.09 7.43 19.64
CA PHE A 195 -5.33 6.23 19.33
C PHE A 195 -6.19 4.98 19.48
N VAL A 196 -5.96 3.98 18.61
CA VAL A 196 -6.63 2.70 18.72
C VAL A 196 -5.70 1.56 18.34
N GLU A 197 -6.04 0.37 18.82
CA GLU A 197 -5.25 -0.82 18.53
C GLU A 197 -6.04 -1.79 17.66
N ILE A 198 -5.39 -2.27 16.59
CA ILE A 198 -5.95 -3.38 15.80
C ILE A 198 -5.57 -4.67 16.51
N LYS A 199 -6.54 -5.52 16.86
CA LYS A 199 -6.27 -6.75 17.59
C LYS A 199 -6.77 -7.97 16.79
N THR A 200 -6.73 -7.89 15.46
CA THR A 200 -7.29 -8.92 14.59
C THR A 200 -6.55 -10.23 14.83
N THR A 201 -7.21 -11.37 14.54
CA THR A 201 -6.69 -12.70 14.78
C THR A 201 -5.41 -13.02 14.00
N LYS A 202 -5.04 -12.18 13.04
CA LYS A 202 -3.84 -12.37 12.22
C LYS A 202 -3.12 -11.05 11.85
N PHE A 203 -3.54 -9.91 12.42
CA PHE A 203 -2.98 -8.58 12.16
C PHE A 203 -3.05 -7.74 13.43
N THR A 204 -1.99 -7.00 13.77
CA THR A 204 -1.92 -6.20 15.00
C THR A 204 -1.14 -4.89 14.78
N LYS A 205 -1.75 -3.76 15.11
CA LYS A 205 -1.07 -2.45 15.06
C LYS A 205 -1.83 -1.33 15.76
N LYS A 206 -1.36 -0.08 15.58
CA LYS A 206 -1.98 1.12 16.14
C LYS A 206 -2.11 2.16 15.03
N VAL A 207 -2.92 3.18 15.29
CA VAL A 207 -3.07 4.31 14.40
C VAL A 207 -3.33 5.56 15.24
N GLN A 208 -3.05 6.74 14.66
CA GLN A 208 -3.18 7.98 15.42
C GLN A 208 -4.06 9.02 14.71
N ILE A 209 -4.77 9.84 15.50
CA ILE A 209 -5.63 10.90 15.01
C ILE A 209 -5.08 12.23 15.48
N ASP A 210 -5.12 13.25 14.58
CA ASP A 210 -4.67 14.59 14.89
C ASP A 210 -5.50 15.62 14.10
N PRO A 211 -6.09 16.58 14.79
CA PRO A 211 -6.82 17.66 14.17
C PRO A 211 -5.87 18.72 13.63
N TYR A 212 -6.40 19.69 12.87
CA TYR A 212 -5.62 20.79 12.33
C TYR A 212 -5.56 21.99 13.28
N MET A 1 -8.36 4.32 23.41
CA MET A 1 -9.73 3.88 23.05
C MET A 1 -9.74 2.58 22.25
N THR A 2 -9.24 1.51 22.87
CA THR A 2 -9.18 0.19 22.26
C THR A 2 -10.62 -0.37 22.13
N TRP A 3 -10.84 -1.22 21.14
CA TRP A 3 -12.16 -1.80 20.94
C TRP A 3 -12.16 -3.17 20.27
N SER A 4 -11.01 -3.61 19.75
CA SER A 4 -10.84 -4.91 19.12
C SER A 4 -11.96 -5.21 18.14
N GLY A 5 -12.18 -4.26 17.24
CA GLY A 5 -13.32 -4.31 16.35
C GLY A 5 -13.26 -5.48 15.38
N GLN A 6 -12.06 -6.01 15.08
CA GLN A 6 -11.90 -7.18 14.21
C GLN A 6 -12.57 -7.01 12.84
N LEU A 7 -12.57 -5.76 12.32
CA LEU A 7 -13.10 -5.46 11.01
C LEU A 7 -12.26 -6.19 9.93
N PRO A 8 -12.84 -6.42 8.74
CA PRO A 8 -12.20 -7.02 7.58
C PRO A 8 -11.71 -6.01 6.52
N PRO A 9 -10.68 -5.17 6.75
CA PRO A 9 -10.05 -4.36 5.71
C PRO A 9 -9.54 -5.24 4.56
N ARG A 10 -9.20 -4.63 3.42
CA ARG A 10 -8.68 -5.28 2.22
C ARG A 10 -9.62 -6.33 1.60
N ASN A 11 -10.92 -6.21 1.84
CA ASN A 11 -11.91 -7.21 1.44
C ASN A 11 -12.25 -7.08 -0.06
N TYR A 12 -11.53 -6.23 -0.80
CA TYR A 12 -11.81 -5.90 -2.18
C TYR A 12 -11.42 -7.05 -3.11
N LYS A 13 -12.06 -7.09 -4.29
CA LYS A 13 -11.82 -8.14 -5.28
C LYS A 13 -11.88 -7.52 -6.66
N ASN A 14 -11.74 -6.20 -6.73
CA ASN A 14 -11.98 -5.42 -7.92
C ASN A 14 -10.83 -4.43 -8.12
N PRO A 15 -9.57 -4.86 -7.93
CA PRO A 15 -8.42 -3.99 -7.88
C PRO A 15 -8.04 -3.41 -9.25
N ILE A 16 -7.33 -2.27 -9.17
CA ILE A 16 -6.76 -1.48 -10.25
C ILE A 16 -5.49 -0.90 -9.64
N TYR A 17 -4.45 -0.58 -10.43
CA TYR A 17 -3.17 -0.09 -9.89
C TYR A 17 -2.95 1.36 -10.29
N SER A 18 -2.23 2.11 -9.45
CA SER A 18 -2.05 3.53 -9.72
C SER A 18 -0.78 4.14 -9.09
N CYS A 19 0.12 3.38 -8.48
CA CYS A 19 1.32 3.99 -7.89
C CYS A 19 2.46 2.97 -7.81
N LYS A 20 3.53 3.31 -7.10
CA LYS A 20 4.70 2.48 -6.87
C LYS A 20 4.33 1.04 -6.54
N VAL A 21 5.19 0.13 -7.00
CA VAL A 21 5.05 -1.30 -6.73
C VAL A 21 6.31 -1.82 -6.05
N PHE A 22 6.16 -2.70 -5.05
CA PHE A 22 7.29 -3.15 -4.28
C PHE A 22 7.87 -4.39 -4.94
N LEU A 23 9.20 -4.43 -4.97
CA LEU A 23 9.94 -5.59 -5.43
C LEU A 23 10.96 -5.97 -4.35
N GLY A 24 10.97 -7.22 -3.88
CA GLY A 24 11.98 -7.65 -2.91
C GLY A 24 11.87 -9.14 -2.65
N GLY A 25 13.00 -9.70 -2.22
CA GLY A 25 13.19 -11.11 -1.99
C GLY A 25 14.55 -11.53 -2.50
N VAL A 26 15.41 -10.58 -2.86
CA VAL A 26 16.73 -10.89 -3.40
C VAL A 26 17.83 -10.28 -2.52
N PRO A 27 18.08 -10.86 -1.33
CA PRO A 27 19.08 -10.34 -0.41
C PRO A 27 20.48 -10.69 -0.92
N TRP A 28 20.57 -11.29 -2.11
CA TRP A 28 21.87 -11.64 -2.68
C TRP A 28 22.18 -10.89 -3.96
N ASP A 29 21.21 -10.19 -4.56
CA ASP A 29 21.48 -9.55 -5.83
C ASP A 29 22.66 -8.56 -5.69
N ILE A 30 23.59 -8.60 -6.59
CA ILE A 30 24.81 -7.79 -6.48
C ILE A 30 24.85 -6.65 -7.50
N THR A 31 24.16 -6.82 -8.66
CA THR A 31 24.11 -5.80 -9.71
C THR A 31 22.71 -5.67 -10.28
N GLU A 32 22.12 -4.49 -10.15
CA GLU A 32 20.77 -4.22 -10.64
C GLU A 32 20.67 -4.30 -12.15
N ALA A 33 21.77 -4.12 -12.88
CA ALA A 33 21.71 -4.14 -14.34
C ALA A 33 21.13 -5.47 -14.87
N GLY A 34 21.51 -6.59 -14.24
CA GLY A 34 21.16 -7.91 -14.72
C GLY A 34 19.66 -8.17 -14.70
N LEU A 35 19.03 -8.17 -13.53
CA LEU A 35 17.60 -8.38 -13.48
C LEU A 35 16.80 -7.22 -14.07
N VAL A 36 17.35 -6.02 -14.16
CA VAL A 36 16.58 -4.92 -14.66
C VAL A 36 16.39 -5.14 -16.13
N ASN A 37 17.53 -5.36 -16.80
CA ASN A 37 17.55 -5.59 -18.22
C ASN A 37 16.95 -6.96 -18.58
N THR A 38 16.75 -7.83 -17.59
CA THR A 38 16.05 -9.10 -17.81
C THR A 38 14.54 -8.94 -17.85
N PHE A 39 14.02 -7.85 -17.26
CA PHE A 39 12.57 -7.59 -17.32
C PHE A 39 12.25 -6.17 -17.72
N ARG A 40 13.16 -5.52 -18.45
CA ARG A 40 12.92 -4.18 -18.96
C ARG A 40 12.83 -4.19 -20.49
N VAL A 41 13.48 -5.14 -21.16
CA VAL A 41 13.58 -5.13 -22.60
C VAL A 41 12.27 -5.56 -23.23
N PHE A 42 11.30 -6.04 -22.45
CA PHE A 42 10.03 -6.47 -23.00
C PHE A 42 8.82 -5.70 -22.41
N GLY A 43 9.06 -4.55 -21.76
CA GLY A 43 7.98 -3.84 -21.09
C GLY A 43 8.20 -2.33 -21.03
N SER A 44 7.08 -1.61 -20.95
CA SER A 44 7.06 -0.14 -20.82
C SER A 44 7.40 0.35 -19.42
N LEU A 45 8.20 -0.41 -18.68
CA LEU A 45 8.47 -0.09 -17.30
C LEU A 45 9.92 0.41 -17.08
N SER A 46 10.17 1.03 -15.93
CA SER A 46 11.47 1.51 -15.55
C SER A 46 11.62 1.25 -14.05
N VAL A 47 12.87 1.43 -13.56
CA VAL A 47 13.24 0.97 -12.21
C VAL A 47 13.83 2.08 -11.36
N GLU A 48 13.70 1.96 -10.04
CA GLU A 48 14.20 2.95 -9.12
C GLU A 48 15.01 2.23 -8.06
N TRP A 49 16.24 2.72 -7.84
CA TRP A 49 17.18 2.11 -6.91
C TRP A 49 17.88 3.11 -5.97
N PRO A 50 17.12 3.97 -5.29
CA PRO A 50 17.60 5.09 -4.48
C PRO A 50 18.16 4.61 -3.14
N GLY A 51 18.71 3.40 -3.16
CA GLY A 51 19.22 2.77 -1.95
C GLY A 51 20.70 3.09 -1.77
N LYS A 52 21.48 3.03 -2.86
CA LYS A 52 22.88 3.40 -2.92
C LYS A 52 23.30 3.77 -4.34
N ASP A 53 23.97 4.93 -4.47
CA ASP A 53 24.51 5.40 -5.72
C ASP A 53 25.98 5.70 -5.60
N GLY A 54 26.70 5.63 -6.72
CA GLY A 54 28.12 5.88 -6.81
C GLY A 54 28.59 5.75 -8.26
N LYS A 55 29.85 5.38 -8.48
CA LYS A 55 30.40 5.22 -9.81
C LYS A 55 29.93 3.90 -10.40
N HIS A 56 29.42 2.98 -9.58
CA HIS A 56 28.83 1.72 -10.05
C HIS A 56 27.76 1.20 -9.06
N PRO A 57 26.59 0.76 -9.55
CA PRO A 57 25.48 0.26 -8.76
C PRO A 57 25.65 -1.22 -8.33
N ARG A 58 26.84 -1.60 -7.89
CA ARG A 58 27.15 -3.01 -7.64
C ARG A 58 27.33 -3.31 -6.14
N CYS A 59 26.92 -2.42 -5.23
CA CYS A 59 27.05 -2.62 -3.79
C CYS A 59 25.85 -2.10 -2.94
N PRO A 60 24.58 -2.20 -3.39
CA PRO A 60 23.44 -1.71 -2.58
C PRO A 60 23.38 -2.56 -1.30
N PRO A 61 22.94 -1.98 -0.17
CA PRO A 61 22.90 -2.62 1.11
C PRO A 61 21.73 -3.56 1.29
N LYS A 62 20.70 -3.49 0.42
CA LYS A 62 19.62 -4.46 0.46
C LYS A 62 18.98 -4.60 -0.92
N GLY A 63 18.04 -5.51 -1.03
CA GLY A 63 17.45 -5.87 -2.29
C GLY A 63 16.09 -5.21 -2.52
N TYR A 64 15.52 -4.56 -1.50
CA TYR A 64 14.23 -3.90 -1.63
C TYR A 64 14.33 -2.63 -2.46
N VAL A 65 13.57 -2.57 -3.54
CA VAL A 65 13.46 -1.41 -4.42
C VAL A 65 12.12 -1.47 -5.15
N TYR A 66 11.88 -0.54 -6.08
CA TYR A 66 10.57 -0.36 -6.67
C TYR A 66 10.59 -0.27 -8.18
N LEU A 67 9.39 -0.41 -8.75
CA LEU A 67 9.18 -0.18 -10.18
C LEU A 67 8.19 0.97 -10.43
N VAL A 68 8.42 1.67 -11.55
CA VAL A 68 7.58 2.71 -12.06
C VAL A 68 7.24 2.27 -13.46
N PHE A 69 6.02 2.54 -13.92
CA PHE A 69 5.50 1.95 -15.14
C PHE A 69 4.18 2.51 -15.62
N GLU A 70 3.73 2.00 -16.75
CA GLU A 70 2.35 2.21 -17.20
C GLU A 70 1.50 1.68 -16.07
N LEU A 71 0.45 2.42 -15.72
CA LEU A 71 -0.36 2.15 -14.55
C LEU A 71 -1.30 0.99 -14.69
N GLU A 72 -1.51 0.43 -15.86
CA GLU A 72 -2.49 -0.65 -16.03
C GLU A 72 -2.02 -1.82 -16.86
N LYS A 73 -1.38 -1.50 -17.98
CA LYS A 73 -1.08 -2.49 -19.00
C LYS A 73 0.20 -3.25 -18.69
N SER A 74 1.28 -2.55 -18.38
CA SER A 74 2.52 -3.21 -18.03
C SER A 74 2.44 -3.86 -16.65
N VAL A 75 1.57 -3.35 -15.79
CA VAL A 75 1.43 -3.91 -14.45
C VAL A 75 0.83 -5.31 -14.52
N ARG A 76 -0.39 -5.41 -15.09
CA ARG A 76 -1.10 -6.69 -15.19
C ARG A 76 -0.36 -7.64 -16.14
N SER A 77 0.46 -7.10 -17.08
CA SER A 77 1.20 -7.93 -18.02
C SER A 77 2.33 -8.68 -17.33
N LEU A 78 3.12 -8.02 -16.46
CA LEU A 78 4.26 -8.68 -15.82
C LEU A 78 3.72 -9.79 -14.92
N LEU A 79 2.83 -9.45 -13.95
CA LEU A 79 2.45 -10.44 -12.94
C LEU A 79 1.39 -11.42 -13.40
N GLN A 80 0.85 -11.34 -14.63
CA GLN A 80 -0.03 -12.35 -15.17
C GLN A 80 0.78 -13.22 -16.12
N ALA A 81 2.05 -12.85 -16.37
CA ALA A 81 3.02 -13.66 -17.07
C ALA A 81 3.90 -14.46 -16.06
N CYS A 82 4.01 -13.97 -14.82
CA CYS A 82 4.83 -14.59 -13.78
C CYS A 82 3.90 -15.48 -12.95
N SER A 83 3.98 -15.41 -11.62
CA SER A 83 3.22 -16.34 -10.76
C SER A 83 2.46 -15.55 -9.71
N HIS A 84 1.49 -16.20 -9.04
CA HIS A 84 0.63 -15.58 -8.03
C HIS A 84 0.28 -16.61 -6.92
N ASP A 85 -0.05 -16.16 -5.72
CA ASP A 85 -0.54 -17.03 -4.67
C ASP A 85 -1.74 -16.43 -3.93
N PRO A 86 -2.83 -17.22 -3.86
CA PRO A 86 -4.00 -16.96 -3.02
C PRO A 86 -3.64 -17.52 -1.63
N LEU A 87 -2.42 -17.20 -1.14
CA LEU A 87 -1.94 -17.78 0.12
C LEU A 87 -2.71 -17.32 1.33
N SER A 88 -3.39 -16.16 1.31
CA SER A 88 -4.16 -15.67 2.45
C SER A 88 -5.24 -14.72 1.91
N PRO A 89 -6.23 -15.23 1.17
CA PRO A 89 -7.29 -14.45 0.53
C PRO A 89 -8.24 -13.77 1.50
N ASP A 90 -7.97 -13.80 2.80
CA ASP A 90 -8.81 -13.15 3.78
C ASP A 90 -8.54 -11.64 3.79
N GLY A 91 -7.63 -11.17 2.93
CA GLY A 91 -7.28 -9.76 2.84
C GLY A 91 -5.86 -9.53 2.30
N LEU A 92 -5.20 -10.59 1.84
CA LEU A 92 -3.85 -10.49 1.34
C LEU A 92 -3.71 -11.33 0.08
N SER A 93 -2.73 -10.93 -0.74
CA SER A 93 -2.41 -11.53 -2.01
C SER A 93 -0.95 -11.25 -2.22
N GLU A 94 -0.23 -12.20 -2.85
CA GLU A 94 1.16 -11.96 -3.19
C GLU A 94 1.52 -12.59 -4.54
N TYR A 95 2.39 -11.90 -5.27
CA TYR A 95 2.77 -12.26 -6.61
C TYR A 95 4.26 -12.54 -6.63
N TYR A 96 4.76 -13.37 -7.56
CA TYR A 96 6.14 -13.82 -7.54
C TYR A 96 6.69 -14.00 -8.96
N PHE A 97 8.00 -13.97 -9.09
CA PHE A 97 8.66 -14.26 -10.36
C PHE A 97 10.09 -14.73 -10.07
N LYS A 98 10.78 -15.21 -11.10
CA LYS A 98 12.06 -15.89 -10.96
C LYS A 98 13.05 -15.23 -11.93
N MET A 99 13.11 -13.90 -11.80
CA MET A 99 13.91 -13.04 -12.66
C MET A 99 15.42 -13.36 -12.63
N SER A 100 15.84 -14.36 -11.85
CA SER A 100 17.22 -14.83 -11.86
C SER A 100 17.38 -15.93 -12.89
N SER A 101 18.35 -15.75 -13.80
CA SER A 101 18.55 -16.68 -14.91
C SER A 101 20.03 -16.78 -15.25
N ARG A 102 20.46 -18.01 -15.59
CA ARG A 102 21.82 -18.33 -16.03
C ARG A 102 22.91 -17.79 -15.09
N ARG A 103 22.62 -17.54 -13.80
CA ARG A 103 23.65 -17.06 -12.89
C ARG A 103 23.44 -17.58 -11.46
N MET A 104 22.20 -17.60 -10.94
CA MET A 104 21.88 -18.26 -9.67
C MET A 104 20.84 -19.37 -9.88
N ARG A 105 20.01 -19.22 -10.92
CA ARG A 105 18.97 -20.16 -11.33
C ARG A 105 17.94 -20.45 -10.25
N CYS A 106 18.04 -19.81 -9.09
CA CYS A 106 17.19 -20.11 -7.94
C CYS A 106 16.73 -18.85 -7.22
N LYS A 107 15.78 -19.06 -6.28
CA LYS A 107 15.09 -18.06 -5.50
C LYS A 107 14.25 -17.12 -6.38
N GLU A 108 12.93 -17.08 -6.11
CA GLU A 108 11.98 -16.15 -6.66
C GLU A 108 11.82 -14.92 -5.77
N VAL A 109 11.28 -13.85 -6.35
CA VAL A 109 11.10 -12.57 -5.68
C VAL A 109 9.59 -12.27 -5.57
N GLN A 110 9.14 -11.66 -4.48
CA GLN A 110 7.73 -11.28 -4.31
C GLN A 110 7.46 -9.88 -4.83
N VAL A 111 6.20 -9.62 -5.22
CA VAL A 111 5.82 -8.33 -5.73
C VAL A 111 4.44 -7.95 -5.15
N ILE A 112 4.24 -6.69 -4.77
CA ILE A 112 2.93 -6.17 -4.33
C ILE A 112 2.76 -4.71 -4.73
N PRO A 113 1.77 -4.44 -5.58
CA PRO A 113 1.51 -3.12 -6.09
C PRO A 113 0.63 -2.27 -5.18
N TRP A 114 0.63 -0.95 -5.38
CA TRP A 114 -0.31 -0.07 -4.73
C TRP A 114 -1.65 -0.15 -5.47
N VAL A 115 -2.73 -0.54 -4.78
CA VAL A 115 -4.06 -0.71 -5.33
C VAL A 115 -4.86 0.60 -5.20
N LEU A 116 -5.71 0.87 -6.19
CA LEU A 116 -6.53 2.08 -6.20
C LEU A 116 -7.38 2.21 -4.95
N ALA A 117 -7.65 1.09 -4.25
CA ALA A 117 -8.48 1.09 -3.07
C ALA A 117 -7.77 1.64 -1.83
N ASP A 118 -6.44 1.72 -1.89
CA ASP A 118 -5.63 2.29 -0.83
C ASP A 118 -5.50 3.80 -0.98
N SER A 119 -5.67 4.30 -2.21
CA SER A 119 -5.54 5.75 -2.51
C SER A 119 -6.73 6.48 -1.87
N ASN A 120 -7.92 5.86 -1.95
CA ASN A 120 -9.13 6.36 -1.31
C ASN A 120 -10.19 5.26 -1.23
N PHE A 121 -11.08 5.43 -0.24
CA PHE A 121 -12.18 4.53 0.01
C PHE A 121 -13.36 5.40 0.41
N VAL A 122 -14.27 5.67 -0.52
CA VAL A 122 -15.50 6.36 -0.18
C VAL A 122 -16.50 5.37 0.40
N ARG A 123 -17.29 5.80 1.39
CA ARG A 123 -18.22 4.91 2.09
C ARG A 123 -19.59 4.87 1.44
N SER A 124 -19.91 5.85 0.61
CA SER A 124 -21.20 5.89 -0.09
C SER A 124 -20.99 6.43 -1.52
N PRO A 125 -21.61 5.81 -2.54
CA PRO A 125 -21.49 6.26 -3.93
C PRO A 125 -22.37 7.47 -4.27
N SER A 126 -23.08 8.02 -3.27
CA SER A 126 -24.06 9.08 -3.50
C SER A 126 -23.62 10.45 -2.97
N GLN A 127 -22.35 10.59 -2.58
CA GLN A 127 -21.79 11.82 -2.01
C GLN A 127 -20.33 12.03 -2.33
N ARG A 128 -19.86 13.26 -2.14
CA ARG A 128 -18.44 13.66 -2.31
C ARG A 128 -17.96 14.33 -1.05
N LEU A 129 -16.72 14.83 -1.07
CA LEU A 129 -16.03 15.51 0.02
C LEU A 129 -16.79 16.72 0.57
N ASP A 130 -16.37 17.19 1.75
CA ASP A 130 -17.01 18.31 2.43
C ASP A 130 -15.90 19.20 2.96
N PRO A 131 -16.13 20.53 2.98
CA PRO A 131 -15.07 21.49 3.31
C PRO A 131 -14.76 21.55 4.82
N SER A 132 -13.49 21.32 5.16
CA SER A 132 -12.94 21.45 6.51
C SER A 132 -13.63 20.52 7.52
N ARG A 133 -14.18 19.41 7.03
CA ARG A 133 -14.97 18.48 7.84
C ARG A 133 -14.25 17.14 7.94
N THR A 134 -12.94 17.21 8.17
CA THR A 134 -12.04 16.04 8.14
C THR A 134 -11.10 16.10 9.32
N VAL A 135 -10.46 14.95 9.62
CA VAL A 135 -9.42 14.86 10.61
C VAL A 135 -8.24 14.13 10.03
N PHE A 136 -7.07 14.45 10.55
CA PHE A 136 -5.86 13.82 10.09
C PHE A 136 -5.63 12.47 10.73
N VAL A 137 -4.97 11.58 9.98
CA VAL A 137 -4.51 10.29 10.51
C VAL A 137 -3.04 10.09 10.11
N GLY A 138 -2.24 9.61 11.07
CA GLY A 138 -0.81 9.46 10.86
C GLY A 138 -0.11 8.68 11.98
N ALA A 139 1.22 8.69 11.92
CA ALA A 139 2.10 8.03 12.85
C ALA A 139 1.79 6.52 13.01
N LEU A 140 1.03 5.95 12.06
CA LEU A 140 0.77 4.54 11.98
C LEU A 140 1.95 3.83 11.33
N HIS A 141 1.87 2.49 11.27
CA HIS A 141 2.95 1.61 10.88
C HIS A 141 3.23 1.53 9.38
N GLY A 142 3.02 2.61 8.64
CA GLY A 142 3.32 2.65 7.22
C GLY A 142 2.30 1.91 6.37
N MET A 143 1.09 1.64 6.90
CA MET A 143 0.01 1.08 6.09
C MET A 143 -1.34 1.70 6.44
N LEU A 144 -2.08 1.04 7.34
CA LEU A 144 -3.46 1.39 7.66
C LEU A 144 -4.23 1.78 6.38
N ASN A 145 -4.49 0.81 5.50
CA ASN A 145 -5.20 1.09 4.25
C ASN A 145 -6.55 1.76 4.52
N ALA A 146 -7.19 2.28 3.46
CA ALA A 146 -8.37 3.12 3.62
C ALA A 146 -9.57 2.35 4.21
N GLU A 147 -9.56 1.01 4.21
CA GLU A 147 -10.65 0.21 4.81
C GLU A 147 -10.36 0.02 6.29
N ALA A 148 -9.08 0.07 6.67
CA ALA A 148 -8.72 0.00 8.09
C ALA A 148 -8.91 1.36 8.74
N LEU A 149 -8.80 2.40 7.92
CA LEU A 149 -9.05 3.77 8.36
C LEU A 149 -10.59 3.89 8.59
N ALA A 150 -11.38 3.50 7.58
CA ALA A 150 -12.84 3.54 7.70
C ALA A 150 -13.32 2.64 8.84
N ALA A 151 -12.55 1.60 9.17
CA ALA A 151 -12.96 0.63 10.19
C ALA A 151 -12.93 1.25 11.58
N ILE A 152 -11.92 2.05 11.86
CA ILE A 152 -11.78 2.68 13.16
C ILE A 152 -12.91 3.69 13.36
N LEU A 153 -13.25 4.48 12.33
CA LEU A 153 -14.16 5.59 12.52
C LEU A 153 -15.62 5.18 12.36
N ASN A 154 -15.94 4.23 11.48
CA ASN A 154 -17.33 3.83 11.28
C ASN A 154 -17.80 2.89 12.37
N ASP A 155 -16.86 2.20 13.02
CA ASP A 155 -17.27 1.28 14.07
C ASP A 155 -17.38 1.99 15.41
N LEU A 156 -16.60 3.07 15.61
CA LEU A 156 -16.70 3.84 16.84
C LEU A 156 -17.75 4.96 16.75
N PHE A 157 -18.14 5.35 15.53
CA PHE A 157 -19.21 6.30 15.32
C PHE A 157 -20.15 5.86 14.20
N GLY A 158 -19.67 5.70 12.97
CA GLY A 158 -20.50 5.20 11.86
C GLY A 158 -21.05 6.25 10.89
N GLY A 159 -21.02 7.54 11.27
CA GLY A 159 -21.54 8.61 10.47
C GLY A 159 -20.52 9.13 9.45
N VAL A 160 -20.07 8.23 8.58
CA VAL A 160 -19.02 8.64 7.67
C VAL A 160 -19.49 8.72 6.23
N VAL A 161 -18.70 9.38 5.39
CA VAL A 161 -19.09 9.61 3.99
C VAL A 161 -17.96 9.33 3.00
N TYR A 162 -16.72 9.72 3.33
CA TYR A 162 -15.58 9.49 2.42
C TYR A 162 -14.30 9.34 3.25
N ALA A 163 -13.35 8.54 2.77
CA ALA A 163 -12.04 8.41 3.40
C ALA A 163 -10.93 8.41 2.34
N GLY A 164 -9.70 8.84 2.68
CA GLY A 164 -8.62 8.90 1.71
C GLY A 164 -7.25 9.02 2.38
N ILE A 165 -6.21 8.59 1.67
CA ILE A 165 -4.85 8.63 2.19
C ILE A 165 -4.03 9.56 1.29
N ASP A 166 -3.07 10.24 1.90
CA ASP A 166 -2.22 11.20 1.20
C ASP A 166 -1.27 10.48 0.28
N THR A 167 -1.27 10.86 -1.00
CA THR A 167 -0.33 10.33 -1.97
C THR A 167 0.15 11.49 -2.86
N ASP A 168 1.32 11.27 -3.46
CA ASP A 168 1.92 12.16 -4.46
C ASP A 168 2.66 11.30 -5.48
N LYS A 169 3.05 11.88 -6.63
CA LYS A 169 3.61 11.09 -7.71
C LYS A 169 4.79 10.21 -7.22
N HIS A 170 4.56 8.90 -7.00
CA HIS A 170 5.61 7.93 -6.72
C HIS A 170 6.42 8.21 -5.46
N LYS A 171 5.80 8.85 -4.44
CA LYS A 171 6.49 9.19 -3.20
C LYS A 171 6.28 8.09 -2.14
N TYR A 172 5.40 7.14 -2.42
CA TYR A 172 5.01 6.00 -1.56
C TYR A 172 4.92 6.38 -0.07
N PRO A 173 4.18 7.43 0.31
CA PRO A 173 4.10 7.85 1.71
C PRO A 173 3.45 6.81 2.61
N ILE A 174 2.21 6.40 2.25
CA ILE A 174 1.39 5.50 3.03
C ILE A 174 1.52 5.73 4.54
N GLY A 175 1.72 7.00 4.91
CA GLY A 175 2.00 7.37 6.28
C GLY A 175 1.23 8.60 6.77
N SER A 176 0.33 9.11 5.92
CA SER A 176 -0.44 10.29 6.23
C SER A 176 -1.76 10.20 5.48
N GLY A 177 -2.86 10.67 6.08
CA GLY A 177 -4.15 10.62 5.43
C GLY A 177 -5.18 11.45 6.18
N ARG A 178 -6.46 11.35 5.75
CA ARG A 178 -7.56 12.07 6.39
C ARG A 178 -8.87 11.36 6.12
N VAL A 179 -9.93 11.79 6.80
CA VAL A 179 -11.23 11.15 6.60
C VAL A 179 -12.33 12.20 6.75
N THR A 180 -13.30 12.17 5.83
CA THR A 180 -14.33 13.17 5.75
C THR A 180 -15.67 12.66 6.33
N PHE A 181 -16.41 13.55 6.97
CA PHE A 181 -17.69 13.26 7.62
C PHE A 181 -18.74 14.29 7.27
N ASN A 182 -19.93 14.08 7.82
CA ASN A 182 -21.02 15.01 7.70
C ASN A 182 -21.76 15.17 9.04
N ASN A 183 -21.13 14.75 10.13
CA ASN A 183 -21.67 14.97 11.45
C ASN A 183 -20.56 15.42 12.40
N GLN A 184 -20.93 16.09 13.50
CA GLN A 184 -20.00 16.55 14.52
C GLN A 184 -19.41 15.41 15.33
N ARG A 185 -20.13 14.30 15.42
CA ARG A 185 -19.82 13.16 16.28
C ARG A 185 -18.41 12.67 16.08
N SER A 186 -17.92 12.80 14.84
CA SER A 186 -16.63 12.25 14.53
C SER A 186 -15.51 13.17 14.97
N TYR A 187 -15.72 14.48 14.91
CA TYR A 187 -14.69 15.43 15.26
C TYR A 187 -14.31 15.28 16.74
N LEU A 188 -15.31 15.31 17.63
CA LEU A 188 -14.99 15.21 19.04
C LEU A 188 -14.68 13.78 19.51
N LYS A 189 -15.07 12.75 18.79
CA LYS A 189 -14.67 11.42 19.20
C LYS A 189 -13.29 11.08 18.64
N ALA A 190 -12.90 11.62 17.48
CA ALA A 190 -11.61 11.27 16.89
C ALA A 190 -10.50 12.04 17.59
N VAL A 191 -10.83 13.22 18.11
CA VAL A 191 -9.92 14.01 18.93
C VAL A 191 -9.79 13.47 20.35
N SER A 192 -10.87 12.92 20.89
CA SER A 192 -10.85 12.33 22.23
C SER A 192 -10.29 10.92 22.24
N ALA A 193 -10.13 10.34 21.05
CA ALA A 193 -9.50 9.06 20.92
C ALA A 193 -7.99 9.27 20.88
N ALA A 194 -7.55 10.17 20.00
CA ALA A 194 -6.15 10.54 19.81
C ALA A 194 -5.18 9.41 19.42
N PHE A 195 -5.17 8.28 20.14
CA PHE A 195 -4.25 7.20 19.89
C PHE A 195 -4.91 5.90 20.40
N VAL A 196 -4.88 4.84 19.61
CA VAL A 196 -5.52 3.57 19.96
C VAL A 196 -4.65 2.37 19.61
N GLU A 197 -4.94 1.24 20.25
CA GLU A 197 -4.20 0.01 20.03
C GLU A 197 -5.13 -0.97 19.32
N ILE A 198 -4.98 -1.07 17.97
CA ILE A 198 -5.86 -1.89 17.15
C ILE A 198 -5.52 -3.36 17.39
N LYS A 199 -6.57 -4.18 17.43
CA LYS A 199 -6.42 -5.61 17.72
C LYS A 199 -7.22 -6.43 16.71
N THR A 200 -7.17 -6.01 15.44
CA THR A 200 -7.87 -6.75 14.37
C THR A 200 -7.14 -8.06 14.12
N THR A 201 -7.74 -8.95 13.33
CA THR A 201 -7.16 -10.27 13.12
C THR A 201 -6.01 -10.27 12.12
N LYS A 202 -5.73 -9.12 11.51
CA LYS A 202 -4.67 -9.01 10.52
C LYS A 202 -3.37 -8.58 11.17
N PHE A 203 -3.46 -7.62 12.11
CA PHE A 203 -2.30 -7.11 12.82
C PHE A 203 -2.72 -6.47 14.16
N THR A 204 -1.74 -6.22 15.03
CA THR A 204 -1.89 -5.56 16.34
C THR A 204 -0.87 -4.41 16.38
N LYS A 205 -1.37 -3.17 16.24
CA LYS A 205 -0.51 -1.99 16.12
C LYS A 205 -1.29 -0.73 16.47
N LYS A 206 -0.60 0.43 16.61
CA LYS A 206 -1.24 1.68 17.00
C LYS A 206 -1.33 2.68 15.83
N VAL A 207 -2.19 3.69 16.03
CA VAL A 207 -2.43 4.75 15.06
C VAL A 207 -2.69 6.05 15.80
N GLN A 208 -2.41 7.18 15.14
CA GLN A 208 -2.62 8.45 15.80
C GLN A 208 -3.62 9.28 15.02
N ILE A 209 -4.27 10.21 15.72
CA ILE A 209 -5.28 11.09 15.15
C ILE A 209 -4.96 12.50 15.67
N ASP A 210 -5.09 13.47 14.76
CA ASP A 210 -4.83 14.87 15.09
C ASP A 210 -5.91 15.77 14.51
N PRO A 211 -6.10 16.95 15.09
CA PRO A 211 -7.09 17.90 14.63
C PRO A 211 -6.81 18.48 13.23
N TYR A 212 -7.80 19.13 12.59
CA TYR A 212 -7.66 19.71 11.26
C TYR A 212 -8.27 21.12 11.22
N MET A 1 -9.66 2.79 23.38
CA MET A 1 -10.80 2.02 22.86
C MET A 1 -10.63 0.53 23.11
N THR A 2 -9.66 -0.09 22.42
CA THR A 2 -9.40 -1.54 22.49
C THR A 2 -10.68 -2.34 22.31
N TRP A 3 -11.52 -1.94 21.35
CA TRP A 3 -12.85 -2.45 21.14
C TRP A 3 -12.86 -3.76 20.38
N SER A 4 -11.71 -4.20 19.84
CA SER A 4 -11.52 -5.43 19.07
C SER A 4 -12.66 -5.65 18.07
N GLY A 5 -12.64 -4.85 16.97
CA GLY A 5 -13.64 -4.95 15.91
C GLY A 5 -13.46 -6.22 15.07
N GLN A 6 -12.24 -6.78 15.06
CA GLN A 6 -11.89 -8.01 14.34
C GLN A 6 -12.20 -8.02 12.85
N LEU A 7 -12.28 -6.85 12.20
CA LEU A 7 -12.45 -6.80 10.74
C LEU A 7 -11.26 -7.44 10.04
N PRO A 8 -11.48 -8.16 8.95
CA PRO A 8 -10.40 -8.67 8.09
C PRO A 8 -10.01 -7.60 7.06
N PRO A 9 -8.90 -6.85 7.29
CA PRO A 9 -8.47 -5.75 6.44
C PRO A 9 -7.71 -6.21 5.20
N ARG A 10 -7.78 -7.50 4.84
CA ARG A 10 -6.96 -7.97 3.73
C ARG A 10 -7.74 -8.86 2.71
N ASN A 11 -9.05 -8.68 2.60
CA ASN A 11 -9.90 -9.52 1.76
C ASN A 11 -10.70 -8.66 0.77
N TYR A 12 -10.06 -7.61 0.24
CA TYR A 12 -10.71 -6.72 -0.71
C TYR A 12 -10.91 -7.42 -2.07
N LYS A 13 -11.91 -6.97 -2.85
CA LYS A 13 -12.31 -7.58 -4.11
C LYS A 13 -12.46 -6.54 -5.24
N ASN A 14 -11.70 -5.44 -5.19
CA ASN A 14 -11.76 -4.36 -6.20
C ASN A 14 -10.39 -3.71 -6.42
N PRO A 15 -9.31 -4.51 -6.58
CA PRO A 15 -7.97 -3.98 -6.68
C PRO A 15 -7.71 -3.27 -7.98
N ILE A 16 -7.01 -2.14 -7.89
CA ILE A 16 -6.53 -1.31 -8.99
C ILE A 16 -5.25 -0.65 -8.46
N TYR A 17 -4.23 -0.44 -9.32
CA TYR A 17 -2.95 0.05 -8.83
C TYR A 17 -2.82 1.56 -9.00
N SER A 18 -2.09 2.19 -8.09
CA SER A 18 -2.04 3.64 -8.04
C SER A 18 -0.67 4.21 -7.73
N CYS A 19 0.25 3.40 -7.22
CA CYS A 19 1.56 3.92 -6.88
C CYS A 19 2.65 2.90 -7.17
N LYS A 20 3.88 3.25 -6.79
CA LYS A 20 5.05 2.42 -7.01
C LYS A 20 4.78 0.95 -6.69
N VAL A 21 5.54 0.09 -7.35
CA VAL A 21 5.56 -1.34 -7.10
C VAL A 21 7.01 -1.72 -6.88
N PHE A 22 7.29 -2.50 -5.84
CA PHE A 22 8.67 -2.90 -5.53
C PHE A 22 8.89 -4.36 -5.90
N LEU A 23 10.11 -4.63 -6.35
CA LEU A 23 10.49 -5.91 -6.93
C LEU A 23 11.82 -6.33 -6.34
N GLY A 24 11.89 -7.45 -5.60
CA GLY A 24 13.16 -7.91 -5.05
C GLY A 24 13.09 -9.17 -4.19
N GLY A 25 14.27 -9.56 -3.70
CA GLY A 25 14.43 -10.78 -2.92
C GLY A 25 15.62 -11.60 -3.44
N VAL A 26 16.55 -10.93 -4.13
CA VAL A 26 17.68 -11.58 -4.77
C VAL A 26 18.92 -11.66 -3.87
N PRO A 27 19.50 -12.87 -3.73
CA PRO A 27 20.69 -13.09 -2.96
C PRO A 27 21.97 -12.78 -3.70
N TRP A 28 21.97 -12.66 -5.04
CA TRP A 28 23.20 -12.45 -5.77
C TRP A 28 23.08 -11.46 -6.94
N ASP A 29 21.91 -10.86 -7.21
CA ASP A 29 21.78 -10.07 -8.44
C ASP A 29 22.64 -8.83 -8.52
N ILE A 30 23.48 -8.78 -9.55
CA ILE A 30 24.46 -7.73 -9.72
C ILE A 30 23.99 -6.45 -10.47
N THR A 31 22.71 -6.43 -10.91
CA THR A 31 22.13 -5.27 -11.60
C THR A 31 20.62 -5.36 -11.48
N GLU A 32 19.98 -4.24 -11.84
CA GLU A 32 18.55 -4.17 -11.89
C GLU A 32 18.09 -4.14 -13.35
N ALA A 33 19.02 -3.86 -14.27
CA ALA A 33 18.69 -3.67 -15.68
C ALA A 33 18.46 -5.01 -16.36
N GLY A 34 19.15 -6.08 -15.91
CA GLY A 34 19.08 -7.39 -16.56
C GLY A 34 17.70 -8.03 -16.51
N LEU A 35 17.14 -8.10 -15.30
CA LEU A 35 15.82 -8.67 -15.11
C LEU A 35 14.75 -7.74 -15.64
N VAL A 36 14.99 -6.43 -15.58
CA VAL A 36 14.05 -5.45 -16.13
C VAL A 36 14.04 -5.58 -17.65
N ASN A 37 15.18 -5.86 -18.26
CA ASN A 37 15.26 -6.09 -19.70
C ASN A 37 14.67 -7.46 -20.06
N THR A 38 14.54 -8.35 -19.06
CA THR A 38 14.06 -9.72 -19.23
C THR A 38 12.53 -9.78 -19.31
N PHE A 39 11.83 -8.82 -18.70
CA PHE A 39 10.38 -8.77 -18.75
C PHE A 39 9.80 -7.42 -19.17
N ARG A 40 10.59 -6.55 -19.81
CA ARG A 40 10.02 -5.31 -20.38
C ARG A 40 9.81 -5.43 -21.89
N VAL A 41 10.18 -6.57 -22.48
CA VAL A 41 10.11 -6.76 -23.92
C VAL A 41 8.65 -6.96 -24.31
N PHE A 42 7.83 -7.35 -23.31
CA PHE A 42 6.38 -7.45 -23.44
C PHE A 42 5.74 -6.67 -22.30
N GLY A 43 6.57 -6.01 -21.49
CA GLY A 43 6.12 -5.37 -20.26
C GLY A 43 6.04 -3.86 -20.38
N SER A 44 5.50 -3.24 -19.33
CA SER A 44 5.30 -1.80 -19.29
C SER A 44 5.76 -1.27 -17.93
N LEU A 45 7.08 -1.14 -17.73
CA LEU A 45 7.69 -0.66 -16.51
C LEU A 45 8.96 0.12 -16.80
N SER A 46 9.47 0.83 -15.78
CA SER A 46 10.79 1.46 -15.80
C SER A 46 11.35 1.45 -14.38
N VAL A 47 12.63 1.79 -14.17
CA VAL A 47 13.27 1.56 -12.89
C VAL A 47 13.76 2.84 -12.20
N GLU A 48 13.52 2.91 -10.89
CA GLU A 48 14.00 3.99 -10.07
C GLU A 48 14.34 3.38 -8.70
N TRP A 49 15.48 3.77 -8.13
CA TRP A 49 15.86 3.35 -6.80
C TRP A 49 17.01 4.17 -6.24
N PRO A 50 17.12 4.28 -4.90
CA PRO A 50 18.14 5.08 -4.24
C PRO A 50 19.47 4.36 -4.22
N GLY A 51 20.57 5.09 -3.99
CA GLY A 51 21.92 4.54 -4.01
C GLY A 51 22.48 4.44 -5.42
N LYS A 52 21.71 4.92 -6.41
CA LYS A 52 22.09 4.89 -7.81
C LYS A 52 23.13 5.95 -8.11
N ASP A 53 23.26 6.96 -7.24
CA ASP A 53 24.21 8.00 -7.45
C ASP A 53 25.62 7.39 -7.39
N GLY A 54 26.54 7.86 -8.24
CA GLY A 54 27.91 7.36 -8.32
C GLY A 54 28.03 6.20 -9.31
N LYS A 55 29.17 5.51 -9.28
CA LYS A 55 29.44 4.38 -10.17
C LYS A 55 28.78 3.11 -9.66
N HIS A 56 28.82 2.08 -10.53
CA HIS A 56 28.35 0.71 -10.24
C HIS A 56 26.91 0.70 -9.72
N PRO A 57 25.94 0.41 -10.59
CA PRO A 57 24.53 0.33 -10.29
C PRO A 57 24.13 -0.68 -9.21
N ARG A 58 25.11 -1.43 -8.70
CA ARG A 58 24.97 -2.44 -7.62
C ARG A 58 25.40 -1.89 -6.26
N CYS A 59 25.64 -0.57 -6.19
CA CYS A 59 26.15 0.11 -4.99
C CYS A 59 25.34 -0.16 -3.71
N PRO A 60 24.00 -0.11 -3.71
CA PRO A 60 23.22 -0.26 -2.50
C PRO A 60 23.24 -1.68 -2.01
N PRO A 61 23.16 -1.88 -0.68
CA PRO A 61 23.10 -3.20 -0.07
C PRO A 61 21.70 -3.78 -0.13
N LYS A 62 20.73 -3.08 -0.72
CA LYS A 62 19.36 -3.56 -0.80
C LYS A 62 19.23 -4.60 -1.91
N GLY A 63 18.38 -5.60 -1.69
CA GLY A 63 18.13 -6.66 -2.65
C GLY A 63 16.83 -6.44 -3.46
N TYR A 64 16.40 -5.17 -3.53
CA TYR A 64 15.18 -4.82 -4.22
C TYR A 64 15.24 -3.39 -4.71
N VAL A 65 14.33 -3.02 -5.64
CA VAL A 65 14.27 -1.69 -6.24
C VAL A 65 12.81 -1.39 -6.59
N TYR A 66 12.51 -0.22 -7.18
CA TYR A 66 11.15 0.10 -7.55
C TYR A 66 10.97 0.11 -9.07
N LEU A 67 9.72 -0.07 -9.51
CA LEU A 67 9.32 0.03 -10.89
C LEU A 67 8.17 1.00 -11.06
N VAL A 68 8.21 1.87 -12.09
CA VAL A 68 7.14 2.82 -12.35
C VAL A 68 7.07 3.08 -13.85
N PHE A 69 5.86 3.12 -14.41
CA PHE A 69 5.66 3.38 -15.84
C PHE A 69 4.16 3.48 -16.16
N GLU A 70 3.48 2.34 -16.22
CA GLU A 70 2.07 2.35 -16.65
C GLU A 70 1.08 2.43 -15.47
N LEU A 71 1.40 1.76 -14.38
CA LEU A 71 0.69 1.87 -13.09
C LEU A 71 -0.80 1.46 -13.05
N GLU A 72 -1.46 1.09 -14.15
CA GLU A 72 -2.85 0.67 -14.04
C GLU A 72 -3.15 -0.59 -14.86
N LYS A 73 -3.27 -0.48 -16.22
CA LYS A 73 -3.74 -1.60 -17.02
C LYS A 73 -2.67 -2.61 -17.41
N SER A 74 -1.44 -2.15 -17.64
CA SER A 74 -0.40 -3.10 -17.93
C SER A 74 0.12 -3.67 -16.62
N VAL A 75 0.39 -2.87 -15.57
CA VAL A 75 0.92 -3.39 -14.32
C VAL A 75 0.04 -4.53 -13.89
N ARG A 76 -1.28 -4.40 -14.13
CA ARG A 76 -2.23 -5.46 -13.82
C ARG A 76 -1.94 -6.71 -14.64
N SER A 77 -1.69 -6.52 -15.92
CA SER A 77 -1.42 -7.65 -16.82
C SER A 77 -0.08 -8.31 -16.57
N LEU A 78 0.96 -7.54 -16.21
CA LEU A 78 2.30 -8.07 -15.99
C LEU A 78 2.39 -9.03 -14.78
N LEU A 79 1.84 -8.69 -13.61
CA LEU A 79 1.92 -9.59 -12.48
C LEU A 79 0.80 -10.62 -12.52
N GLN A 80 -0.16 -10.51 -13.44
CA GLN A 80 -1.14 -11.56 -13.68
C GLN A 80 -0.76 -12.44 -14.86
N ALA A 81 0.35 -12.11 -15.54
CA ALA A 81 0.84 -12.90 -16.66
C ALA A 81 2.07 -13.69 -16.22
N CYS A 82 2.68 -13.23 -15.12
CA CYS A 82 3.72 -13.95 -14.40
C CYS A 82 3.04 -14.96 -13.48
N SER A 83 3.75 -15.40 -12.44
CA SER A 83 3.20 -16.37 -11.47
C SER A 83 2.37 -15.66 -10.39
N HIS A 84 1.33 -16.35 -9.94
CA HIS A 84 0.49 -15.87 -8.87
C HIS A 84 0.14 -16.97 -7.86
N ASP A 85 -0.06 -16.63 -6.59
CA ASP A 85 -0.50 -17.58 -5.58
C ASP A 85 -1.57 -16.95 -4.68
N PRO A 86 -2.71 -17.64 -4.55
CA PRO A 86 -3.77 -17.36 -3.58
C PRO A 86 -3.42 -18.00 -2.24
N LEU A 87 -2.13 -18.01 -1.88
CA LEU A 87 -1.64 -18.71 -0.69
C LEU A 87 -2.24 -18.19 0.63
N SER A 88 -2.94 -17.04 0.54
CA SER A 88 -3.79 -16.47 1.58
C SER A 88 -3.52 -16.95 3.01
N PRO A 89 -2.70 -16.21 3.80
CA PRO A 89 -2.55 -16.44 5.24
C PRO A 89 -3.65 -15.80 6.09
N ASP A 90 -4.47 -14.96 5.44
CA ASP A 90 -5.60 -14.29 6.07
C ASP A 90 -6.62 -13.80 5.03
N GLY A 91 -6.19 -13.56 3.79
CA GLY A 91 -7.10 -13.07 2.77
C GLY A 91 -6.36 -12.53 1.57
N LEU A 92 -5.12 -12.05 1.75
CA LEU A 92 -4.37 -11.47 0.64
C LEU A 92 -3.53 -12.47 -0.13
N SER A 93 -2.98 -12.02 -1.27
CA SER A 93 -2.19 -12.85 -2.18
C SER A 93 -0.85 -12.19 -2.43
N GLU A 94 0.05 -12.91 -3.11
CA GLU A 94 1.35 -12.34 -3.49
C GLU A 94 1.69 -12.72 -4.92
N TYR A 95 2.51 -11.91 -5.60
CA TYR A 95 2.86 -12.13 -6.99
C TYR A 95 4.34 -12.49 -7.10
N TYR A 96 4.72 -13.30 -8.08
CA TYR A 96 6.07 -13.83 -8.15
C TYR A 96 6.46 -14.01 -9.63
N PHE A 97 7.75 -14.13 -9.89
CA PHE A 97 8.24 -14.42 -11.22
C PHE A 97 9.68 -14.89 -11.09
N LYS A 98 10.32 -15.30 -12.19
CA LYS A 98 11.75 -15.54 -12.22
C LYS A 98 12.23 -14.89 -13.51
N MET A 99 13.31 -14.11 -13.38
CA MET A 99 13.77 -13.17 -14.39
C MET A 99 15.28 -13.18 -14.65
N SER A 100 16.00 -14.15 -14.10
CA SER A 100 17.42 -14.30 -14.38
C SER A 100 17.57 -14.68 -15.84
N SER A 101 18.70 -14.30 -16.44
CA SER A 101 19.02 -14.61 -17.82
C SER A 101 19.66 -16.01 -17.92
N ARG A 102 19.55 -16.81 -16.87
CA ARG A 102 20.24 -18.08 -16.77
C ARG A 102 21.75 -17.93 -17.02
N ARG A 103 22.33 -16.74 -16.80
CA ARG A 103 23.73 -16.49 -17.06
C ARG A 103 24.63 -17.13 -16.03
N MET A 104 24.12 -17.38 -14.82
CA MET A 104 24.85 -18.16 -13.82
C MET A 104 23.93 -18.96 -12.90
N ARG A 105 22.70 -18.48 -12.73
CA ARG A 105 21.72 -19.08 -11.83
C ARG A 105 20.31 -18.79 -12.30
N CYS A 106 19.35 -19.49 -11.70
CA CYS A 106 17.92 -19.25 -11.87
C CYS A 106 17.35 -18.87 -10.50
N LYS A 107 16.52 -17.83 -10.46
CA LYS A 107 15.99 -17.34 -9.18
C LYS A 107 14.63 -16.65 -9.28
N GLU A 108 13.71 -17.09 -8.44
CA GLU A 108 12.38 -16.51 -8.26
C GLU A 108 12.39 -15.27 -7.37
N VAL A 109 11.64 -14.24 -7.79
CA VAL A 109 11.50 -13.04 -7.00
C VAL A 109 10.04 -12.72 -6.69
N GLN A 110 9.81 -11.93 -5.62
CA GLN A 110 8.46 -11.62 -5.18
C GLN A 110 8.10 -10.17 -5.51
N VAL A 111 6.80 -9.88 -5.66
CA VAL A 111 6.32 -8.57 -6.08
C VAL A 111 5.11 -8.13 -5.27
N ILE A 112 5.11 -6.85 -4.86
CA ILE A 112 3.99 -6.27 -4.12
C ILE A 112 3.80 -4.83 -4.61
N PRO A 113 2.73 -4.51 -5.35
CA PRO A 113 2.37 -3.17 -5.78
C PRO A 113 1.53 -2.45 -4.74
N TRP A 114 1.42 -1.12 -4.90
CA TRP A 114 0.50 -0.29 -4.14
C TRP A 114 -0.87 -0.36 -4.80
N VAL A 115 -1.93 -0.56 -4.02
CA VAL A 115 -3.30 -0.65 -4.52
C VAL A 115 -4.11 0.56 -4.09
N LEU A 116 -5.12 0.91 -4.87
CA LEU A 116 -6.05 1.99 -4.54
C LEU A 116 -6.65 1.70 -3.16
N ALA A 117 -6.70 0.40 -2.80
CA ALA A 117 -7.21 -0.06 -1.52
C ALA A 117 -6.26 0.30 -0.36
N ASP A 118 -5.18 1.03 -0.63
CA ASP A 118 -4.26 1.54 0.39
C ASP A 118 -4.28 3.06 0.39
N SER A 119 -5.20 3.70 -0.38
CA SER A 119 -5.26 5.16 -0.44
C SER A 119 -6.61 5.79 -0.21
N ASN A 120 -7.72 5.05 -0.41
CA ASN A 120 -9.04 5.63 -0.35
C ASN A 120 -10.10 4.68 0.16
N PHE A 121 -11.10 5.30 0.78
CA PHE A 121 -12.31 4.65 1.16
C PHE A 121 -13.43 5.67 1.14
N VAL A 122 -14.56 5.32 0.52
CA VAL A 122 -15.73 6.19 0.49
C VAL A 122 -17.03 5.42 0.63
N ARG A 123 -18.00 6.07 1.29
CA ARG A 123 -19.27 5.45 1.61
C ARG A 123 -20.35 5.96 0.68
N SER A 124 -20.07 7.06 -0.05
CA SER A 124 -20.94 7.60 -1.09
C SER A 124 -20.48 7.09 -2.46
N PRO A 125 -21.43 6.75 -3.36
CA PRO A 125 -21.14 6.26 -4.69
C PRO A 125 -20.77 7.42 -5.62
N SER A 126 -20.43 8.60 -5.05
CA SER A 126 -20.10 9.80 -5.81
C SER A 126 -18.70 10.30 -5.45
N GLN A 127 -18.08 11.14 -6.29
CA GLN A 127 -16.79 11.77 -6.01
C GLN A 127 -16.89 13.00 -5.07
N ARG A 128 -17.98 13.05 -4.29
CA ARG A 128 -18.31 14.18 -3.42
C ARG A 128 -17.26 14.30 -2.33
N LEU A 129 -17.08 15.50 -1.75
CA LEU A 129 -16.17 15.70 -0.62
C LEU A 129 -16.59 16.93 0.22
N ASP A 130 -16.23 16.97 1.50
CA ASP A 130 -16.62 18.04 2.43
C ASP A 130 -15.40 18.46 3.27
N PRO A 131 -14.47 19.18 2.66
CA PRO A 131 -13.20 19.51 3.26
C PRO A 131 -13.32 20.61 4.32
N SER A 132 -14.54 21.06 4.61
CA SER A 132 -14.74 22.08 5.62
C SER A 132 -14.65 21.51 7.03
N ARG A 133 -14.68 20.18 7.14
CA ARG A 133 -14.57 19.49 8.43
C ARG A 133 -13.84 18.16 8.20
N THR A 134 -12.52 18.19 8.21
CA THR A 134 -11.72 17.00 8.04
C THR A 134 -10.61 16.96 9.09
N VAL A 135 -10.10 15.78 9.45
CA VAL A 135 -9.01 15.71 10.43
C VAL A 135 -7.90 14.86 9.89
N PHE A 136 -6.71 15.05 10.45
CA PHE A 136 -5.51 14.43 9.94
C PHE A 136 -5.19 13.16 10.68
N VAL A 137 -4.61 12.18 10.01
CA VAL A 137 -4.29 10.89 10.66
C VAL A 137 -2.80 10.60 10.45
N GLY A 138 -2.14 10.08 11.49
CA GLY A 138 -0.71 9.85 11.46
C GLY A 138 -0.27 8.79 12.47
N ALA A 139 1.04 8.52 12.55
CA ALA A 139 1.62 7.53 13.42
C ALA A 139 0.99 6.17 13.16
N LEU A 140 0.89 5.82 11.88
CA LEU A 140 0.15 4.63 11.40
C LEU A 140 0.97 3.33 11.44
N HIS A 141 0.32 2.28 10.90
CA HIS A 141 0.89 0.95 10.74
C HIS A 141 2.12 1.01 9.80
N GLY A 142 2.19 2.01 8.92
CA GLY A 142 3.20 2.05 7.88
C GLY A 142 2.82 1.10 6.73
N MET A 143 1.62 0.53 6.84
CA MET A 143 1.01 -0.31 5.83
C MET A 143 -0.50 -0.21 6.00
N LEU A 144 -0.97 0.95 6.48
CA LEU A 144 -2.33 1.18 6.85
C LEU A 144 -3.23 1.21 5.61
N ASN A 145 -3.82 0.05 5.33
CA ASN A 145 -4.70 -0.12 4.19
C ASN A 145 -6.09 0.38 4.50
N ALA A 146 -6.85 0.60 3.43
CA ALA A 146 -8.15 1.25 3.57
C ALA A 146 -9.20 0.36 4.22
N GLU A 147 -8.88 -0.92 4.44
CA GLU A 147 -9.84 -1.83 5.06
C GLU A 147 -9.64 -1.79 6.57
N ALA A 148 -8.42 -1.45 7.00
CA ALA A 148 -8.11 -1.29 8.39
C ALA A 148 -8.49 0.13 8.78
N LEU A 149 -8.41 1.04 7.82
CA LEU A 149 -8.81 2.43 8.01
C LEU A 149 -10.32 2.50 8.19
N ALA A 150 -11.08 1.85 7.30
CA ALA A 150 -12.54 1.87 7.38
C ALA A 150 -13.04 1.12 8.61
N ALA A 151 -12.33 0.09 9.07
CA ALA A 151 -12.76 -0.64 10.27
C ALA A 151 -12.75 0.28 11.49
N ILE A 152 -11.77 1.16 11.56
CA ILE A 152 -11.69 2.14 12.63
C ILE A 152 -12.85 3.15 12.59
N LEU A 153 -13.17 3.68 11.40
CA LEU A 153 -14.12 4.75 11.29
C LEU A 153 -15.56 4.26 11.22
N ASN A 154 -15.81 3.07 10.67
CA ASN A 154 -17.16 2.58 10.54
C ASN A 154 -17.68 1.91 11.79
N ASP A 155 -16.79 1.45 12.68
CA ASP A 155 -17.24 0.72 13.87
C ASP A 155 -17.07 1.54 15.16
N LEU A 156 -16.21 2.57 15.19
CA LEU A 156 -16.09 3.42 16.40
C LEU A 156 -16.98 4.66 16.28
N PHE A 157 -17.47 4.99 15.06
CA PHE A 157 -18.34 6.13 14.81
C PHE A 157 -19.68 5.72 14.18
N GLY A 158 -19.67 4.79 13.22
CA GLY A 158 -20.88 4.36 12.55
C GLY A 158 -21.45 5.37 11.55
N GLY A 159 -20.83 6.54 11.41
CA GLY A 159 -21.25 7.56 10.44
C GLY A 159 -20.04 8.28 9.84
N VAL A 160 -19.88 8.13 8.52
CA VAL A 160 -18.73 8.63 7.77
C VAL A 160 -19.20 8.90 6.34
N VAL A 161 -18.37 9.59 5.52
CA VAL A 161 -18.71 9.75 4.11
C VAL A 161 -17.54 9.57 3.14
N TYR A 162 -16.30 9.88 3.53
CA TYR A 162 -15.14 9.74 2.68
C TYR A 162 -13.91 9.68 3.60
N ALA A 163 -12.80 9.13 3.11
CA ALA A 163 -11.52 9.13 3.80
C ALA A 163 -10.45 8.73 2.79
N GLY A 164 -9.24 9.29 2.95
CA GLY A 164 -8.14 8.94 2.08
C GLY A 164 -6.76 9.26 2.66
N ILE A 165 -5.76 8.49 2.23
CA ILE A 165 -4.37 8.67 2.60
C ILE A 165 -3.82 9.78 1.72
N ASP A 166 -2.84 10.53 2.24
CA ASP A 166 -2.26 11.65 1.52
C ASP A 166 -0.98 11.21 0.82
N THR A 167 -1.14 10.45 -0.27
CA THR A 167 0.00 10.05 -1.09
C THR A 167 0.63 11.34 -1.62
N ASP A 168 1.98 11.35 -1.79
CA ASP A 168 2.74 12.50 -2.24
C ASP A 168 3.45 12.23 -3.57
N LYS A 169 2.99 11.18 -4.29
CA LYS A 169 3.59 10.58 -5.49
C LYS A 169 5.07 10.23 -5.36
N HIS A 170 5.36 8.96 -5.62
CA HIS A 170 6.71 8.43 -5.68
C HIS A 170 7.52 8.53 -4.38
N LYS A 171 6.82 8.54 -3.24
CA LYS A 171 7.45 8.63 -1.93
C LYS A 171 6.85 7.57 -0.96
N TYR A 172 5.88 6.79 -1.46
CA TYR A 172 5.16 5.73 -0.71
C TYR A 172 5.16 6.00 0.81
N PRO A 173 4.45 7.07 1.21
CA PRO A 173 4.38 7.53 2.58
C PRO A 173 3.57 6.59 3.43
N ILE A 174 2.37 6.21 2.99
CA ILE A 174 1.47 5.30 3.70
C ILE A 174 1.49 5.55 5.22
N GLY A 175 1.61 6.81 5.62
CA GLY A 175 1.80 7.23 7.01
C GLY A 175 1.18 8.58 7.37
N SER A 176 0.30 9.07 6.52
CA SER A 176 -0.38 10.35 6.72
C SER A 176 -1.60 10.45 5.83
N GLY A 177 -2.66 11.09 6.28
CA GLY A 177 -3.84 11.25 5.50
C GLY A 177 -4.95 12.01 6.24
N ARG A 178 -6.19 11.89 5.75
CA ARG A 178 -7.31 12.68 6.25
C ARG A 178 -8.62 11.90 6.21
N VAL A 179 -9.67 12.39 6.88
CA VAL A 179 -10.93 11.70 6.82
C VAL A 179 -12.06 12.71 6.83
N THR A 180 -13.14 12.43 6.10
CA THR A 180 -14.21 13.38 5.91
C THR A 180 -15.50 12.86 6.50
N PHE A 181 -16.16 13.72 7.28
CA PHE A 181 -17.39 13.35 7.95
C PHE A 181 -18.56 14.23 7.52
N ASN A 182 -19.78 13.69 7.66
CA ASN A 182 -20.97 14.43 7.30
C ASN A 182 -21.83 14.57 8.57
N ASN A 183 -21.29 14.14 9.72
CA ASN A 183 -21.95 14.19 11.02
C ASN A 183 -20.96 14.68 12.09
N GLN A 184 -21.43 15.05 13.29
CA GLN A 184 -20.61 15.70 14.32
C GLN A 184 -20.08 14.77 15.40
N ARG A 185 -20.77 13.66 15.71
CA ARG A 185 -20.33 12.80 16.80
C ARG A 185 -18.95 12.17 16.56
N SER A 186 -18.57 12.02 15.29
CA SER A 186 -17.25 11.50 14.97
C SER A 186 -16.23 12.56 15.25
N TYR A 187 -16.55 13.84 15.07
CA TYR A 187 -15.54 14.90 15.19
C TYR A 187 -15.08 15.04 16.64
N LEU A 188 -15.99 15.24 17.57
CA LEU A 188 -15.56 15.52 18.95
C LEU A 188 -15.07 14.25 19.60
N LYS A 189 -15.53 13.08 19.13
CA LYS A 189 -15.05 11.84 19.74
C LYS A 189 -13.65 11.48 19.24
N ALA A 190 -13.29 11.99 18.06
CA ALA A 190 -12.02 11.67 17.44
C ALA A 190 -10.89 12.50 18.02
N VAL A 191 -11.22 13.70 18.54
CA VAL A 191 -10.23 14.55 19.21
C VAL A 191 -10.10 14.19 20.69
N SER A 192 -11.19 13.67 21.25
CA SER A 192 -11.23 13.35 22.65
C SER A 192 -10.60 11.98 22.93
N ALA A 193 -10.49 11.16 21.86
CA ALA A 193 -9.74 9.90 21.92
C ALA A 193 -8.28 10.14 21.53
N ALA A 194 -8.07 10.89 20.43
CA ALA A 194 -6.77 11.25 19.85
C ALA A 194 -5.92 10.08 19.46
N PHE A 195 -6.32 8.87 19.87
CA PHE A 195 -5.58 7.65 19.58
C PHE A 195 -6.51 6.46 19.78
N VAL A 196 -6.39 5.40 18.97
CA VAL A 196 -7.17 4.21 19.16
C VAL A 196 -6.30 2.97 19.02
N GLU A 197 -6.74 1.87 19.62
CA GLU A 197 -5.94 0.66 19.68
C GLU A 197 -6.64 -0.53 19.04
N ILE A 198 -5.86 -1.29 18.28
CA ILE A 198 -6.32 -2.51 17.70
C ILE A 198 -5.60 -3.65 18.39
N LYS A 199 -6.36 -4.62 18.95
CA LYS A 199 -5.77 -5.71 19.71
C LYS A 199 -6.47 -7.02 19.43
N THR A 200 -6.66 -7.28 18.14
CA THR A 200 -7.21 -8.54 17.68
C THR A 200 -6.26 -9.71 17.96
N THR A 201 -6.77 -10.94 17.78
CA THR A 201 -6.03 -12.17 18.10
C THR A 201 -4.86 -12.37 17.12
N LYS A 202 -4.66 -11.43 16.18
CA LYS A 202 -3.69 -11.66 15.12
C LYS A 202 -3.03 -10.40 14.58
N PHE A 203 -3.39 -9.22 15.12
CA PHE A 203 -2.78 -7.95 14.69
C PHE A 203 -2.84 -6.88 15.78
N THR A 204 -1.76 -6.09 15.95
CA THR A 204 -1.70 -5.08 16.99
C THR A 204 -1.06 -3.80 16.46
N LYS A 205 -1.78 -2.69 16.59
CA LYS A 205 -1.27 -1.37 16.20
C LYS A 205 -2.21 -0.28 16.72
N LYS A 206 -1.88 0.99 16.43
CA LYS A 206 -2.69 2.14 16.80
C LYS A 206 -2.65 3.12 15.67
N VAL A 207 -3.49 4.17 15.77
CA VAL A 207 -3.47 5.30 14.86
C VAL A 207 -3.78 6.57 15.63
N GLN A 208 -3.28 7.71 15.16
CA GLN A 208 -3.38 8.96 15.88
C GLN A 208 -4.20 9.99 15.11
N ILE A 209 -4.85 10.93 15.82
CA ILE A 209 -5.74 11.92 15.19
C ILE A 209 -5.36 13.35 15.60
N ASP A 210 -5.44 14.31 14.67
CA ASP A 210 -5.20 15.71 14.97
C ASP A 210 -6.19 16.53 14.14
N PRO A 211 -7.00 17.41 14.76
CA PRO A 211 -8.03 18.17 14.09
C PRO A 211 -7.53 19.43 13.39
N TYR A 212 -8.33 19.90 12.43
CA TYR A 212 -8.13 21.19 11.74
C TYR A 212 -9.43 21.67 11.11
N MET A 1 -8.98 3.59 24.82
CA MET A 1 -10.18 3.79 23.97
C MET A 1 -10.06 2.93 22.71
N THR A 2 -10.69 1.76 22.73
CA THR A 2 -10.75 0.83 21.61
C THR A 2 -11.82 -0.20 21.97
N TRP A 3 -12.15 -1.08 21.02
CA TRP A 3 -13.12 -2.14 21.22
C TRP A 3 -12.59 -3.54 20.88
N SER A 4 -11.28 -3.64 20.60
CA SER A 4 -10.63 -4.91 20.28
C SER A 4 -11.42 -5.75 19.27
N GLY A 5 -12.04 -5.10 18.27
CA GLY A 5 -12.94 -5.82 17.38
C GLY A 5 -13.35 -5.02 16.15
N GLN A 6 -12.44 -4.94 15.16
CA GLN A 6 -12.73 -4.25 13.90
C GLN A 6 -13.70 -5.09 13.05
N LEU A 7 -14.28 -4.47 12.03
CA LEU A 7 -15.11 -5.16 11.04
C LEU A 7 -14.18 -5.86 10.03
N PRO A 8 -14.60 -6.96 9.40
CA PRO A 8 -13.74 -7.77 8.55
C PRO A 8 -13.28 -7.00 7.29
N PRO A 9 -11.96 -6.71 7.15
CA PRO A 9 -11.35 -6.09 5.99
C PRO A 9 -11.06 -7.12 4.89
N ARG A 10 -10.23 -6.76 3.91
CA ARG A 10 -9.90 -7.65 2.80
C ARG A 10 -11.14 -8.09 2.03
N ASN A 11 -12.14 -7.21 1.95
CA ASN A 11 -13.38 -7.52 1.26
C ASN A 11 -13.48 -6.94 -0.16
N TYR A 12 -12.43 -6.21 -0.57
CA TYR A 12 -12.39 -5.49 -1.84
C TYR A 12 -12.22 -6.47 -3.00
N LYS A 13 -12.71 -6.05 -4.17
CA LYS A 13 -12.76 -6.88 -5.38
C LYS A 13 -12.62 -6.01 -6.64
N ASN A 14 -11.99 -4.85 -6.53
CA ASN A 14 -11.84 -3.95 -7.68
C ASN A 14 -10.40 -3.44 -7.83
N PRO A 15 -9.44 -4.34 -8.07
CA PRO A 15 -8.02 -4.03 -8.10
C PRO A 15 -7.63 -3.17 -9.28
N ILE A 16 -7.14 -1.97 -8.98
CA ILE A 16 -6.62 -0.98 -9.94
C ILE A 16 -5.40 -0.37 -9.26
N TYR A 17 -4.39 0.09 -10.00
CA TYR A 17 -3.14 0.53 -9.39
C TYR A 17 -3.01 2.06 -9.49
N SER A 18 -2.50 2.71 -8.45
CA SER A 18 -2.41 4.19 -8.48
C SER A 18 -1.04 4.69 -8.02
N CYS A 19 -0.11 3.78 -7.75
CA CYS A 19 1.24 4.11 -7.34
C CYS A 19 2.20 3.00 -7.73
N LYS A 20 3.50 3.18 -7.47
CA LYS A 20 4.56 2.23 -7.79
C LYS A 20 4.29 0.79 -7.31
N VAL A 21 5.08 -0.15 -7.82
CA VAL A 21 4.97 -1.55 -7.45
C VAL A 21 6.19 -1.96 -6.65
N PHE A 22 5.98 -2.73 -5.58
CA PHE A 22 7.03 -3.16 -4.67
C PHE A 22 7.66 -4.43 -5.25
N LEU A 23 9.00 -4.49 -5.30
CA LEU A 23 9.73 -5.67 -5.70
C LEU A 23 10.96 -5.91 -4.82
N GLY A 24 10.93 -6.99 -4.04
CA GLY A 24 12.00 -7.29 -3.10
C GLY A 24 12.14 -8.77 -2.76
N GLY A 25 13.34 -9.16 -2.34
CA GLY A 25 13.62 -10.52 -1.87
C GLY A 25 14.89 -11.12 -2.46
N VAL A 26 15.72 -10.29 -3.08
CA VAL A 26 16.94 -10.73 -3.80
C VAL A 26 18.23 -10.42 -3.01
N PRO A 27 19.02 -11.43 -2.59
CA PRO A 27 20.30 -11.24 -1.90
C PRO A 27 21.49 -11.07 -2.87
N TRP A 28 21.24 -11.21 -4.18
CA TRP A 28 22.30 -11.17 -5.16
C TRP A 28 22.27 -9.83 -5.93
N ASP A 29 21.89 -9.81 -7.22
CA ASP A 29 21.92 -8.61 -8.06
C ASP A 29 23.22 -7.81 -7.86
N ILE A 30 24.34 -8.30 -8.42
CA ILE A 30 25.62 -7.58 -8.23
C ILE A 30 25.76 -6.44 -9.26
N THR A 31 24.90 -6.38 -10.27
CA THR A 31 24.90 -5.32 -11.28
C THR A 31 23.43 -5.07 -11.68
N GLU A 32 23.00 -3.82 -11.65
CA GLU A 32 21.64 -3.43 -12.04
C GLU A 32 21.39 -3.76 -13.50
N ALA A 33 22.46 -3.88 -14.30
CA ALA A 33 22.24 -4.09 -15.72
C ALA A 33 21.78 -5.50 -16.00
N GLY A 34 22.04 -6.45 -15.10
CA GLY A 34 21.64 -7.82 -15.29
C GLY A 34 20.13 -7.97 -15.12
N LEU A 35 19.63 -7.57 -13.95
CA LEU A 35 18.24 -7.67 -13.57
C LEU A 35 17.37 -6.71 -14.36
N VAL A 36 17.80 -5.46 -14.55
CA VAL A 36 16.97 -4.46 -15.19
C VAL A 36 16.87 -4.73 -16.68
N ASN A 37 17.92 -5.28 -17.31
CA ASN A 37 17.86 -5.64 -18.71
C ASN A 37 17.08 -6.95 -18.91
N THR A 38 16.93 -7.76 -17.85
CA THR A 38 16.19 -9.03 -17.95
C THR A 38 14.70 -8.75 -18.05
N PHE A 39 14.19 -7.67 -17.48
CA PHE A 39 12.75 -7.42 -17.63
C PHE A 39 12.35 -6.00 -18.09
N ARG A 40 13.26 -5.20 -18.65
CA ARG A 40 12.84 -3.93 -19.27
C ARG A 40 12.50 -4.11 -20.75
N VAL A 41 13.04 -5.19 -21.32
CA VAL A 41 12.99 -5.45 -22.76
C VAL A 41 11.68 -6.01 -23.28
N PHE A 42 10.56 -5.78 -22.60
CA PHE A 42 9.28 -6.21 -23.14
C PHE A 42 8.15 -5.20 -22.83
N GLY A 43 8.50 -4.05 -22.30
CA GLY A 43 7.50 -3.03 -21.96
C GLY A 43 8.11 -1.67 -21.64
N SER A 44 7.22 -0.68 -21.53
CA SER A 44 7.56 0.69 -21.19
C SER A 44 7.71 0.83 -19.67
N LEU A 45 8.84 0.40 -19.08
CA LEU A 45 9.06 0.54 -17.65
C LEU A 45 10.52 0.77 -17.28
N SER A 46 10.72 1.18 -16.02
CA SER A 46 12.02 1.51 -15.47
C SER A 46 12.09 1.17 -13.98
N VAL A 47 13.22 1.53 -13.35
CA VAL A 47 13.52 1.19 -11.98
C VAL A 47 13.92 2.41 -11.18
N GLU A 48 13.71 2.34 -9.86
CA GLU A 48 14.20 3.33 -8.93
C GLU A 48 14.66 2.67 -7.62
N TRP A 49 15.85 3.04 -7.17
CA TRP A 49 16.39 2.56 -5.92
C TRP A 49 16.03 3.53 -4.82
N PRO A 50 15.55 3.02 -3.68
CA PRO A 50 15.34 3.85 -2.52
C PRO A 50 16.64 4.17 -1.80
N GLY A 51 17.67 3.34 -1.97
CA GLY A 51 19.01 3.62 -1.45
C GLY A 51 19.80 4.57 -2.36
N LYS A 52 20.12 4.07 -3.56
CA LYS A 52 20.96 4.80 -4.51
C LYS A 52 22.23 5.33 -3.82
N ASP A 53 22.91 4.44 -3.07
CA ASP A 53 24.02 4.73 -2.15
C ASP A 53 25.37 4.17 -2.60
N GLY A 54 25.61 4.15 -3.91
CA GLY A 54 26.89 3.71 -4.46
C GLY A 54 27.08 4.16 -5.90
N LYS A 55 28.34 4.12 -6.38
CA LYS A 55 28.68 4.58 -7.70
C LYS A 55 28.63 3.42 -8.71
N HIS A 56 28.70 3.79 -10.00
CA HIS A 56 28.68 2.88 -11.14
C HIS A 56 27.40 2.06 -11.22
N PRO A 57 27.20 1.29 -12.30
CA PRO A 57 26.08 0.36 -12.53
C PRO A 57 25.97 -0.78 -11.49
N ARG A 58 26.18 -0.50 -10.21
CA ARG A 58 26.10 -1.49 -9.14
C ARG A 58 25.60 -0.86 -7.85
N CYS A 59 24.60 0.03 -7.93
CA CYS A 59 24.02 0.65 -6.76
C CYS A 59 23.63 -0.43 -5.72
N PRO A 60 24.04 -0.27 -4.46
CA PRO A 60 23.77 -1.27 -3.45
C PRO A 60 22.30 -1.28 -3.09
N PRO A 61 21.69 -2.48 -3.00
CA PRO A 61 20.33 -2.66 -2.58
C PRO A 61 20.28 -2.83 -1.05
N LYS A 62 19.10 -2.57 -0.48
CA LYS A 62 18.81 -2.79 0.93
C LYS A 62 18.02 -4.09 1.07
N GLY A 63 17.98 -4.87 -0.01
CA GLY A 63 17.25 -6.13 -0.06
C GLY A 63 16.07 -6.03 -1.02
N TYR A 64 15.76 -4.82 -1.52
CA TYR A 64 14.66 -4.62 -2.45
C TYR A 64 14.67 -3.18 -2.99
N VAL A 65 13.86 -2.92 -4.03
CA VAL A 65 13.69 -1.62 -4.68
C VAL A 65 12.26 -1.51 -5.20
N TYR A 66 11.97 -0.44 -5.94
CA TYR A 66 10.69 -0.23 -6.59
C TYR A 66 10.86 -0.02 -8.08
N LEU A 67 9.79 -0.38 -8.82
CA LEU A 67 9.71 -0.11 -10.25
C LEU A 67 8.70 1.00 -10.50
N VAL A 68 9.01 1.93 -11.42
CA VAL A 68 8.15 3.05 -11.74
C VAL A 68 8.07 3.18 -13.26
N PHE A 69 6.85 3.31 -13.80
CA PHE A 69 6.65 3.34 -15.22
C PHE A 69 5.23 3.78 -15.55
N GLU A 70 4.72 3.32 -16.70
CA GLU A 70 3.36 3.61 -17.17
C GLU A 70 2.23 3.21 -16.19
N LEU A 71 2.55 2.49 -15.11
CA LEU A 71 1.59 2.02 -14.16
C LEU A 71 0.44 1.29 -14.83
N GLU A 72 -0.66 1.11 -14.07
CA GLU A 72 -1.96 0.60 -14.48
C GLU A 72 -1.93 -0.56 -15.45
N LYS A 73 -1.70 -0.25 -16.73
CA LYS A 73 -1.78 -1.23 -17.81
C LYS A 73 -0.48 -2.02 -17.95
N SER A 74 0.67 -1.42 -17.68
CA SER A 74 1.91 -2.17 -17.75
C SER A 74 2.12 -2.88 -16.43
N VAL A 75 1.39 -2.47 -15.37
CA VAL A 75 1.50 -3.15 -14.07
C VAL A 75 0.91 -4.53 -14.22
N ARG A 76 -0.31 -4.61 -14.75
CA ARG A 76 -0.98 -5.89 -14.95
C ARG A 76 -0.23 -6.68 -15.98
N SER A 77 0.49 -6.03 -16.91
CA SER A 77 1.30 -6.73 -17.89
C SER A 77 2.43 -7.49 -17.21
N LEU A 78 3.16 -6.88 -16.29
CA LEU A 78 4.25 -7.57 -15.65
C LEU A 78 3.73 -8.70 -14.80
N LEU A 79 2.66 -8.43 -14.04
CA LEU A 79 2.11 -9.40 -13.13
C LEU A 79 1.54 -10.57 -13.90
N GLN A 80 1.09 -10.39 -15.15
CA GLN A 80 0.41 -11.47 -15.86
C GLN A 80 1.39 -12.27 -16.70
N ALA A 81 2.63 -11.78 -16.82
CA ALA A 81 3.67 -12.48 -17.54
C ALA A 81 4.61 -13.13 -16.50
N CYS A 82 4.55 -12.61 -15.27
CA CYS A 82 5.18 -13.25 -14.14
C CYS A 82 4.25 -14.30 -13.51
N SER A 83 4.78 -14.96 -12.47
CA SER A 83 4.05 -15.98 -11.74
C SER A 83 3.04 -15.37 -10.77
N HIS A 84 2.08 -16.19 -10.29
CA HIS A 84 0.99 -15.76 -9.44
C HIS A 84 0.53 -16.90 -8.52
N ASP A 85 -0.16 -16.58 -7.43
CA ASP A 85 -0.68 -17.61 -6.53
C ASP A 85 -2.04 -17.17 -5.98
N PRO A 86 -3.04 -18.03 -6.17
CA PRO A 86 -4.34 -17.93 -5.56
C PRO A 86 -4.27 -18.57 -4.17
N LEU A 87 -3.28 -18.18 -3.36
CA LEU A 87 -3.03 -18.81 -2.07
C LEU A 87 -4.13 -18.47 -1.06
N SER A 88 -4.77 -17.31 -1.24
CA SER A 88 -5.89 -16.88 -0.40
C SER A 88 -6.73 -15.81 -1.09
N PRO A 89 -7.26 -16.13 -2.28
CA PRO A 89 -7.98 -15.19 -3.12
C PRO A 89 -9.31 -14.77 -2.51
N ASP A 90 -9.58 -15.19 -1.25
CA ASP A 90 -10.75 -14.76 -0.51
C ASP A 90 -10.60 -13.28 -0.16
N GLY A 91 -9.38 -12.75 -0.24
CA GLY A 91 -9.14 -11.33 -0.02
C GLY A 91 -7.70 -10.90 -0.27
N LEU A 92 -6.81 -11.83 -0.64
CA LEU A 92 -5.41 -11.51 -0.85
C LEU A 92 -4.86 -12.33 -2.02
N SER A 93 -3.82 -11.81 -2.66
CA SER A 93 -3.16 -12.39 -3.83
C SER A 93 -1.67 -12.13 -3.73
N GLU A 94 -0.86 -13.05 -4.28
CA GLU A 94 0.59 -12.88 -4.28
C GLU A 94 1.16 -13.16 -5.66
N TYR A 95 2.09 -12.32 -6.14
CA TYR A 95 2.74 -12.55 -7.43
C TYR A 95 4.24 -12.73 -7.19
N TYR A 96 4.94 -13.36 -8.14
CA TYR A 96 6.38 -13.52 -8.06
C TYR A 96 7.01 -13.65 -9.44
N PHE A 97 8.32 -13.38 -9.56
CA PHE A 97 9.06 -13.65 -10.79
C PHE A 97 10.50 -14.09 -10.50
N LYS A 98 11.16 -14.75 -11.46
CA LYS A 98 12.58 -15.11 -11.32
C LYS A 98 13.38 -14.25 -12.32
N MET A 99 14.30 -13.41 -11.83
CA MET A 99 14.95 -12.39 -12.66
C MET A 99 16.22 -12.93 -13.30
N SER A 100 16.37 -14.26 -13.41
CA SER A 100 17.59 -14.91 -13.95
C SER A 100 17.21 -16.07 -14.91
N SER A 101 18.19 -16.49 -15.73
CA SER A 101 18.06 -17.63 -16.63
C SER A 101 19.38 -18.39 -16.76
N ARG A 102 20.46 -17.79 -16.25
CA ARG A 102 21.78 -18.41 -16.33
C ARG A 102 22.77 -17.90 -15.29
N ARG A 103 22.30 -17.04 -14.37
CA ARG A 103 23.15 -16.50 -13.30
C ARG A 103 22.78 -17.12 -11.96
N MET A 104 21.48 -17.32 -11.73
CA MET A 104 20.97 -17.97 -10.53
C MET A 104 19.91 -19.00 -10.93
N ARG A 105 19.17 -18.73 -12.02
CA ARG A 105 18.06 -19.58 -12.46
C ARG A 105 17.16 -19.95 -11.28
N CYS A 106 17.13 -19.08 -10.26
CA CYS A 106 16.50 -19.38 -9.01
C CYS A 106 16.19 -18.10 -8.24
N LYS A 107 15.71 -18.27 -7.01
CA LYS A 107 15.44 -17.18 -6.06
C LYS A 107 14.43 -16.14 -6.58
N GLU A 108 13.19 -16.58 -6.71
CA GLU A 108 12.05 -15.76 -7.06
C GLU A 108 12.03 -14.47 -6.23
N VAL A 109 11.36 -13.42 -6.73
CA VAL A 109 11.24 -12.19 -5.99
C VAL A 109 9.75 -11.94 -5.77
N GLN A 110 9.35 -11.42 -4.60
CA GLN A 110 7.94 -11.20 -4.35
C GLN A 110 7.51 -9.84 -4.90
N VAL A 111 6.34 -9.81 -5.54
CA VAL A 111 5.84 -8.60 -6.14
C VAL A 111 4.40 -8.35 -5.79
N ILE A 112 4.09 -7.08 -5.47
CA ILE A 112 2.74 -6.62 -5.17
C ILE A 112 2.70 -5.12 -5.44
N PRO A 113 1.69 -4.66 -6.18
CA PRO A 113 1.49 -3.27 -6.56
C PRO A 113 0.70 -2.51 -5.50
N TRP A 114 0.63 -1.17 -5.61
CA TRP A 114 -0.26 -0.36 -4.78
C TRP A 114 -1.66 -0.37 -5.41
N VAL A 115 -2.65 -0.77 -4.61
CA VAL A 115 -4.02 -0.93 -5.08
C VAL A 115 -4.87 0.27 -4.65
N LEU A 116 -5.71 0.76 -5.59
CA LEU A 116 -6.64 1.86 -5.37
C LEU A 116 -7.52 1.59 -4.15
N ALA A 117 -7.88 0.33 -3.93
CA ALA A 117 -8.76 -0.01 -2.84
C ALA A 117 -8.04 -0.07 -1.49
N ASP A 118 -6.78 0.40 -1.43
CA ASP A 118 -6.01 0.41 -0.20
C ASP A 118 -5.59 1.82 0.21
N SER A 119 -6.08 2.85 -0.49
CA SER A 119 -5.75 4.23 -0.13
C SER A 119 -6.90 5.24 -0.23
N ASN A 120 -8.08 4.79 -0.68
CA ASN A 120 -9.28 5.62 -0.65
C ASN A 120 -10.51 4.74 -0.44
N PHE A 121 -11.58 5.31 0.13
CA PHE A 121 -12.84 4.61 0.40
C PHE A 121 -14.02 5.59 0.47
N VAL A 122 -15.18 5.23 -0.09
CA VAL A 122 -16.40 6.03 0.08
C VAL A 122 -17.55 5.19 0.66
N ARG A 123 -18.49 5.87 1.31
CA ARG A 123 -19.69 5.29 1.92
C ARG A 123 -20.87 5.56 1.01
N SER A 124 -20.71 6.37 -0.04
CA SER A 124 -21.80 6.84 -0.87
C SER A 124 -21.54 6.67 -2.36
N PRO A 125 -22.59 6.81 -3.18
CA PRO A 125 -22.45 6.83 -4.63
C PRO A 125 -21.68 8.05 -5.12
N SER A 126 -21.41 9.01 -4.24
CA SER A 126 -20.62 10.18 -4.54
C SER A 126 -19.12 9.87 -4.38
N GLN A 127 -18.28 10.78 -4.86
CA GLN A 127 -16.86 10.61 -4.71
C GLN A 127 -16.19 11.93 -4.28
N ARG A 128 -16.95 12.82 -3.64
CA ARG A 128 -16.46 14.09 -3.12
C ARG A 128 -16.48 14.14 -1.61
N LEU A 129 -15.77 15.10 -1.04
CA LEU A 129 -15.53 15.26 0.40
C LEU A 129 -16.24 16.49 0.93
N ASP A 130 -15.95 16.80 2.19
CA ASP A 130 -16.36 18.02 2.87
C ASP A 130 -15.11 18.64 3.55
N PRO A 131 -14.44 19.57 2.85
CA PRO A 131 -13.21 20.26 3.29
C PRO A 131 -13.33 21.04 4.58
N SER A 132 -14.49 21.04 5.22
CA SER A 132 -14.70 21.69 6.50
C SER A 132 -15.08 20.70 7.57
N ARG A 133 -15.11 19.40 7.28
CA ARG A 133 -15.43 18.36 8.26
C ARG A 133 -14.54 17.13 8.04
N THR A 134 -13.21 17.32 8.04
CA THR A 134 -12.25 16.25 7.87
C THR A 134 -11.08 16.58 8.78
N VAL A 135 -10.36 15.54 9.19
CA VAL A 135 -9.25 15.70 10.10
C VAL A 135 -8.08 14.82 9.66
N PHE A 136 -6.87 15.15 10.13
CA PHE A 136 -5.66 14.47 9.67
C PHE A 136 -5.36 13.18 10.44
N VAL A 137 -4.94 12.16 9.69
CA VAL A 137 -4.63 10.85 10.25
C VAL A 137 -3.16 10.49 9.92
N GLY A 138 -2.53 9.72 10.80
CA GLY A 138 -1.17 9.26 10.59
C GLY A 138 -0.61 8.42 11.74
N ALA A 139 0.72 8.21 11.68
CA ALA A 139 1.45 7.42 12.64
C ALA A 139 0.84 6.01 12.84
N LEU A 140 0.10 5.57 11.81
CA LEU A 140 -0.63 4.33 11.85
C LEU A 140 0.15 3.14 11.28
N HIS A 141 0.09 1.97 11.94
CA HIS A 141 0.60 0.69 11.43
C HIS A 141 1.78 0.87 10.47
N GLY A 142 1.50 0.79 9.15
CA GLY A 142 2.54 0.78 8.11
C GLY A 142 1.93 0.43 6.74
N MET A 143 0.67 -0.05 6.74
CA MET A 143 -0.13 -0.22 5.55
C MET A 143 -1.51 0.32 5.83
N LEU A 144 -2.13 -0.14 6.93
CA LEU A 144 -3.53 0.12 7.28
C LEU A 144 -4.39 0.38 6.04
N ASN A 145 -4.77 -0.70 5.32
CA ASN A 145 -5.55 -0.62 4.08
C ASN A 145 -6.92 0.01 4.31
N ALA A 146 -7.57 0.43 3.23
CA ALA A 146 -8.80 1.18 3.30
C ALA A 146 -9.94 0.44 4.02
N GLU A 147 -9.90 -0.89 4.10
CA GLU A 147 -10.95 -1.60 4.83
C GLU A 147 -10.61 -1.61 6.31
N ALA A 148 -9.32 -1.66 6.67
CA ALA A 148 -8.93 -1.63 8.06
C ALA A 148 -9.11 -0.22 8.63
N LEU A 149 -8.75 0.79 7.84
CA LEU A 149 -8.89 2.19 8.24
C LEU A 149 -10.37 2.52 8.44
N ALA A 150 -11.24 2.14 7.51
CA ALA A 150 -12.63 2.53 7.56
C ALA A 150 -13.36 1.83 8.71
N ALA A 151 -12.90 0.64 9.07
CA ALA A 151 -13.53 -0.09 10.14
C ALA A 151 -13.32 0.61 11.49
N ILE A 152 -12.12 1.17 11.67
CA ILE A 152 -11.79 1.84 12.92
C ILE A 152 -12.57 3.13 12.99
N LEU A 153 -12.67 3.84 11.86
CA LEU A 153 -13.25 5.19 11.86
C LEU A 153 -14.77 5.22 11.81
N ASN A 154 -15.46 4.12 11.45
CA ASN A 154 -16.91 4.12 11.41
C ASN A 154 -17.57 3.34 12.55
N ASP A 155 -16.82 2.49 13.27
CA ASP A 155 -17.37 1.76 14.39
C ASP A 155 -16.95 2.33 15.74
N LEU A 156 -15.85 3.11 15.82
CA LEU A 156 -15.38 3.59 17.11
C LEU A 156 -15.82 5.04 17.35
N PHE A 157 -16.29 5.75 16.32
CA PHE A 157 -16.77 7.11 16.51
C PHE A 157 -18.24 7.22 16.17
N GLY A 158 -18.59 6.99 14.91
CA GLY A 158 -19.95 7.23 14.44
C GLY A 158 -20.04 7.32 12.91
N GLY A 159 -21.01 8.10 12.38
CA GLY A 159 -21.27 8.30 10.96
C GLY A 159 -20.12 9.05 10.31
N VAL A 160 -19.66 8.51 9.21
CA VAL A 160 -18.60 9.05 8.36
C VAL A 160 -18.99 8.79 6.91
N VAL A 161 -18.35 9.46 5.94
CA VAL A 161 -18.73 9.36 4.52
C VAL A 161 -17.56 8.91 3.64
N TYR A 162 -16.30 9.23 4.02
CA TYR A 162 -15.14 8.83 3.23
C TYR A 162 -13.92 8.82 4.15
N ALA A 163 -12.90 8.05 3.78
CA ALA A 163 -11.60 8.05 4.44
C ALA A 163 -10.53 7.72 3.41
N GLY A 164 -9.37 8.35 3.52
CA GLY A 164 -8.29 8.14 2.59
C GLY A 164 -6.89 8.41 3.16
N ILE A 165 -5.87 8.06 2.35
CA ILE A 165 -4.44 8.19 2.59
C ILE A 165 -3.82 8.91 1.41
N ASP A 166 -2.82 9.75 1.66
CA ASP A 166 -2.23 10.57 0.64
C ASP A 166 -0.88 10.00 0.16
N THR A 167 -0.60 10.25 -1.12
CA THR A 167 0.65 9.84 -1.74
C THR A 167 1.52 11.05 -1.99
N ASP A 168 2.82 10.83 -2.19
CA ASP A 168 3.80 11.89 -2.36
C ASP A 168 4.67 11.66 -3.59
N LYS A 169 4.04 11.08 -4.62
CA LYS A 169 4.63 10.73 -5.91
C LYS A 169 5.76 9.71 -5.76
N HIS A 170 5.39 8.43 -5.93
CA HIS A 170 6.31 7.32 -5.86
C HIS A 170 7.22 7.30 -4.63
N LYS A 171 6.81 7.88 -3.49
CA LYS A 171 7.63 7.90 -2.26
C LYS A 171 7.15 6.91 -1.20
N TYR A 172 6.24 6.01 -1.61
CA TYR A 172 5.70 4.89 -0.83
C TYR A 172 5.33 5.23 0.61
N PRO A 173 4.57 6.30 0.84
CA PRO A 173 4.32 6.75 2.21
C PRO A 173 3.35 5.80 2.95
N ILE A 174 2.18 5.53 2.35
CA ILE A 174 1.17 4.64 2.91
C ILE A 174 1.10 4.82 4.44
N GLY A 175 1.06 6.08 4.89
CA GLY A 175 1.22 6.34 6.31
C GLY A 175 0.68 7.66 6.80
N SER A 176 -0.02 8.43 5.93
CA SER A 176 -0.56 9.73 6.33
C SER A 176 -1.79 10.01 5.43
N GLY A 177 -2.87 10.55 6.00
CA GLY A 177 -4.08 10.85 5.21
C GLY A 177 -5.06 11.68 6.03
N ARG A 178 -6.34 11.50 5.74
CA ARG A 178 -7.37 12.18 6.48
C ARG A 178 -8.69 11.38 6.42
N VAL A 179 -9.69 11.81 7.17
CA VAL A 179 -10.98 11.14 7.16
C VAL A 179 -12.03 12.24 7.16
N THR A 180 -12.96 12.05 6.26
CA THR A 180 -14.00 13.02 5.98
C THR A 180 -15.28 12.56 6.68
N PHE A 181 -15.66 13.32 7.70
CA PHE A 181 -16.86 13.07 8.48
C PHE A 181 -18.00 13.91 7.95
N ASN A 182 -19.23 13.46 8.21
CA ASN A 182 -20.42 14.21 7.85
C ASN A 182 -21.32 14.36 9.09
N ASN A 183 -20.86 13.81 10.22
CA ASN A 183 -21.46 13.96 11.53
C ASN A 183 -20.41 14.58 12.46
N GLN A 184 -20.84 15.56 13.24
CA GLN A 184 -19.99 16.22 14.23
C GLN A 184 -19.52 15.21 15.29
N ARG A 185 -20.26 14.14 15.53
CA ARG A 185 -19.95 13.25 16.63
C ARG A 185 -18.56 12.61 16.43
N SER A 186 -18.12 12.37 15.20
CA SER A 186 -16.80 11.84 14.92
C SER A 186 -15.73 12.94 14.97
N TYR A 187 -16.13 14.21 15.00
CA TYR A 187 -15.18 15.30 15.05
C TYR A 187 -14.70 15.47 16.48
N LEU A 188 -15.61 15.78 17.41
CA LEU A 188 -15.16 16.02 18.79
C LEU A 188 -14.67 14.73 19.43
N LYS A 189 -15.13 13.57 18.95
CA LYS A 189 -14.65 12.33 19.52
C LYS A 189 -13.30 11.94 18.95
N ALA A 190 -12.98 12.37 17.72
CA ALA A 190 -11.72 12.01 17.09
C ALA A 190 -10.55 12.79 17.70
N VAL A 191 -10.82 14.02 18.15
CA VAL A 191 -9.81 14.89 18.75
C VAL A 191 -9.66 14.63 20.22
N SER A 192 -10.71 14.12 20.87
CA SER A 192 -10.69 13.89 22.30
C SER A 192 -10.06 12.56 22.67
N ALA A 193 -10.09 11.59 21.76
CA ALA A 193 -9.43 10.31 21.96
C ALA A 193 -8.03 10.34 21.39
N ALA A 194 -7.92 10.97 20.21
CA ALA A 194 -6.70 11.18 19.45
C ALA A 194 -5.85 9.97 19.14
N PHE A 195 -6.07 8.80 19.77
CA PHE A 195 -5.27 7.62 19.55
C PHE A 195 -6.05 6.40 20.05
N VAL A 196 -5.96 5.28 19.32
CA VAL A 196 -6.58 4.01 19.74
C VAL A 196 -5.65 2.82 19.40
N GLU A 197 -5.90 1.73 20.09
CA GLU A 197 -5.13 0.50 19.88
C GLU A 197 -6.00 -0.60 19.31
N ILE A 198 -5.76 -0.96 18.04
CA ILE A 198 -6.43 -2.10 17.45
C ILE A 198 -5.75 -3.35 17.98
N LYS A 199 -6.55 -4.30 18.50
CA LYS A 199 -6.01 -5.45 19.23
C LYS A 199 -6.99 -6.62 19.11
N THR A 200 -6.71 -7.53 18.20
CA THR A 200 -7.54 -8.70 17.94
C THR A 200 -6.59 -9.85 17.59
N THR A 201 -7.15 -11.04 17.33
CA THR A 201 -6.33 -12.20 17.03
C THR A 201 -5.83 -12.15 15.57
N LYS A 202 -6.15 -11.09 14.84
CA LYS A 202 -5.75 -10.94 13.44
C LYS A 202 -5.09 -9.61 13.13
N PHE A 203 -5.11 -8.65 14.07
CA PHE A 203 -4.57 -7.32 13.84
C PHE A 203 -4.14 -6.66 15.16
N THR A 204 -2.93 -6.08 15.22
CA THR A 204 -2.45 -5.41 16.44
C THR A 204 -1.62 -4.17 16.08
N LYS A 205 -2.29 -3.03 15.89
CA LYS A 205 -1.68 -1.76 15.46
C LYS A 205 -2.47 -0.58 16.03
N LYS A 206 -1.94 0.64 15.85
CA LYS A 206 -2.52 1.85 16.45
C LYS A 206 -2.73 2.94 15.39
N VAL A 207 -3.47 4.01 15.71
CA VAL A 207 -3.79 5.07 14.75
C VAL A 207 -3.90 6.40 15.49
N GLN A 208 -3.48 7.49 14.82
CA GLN A 208 -3.51 8.83 15.40
C GLN A 208 -4.32 9.81 14.58
N ILE A 209 -4.89 10.78 15.28
CA ILE A 209 -5.75 11.79 14.67
C ILE A 209 -5.34 13.18 15.18
N ASP A 210 -5.45 14.21 14.33
CA ASP A 210 -5.20 15.58 14.73
C ASP A 210 -6.05 16.49 13.88
N PRO A 211 -6.81 17.41 14.50
CA PRO A 211 -7.72 18.31 13.79
C PRO A 211 -6.98 19.54 13.27
N TYR A 212 -7.66 20.27 12.38
CA TYR A 212 -7.18 21.51 11.80
C TYR A 212 -7.30 22.66 12.79
N MET A 1 -9.37 3.09 24.99
CA MET A 1 -10.36 2.88 23.95
C MET A 1 -10.22 1.47 23.43
N THR A 2 -9.03 1.10 22.96
CA THR A 2 -8.77 -0.19 22.32
C THR A 2 -9.70 -0.38 21.10
N TRP A 3 -9.38 -1.36 20.25
CA TRP A 3 -10.17 -1.62 19.05
C TRP A 3 -9.98 -3.05 18.53
N SER A 4 -8.76 -3.59 18.56
CA SER A 4 -8.47 -4.99 18.27
C SER A 4 -9.10 -5.61 17.03
N GLY A 5 -9.48 -4.80 16.04
CA GLY A 5 -9.91 -5.25 14.74
C GLY A 5 -11.09 -6.20 14.81
N GLN A 6 -12.24 -5.65 15.19
CA GLN A 6 -13.42 -6.47 15.35
C GLN A 6 -13.99 -6.93 13.99
N LEU A 7 -13.67 -6.26 12.89
CA LEU A 7 -14.24 -6.63 11.59
C LEU A 7 -13.42 -6.22 10.35
N PRO A 8 -12.17 -5.71 10.43
CA PRO A 8 -11.54 -5.14 9.25
C PRO A 8 -11.31 -6.19 8.18
N PRO A 9 -11.89 -6.02 6.98
CA PRO A 9 -11.77 -6.93 5.87
C PRO A 9 -10.36 -6.88 5.25
N ARG A 10 -9.84 -8.03 4.84
CA ARG A 10 -8.56 -8.16 4.14
C ARG A 10 -8.66 -9.16 3.00
N ASN A 11 -7.62 -9.23 2.14
CA ASN A 11 -7.63 -10.10 0.96
C ASN A 11 -8.84 -9.79 0.05
N TYR A 12 -9.16 -8.50 -0.05
CA TYR A 12 -10.30 -7.98 -0.78
C TYR A 12 -10.15 -8.27 -2.28
N LYS A 13 -9.02 -7.84 -2.84
CA LYS A 13 -8.67 -8.13 -4.22
C LYS A 13 -9.74 -7.71 -5.24
N ASN A 14 -10.27 -6.48 -5.09
CA ASN A 14 -11.27 -5.96 -6.01
C ASN A 14 -10.81 -4.75 -6.83
N PRO A 15 -10.19 -3.71 -6.24
CA PRO A 15 -9.78 -2.47 -6.92
C PRO A 15 -8.58 -2.63 -7.86
N ILE A 16 -8.12 -1.50 -8.39
CA ILE A 16 -7.05 -1.40 -9.36
C ILE A 16 -5.86 -0.79 -8.63
N TYR A 17 -4.75 -0.59 -9.34
CA TYR A 17 -3.55 -0.01 -8.77
C TYR A 17 -3.45 1.51 -8.96
N SER A 18 -2.65 2.20 -8.14
CA SER A 18 -2.59 3.66 -8.18
C SER A 18 -1.19 4.20 -7.86
N CYS A 19 -0.20 3.35 -7.58
CA CYS A 19 1.18 3.81 -7.35
C CYS A 19 2.19 2.74 -7.79
N LYS A 20 3.43 2.91 -7.34
CA LYS A 20 4.55 2.05 -7.67
C LYS A 20 4.29 0.62 -7.23
N VAL A 21 5.20 -0.27 -7.64
CA VAL A 21 5.16 -1.70 -7.28
C VAL A 21 6.53 -2.11 -6.80
N PHE A 22 6.54 -2.91 -5.72
CA PHE A 22 7.75 -3.36 -5.06
C PHE A 22 8.33 -4.56 -5.83
N LEU A 23 9.64 -4.60 -5.88
CA LEU A 23 10.35 -5.72 -6.50
C LEU A 23 11.57 -6.01 -5.64
N GLY A 24 11.55 -7.12 -4.92
CA GLY A 24 12.70 -7.56 -4.14
C GLY A 24 12.81 -9.07 -3.99
N GLY A 25 13.99 -9.57 -3.56
CA GLY A 25 14.27 -10.96 -3.32
C GLY A 25 15.44 -11.47 -4.17
N VAL A 26 16.20 -10.59 -4.82
CA VAL A 26 17.29 -11.02 -5.69
C VAL A 26 18.58 -11.25 -4.89
N PRO A 27 19.08 -12.50 -4.84
CA PRO A 27 20.30 -12.86 -4.20
C PRO A 27 21.48 -12.75 -5.18
N TRP A 28 21.21 -12.32 -6.41
CA TRP A 28 22.20 -12.16 -7.48
C TRP A 28 21.92 -10.92 -8.30
N ASP A 29 22.79 -10.60 -9.25
CA ASP A 29 22.60 -9.43 -10.12
C ASP A 29 23.56 -9.50 -11.32
N ILE A 30 23.16 -8.82 -12.43
CA ILE A 30 24.06 -8.63 -13.54
C ILE A 30 24.02 -7.18 -14.00
N THR A 31 22.78 -6.62 -14.11
CA THR A 31 22.57 -5.20 -14.45
C THR A 31 21.09 -4.87 -14.20
N GLU A 32 20.79 -3.61 -13.81
CA GLU A 32 19.43 -3.17 -13.59
C GLU A 32 18.66 -3.06 -14.88
N ALA A 33 19.35 -2.83 -16.02
CA ALA A 33 18.73 -2.61 -17.33
C ALA A 33 18.35 -3.94 -17.96
N GLY A 34 18.95 -5.07 -17.49
CA GLY A 34 18.67 -6.37 -18.02
C GLY A 34 17.26 -6.80 -17.62
N LEU A 35 16.99 -6.85 -16.31
CA LEU A 35 15.65 -7.17 -15.81
C LEU A 35 14.63 -6.20 -16.42
N VAL A 36 14.94 -4.90 -16.55
CA VAL A 36 13.97 -3.96 -17.08
C VAL A 36 13.75 -4.21 -18.54
N ASN A 37 14.81 -4.49 -19.30
CA ASN A 37 14.72 -4.87 -20.73
C ASN A 37 14.18 -6.26 -20.93
N THR A 38 13.86 -6.98 -19.84
CA THR A 38 13.20 -8.28 -19.95
C THR A 38 11.69 -8.17 -20.02
N PHE A 39 11.12 -7.09 -19.41
CA PHE A 39 9.68 -6.90 -19.50
C PHE A 39 9.17 -5.48 -19.75
N ARG A 40 10.02 -4.52 -20.20
CA ARG A 40 9.56 -3.18 -20.49
C ARG A 40 8.83 -3.09 -21.83
N VAL A 41 8.28 -4.19 -22.38
CA VAL A 41 7.77 -4.22 -23.75
C VAL A 41 6.40 -3.51 -23.84
N PHE A 42 5.96 -2.88 -22.76
CA PHE A 42 4.73 -2.06 -22.78
C PHE A 42 5.00 -0.64 -23.30
N GLY A 43 6.27 -0.23 -23.44
CA GLY A 43 6.60 1.06 -24.02
C GLY A 43 6.41 2.21 -23.02
N SER A 44 5.92 1.94 -21.82
CA SER A 44 5.76 2.95 -20.80
C SER A 44 6.42 2.54 -19.48
N LEU A 45 7.38 1.62 -19.51
CA LEU A 45 7.94 1.12 -18.28
C LEU A 45 9.19 1.94 -17.89
N SER A 46 9.35 2.13 -16.59
CA SER A 46 10.47 2.82 -15.99
C SER A 46 10.67 2.27 -14.61
N VAL A 47 11.78 2.69 -13.97
CA VAL A 47 12.22 2.09 -12.73
C VAL A 47 12.93 3.08 -11.82
N GLU A 48 12.71 2.93 -10.51
CA GLU A 48 13.38 3.73 -9.50
C GLU A 48 14.39 2.87 -8.73
N TRP A 49 15.62 3.36 -8.58
CA TRP A 49 16.72 2.54 -8.11
C TRP A 49 17.68 3.38 -7.24
N PRO A 50 17.35 3.56 -5.95
CA PRO A 50 18.21 4.19 -4.99
C PRO A 50 19.31 3.25 -4.57
N GLY A 51 20.35 3.80 -3.94
CA GLY A 51 21.51 3.04 -3.52
C GLY A 51 22.55 2.88 -4.63
N LYS A 52 22.22 3.36 -5.82
CA LYS A 52 23.11 3.41 -6.98
C LYS A 52 24.28 4.38 -6.75
N ASP A 53 25.16 4.06 -5.80
CA ASP A 53 26.33 4.90 -5.48
C ASP A 53 27.55 4.05 -5.12
N GLY A 54 27.38 2.73 -5.19
CA GLY A 54 28.45 1.76 -5.00
C GLY A 54 29.32 1.62 -6.24
N LYS A 55 29.96 0.45 -6.40
CA LYS A 55 30.97 0.19 -7.44
C LYS A 55 30.32 -0.35 -8.72
N HIS A 56 31.14 -0.36 -9.79
CA HIS A 56 30.83 -0.84 -11.13
C HIS A 56 29.79 0.01 -11.89
N PRO A 57 29.86 0.06 -13.22
CA PRO A 57 28.92 0.81 -14.02
C PRO A 57 27.61 0.04 -14.12
N ARG A 58 27.54 -1.18 -13.57
CA ARG A 58 26.34 -2.00 -13.61
C ARG A 58 25.48 -1.87 -12.34
N CYS A 59 25.78 -0.87 -11.50
CA CYS A 59 25.23 -0.58 -10.18
C CYS A 59 25.54 -1.72 -9.20
N PRO A 60 25.55 -1.41 -7.91
CA PRO A 60 25.87 -2.33 -6.85
C PRO A 60 24.70 -3.25 -6.54
N PRO A 61 24.96 -4.40 -5.91
CA PRO A 61 23.96 -5.37 -5.52
C PRO A 61 23.19 -4.91 -4.29
N LYS A 62 21.87 -5.10 -4.35
CA LYS A 62 20.93 -4.77 -3.30
C LYS A 62 19.85 -5.85 -3.37
N GLY A 63 19.15 -6.09 -2.26
CA GLY A 63 18.10 -7.08 -2.23
C GLY A 63 16.82 -6.63 -2.88
N TYR A 64 16.58 -5.31 -3.04
CA TYR A 64 15.35 -4.85 -3.68
C TYR A 64 15.33 -3.37 -4.09
N VAL A 65 14.31 -3.01 -4.89
CA VAL A 65 14.02 -1.69 -5.39
C VAL A 65 12.53 -1.61 -5.75
N TYR A 66 12.08 -0.61 -6.52
CA TYR A 66 10.67 -0.56 -6.95
C TYR A 66 10.51 0.07 -8.32
N LEU A 67 9.47 -0.33 -9.06
CA LEU A 67 9.28 0.15 -10.42
C LEU A 67 8.21 1.23 -10.53
N VAL A 68 8.30 2.04 -11.58
CA VAL A 68 7.35 3.10 -11.82
C VAL A 68 7.05 3.13 -13.31
N PHE A 69 5.77 2.98 -13.65
CA PHE A 69 5.38 2.88 -15.05
C PHE A 69 3.88 3.08 -15.17
N GLU A 70 3.25 2.59 -16.26
CA GLU A 70 1.80 2.74 -16.50
C GLU A 70 1.09 2.03 -15.33
N LEU A 71 0.77 2.82 -14.30
CA LEU A 71 0.33 2.39 -12.99
C LEU A 71 -1.06 1.77 -12.91
N GLU A 72 -1.69 1.37 -14.02
CA GLU A 72 -3.01 0.80 -13.92
C GLU A 72 -3.14 -0.44 -14.81
N LYS A 73 -2.80 -0.27 -16.10
CA LYS A 73 -3.05 -1.29 -17.11
C LYS A 73 -1.89 -2.25 -17.20
N SER A 74 -0.67 -1.71 -17.13
CA SER A 74 0.55 -2.52 -17.15
C SER A 74 0.69 -3.20 -15.78
N VAL A 75 0.26 -2.53 -14.71
CA VAL A 75 0.34 -3.11 -13.37
C VAL A 75 -0.52 -4.36 -13.27
N ARG A 76 -1.78 -4.29 -13.72
CA ARG A 76 -2.73 -5.40 -13.62
C ARG A 76 -2.40 -6.52 -14.59
N SER A 77 -1.64 -6.21 -15.65
CA SER A 77 -1.32 -7.23 -16.66
C SER A 77 -0.18 -8.14 -16.20
N LEU A 78 0.78 -7.57 -15.47
CA LEU A 78 1.82 -8.36 -14.85
C LEU A 78 1.23 -9.32 -13.82
N LEU A 79 0.33 -8.86 -12.95
CA LEU A 79 -0.20 -9.72 -11.90
C LEU A 79 -1.16 -10.72 -12.50
N GLN A 80 -1.65 -10.47 -13.72
CA GLN A 80 -2.48 -11.39 -14.42
C GLN A 80 -1.65 -12.40 -15.26
N ALA A 81 -0.33 -12.14 -15.35
CA ALA A 81 0.59 -13.00 -16.07
C ALA A 81 1.57 -13.72 -15.07
N CYS A 82 1.45 -13.38 -13.80
CA CYS A 82 2.27 -13.91 -12.72
C CYS A 82 1.45 -14.84 -11.82
N SER A 83 1.88 -14.96 -10.57
CA SER A 83 1.28 -15.90 -9.63
C SER A 83 1.09 -15.22 -8.26
N HIS A 84 0.22 -15.77 -7.43
CA HIS A 84 -0.17 -15.16 -6.17
C HIS A 84 -0.36 -16.20 -5.06
N ASP A 85 -0.43 -15.79 -3.80
CA ASP A 85 -0.62 -16.67 -2.66
C ASP A 85 -1.42 -15.94 -1.62
N PRO A 86 -2.65 -16.43 -1.33
CA PRO A 86 -3.58 -15.88 -0.33
C PRO A 86 -3.29 -16.45 1.07
N LEU A 87 -2.03 -16.86 1.32
CA LEU A 87 -1.63 -17.42 2.61
C LEU A 87 -2.12 -16.56 3.75
N SER A 88 -2.13 -15.24 3.58
CA SER A 88 -2.64 -14.25 4.53
C SER A 88 -2.32 -14.58 6.01
N PRO A 89 -1.09 -14.93 6.36
CA PRO A 89 -0.69 -15.31 7.71
C PRO A 89 -0.44 -14.11 8.63
N ASP A 90 -0.20 -12.92 8.03
CA ASP A 90 -0.04 -11.68 8.78
C ASP A 90 -1.06 -10.63 8.27
N GLY A 91 -2.17 -11.11 7.69
CA GLY A 91 -3.23 -10.25 7.18
C GLY A 91 -2.92 -9.75 5.77
N LEU A 92 -1.72 -10.11 5.25
CA LEU A 92 -1.26 -9.65 3.95
C LEU A 92 -0.94 -10.85 3.06
N SER A 93 -1.11 -10.63 1.76
CA SER A 93 -0.84 -11.61 0.78
C SER A 93 0.42 -11.18 0.05
N GLU A 94 0.96 -12.07 -0.78
CA GLU A 94 2.20 -11.78 -1.50
C GLU A 94 2.11 -12.37 -2.90
N TYR A 95 2.77 -11.73 -3.86
CA TYR A 95 2.74 -12.13 -5.26
C TYR A 95 4.17 -12.40 -5.72
N TYR A 96 4.38 -13.32 -6.66
CA TYR A 96 5.72 -13.69 -7.06
C TYR A 96 5.83 -13.87 -8.59
N PHE A 97 7.04 -13.65 -9.10
CA PHE A 97 7.31 -13.79 -10.52
C PHE A 97 8.72 -14.31 -10.79
N LYS A 98 9.00 -14.67 -12.06
CA LYS A 98 10.25 -15.30 -12.44
C LYS A 98 10.85 -14.54 -13.61
N MET A 99 11.40 -13.38 -13.30
CA MET A 99 12.07 -12.53 -14.26
C MET A 99 13.48 -13.06 -14.61
N SER A 100 13.87 -14.21 -14.03
CA SER A 100 15.15 -14.81 -14.31
C SER A 100 15.28 -15.08 -15.82
N SER A 101 16.43 -14.79 -16.43
CA SER A 101 16.71 -15.06 -17.85
C SER A 101 17.71 -16.20 -17.96
N ARG A 102 18.00 -16.64 -19.17
CA ARG A 102 18.87 -17.77 -19.47
C ARG A 102 20.31 -17.59 -18.97
N ARG A 103 20.63 -16.47 -18.32
CA ARG A 103 21.98 -16.14 -17.92
C ARG A 103 22.19 -16.33 -16.41
N MET A 104 21.22 -16.91 -15.70
CA MET A 104 21.31 -17.07 -14.25
C MET A 104 21.03 -18.53 -13.90
N ARG A 105 21.27 -18.92 -12.64
CA ARG A 105 21.18 -20.30 -12.21
C ARG A 105 20.15 -20.47 -11.11
N CYS A 106 19.49 -19.36 -10.73
CA CYS A 106 18.53 -19.35 -9.63
C CYS A 106 17.18 -18.80 -10.15
N LYS A 107 16.21 -18.61 -9.24
CA LYS A 107 14.88 -18.26 -9.69
C LYS A 107 14.07 -17.42 -8.71
N GLU A 108 12.97 -16.87 -9.25
CA GLU A 108 11.91 -16.23 -8.48
C GLU A 108 12.28 -14.94 -7.75
N VAL A 109 11.29 -14.06 -7.67
CA VAL A 109 11.40 -12.80 -6.95
C VAL A 109 10.01 -12.44 -6.43
N GLN A 110 9.95 -11.50 -5.49
CA GLN A 110 8.72 -11.10 -4.84
C GLN A 110 8.30 -9.71 -5.32
N VAL A 111 6.97 -9.55 -5.45
CA VAL A 111 6.38 -8.29 -5.82
C VAL A 111 5.20 -7.95 -4.90
N ILE A 112 5.05 -6.66 -4.60
CA ILE A 112 3.93 -6.14 -3.81
C ILE A 112 3.58 -4.75 -4.37
N PRO A 113 2.46 -4.64 -5.05
CA PRO A 113 1.98 -3.37 -5.60
C PRO A 113 1.30 -2.51 -4.53
N TRP A 114 0.99 -1.27 -4.91
CA TRP A 114 0.16 -0.35 -4.15
C TRP A 114 -1.22 -0.36 -4.80
N VAL A 115 -2.22 -0.88 -4.08
CA VAL A 115 -3.60 -0.93 -4.59
C VAL A 115 -4.35 0.37 -4.26
N LEU A 116 -5.41 0.70 -5.01
CA LEU A 116 -6.27 1.84 -4.75
C LEU A 116 -6.86 1.74 -3.33
N ALA A 117 -7.01 0.50 -2.82
CA ALA A 117 -7.43 0.23 -1.45
C ALA A 117 -6.37 0.70 -0.46
N ASP A 118 -5.23 1.18 -0.97
CA ASP A 118 -4.17 1.78 -0.18
C ASP A 118 -3.99 3.25 -0.55
N SER A 119 -4.90 3.79 -1.36
CA SER A 119 -4.87 5.19 -1.73
C SER A 119 -6.07 5.95 -1.20
N ASN A 120 -7.27 5.40 -1.38
CA ASN A 120 -8.49 6.07 -0.93
C ASN A 120 -9.59 5.06 -0.68
N PHE A 121 -10.66 5.51 -0.01
CA PHE A 121 -11.84 4.71 0.28
C PHE A 121 -13.07 5.61 0.47
N VAL A 122 -14.24 5.14 0.03
CA VAL A 122 -15.47 5.90 0.15
C VAL A 122 -16.68 4.95 0.34
N ARG A 123 -17.64 5.40 1.15
CA ARG A 123 -18.84 4.63 1.46
C ARG A 123 -20.07 5.19 0.74
N SER A 124 -20.01 6.43 0.24
CA SER A 124 -21.11 7.05 -0.48
C SER A 124 -20.96 6.91 -2.00
N PRO A 125 -22.06 6.79 -2.75
CA PRO A 125 -22.04 6.51 -4.17
C PRO A 125 -21.67 7.73 -5.01
N SER A 126 -21.95 8.92 -4.48
CA SER A 126 -21.82 10.19 -5.19
C SER A 126 -21.33 11.36 -4.32
N GLN A 127 -21.03 11.14 -3.04
CA GLN A 127 -20.58 12.21 -2.18
C GLN A 127 -19.08 12.42 -2.33
N ARG A 128 -18.69 13.65 -2.04
CA ARG A 128 -17.30 14.06 -2.02
C ARG A 128 -16.99 14.74 -0.68
N LEU A 129 -15.73 15.13 -0.49
CA LEU A 129 -15.25 15.68 0.76
C LEU A 129 -16.02 16.94 1.15
N ASP A 130 -16.10 17.19 2.46
CA ASP A 130 -16.66 18.43 3.00
C ASP A 130 -15.50 19.43 3.13
N PRO A 131 -15.70 20.71 2.75
CA PRO A 131 -14.63 21.68 2.64
C PRO A 131 -14.08 22.23 3.97
N SER A 132 -14.65 21.84 5.14
CA SER A 132 -14.28 22.35 6.45
C SER A 132 -14.29 21.26 7.55
N ARG A 133 -14.64 20.02 7.21
CA ARG A 133 -14.90 18.97 8.19
C ARG A 133 -14.02 17.73 7.99
N THR A 134 -12.71 17.93 8.09
CA THR A 134 -11.74 16.87 7.85
C THR A 134 -10.66 16.99 8.91
N VAL A 135 -10.08 15.86 9.31
CA VAL A 135 -9.02 15.85 10.32
C VAL A 135 -7.77 15.17 9.78
N PHE A 136 -6.66 15.27 10.50
CA PHE A 136 -5.41 14.67 10.07
C PHE A 136 -5.26 13.35 10.78
N VAL A 137 -5.08 12.28 10.00
CA VAL A 137 -4.99 10.92 10.55
C VAL A 137 -3.55 10.46 10.48
N GLY A 138 -3.03 9.92 11.57
CA GLY A 138 -1.67 9.42 11.67
C GLY A 138 -1.71 7.96 12.04
N ALA A 139 -1.60 7.09 11.04
CA ALA A 139 -1.65 5.63 11.26
C ALA A 139 -0.72 4.91 10.27
N LEU A 140 0.09 3.99 10.78
CA LEU A 140 1.19 3.35 10.05
C LEU A 140 1.65 2.02 10.68
N HIS A 141 2.26 1.15 9.87
CA HIS A 141 2.93 -0.04 10.38
C HIS A 141 3.94 -0.61 9.39
N GLY A 142 4.14 0.13 8.30
CA GLY A 142 4.95 -0.25 7.15
C GLY A 142 4.13 -0.37 5.86
N MET A 143 2.80 -0.51 5.99
CA MET A 143 1.93 -0.57 4.81
C MET A 143 0.46 -0.36 5.24
N LEU A 144 0.20 0.59 6.13
CA LEU A 144 -1.17 0.86 6.60
C LEU A 144 -2.04 1.18 5.37
N ASN A 145 -3.22 0.54 5.30
CA ASN A 145 -4.09 0.63 4.13
C ASN A 145 -5.43 1.28 4.50
N ALA A 146 -6.21 1.69 3.48
CA ALA A 146 -7.49 2.35 3.71
C ALA A 146 -8.53 1.39 4.30
N GLU A 147 -8.31 0.08 4.21
CA GLU A 147 -9.28 -0.87 4.76
C GLU A 147 -9.12 -0.94 6.28
N ALA A 148 -7.92 -0.72 6.79
CA ALA A 148 -7.71 -0.61 8.23
C ALA A 148 -8.32 0.68 8.75
N LEU A 149 -8.21 1.75 7.97
CA LEU A 149 -8.75 3.02 8.39
C LEU A 149 -10.25 2.99 8.27
N ALA A 150 -10.79 2.46 7.18
CA ALA A 150 -12.22 2.47 6.97
C ALA A 150 -12.90 1.83 8.17
N ALA A 151 -12.30 0.74 8.67
CA ALA A 151 -12.89 -0.01 9.75
C ALA A 151 -12.88 0.71 11.09
N ILE A 152 -11.85 1.52 11.35
CA ILE A 152 -11.79 2.36 12.54
C ILE A 152 -12.92 3.38 12.53
N LEU A 153 -13.33 3.84 11.36
CA LEU A 153 -14.21 4.99 11.27
C LEU A 153 -15.66 4.51 11.32
N ASN A 154 -15.90 3.29 10.81
CA ASN A 154 -17.24 2.75 10.77
C ASN A 154 -17.56 1.93 12.01
N ASP A 155 -16.55 1.57 12.81
CA ASP A 155 -16.77 0.78 14.01
C ASP A 155 -16.93 1.69 15.25
N LEU A 156 -16.21 2.82 15.24
CA LEU A 156 -16.17 3.70 16.40
C LEU A 156 -17.09 4.92 16.25
N PHE A 157 -17.63 5.19 15.06
CA PHE A 157 -18.60 6.25 14.92
C PHE A 157 -19.90 5.85 14.24
N GLY A 158 -19.85 5.08 13.16
CA GLY A 158 -21.06 4.70 12.41
C GLY A 158 -21.47 5.72 11.34
N GLY A 159 -20.75 6.86 11.22
CA GLY A 159 -21.10 7.88 10.25
C GLY A 159 -19.87 8.35 9.50
N VAL A 160 -19.69 7.90 8.26
CA VAL A 160 -18.51 8.28 7.49
C VAL A 160 -18.85 8.44 6.02
N VAL A 161 -18.03 9.17 5.27
CA VAL A 161 -18.16 9.32 3.83
C VAL A 161 -16.94 8.79 3.11
N TYR A 162 -15.77 9.32 3.41
CA TYR A 162 -14.55 9.01 2.68
C TYR A 162 -13.34 9.05 3.60
N ALA A 163 -12.32 8.28 3.27
CA ALA A 163 -11.06 8.31 3.99
C ALA A 163 -9.97 8.13 2.98
N GLY A 164 -8.86 8.89 3.10
CA GLY A 164 -7.79 8.82 2.11
C GLY A 164 -6.40 8.79 2.76
N ILE A 165 -5.45 8.17 2.08
CA ILE A 165 -4.04 8.19 2.44
C ILE A 165 -3.37 9.34 1.69
N ASP A 166 -2.30 9.88 2.24
CA ASP A 166 -1.58 10.97 1.60
C ASP A 166 -0.38 10.42 0.86
N THR A 167 -0.35 10.74 -0.44
CA THR A 167 0.71 10.25 -1.33
C THR A 167 1.37 11.38 -2.08
N ASP A 168 2.59 11.06 -2.54
CA ASP A 168 3.38 11.87 -3.45
C ASP A 168 3.96 10.94 -4.48
N LYS A 169 4.37 11.49 -5.63
CA LYS A 169 4.75 10.69 -6.77
C LYS A 169 5.76 9.59 -6.42
N HIS A 170 5.29 8.33 -6.31
CA HIS A 170 6.08 7.14 -6.03
C HIS A 170 6.96 7.21 -4.79
N LYS A 171 6.60 8.10 -3.83
CA LYS A 171 7.35 8.32 -2.59
C LYS A 171 7.10 7.23 -1.57
N TYR A 172 6.07 6.40 -1.82
CA TYR A 172 5.66 5.28 -0.99
C TYR A 172 5.68 5.50 0.52
N PRO A 173 5.03 6.57 1.03
CA PRO A 173 5.01 6.88 2.45
C PRO A 173 4.08 5.97 3.26
N ILE A 174 3.01 5.50 2.60
CA ILE A 174 1.97 4.60 3.09
C ILE A 174 1.73 4.71 4.60
N GLY A 175 1.06 5.79 5.01
CA GLY A 175 0.73 6.01 6.41
C GLY A 175 -0.26 7.14 6.63
N SER A 176 0.29 8.35 6.79
CA SER A 176 -0.49 9.51 7.17
C SER A 176 -1.63 9.71 6.15
N GLY A 177 -2.72 10.34 6.60
CA GLY A 177 -3.87 10.56 5.76
C GLY A 177 -4.83 11.64 6.27
N ARG A 178 -5.98 11.78 5.62
CA ARG A 178 -7.03 12.69 6.03
C ARG A 178 -8.41 12.06 5.84
N VAL A 179 -9.42 12.53 6.56
CA VAL A 179 -10.72 11.83 6.55
C VAL A 179 -11.85 12.83 6.64
N THR A 180 -13.00 12.45 6.06
CA THR A 180 -14.20 13.26 6.16
C THR A 180 -15.34 12.33 6.63
N PHE A 181 -16.27 12.88 7.42
CA PHE A 181 -17.29 12.06 8.05
C PHE A 181 -18.70 12.52 7.66
N ASN A 182 -18.84 13.82 7.39
CA ASN A 182 -20.16 14.42 7.12
C ASN A 182 -21.09 14.22 8.33
N ASN A 183 -20.47 13.89 9.47
CA ASN A 183 -21.18 13.68 10.76
C ASN A 183 -20.36 14.29 11.90
N GLN A 184 -21.03 14.93 12.86
CA GLN A 184 -20.37 15.57 13.99
C GLN A 184 -20.00 14.56 15.07
N ARG A 185 -20.64 13.39 15.09
CA ARG A 185 -20.36 12.40 16.14
C ARG A 185 -18.88 12.03 16.10
N SER A 186 -18.26 11.95 14.90
CA SER A 186 -16.90 11.45 14.79
C SER A 186 -15.91 12.55 15.09
N TYR A 187 -16.39 13.80 15.11
CA TYR A 187 -15.50 14.91 15.40
C TYR A 187 -15.23 15.00 16.89
N LEU A 188 -16.26 15.23 17.71
CA LEU A 188 -16.01 15.40 19.13
C LEU A 188 -15.62 14.10 19.84
N LYS A 189 -15.89 12.96 19.21
CA LYS A 189 -15.49 11.66 19.73
C LYS A 189 -14.06 11.29 19.36
N ALA A 190 -13.54 11.73 18.20
CA ALA A 190 -12.17 11.41 17.79
C ALA A 190 -11.23 12.38 18.48
N VAL A 191 -11.71 13.61 18.71
CA VAL A 191 -10.99 14.55 19.51
C VAL A 191 -10.91 14.10 20.95
N SER A 192 -11.96 13.36 21.41
CA SER A 192 -12.01 12.87 22.77
C SER A 192 -11.10 11.65 22.96
N ALA A 193 -10.90 10.90 21.86
CA ALA A 193 -10.13 9.67 21.90
C ALA A 193 -8.69 9.90 21.52
N ALA A 194 -8.43 10.49 20.34
CA ALA A 194 -7.08 10.79 19.80
C ALA A 194 -6.14 9.59 19.61
N PHE A 195 -6.45 8.45 20.22
CA PHE A 195 -5.67 7.24 20.00
C PHE A 195 -6.51 6.02 20.33
N VAL A 196 -6.23 4.92 19.60
CA VAL A 196 -6.75 3.59 19.93
C VAL A 196 -5.65 2.54 19.74
N GLU A 197 -5.72 1.48 20.53
CA GLU A 197 -4.81 0.35 20.38
C GLU A 197 -5.47 -0.78 19.58
N ILE A 198 -4.63 -1.55 18.87
CA ILE A 198 -5.07 -2.70 18.09
C ILE A 198 -4.31 -3.95 18.54
N LYS A 199 -5.04 -4.93 19.08
CA LYS A 199 -4.46 -6.18 19.59
C LYS A 199 -5.19 -7.37 18.95
N THR A 200 -5.00 -7.46 17.63
CA THR A 200 -5.52 -8.55 16.81
C THR A 200 -4.65 -9.80 16.97
N THR A 201 -5.17 -10.99 16.65
CA THR A 201 -4.44 -12.25 16.80
C THR A 201 -3.19 -12.27 15.91
N LYS A 202 -3.20 -11.47 14.84
CA LYS A 202 -2.13 -11.37 13.87
C LYS A 202 -1.86 -9.97 13.34
N PHE A 203 -2.06 -8.95 14.20
CA PHE A 203 -1.75 -7.58 13.86
C PHE A 203 -1.79 -6.73 15.13
N THR A 204 -0.70 -6.01 15.41
CA THR A 204 -0.59 -5.15 16.58
C THR A 204 0.03 -3.79 16.24
N LYS A 205 -0.73 -2.71 16.54
CA LYS A 205 -0.26 -1.34 16.32
C LYS A 205 -1.14 -0.32 17.08
N LYS A 206 -0.75 0.95 16.99
CA LYS A 206 -1.55 2.04 17.54
C LYS A 206 -1.82 3.06 16.44
N VAL A 207 -2.86 3.87 16.55
CA VAL A 207 -3.15 4.83 15.46
C VAL A 207 -3.67 6.14 16.03
N GLN A 208 -3.37 7.24 15.34
CA GLN A 208 -3.59 8.55 15.92
C GLN A 208 -4.57 9.42 15.15
N ILE A 209 -5.11 10.44 15.81
CA ILE A 209 -6.02 11.41 15.17
C ILE A 209 -5.76 12.82 15.70
N ASP A 210 -5.75 13.84 14.82
CA ASP A 210 -5.56 15.22 15.25
C ASP A 210 -6.32 16.16 14.30
N PRO A 211 -7.14 17.07 14.85
CA PRO A 211 -8.02 17.88 14.01
C PRO A 211 -7.34 19.12 13.42
N TYR A 212 -8.08 19.81 12.55
CA TYR A 212 -7.68 21.11 12.01
C TYR A 212 -8.87 21.92 11.50
N MET A 1 -8.47 3.71 22.63
CA MET A 1 -9.45 2.61 22.87
C MET A 1 -8.96 1.36 22.15
N THR A 2 -9.68 0.26 22.34
CA THR A 2 -9.29 -1.04 21.80
C THR A 2 -10.57 -1.79 21.37
N TRP A 3 -11.10 -1.37 20.22
CA TRP A 3 -12.32 -1.95 19.67
C TRP A 3 -11.99 -3.12 18.75
N SER A 4 -10.71 -3.46 18.63
CA SER A 4 -10.18 -4.39 17.65
C SER A 4 -11.02 -5.63 17.34
N GLY A 5 -11.02 -6.02 16.04
CA GLY A 5 -11.61 -7.27 15.58
C GLY A 5 -11.81 -7.29 14.05
N GLN A 6 -11.79 -6.09 13.42
CA GLN A 6 -11.87 -5.85 11.98
C GLN A 6 -13.15 -6.45 11.37
N LEU A 7 -13.90 -5.64 10.63
CA LEU A 7 -15.08 -6.11 9.92
C LEU A 7 -14.86 -6.22 8.40
N PRO A 8 -14.34 -5.17 7.73
CA PRO A 8 -14.19 -5.08 6.28
C PRO A 8 -13.29 -6.17 5.69
N PRO A 9 -13.44 -6.37 4.37
CA PRO A 9 -12.69 -7.36 3.61
C PRO A 9 -11.25 -6.92 3.44
N ARG A 10 -10.36 -7.87 3.13
CA ARG A 10 -8.97 -7.54 2.85
C ARG A 10 -8.33 -8.56 1.90
N ASN A 11 -9.12 -9.12 0.99
CA ASN A 11 -8.67 -10.11 0.00
C ASN A 11 -8.40 -9.48 -1.39
N TYR A 12 -8.95 -8.28 -1.70
CA TYR A 12 -8.73 -7.61 -2.99
C TYR A 12 -8.79 -8.52 -4.24
N LYS A 13 -7.85 -8.31 -5.16
CA LYS A 13 -7.83 -8.93 -6.49
C LYS A 13 -8.98 -8.44 -7.36
N ASN A 14 -9.38 -7.18 -7.20
CA ASN A 14 -10.41 -6.57 -8.02
C ASN A 14 -10.08 -5.14 -8.50
N PRO A 15 -9.48 -4.25 -7.66
CA PRO A 15 -9.24 -2.88 -8.02
C PRO A 15 -8.10 -2.66 -9.01
N ILE A 16 -7.84 -1.38 -9.31
CA ILE A 16 -6.81 -0.91 -10.22
C ILE A 16 -5.51 -0.59 -9.43
N TYR A 17 -4.35 -0.50 -10.07
CA TYR A 17 -3.05 -0.18 -9.47
C TYR A 17 -2.65 1.20 -9.93
N SER A 18 -2.09 2.05 -9.04
CA SER A 18 -1.89 3.46 -9.44
C SER A 18 -0.72 4.21 -8.77
N CYS A 19 0.08 3.59 -7.92
CA CYS A 19 1.14 4.29 -7.18
C CYS A 19 2.38 3.44 -6.86
N LYS A 20 3.09 2.98 -7.90
CA LYS A 20 4.32 2.22 -7.76
C LYS A 20 4.08 0.83 -7.17
N VAL A 21 5.05 -0.07 -7.34
CA VAL A 21 5.00 -1.39 -6.74
C VAL A 21 6.28 -1.66 -5.96
N PHE A 22 6.13 -2.36 -4.82
CA PHE A 22 7.24 -2.80 -3.97
C PHE A 22 7.82 -4.08 -4.54
N LEU A 23 9.14 -4.12 -4.74
CA LEU A 23 9.78 -5.28 -5.36
C LEU A 23 11.06 -5.62 -4.59
N GLY A 24 11.02 -6.72 -3.85
CA GLY A 24 12.14 -7.06 -3.00
C GLY A 24 12.12 -8.54 -2.68
N GLY A 25 13.27 -9.04 -2.26
CA GLY A 25 13.45 -10.45 -1.98
C GLY A 25 14.78 -10.93 -2.58
N VAL A 26 15.50 -10.07 -3.30
CA VAL A 26 16.78 -10.51 -3.91
C VAL A 26 17.86 -10.63 -2.84
N PRO A 27 18.47 -11.83 -2.69
CA PRO A 27 19.49 -12.12 -1.69
C PRO A 27 20.87 -11.73 -2.22
N TRP A 28 20.88 -11.31 -3.51
CA TRP A 28 22.07 -10.95 -4.27
C TRP A 28 21.84 -9.63 -5.03
N ASP A 29 22.90 -9.14 -5.70
CA ASP A 29 22.91 -7.87 -6.38
C ASP A 29 24.06 -7.82 -7.40
N ILE A 30 23.84 -7.13 -8.53
CA ILE A 30 24.89 -6.92 -9.55
C ILE A 30 24.75 -5.56 -10.18
N THR A 31 23.52 -5.22 -10.66
CA THR A 31 23.13 -3.95 -11.26
C THR A 31 21.62 -3.94 -11.26
N GLU A 32 20.94 -2.88 -10.79
CA GLU A 32 19.47 -2.82 -10.81
C GLU A 32 18.93 -2.66 -12.21
N ALA A 33 19.77 -2.31 -13.18
CA ALA A 33 19.42 -2.18 -14.59
C ALA A 33 19.07 -3.57 -15.16
N GLY A 34 19.55 -4.62 -14.47
CA GLY A 34 19.31 -5.97 -14.90
C GLY A 34 17.82 -6.29 -14.74
N LEU A 35 17.19 -5.77 -13.70
CA LEU A 35 15.77 -5.99 -13.51
C LEU A 35 15.00 -5.10 -14.51
N VAL A 36 15.41 -3.85 -14.63
CA VAL A 36 14.66 -2.93 -15.47
C VAL A 36 14.69 -3.39 -16.93
N ASN A 37 15.88 -3.62 -17.46
CA ASN A 37 16.04 -3.87 -18.88
C ASN A 37 15.70 -5.30 -19.29
N THR A 38 15.58 -6.25 -18.31
CA THR A 38 15.15 -7.61 -18.63
C THR A 38 13.61 -7.70 -18.77
N PHE A 39 12.87 -6.81 -18.10
CA PHE A 39 11.40 -6.82 -18.26
C PHE A 39 10.85 -5.44 -18.66
N ARG A 40 11.64 -4.65 -19.42
CA ARG A 40 11.22 -3.38 -19.99
C ARG A 40 10.75 -3.59 -21.44
N VAL A 41 11.12 -4.70 -22.02
CA VAL A 41 10.98 -4.93 -23.46
C VAL A 41 9.53 -5.12 -23.96
N PHE A 42 8.54 -4.66 -23.17
CA PHE A 42 7.15 -4.83 -23.56
C PHE A 42 6.35 -3.53 -23.52
N GLY A 43 6.96 -2.40 -23.17
CA GLY A 43 6.21 -1.13 -23.16
C GLY A 43 7.07 -0.01 -22.60
N SER A 44 6.96 0.29 -21.32
CA SER A 44 7.67 1.37 -20.72
C SER A 44 8.06 0.99 -19.28
N LEU A 45 9.22 1.47 -18.79
CA LEU A 45 9.60 1.21 -17.41
C LEU A 45 10.60 2.23 -16.86
N SER A 46 10.59 2.47 -15.55
CA SER A 46 11.52 3.36 -14.89
C SER A 46 11.75 2.85 -13.47
N VAL A 47 12.63 3.47 -12.71
CA VAL A 47 12.99 2.92 -11.41
C VAL A 47 13.22 4.00 -10.34
N GLU A 48 12.95 3.63 -9.09
CA GLU A 48 13.09 4.52 -7.96
C GLU A 48 13.94 3.88 -6.85
N TRP A 49 14.59 4.73 -6.03
CA TRP A 49 15.59 4.29 -5.06
C TRP A 49 15.07 4.43 -3.62
N PRO A 50 15.34 3.45 -2.74
CA PRO A 50 14.86 3.40 -1.39
C PRO A 50 15.70 4.34 -0.52
N GLY A 51 16.99 4.54 -0.88
CA GLY A 51 17.89 5.39 -0.12
C GLY A 51 18.12 6.77 -0.76
N LYS A 52 18.01 6.87 -2.10
CA LYS A 52 18.21 8.12 -2.84
C LYS A 52 19.45 8.84 -2.34
N ASP A 53 20.57 8.11 -2.26
CA ASP A 53 21.81 8.61 -1.67
C ASP A 53 22.96 8.63 -2.68
N GLY A 54 22.75 8.06 -3.85
CA GLY A 54 23.74 8.07 -4.91
C GLY A 54 24.97 7.22 -4.59
N LYS A 55 24.93 6.42 -3.51
CA LYS A 55 26.10 5.66 -3.07
C LYS A 55 26.57 4.72 -4.15
N HIS A 56 25.64 4.12 -4.91
CA HIS A 56 26.03 3.16 -5.92
C HIS A 56 25.12 3.31 -7.14
N PRO A 57 25.67 3.48 -8.35
CA PRO A 57 24.95 3.49 -9.62
C PRO A 57 24.67 2.06 -10.06
N ARG A 58 25.32 1.08 -9.41
CA ARG A 58 25.08 -0.34 -9.66
C ARG A 58 23.75 -0.77 -9.10
N CYS A 59 23.67 -0.86 -7.77
CA CYS A 59 22.50 -1.32 -7.06
C CYS A 59 22.52 -0.80 -5.63
N PRO A 60 21.38 -0.44 -5.04
CA PRO A 60 21.33 -0.03 -3.65
C PRO A 60 21.75 -1.15 -2.73
N PRO A 61 22.13 -0.82 -1.49
CA PRO A 61 22.60 -1.76 -0.48
C PRO A 61 21.42 -2.51 0.15
N LYS A 62 20.32 -2.67 -0.58
CA LYS A 62 19.10 -3.25 -0.06
C LYS A 62 18.76 -4.50 -0.89
N GLY A 63 17.96 -5.38 -0.26
CA GLY A 63 17.40 -6.55 -0.95
C GLY A 63 16.15 -6.21 -1.77
N TYR A 64 15.84 -4.92 -1.93
CA TYR A 64 14.66 -4.48 -2.65
C TYR A 64 14.82 -3.10 -3.27
N VAL A 65 13.84 -2.71 -4.10
CA VAL A 65 13.84 -1.44 -4.85
C VAL A 65 12.41 -1.11 -5.17
N TYR A 66 12.12 0.04 -5.80
CA TYR A 66 10.78 0.37 -6.23
C TYR A 66 10.71 0.54 -7.75
N LEU A 67 9.54 0.35 -8.36
CA LEU A 67 9.38 0.48 -9.80
C LEU A 67 8.34 1.56 -10.07
N VAL A 68 8.64 2.44 -11.02
CA VAL A 68 7.78 3.47 -11.51
C VAL A 68 7.66 3.30 -13.02
N PHE A 69 6.45 3.09 -13.52
CA PHE A 69 6.21 2.79 -14.93
C PHE A 69 4.81 3.17 -15.35
N GLU A 70 4.27 2.55 -16.41
CA GLU A 70 2.93 2.88 -16.89
C GLU A 70 1.85 2.42 -15.88
N LEU A 71 2.17 2.16 -14.60
CA LEU A 71 1.21 1.80 -13.57
C LEU A 71 0.29 0.69 -14.04
N GLU A 72 -0.98 0.81 -13.66
CA GLU A 72 -2.10 0.06 -14.13
C GLU A 72 -1.79 -1.21 -14.95
N LYS A 73 -1.38 -1.05 -16.20
CA LYS A 73 -1.24 -2.14 -17.16
C LYS A 73 0.04 -2.91 -17.01
N SER A 74 1.10 -2.27 -16.52
CA SER A 74 2.40 -2.86 -16.33
C SER A 74 2.37 -3.69 -15.06
N VAL A 75 1.55 -3.25 -14.11
CA VAL A 75 1.43 -3.91 -12.83
C VAL A 75 0.76 -5.26 -13.05
N ARG A 76 -0.46 -5.26 -13.65
CA ARG A 76 -1.23 -6.50 -13.83
C ARG A 76 -0.68 -7.45 -14.91
N SER A 77 0.12 -6.91 -15.82
CA SER A 77 0.72 -7.69 -16.89
C SER A 77 1.82 -8.62 -16.33
N LEU A 78 2.68 -8.15 -15.42
CA LEU A 78 3.78 -8.93 -14.88
C LEU A 78 3.29 -9.94 -13.86
N LEU A 79 2.42 -9.57 -12.92
CA LEU A 79 1.95 -10.52 -11.94
C LEU A 79 0.97 -11.57 -12.50
N GLN A 80 0.41 -11.32 -13.69
CA GLN A 80 -0.35 -12.32 -14.44
C GLN A 80 0.53 -13.02 -15.47
N ALA A 81 1.71 -12.48 -15.84
CA ALA A 81 2.64 -13.17 -16.70
C ALA A 81 3.44 -14.22 -15.94
N CYS A 82 3.50 -14.11 -14.61
CA CYS A 82 4.18 -15.08 -13.76
C CYS A 82 3.23 -15.84 -12.81
N SER A 83 3.26 -15.56 -11.51
CA SER A 83 2.57 -16.41 -10.54
C SER A 83 1.94 -15.63 -9.39
N HIS A 84 1.03 -16.29 -8.68
CA HIS A 84 0.30 -15.77 -7.53
C HIS A 84 0.06 -16.94 -6.59
N ASP A 85 -0.14 -16.62 -5.32
CA ASP A 85 -0.36 -17.64 -4.31
C ASP A 85 -1.38 -17.10 -3.32
N PRO A 86 -2.48 -17.84 -3.09
CA PRO A 86 -3.54 -17.58 -2.14
C PRO A 86 -3.14 -17.94 -0.70
N LEU A 87 -1.85 -18.19 -0.45
CA LEU A 87 -1.29 -18.60 0.83
C LEU A 87 -1.96 -17.89 2.02
N SER A 88 -2.16 -16.56 1.93
CA SER A 88 -2.85 -15.77 2.96
C SER A 88 -2.44 -16.15 4.39
N PRO A 89 -1.13 -16.20 4.70
CA PRO A 89 -0.67 -16.54 6.04
C PRO A 89 -0.81 -15.39 7.03
N ASP A 90 -1.12 -14.19 6.52
CA ASP A 90 -1.35 -13.07 7.40
C ASP A 90 -2.58 -12.30 6.96
N GLY A 91 -3.41 -12.96 6.13
CA GLY A 91 -4.65 -12.40 5.62
C GLY A 91 -4.40 -11.61 4.32
N LEU A 92 -3.18 -11.67 3.81
CA LEU A 92 -2.83 -11.03 2.55
C LEU A 92 -2.14 -11.98 1.59
N SER A 93 -2.46 -11.85 0.29
CA SER A 93 -1.90 -12.68 -0.76
C SER A 93 -0.52 -12.17 -1.14
N GLU A 94 0.24 -12.98 -1.88
CA GLU A 94 1.58 -12.61 -2.31
C GLU A 94 1.76 -12.99 -3.77
N TYR A 95 2.46 -12.15 -4.54
CA TYR A 95 2.75 -12.45 -5.93
C TYR A 95 4.22 -12.78 -6.07
N TYR A 96 4.54 -13.72 -6.98
CA TYR A 96 5.90 -14.12 -7.22
C TYR A 96 6.25 -13.88 -8.69
N PHE A 97 7.54 -13.64 -8.90
CA PHE A 97 8.07 -13.30 -10.19
C PHE A 97 9.49 -13.83 -10.33
N LYS A 98 10.00 -13.99 -11.56
CA LYS A 98 11.34 -14.51 -11.79
C LYS A 98 12.01 -13.59 -12.80
N MET A 99 13.24 -13.17 -12.50
CA MET A 99 13.84 -12.09 -13.27
C MET A 99 15.34 -12.26 -13.50
N SER A 100 16.01 -13.28 -12.96
CA SER A 100 17.44 -13.53 -13.19
C SER A 100 17.75 -15.03 -13.24
N SER A 101 16.82 -15.82 -13.77
CA SER A 101 16.89 -17.28 -13.88
C SER A 101 18.03 -17.78 -14.74
N ARG A 102 18.70 -16.83 -15.44
CA ARG A 102 19.78 -17.13 -16.36
C ARG A 102 20.91 -16.10 -16.20
N ARG A 103 20.77 -15.20 -15.21
CA ARG A 103 21.69 -14.10 -15.00
C ARG A 103 22.45 -14.25 -13.69
N MET A 104 21.83 -14.92 -12.71
CA MET A 104 22.35 -15.00 -11.36
C MET A 104 22.36 -16.44 -10.82
N ARG A 105 22.04 -17.44 -11.66
CA ARG A 105 21.83 -18.83 -11.34
C ARG A 105 20.67 -18.99 -10.35
N CYS A 106 20.25 -17.90 -9.71
CA CYS A 106 19.12 -17.88 -8.80
C CYS A 106 17.97 -17.08 -9.40
N LYS A 107 16.79 -17.20 -8.79
CA LYS A 107 15.59 -16.52 -9.26
C LYS A 107 14.54 -16.39 -8.16
N GLU A 108 13.27 -16.13 -8.54
CA GLU A 108 12.15 -15.85 -7.64
C GLU A 108 12.35 -14.58 -6.82
N VAL A 109 11.28 -13.80 -6.69
CA VAL A 109 11.24 -12.60 -5.85
C VAL A 109 9.76 -12.34 -5.52
N GLN A 110 9.47 -11.53 -4.50
CA GLN A 110 8.09 -11.28 -4.14
C GLN A 110 7.65 -9.84 -4.48
N VAL A 111 6.34 -9.65 -4.67
CA VAL A 111 5.81 -8.40 -5.14
C VAL A 111 4.52 -8.04 -4.41
N ILE A 112 4.39 -6.76 -4.05
CA ILE A 112 3.19 -6.25 -3.40
C ILE A 112 2.97 -4.81 -3.85
N PRO A 113 2.13 -4.61 -4.89
CA PRO A 113 1.89 -3.34 -5.53
C PRO A 113 0.89 -2.50 -4.75
N TRP A 114 0.77 -1.22 -5.16
CA TRP A 114 -0.19 -0.30 -4.61
C TRP A 114 -1.53 -0.41 -5.31
N VAL A 115 -2.53 -0.84 -4.55
CA VAL A 115 -3.87 -1.06 -5.04
C VAL A 115 -4.73 0.15 -4.68
N LEU A 116 -5.65 0.46 -5.58
CA LEU A 116 -6.48 1.63 -5.43
C LEU A 116 -7.29 1.57 -4.14
N ALA A 117 -7.67 0.36 -3.70
CA ALA A 117 -8.54 0.17 -2.54
C ALA A 117 -7.80 0.17 -1.20
N ASP A 118 -6.47 0.17 -1.21
CA ASP A 118 -5.69 0.18 0.03
C ASP A 118 -5.36 1.62 0.47
N SER A 119 -5.78 2.60 -0.33
CA SER A 119 -5.48 3.99 -0.06
C SER A 119 -6.74 4.88 -0.12
N ASN A 120 -7.90 4.30 -0.46
CA ASN A 120 -9.13 5.06 -0.56
C ASN A 120 -10.32 4.19 -0.21
N PHE A 121 -11.29 4.76 0.51
CA PHE A 121 -12.48 4.07 0.95
C PHE A 121 -13.60 5.07 1.22
N VAL A 122 -14.59 5.14 0.34
CA VAL A 122 -15.75 5.99 0.56
C VAL A 122 -16.84 5.24 1.33
N ARG A 123 -17.67 5.93 2.12
CA ARG A 123 -18.75 5.32 2.91
C ARG A 123 -20.11 5.75 2.37
N SER A 124 -20.14 6.04 1.08
CA SER A 124 -21.34 6.46 0.41
C SER A 124 -21.34 5.81 -0.98
N PRO A 125 -22.53 5.50 -1.54
CA PRO A 125 -22.71 4.95 -2.88
C PRO A 125 -22.53 6.04 -3.92
N SER A 126 -22.33 7.28 -3.47
CA SER A 126 -22.11 8.42 -4.37
C SER A 126 -21.00 9.28 -3.80
N GLN A 127 -20.47 10.19 -4.62
CA GLN A 127 -19.34 11.04 -4.25
C GLN A 127 -19.75 12.50 -4.20
N ARG A 128 -19.45 13.14 -3.07
CA ARG A 128 -19.87 14.51 -2.80
C ARG A 128 -18.77 15.26 -2.07
N LEU A 129 -18.14 14.57 -1.13
CA LEU A 129 -17.16 15.14 -0.18
C LEU A 129 -17.72 16.40 0.52
N ASP A 130 -16.82 17.17 1.16
CA ASP A 130 -17.14 18.49 1.70
C ASP A 130 -15.93 19.42 1.49
N PRO A 131 -16.15 20.69 1.15
CA PRO A 131 -15.07 21.59 0.82
C PRO A 131 -14.18 21.98 1.99
N SER A 132 -14.55 21.55 3.20
CA SER A 132 -13.80 21.88 4.38
C SER A 132 -13.99 20.80 5.44
N ARG A 133 -13.53 21.07 6.66
CA ARG A 133 -13.64 20.21 7.84
C ARG A 133 -13.22 18.76 7.60
N THR A 134 -11.99 18.43 8.00
CA THR A 134 -11.42 17.11 7.82
C THR A 134 -10.30 16.98 8.84
N VAL A 135 -9.96 15.75 9.23
CA VAL A 135 -8.92 15.48 10.24
C VAL A 135 -7.87 14.53 9.68
N PHE A 136 -6.63 14.69 10.16
CA PHE A 136 -5.46 14.03 9.58
C PHE A 136 -5.27 12.62 10.14
N VAL A 137 -4.64 11.75 9.35
CA VAL A 137 -4.38 10.36 9.73
C VAL A 137 -2.91 10.05 9.51
N GLY A 138 -2.25 9.43 10.48
CA GLY A 138 -0.82 9.17 10.36
C GLY A 138 -0.27 8.19 11.40
N ALA A 139 1.06 8.11 11.51
CA ALA A 139 1.75 7.09 12.30
C ALA A 139 1.41 5.64 11.88
N LEU A 140 0.89 5.47 10.66
CA LEU A 140 0.60 4.15 10.12
C LEU A 140 1.90 3.37 9.90
N HIS A 141 1.86 2.03 9.92
CA HIS A 141 3.08 1.23 9.90
C HIS A 141 3.71 1.07 8.54
N GLY A 142 3.34 1.91 7.55
CA GLY A 142 4.02 1.96 6.26
C GLY A 142 3.48 0.98 5.25
N MET A 143 2.36 0.33 5.57
CA MET A 143 1.67 -0.54 4.62
C MET A 143 0.20 -0.77 4.97
N LEU A 144 -0.34 0.01 5.92
CA LEU A 144 -1.72 -0.13 6.37
C LEU A 144 -2.68 0.18 5.23
N ASN A 145 -3.75 -0.58 5.11
CA ASN A 145 -4.69 -0.49 4.00
C ASN A 145 -5.99 0.12 4.48
N ALA A 146 -6.79 0.64 3.56
CA ALA A 146 -8.02 1.32 3.90
C ALA A 146 -9.10 0.37 4.44
N GLU A 147 -8.88 -0.96 4.37
CA GLU A 147 -9.79 -1.87 5.01
C GLU A 147 -9.69 -1.69 6.53
N ALA A 148 -8.48 -1.40 7.02
CA ALA A 148 -8.25 -1.20 8.44
C ALA A 148 -8.72 0.18 8.88
N LEU A 149 -8.45 1.20 8.06
CA LEU A 149 -8.84 2.57 8.39
C LEU A 149 -10.34 2.73 8.25
N ALA A 150 -10.96 2.01 7.32
CA ALA A 150 -12.39 2.09 7.15
C ALA A 150 -13.07 1.59 8.42
N ALA A 151 -12.68 0.43 8.92
CA ALA A 151 -13.34 -0.16 10.06
C ALA A 151 -13.32 0.76 11.25
N ILE A 152 -12.19 1.44 11.47
CA ILE A 152 -12.04 2.31 12.62
C ILE A 152 -12.93 3.55 12.47
N LEU A 153 -12.96 4.12 11.26
CA LEU A 153 -13.61 5.40 11.03
C LEU A 153 -15.11 5.26 10.70
N ASN A 154 -15.63 4.02 10.61
CA ASN A 154 -17.07 3.85 10.39
C ASN A 154 -17.71 2.90 11.41
N ASP A 155 -16.93 2.38 12.36
CA ASP A 155 -17.52 1.52 13.40
C ASP A 155 -17.30 2.08 14.82
N LEU A 156 -16.33 2.96 15.01
CA LEU A 156 -16.01 3.45 16.35
C LEU A 156 -16.82 4.68 16.79
N PHE A 157 -17.37 5.48 15.87
CA PHE A 157 -18.22 6.62 16.20
C PHE A 157 -19.29 6.89 15.14
N GLY A 158 -19.10 6.30 13.94
CA GLY A 158 -20.05 6.44 12.84
C GLY A 158 -20.32 7.89 12.50
N GLY A 159 -19.47 8.52 11.69
CA GLY A 159 -19.59 9.95 11.42
C GLY A 159 -19.05 10.35 10.03
N VAL A 160 -18.63 9.40 9.21
CA VAL A 160 -17.97 9.68 7.94
C VAL A 160 -18.91 9.66 6.76
N VAL A 161 -18.38 10.18 5.66
CA VAL A 161 -18.99 10.10 4.34
C VAL A 161 -17.91 9.66 3.35
N TYR A 162 -16.64 9.96 3.64
CA TYR A 162 -15.55 9.56 2.75
C TYR A 162 -14.25 9.46 3.53
N ALA A 163 -13.34 8.56 3.16
CA ALA A 163 -12.04 8.47 3.82
C ALA A 163 -11.00 8.21 2.76
N GLY A 164 -9.85 8.86 2.85
CA GLY A 164 -8.75 8.57 1.92
C GLY A 164 -7.35 8.87 2.45
N ILE A 165 -6.35 8.39 1.71
CA ILE A 165 -4.93 8.62 2.01
C ILE A 165 -4.38 9.41 0.83
N ASP A 166 -3.53 10.38 1.11
CA ASP A 166 -3.01 11.24 0.05
C ASP A 166 -1.76 10.61 -0.55
N THR A 167 -1.59 10.84 -1.86
CA THR A 167 -0.46 10.34 -2.63
C THR A 167 0.05 11.39 -3.64
N ASP A 168 1.18 11.08 -4.26
CA ASP A 168 1.78 11.82 -5.35
C ASP A 168 2.19 10.82 -6.45
N LYS A 169 1.58 9.60 -6.40
CA LYS A 169 1.76 8.41 -7.22
C LYS A 169 3.21 7.95 -7.37
N HIS A 170 4.16 8.60 -6.70
CA HIS A 170 5.59 8.26 -6.73
C HIS A 170 6.25 8.39 -5.36
N LYS A 171 5.56 8.97 -4.37
CA LYS A 171 6.12 9.21 -3.02
C LYS A 171 5.81 8.10 -2.04
N TYR A 172 4.90 7.18 -2.39
CA TYR A 172 4.59 5.99 -1.60
C TYR A 172 4.51 6.27 -0.07
N PRO A 173 3.76 7.30 0.38
CA PRO A 173 3.62 7.63 1.79
C PRO A 173 2.89 6.52 2.54
N ILE A 174 1.73 6.07 2.07
CA ILE A 174 0.87 5.10 2.79
C ILE A 174 0.85 5.39 4.27
N GLY A 175 0.94 6.69 4.62
CA GLY A 175 1.01 7.08 6.02
C GLY A 175 0.63 8.55 6.21
N SER A 176 -0.01 9.16 5.22
CA SER A 176 -0.46 10.55 5.36
C SER A 176 -1.79 10.72 4.59
N GLY A 177 -2.87 10.94 5.34
CA GLY A 177 -4.20 11.06 4.78
C GLY A 177 -5.11 11.96 5.65
N ARG A 178 -6.36 12.04 5.24
CA ARG A 178 -7.36 12.83 5.95
C ARG A 178 -8.71 12.12 5.78
N VAL A 179 -9.72 12.51 6.54
CA VAL A 179 -11.00 11.83 6.48
C VAL A 179 -12.11 12.87 6.52
N THR A 180 -13.16 12.61 5.74
CA THR A 180 -14.23 13.57 5.58
C THR A 180 -15.39 13.17 6.48
N PHE A 181 -15.56 13.91 7.58
CA PHE A 181 -16.69 13.76 8.47
C PHE A 181 -17.87 14.60 7.97
N ASN A 182 -19.08 14.28 8.46
CA ASN A 182 -20.27 15.07 8.16
C ASN A 182 -21.25 15.06 9.35
N ASN A 183 -20.73 14.73 10.53
CA ASN A 183 -21.45 14.74 11.78
C ASN A 183 -20.52 15.17 12.89
N GLN A 184 -20.99 15.54 14.08
CA GLN A 184 -20.09 16.13 15.05
C GLN A 184 -19.39 15.10 15.92
N ARG A 185 -20.11 14.04 16.28
CA ARG A 185 -19.59 13.06 17.23
C ARG A 185 -18.19 12.57 16.84
N SER A 186 -17.84 12.59 15.55
CA SER A 186 -16.56 12.09 15.07
C SER A 186 -15.39 13.04 15.35
N TYR A 187 -15.62 14.35 15.40
CA TYR A 187 -14.55 15.29 15.66
C TYR A 187 -14.04 15.14 17.11
N LEU A 188 -14.90 15.28 18.13
CA LEU A 188 -14.45 15.29 19.52
C LEU A 188 -14.06 13.92 20.04
N LYS A 189 -14.62 12.88 19.43
CA LYS A 189 -14.33 11.53 19.89
C LYS A 189 -13.04 10.97 19.25
N ALA A 190 -12.64 11.50 18.10
CA ALA A 190 -11.47 10.99 17.39
C ALA A 190 -10.20 11.68 17.90
N VAL A 191 -10.34 12.92 18.38
CA VAL A 191 -9.21 13.66 18.95
C VAL A 191 -8.98 13.33 20.41
N SER A 192 -10.04 12.88 21.10
CA SER A 192 -9.92 12.52 22.49
C SER A 192 -9.45 11.07 22.65
N ALA A 193 -9.68 10.20 21.65
CA ALA A 193 -9.12 8.87 21.67
C ALA A 193 -7.70 8.93 21.12
N ALA A 194 -7.51 9.66 20.01
CA ALA A 194 -6.26 9.95 19.29
C ALA A 194 -5.47 8.71 18.85
N PHE A 195 -5.72 7.54 19.48
CA PHE A 195 -5.00 6.30 19.15
C PHE A 195 -5.92 5.10 19.42
N VAL A 196 -5.82 4.04 18.62
CA VAL A 196 -6.48 2.77 18.93
C VAL A 196 -5.53 1.61 18.69
N GLU A 197 -5.80 0.50 19.37
CA GLU A 197 -5.02 -0.70 19.26
C GLU A 197 -5.75 -1.84 18.52
N ILE A 198 -5.01 -2.55 17.68
CA ILE A 198 -5.52 -3.75 17.03
C ILE A 198 -4.71 -4.97 17.42
N LYS A 199 -5.40 -5.99 17.91
CA LYS A 199 -4.79 -7.14 18.52
C LYS A 199 -5.37 -8.43 17.95
N THR A 200 -6.09 -8.33 16.80
CA THR A 200 -6.81 -9.44 16.20
C THR A 200 -5.84 -10.56 15.83
N THR A 201 -6.36 -11.79 15.71
CA THR A 201 -5.53 -12.99 15.45
C THR A 201 -4.78 -12.98 14.11
N LYS A 202 -4.94 -11.92 13.30
CA LYS A 202 -4.38 -11.86 11.98
C LYS A 202 -3.80 -10.49 11.63
N PHE A 203 -3.80 -9.57 12.61
CA PHE A 203 -3.25 -8.23 12.47
C PHE A 203 -2.94 -7.57 13.84
N THR A 204 -1.75 -7.01 14.06
CA THR A 204 -1.39 -6.37 15.33
C THR A 204 -0.60 -5.10 15.10
N LYS A 205 -1.30 -3.96 15.23
CA LYS A 205 -0.70 -2.63 15.17
C LYS A 205 -1.69 -1.56 15.69
N LYS A 206 -1.27 -0.29 15.61
CA LYS A 206 -2.07 0.85 16.04
C LYS A 206 -2.16 1.89 14.94
N VAL A 207 -3.00 2.91 15.15
CA VAL A 207 -3.15 4.02 14.21
C VAL A 207 -3.34 5.31 15.02
N GLN A 208 -3.07 6.45 14.37
CA GLN A 208 -3.21 7.74 15.04
C GLN A 208 -4.04 8.77 14.26
N ILE A 209 -4.94 9.45 14.98
CA ILE A 209 -5.74 10.54 14.43
C ILE A 209 -5.27 11.83 15.04
N ASP A 210 -5.28 12.94 14.29
CA ASP A 210 -4.81 14.22 14.80
C ASP A 210 -5.70 15.35 14.31
N PRO A 211 -5.81 16.45 15.09
CA PRO A 211 -6.45 17.69 14.65
C PRO A 211 -5.87 18.24 13.33
N TYR A 212 -6.57 19.19 12.72
CA TYR A 212 -6.18 19.78 11.43
C TYR A 212 -6.72 21.21 11.33
N MET A 1 -10.96 2.92 23.11
CA MET A 1 -11.88 2.20 22.21
C MET A 1 -11.46 0.71 22.07
N THR A 2 -10.37 0.40 21.37
CA THR A 2 -9.81 -0.94 21.24
C THR A 2 -10.90 -2.01 21.03
N TRP A 3 -11.57 -1.95 19.88
CA TRP A 3 -12.55 -2.97 19.49
C TRP A 3 -11.90 -4.29 19.05
N SER A 4 -10.64 -4.47 19.45
CA SER A 4 -9.90 -5.71 19.34
C SER A 4 -9.76 -6.30 17.92
N GLY A 5 -9.64 -5.41 16.94
CA GLY A 5 -9.34 -5.77 15.55
C GLY A 5 -10.45 -6.63 14.98
N GLN A 6 -11.47 -5.95 14.45
CA GLN A 6 -12.57 -6.63 13.77
C GLN A 6 -12.18 -7.03 12.34
N LEU A 7 -11.08 -6.43 11.86
CA LEU A 7 -10.40 -6.70 10.58
C LEU A 7 -11.33 -6.84 9.37
N PRO A 8 -11.23 -5.89 8.45
CA PRO A 8 -12.03 -5.87 7.22
C PRO A 8 -11.43 -6.81 6.19
N PRO A 9 -12.18 -7.07 5.11
CA PRO A 9 -11.72 -7.91 4.02
C PRO A 9 -10.38 -7.49 3.44
N ARG A 10 -9.70 -8.47 2.83
CA ARG A 10 -8.40 -8.37 2.18
C ARG A 10 -8.43 -9.21 0.91
N ASN A 11 -7.32 -9.25 0.16
CA ASN A 11 -7.16 -10.11 -1.02
C ASN A 11 -8.32 -10.01 -2.00
N TYR A 12 -8.80 -8.77 -2.23
CA TYR A 12 -9.91 -8.48 -3.11
C TYR A 12 -9.66 -9.07 -4.51
N LYS A 13 -10.76 -9.25 -5.27
CA LYS A 13 -10.67 -9.76 -6.62
C LYS A 13 -10.78 -8.65 -7.64
N ASN A 14 -10.89 -7.39 -7.16
CA ASN A 14 -11.06 -6.21 -8.02
C ASN A 14 -10.03 -5.09 -7.78
N PRO A 15 -8.76 -5.39 -7.47
CA PRO A 15 -7.76 -4.39 -7.23
C PRO A 15 -7.29 -3.75 -8.53
N ILE A 16 -6.76 -2.53 -8.42
CA ILE A 16 -6.24 -1.78 -9.55
C ILE A 16 -4.92 -1.17 -9.08
N TYR A 17 -3.90 -1.14 -9.95
CA TYR A 17 -2.63 -0.60 -9.52
C TYR A 17 -2.57 0.84 -9.97
N SER A 18 -2.39 1.77 -9.03
CA SER A 18 -2.52 3.20 -9.29
C SER A 18 -1.26 3.95 -8.86
N CYS A 19 -0.31 3.26 -8.19
CA CYS A 19 0.92 3.86 -7.67
C CYS A 19 2.06 2.89 -7.86
N LYS A 20 3.23 3.24 -7.33
CA LYS A 20 4.42 2.44 -7.64
C LYS A 20 4.26 0.99 -7.20
N VAL A 21 4.99 0.06 -7.81
CA VAL A 21 4.95 -1.35 -7.40
C VAL A 21 6.16 -1.57 -6.49
N PHE A 22 5.93 -2.26 -5.37
CA PHE A 22 6.90 -2.49 -4.31
C PHE A 22 7.47 -3.89 -4.47
N LEU A 23 8.80 -4.03 -4.61
CA LEU A 23 9.42 -5.28 -4.98
C LEU A 23 10.77 -5.42 -4.29
N GLY A 24 11.11 -6.66 -3.88
CA GLY A 24 12.41 -6.94 -3.24
C GLY A 24 12.67 -8.44 -3.11
N GLY A 25 13.93 -8.90 -3.22
CA GLY A 25 14.25 -10.28 -2.92
C GLY A 25 15.63 -10.73 -3.42
N VAL A 26 16.51 -9.80 -3.75
CA VAL A 26 17.77 -10.11 -4.35
C VAL A 26 18.93 -9.51 -3.56
N PRO A 27 19.59 -10.22 -2.66
CA PRO A 27 20.74 -9.74 -1.86
C PRO A 27 22.07 -9.86 -2.62
N TRP A 28 22.05 -10.16 -3.92
CA TRP A 28 23.26 -10.40 -4.67
C TRP A 28 23.39 -9.57 -5.95
N ASP A 29 22.29 -8.91 -6.32
CA ASP A 29 22.27 -8.16 -7.58
C ASP A 29 23.33 -7.07 -7.64
N ILE A 30 24.29 -7.16 -8.56
CA ILE A 30 25.38 -6.25 -8.67
C ILE A 30 25.01 -4.92 -9.35
N THR A 31 23.86 -4.85 -10.05
CA THR A 31 23.48 -3.72 -10.86
C THR A 31 21.96 -3.68 -10.95
N GLU A 32 21.39 -2.47 -11.05
CA GLU A 32 19.97 -2.26 -11.10
C GLU A 32 19.50 -2.45 -12.54
N ALA A 33 20.40 -2.28 -13.48
CA ALA A 33 20.04 -2.38 -14.90
C ALA A 33 19.90 -3.81 -15.38
N GLY A 34 20.39 -4.75 -14.58
CA GLY A 34 20.22 -6.17 -14.88
C GLY A 34 18.73 -6.57 -14.87
N LEU A 35 18.10 -6.50 -13.71
CA LEU A 35 16.71 -6.91 -13.55
C LEU A 35 15.79 -5.95 -14.35
N VAL A 36 16.19 -4.69 -14.52
CA VAL A 36 15.36 -3.79 -15.33
C VAL A 36 15.36 -4.31 -16.77
N ASN A 37 16.46 -4.86 -17.28
CA ASN A 37 16.50 -5.30 -18.67
C ASN A 37 15.76 -6.61 -18.84
N THR A 38 15.52 -7.35 -17.73
CA THR A 38 14.68 -8.54 -17.84
C THR A 38 13.19 -8.20 -17.90
N PHE A 39 12.70 -7.07 -17.38
CA PHE A 39 11.27 -6.77 -17.44
C PHE A 39 10.99 -5.37 -17.95
N ARG A 40 11.91 -4.69 -18.64
CA ARG A 40 11.58 -3.39 -19.28
C ARG A 40 10.91 -3.59 -20.65
N VAL A 41 10.35 -4.75 -20.91
CA VAL A 41 9.95 -5.13 -22.25
C VAL A 41 8.73 -4.34 -22.74
N PHE A 42 8.10 -3.59 -21.84
CA PHE A 42 6.97 -2.73 -22.19
C PHE A 42 7.45 -1.31 -22.51
N GLY A 43 8.74 -1.05 -22.39
CA GLY A 43 9.34 0.18 -22.87
C GLY A 43 8.90 1.45 -22.19
N SER A 44 7.98 1.40 -21.24
CA SER A 44 7.58 2.59 -20.52
C SER A 44 8.20 2.66 -19.14
N LEU A 45 9.31 1.96 -18.93
CA LEU A 45 9.88 1.86 -17.60
C LEU A 45 10.46 3.18 -17.08
N SER A 46 10.31 3.37 -15.78
CA SER A 46 10.94 4.41 -15.02
C SER A 46 11.25 3.83 -13.64
N VAL A 47 12.37 3.10 -13.63
CA VAL A 47 12.87 2.39 -12.48
C VAL A 47 13.49 3.37 -11.48
N GLU A 48 13.28 3.12 -10.17
CA GLU A 48 13.74 4.02 -9.14
C GLU A 48 14.04 3.29 -7.83
N TRP A 49 14.87 3.84 -6.95
CA TRP A 49 15.09 3.32 -5.61
C TRP A 49 15.46 4.48 -4.69
N PRO A 50 15.07 4.42 -3.41
CA PRO A 50 15.43 5.44 -2.44
C PRO A 50 16.87 5.23 -1.99
N GLY A 51 17.81 5.90 -2.67
CA GLY A 51 19.23 5.87 -2.37
C GLY A 51 19.97 6.80 -3.35
N LYS A 52 21.30 6.93 -3.19
CA LYS A 52 22.09 7.85 -3.99
C LYS A 52 22.89 7.04 -5.02
N ASP A 53 22.72 7.39 -6.30
CA ASP A 53 23.32 6.68 -7.42
C ASP A 53 24.39 7.56 -8.08
N GLY A 54 24.67 8.70 -7.44
CA GLY A 54 25.56 9.75 -7.98
C GLY A 54 27.01 9.32 -8.11
N LYS A 55 27.43 8.19 -7.52
CA LYS A 55 28.80 7.68 -7.62
C LYS A 55 28.82 6.16 -7.82
N HIS A 56 27.87 5.46 -7.19
CA HIS A 56 27.80 4.01 -7.28
C HIS A 56 26.30 3.61 -7.29
N PRO A 57 25.89 2.71 -8.21
CA PRO A 57 24.51 2.26 -8.37
C PRO A 57 24.19 1.12 -7.41
N ARG A 58 25.23 0.53 -6.81
CA ARG A 58 25.05 -0.47 -5.76
C ARG A 58 25.14 0.11 -4.34
N CYS A 59 24.96 1.42 -4.20
CA CYS A 59 25.00 2.08 -2.89
C CYS A 59 24.04 1.41 -1.88
N PRO A 60 22.81 1.02 -2.28
CA PRO A 60 21.90 0.27 -1.43
C PRO A 60 21.93 -1.22 -1.73
N PRO A 61 22.71 -2.01 -0.96
CA PRO A 61 22.82 -3.46 -1.06
C PRO A 61 21.60 -4.26 -0.53
N LYS A 62 20.52 -3.56 -0.13
CA LYS A 62 19.35 -4.14 0.54
C LYS A 62 18.35 -4.87 -0.35
N GLY A 63 18.66 -5.05 -1.64
CA GLY A 63 17.86 -5.82 -2.56
C GLY A 63 16.47 -5.28 -2.88
N TYR A 64 16.18 -4.04 -2.51
CA TYR A 64 14.85 -3.48 -2.74
C TYR A 64 14.86 -2.35 -3.79
N VAL A 65 13.80 -2.33 -4.61
CA VAL A 65 13.66 -1.35 -5.65
C VAL A 65 12.17 -1.09 -5.90
N TYR A 66 11.84 -0.05 -6.69
CA TYR A 66 10.48 0.23 -7.11
C TYR A 66 10.43 0.50 -8.61
N LEU A 67 9.27 0.28 -9.23
CA LEU A 67 9.07 0.48 -10.67
C LEU A 67 7.82 1.30 -10.96
N VAL A 68 7.84 2.13 -12.01
CA VAL A 68 6.65 2.83 -12.46
C VAL A 68 6.71 2.89 -13.95
N PHE A 69 5.57 2.56 -14.59
CA PHE A 69 5.49 2.45 -16.04
C PHE A 69 4.02 2.34 -16.43
N GLU A 70 3.77 1.89 -17.64
CA GLU A 70 2.44 1.59 -18.16
C GLU A 70 1.76 0.66 -17.17
N LEU A 71 0.75 1.17 -16.47
CA LEU A 71 0.12 0.42 -15.41
C LEU A 71 -1.02 -0.42 -15.94
N GLU A 72 -1.66 -1.14 -15.00
CA GLU A 72 -2.81 -1.98 -15.19
C GLU A 72 -2.55 -3.18 -16.11
N LYS A 73 -2.30 -2.90 -17.40
CA LYS A 73 -2.26 -3.94 -18.43
C LYS A 73 -0.92 -4.67 -18.45
N SER A 74 0.17 -3.93 -18.34
CA SER A 74 1.50 -4.51 -18.30
C SER A 74 1.78 -5.06 -16.91
N VAL A 75 1.22 -4.46 -15.85
CA VAL A 75 1.43 -4.97 -14.50
C VAL A 75 0.79 -6.34 -14.36
N ARG A 76 -0.49 -6.44 -14.72
CA ARG A 76 -1.26 -7.67 -14.56
C ARG A 76 -0.60 -8.75 -15.39
N SER A 77 -0.02 -8.34 -16.53
CA SER A 77 0.67 -9.25 -17.43
C SER A 77 1.79 -10.01 -16.71
N LEU A 78 2.61 -9.33 -15.90
CA LEU A 78 3.72 -9.97 -15.21
C LEU A 78 3.20 -10.99 -14.20
N LEU A 79 2.24 -10.59 -13.35
CA LEU A 79 1.73 -11.49 -12.32
C LEU A 79 0.99 -12.69 -12.92
N GLN A 80 0.43 -12.52 -14.13
CA GLN A 80 -0.32 -13.56 -14.79
C GLN A 80 0.55 -14.35 -15.78
N ALA A 81 1.80 -13.93 -15.97
CA ALA A 81 2.73 -14.67 -16.82
C ALA A 81 3.71 -15.53 -16.00
N CYS A 82 3.77 -15.33 -14.68
CA CYS A 82 4.70 -16.05 -13.83
C CYS A 82 3.99 -16.71 -12.63
N SER A 83 4.40 -16.44 -11.38
CA SER A 83 3.93 -17.22 -10.24
C SER A 83 3.11 -16.42 -9.23
N HIS A 84 2.39 -17.13 -8.37
CA HIS A 84 1.50 -16.52 -7.37
C HIS A 84 1.30 -17.49 -6.21
N ASP A 85 0.90 -16.99 -5.07
CA ASP A 85 0.63 -17.80 -3.88
C ASP A 85 -0.77 -17.46 -3.35
N PRO A 86 -1.56 -18.49 -2.95
CA PRO A 86 -2.99 -18.45 -2.64
C PRO A 86 -3.27 -17.90 -1.23
N LEU A 87 -3.16 -16.58 -1.10
CA LEU A 87 -3.49 -15.79 0.09
C LEU A 87 -2.65 -16.06 1.33
N SER A 88 -2.09 -17.27 1.44
CA SER A 88 -1.40 -17.68 2.66
C SER A 88 -2.23 -17.17 3.82
N PRO A 89 -3.43 -17.76 4.01
CA PRO A 89 -4.51 -17.30 4.87
C PRO A 89 -4.15 -17.00 6.32
N ASP A 90 -2.88 -17.16 6.71
CA ASP A 90 -2.35 -16.78 8.01
C ASP A 90 -1.48 -15.52 7.84
N GLY A 91 -1.63 -14.82 6.70
CA GLY A 91 -0.85 -13.67 6.28
C GLY A 91 -1.50 -12.93 5.10
N LEU A 92 -0.87 -12.93 3.93
CA LEU A 92 -1.42 -12.23 2.78
C LEU A 92 -1.02 -12.91 1.47
N SER A 93 -1.79 -12.66 0.40
CA SER A 93 -1.51 -13.16 -0.94
C SER A 93 -0.18 -12.61 -1.44
N GLU A 94 0.50 -13.34 -2.36
CA GLU A 94 1.79 -12.89 -2.86
C GLU A 94 1.89 -13.09 -4.37
N TYR A 95 2.66 -12.23 -5.06
CA TYR A 95 2.93 -12.37 -6.49
C TYR A 95 4.43 -12.56 -6.64
N TYR A 96 4.87 -13.34 -7.63
CA TYR A 96 6.30 -13.58 -7.85
C TYR A 96 6.66 -13.58 -9.34
N PHE A 97 7.93 -13.27 -9.59
CA PHE A 97 8.55 -13.44 -10.89
C PHE A 97 9.99 -13.84 -10.62
N LYS A 98 10.78 -14.18 -11.65
CA LYS A 98 12.22 -14.35 -11.50
C LYS A 98 12.93 -13.44 -12.52
N MET A 99 13.93 -12.71 -12.05
CA MET A 99 14.73 -11.79 -12.85
C MET A 99 16.21 -12.16 -12.76
N SER A 100 16.49 -13.37 -12.25
CA SER A 100 17.83 -13.87 -12.08
C SER A 100 18.36 -14.45 -13.38
N SER A 101 17.58 -14.38 -14.44
CA SER A 101 17.84 -15.07 -15.70
C SER A 101 19.15 -14.57 -16.29
N ARG A 102 19.86 -15.42 -17.05
CA ARG A 102 21.15 -15.08 -17.65
C ARG A 102 22.18 -14.64 -16.59
N ARG A 103 21.85 -14.78 -15.30
CA ARG A 103 22.79 -14.41 -14.25
C ARG A 103 22.94 -15.54 -13.25
N MET A 104 21.83 -15.88 -12.56
CA MET A 104 21.78 -16.94 -11.55
C MET A 104 20.72 -17.96 -11.88
N ARG A 105 19.86 -17.57 -12.83
CA ARG A 105 18.82 -18.38 -13.47
C ARG A 105 17.99 -19.25 -12.50
N CYS A 106 17.88 -18.94 -11.20
CA CYS A 106 17.06 -19.80 -10.33
C CYS A 106 16.44 -19.07 -9.14
N LYS A 107 16.39 -17.74 -9.18
CA LYS A 107 15.92 -16.97 -8.04
C LYS A 107 14.72 -16.07 -8.38
N GLU A 108 13.61 -16.40 -7.74
CA GLU A 108 12.40 -15.60 -7.76
C GLU A 108 12.55 -14.36 -6.86
N VAL A 109 11.66 -13.39 -7.09
CA VAL A 109 11.59 -12.17 -6.29
C VAL A 109 10.15 -11.87 -5.88
N GLN A 110 9.98 -11.22 -4.72
CA GLN A 110 8.66 -10.94 -4.16
C GLN A 110 8.05 -9.69 -4.77
N VAL A 111 6.75 -9.69 -5.13
CA VAL A 111 6.13 -8.56 -5.79
C VAL A 111 4.78 -8.23 -5.14
N ILE A 112 4.59 -6.93 -4.89
CA ILE A 112 3.37 -6.43 -4.26
C ILE A 112 3.14 -5.02 -4.79
N PRO A 113 2.06 -4.78 -5.55
CA PRO A 113 1.71 -3.51 -6.12
C PRO A 113 0.86 -2.63 -5.18
N TRP A 114 0.92 -1.32 -5.34
CA TRP A 114 0.03 -0.43 -4.58
C TRP A 114 -1.37 -0.47 -5.19
N VAL A 115 -2.32 -0.89 -4.36
CA VAL A 115 -3.69 -1.01 -4.81
C VAL A 115 -4.50 0.28 -4.60
N LEU A 116 -5.38 0.60 -5.55
CA LEU A 116 -6.21 1.79 -5.45
C LEU A 116 -7.08 1.80 -4.19
N ALA A 117 -7.41 0.64 -3.64
CA ALA A 117 -8.20 0.57 -2.43
C ALA A 117 -7.40 0.88 -1.15
N ASP A 118 -6.12 1.20 -1.32
CA ASP A 118 -5.26 1.60 -0.22
C ASP A 118 -5.24 3.11 -0.10
N SER A 119 -5.80 3.87 -1.06
CA SER A 119 -5.62 5.33 -1.13
C SER A 119 -6.83 6.13 -0.65
N ASN A 120 -8.03 5.55 -0.77
CA ASN A 120 -9.22 6.23 -0.32
C ASN A 120 -10.39 5.25 -0.17
N PHE A 121 -11.43 5.66 0.55
CA PHE A 121 -12.62 4.83 0.75
C PHE A 121 -13.80 5.70 1.18
N VAL A 122 -15.01 5.31 0.77
CA VAL A 122 -16.21 6.01 1.15
C VAL A 122 -17.18 5.07 1.82
N ARG A 123 -17.87 5.55 2.85
CA ARG A 123 -18.85 4.74 3.55
C ARG A 123 -20.24 5.18 3.13
N SER A 124 -20.29 5.84 1.98
CA SER A 124 -21.46 6.51 1.44
C SER A 124 -21.43 6.32 -0.09
N PRO A 125 -22.59 6.20 -0.74
CA PRO A 125 -22.62 5.97 -2.19
C PRO A 125 -22.31 7.23 -3.00
N SER A 126 -21.94 8.31 -2.32
CA SER A 126 -21.70 9.62 -2.93
C SER A 126 -20.20 9.90 -2.99
N GLN A 127 -19.79 10.79 -3.89
CA GLN A 127 -18.37 11.13 -4.09
C GLN A 127 -18.04 12.55 -3.63
N ARG A 128 -18.95 13.18 -2.87
CA ARG A 128 -18.73 14.54 -2.41
C ARG A 128 -17.65 14.64 -1.34
N LEU A 129 -17.16 15.85 -1.14
CA LEU A 129 -16.17 16.10 -0.14
C LEU A 129 -16.43 17.50 0.43
N ASP A 130 -16.20 17.65 1.75
CA ASP A 130 -16.36 18.88 2.48
C ASP A 130 -15.17 19.13 3.39
N PRO A 131 -14.09 19.74 2.85
CA PRO A 131 -12.88 20.09 3.59
C PRO A 131 -13.14 20.88 4.87
N SER A 132 -14.37 21.36 5.08
CA SER A 132 -14.75 22.12 6.25
C SER A 132 -14.82 21.26 7.54
N ARG A 133 -14.80 19.93 7.39
CA ARG A 133 -14.79 18.99 8.50
C ARG A 133 -13.88 17.83 8.10
N THR A 134 -12.61 17.91 8.50
CA THR A 134 -11.69 16.79 8.32
C THR A 134 -10.65 16.79 9.44
N VAL A 135 -10.12 15.60 9.74
CA VAL A 135 -9.09 15.46 10.73
C VAL A 135 -7.96 14.65 10.14
N PHE A 136 -6.78 14.89 10.70
CA PHE A 136 -5.56 14.35 10.15
C PHE A 136 -5.23 12.98 10.75
N VAL A 137 -4.37 12.21 10.10
CA VAL A 137 -3.99 10.89 10.63
C VAL A 137 -2.53 10.58 10.33
N GLY A 138 -1.89 9.88 11.27
CA GLY A 138 -0.50 9.49 11.13
C GLY A 138 -0.09 8.44 12.17
N ALA A 139 1.19 8.11 12.19
CA ALA A 139 1.72 7.07 13.06
C ALA A 139 0.88 5.81 13.02
N LEU A 140 0.32 5.51 11.85
CA LEU A 140 -0.54 4.37 11.60
C LEU A 140 0.32 3.22 11.02
N HIS A 141 -0.33 2.10 10.66
CA HIS A 141 0.33 0.95 10.05
C HIS A 141 0.89 1.31 8.67
N GLY A 142 2.09 0.79 8.37
CA GLY A 142 2.73 1.08 7.09
C GLY A 142 1.98 0.43 5.95
N MET A 143 0.82 -0.18 6.21
CA MET A 143 -0.03 -0.79 5.17
C MET A 143 -1.48 -0.45 5.50
N LEU A 144 -1.71 0.69 6.17
CA LEU A 144 -3.04 1.07 6.61
C LEU A 144 -3.90 1.35 5.37
N ASN A 145 -4.42 0.25 4.84
CA ASN A 145 -5.28 0.26 3.67
C ASN A 145 -6.59 1.00 4.00
N ALA A 146 -7.29 1.53 2.99
CA ALA A 146 -8.48 2.32 3.21
C ALA A 146 -9.61 1.48 3.79
N GLU A 147 -9.54 0.16 3.64
CA GLU A 147 -10.55 -0.71 4.24
C GLU A 147 -10.36 -0.73 5.73
N ALA A 148 -9.12 -0.53 6.22
CA ALA A 148 -8.76 -0.53 7.64
C ALA A 148 -8.93 0.86 8.23
N LEU A 149 -8.71 1.89 7.45
CA LEU A 149 -9.00 3.24 7.86
C LEU A 149 -10.48 3.39 8.09
N ALA A 150 -11.25 2.70 7.23
CA ALA A 150 -12.68 2.70 7.37
C ALA A 150 -13.15 1.75 8.45
N ALA A 151 -12.44 0.67 8.75
CA ALA A 151 -12.92 -0.24 9.76
C ALA A 151 -12.86 0.47 11.12
N ILE A 152 -11.76 1.18 11.35
CA ILE A 152 -11.56 1.90 12.61
C ILE A 152 -12.58 3.03 12.77
N LEU A 153 -12.83 3.82 11.71
CA LEU A 153 -13.65 5.03 11.86
C LEU A 153 -15.14 4.76 11.63
N ASN A 154 -15.52 3.56 11.18
CA ASN A 154 -16.95 3.26 11.00
C ASN A 154 -17.56 2.58 12.23
N ASP A 155 -16.74 1.84 12.95
CA ASP A 155 -17.21 1.18 14.17
C ASP A 155 -17.11 2.17 15.32
N LEU A 156 -16.20 3.14 15.24
CA LEU A 156 -15.95 4.05 16.35
C LEU A 156 -16.64 5.42 16.23
N PHE A 157 -17.18 5.79 15.05
CA PHE A 157 -17.91 7.05 14.91
C PHE A 157 -19.35 6.83 14.48
N GLY A 158 -19.62 5.68 13.86
CA GLY A 158 -20.96 5.34 13.44
C GLY A 158 -21.44 6.09 12.17
N GLY A 159 -20.66 6.98 11.54
CA GLY A 159 -21.06 7.56 10.27
C GLY A 159 -20.00 8.50 9.71
N VAL A 160 -19.49 8.16 8.52
CA VAL A 160 -18.48 8.90 7.77
C VAL A 160 -18.86 8.86 6.29
N VAL A 161 -18.14 9.63 5.49
CA VAL A 161 -18.49 9.76 4.08
C VAL A 161 -17.27 9.55 3.19
N TYR A 162 -16.06 9.90 3.66
CA TYR A 162 -14.87 9.82 2.82
C TYR A 162 -13.62 9.86 3.68
N ALA A 163 -12.64 8.99 3.35
CA ALA A 163 -11.38 8.93 4.09
C ALA A 163 -10.28 8.46 3.15
N GLY A 164 -9.17 9.19 3.12
CA GLY A 164 -8.05 8.87 2.26
C GLY A 164 -6.69 9.06 2.90
N ILE A 165 -5.67 8.40 2.34
CA ILE A 165 -4.27 8.63 2.65
C ILE A 165 -3.82 9.85 1.87
N ASP A 166 -2.86 10.61 2.41
CA ASP A 166 -2.34 11.81 1.76
C ASP A 166 -1.39 11.44 0.61
N THR A 167 -1.82 10.50 -0.23
CA THR A 167 -1.00 10.08 -1.34
C THR A 167 -0.79 11.21 -2.33
N ASP A 168 0.27 11.06 -3.12
CA ASP A 168 0.68 11.88 -4.22
C ASP A 168 1.19 10.87 -5.27
N LYS A 169 1.03 11.14 -6.57
CA LYS A 169 1.38 10.12 -7.54
C LYS A 169 2.84 9.73 -7.47
N HIS A 170 3.11 8.44 -7.24
CA HIS A 170 4.46 7.86 -7.21
C HIS A 170 5.32 8.33 -6.01
N LYS A 171 4.71 8.41 -4.81
CA LYS A 171 5.48 8.72 -3.60
C LYS A 171 5.35 7.66 -2.50
N TYR A 172 4.43 6.71 -2.64
CA TYR A 172 4.26 5.58 -1.73
C TYR A 172 4.47 5.89 -0.24
N PRO A 173 3.82 6.94 0.30
CA PRO A 173 4.01 7.37 1.68
C PRO A 173 3.37 6.43 2.70
N ILE A 174 2.11 6.01 2.50
CA ILE A 174 1.35 5.08 3.34
C ILE A 174 1.53 5.36 4.84
N GLY A 175 1.74 6.64 5.20
CA GLY A 175 2.08 6.99 6.59
C GLY A 175 1.29 8.15 7.18
N SER A 176 0.47 8.83 6.38
CA SER A 176 -0.23 9.99 6.85
C SER A 176 -1.47 10.19 5.98
N GLY A 177 -2.46 10.95 6.47
CA GLY A 177 -3.70 11.12 5.72
C GLY A 177 -4.68 12.08 6.41
N ARG A 178 -5.93 12.04 5.96
CA ARG A 178 -7.00 12.88 6.49
C ARG A 178 -8.36 12.23 6.21
N VAL A 179 -9.45 12.59 6.89
CA VAL A 179 -10.74 11.94 6.69
C VAL A 179 -11.83 12.98 6.87
N THR A 180 -12.81 12.98 5.95
CA THR A 180 -13.83 13.97 5.88
C THR A 180 -15.12 13.36 6.38
N PHE A 181 -15.92 14.16 7.11
CA PHE A 181 -17.16 13.78 7.71
C PHE A 181 -18.36 14.48 7.07
N ASN A 182 -19.53 13.91 7.30
CA ASN A 182 -20.78 14.51 6.92
C ASN A 182 -21.72 14.45 8.14
N ASN A 183 -21.14 14.10 9.30
CA ASN A 183 -21.87 14.05 10.57
C ASN A 183 -20.97 14.71 11.60
N GLN A 184 -21.55 15.49 12.51
CA GLN A 184 -20.76 16.24 13.49
C GLN A 184 -20.25 15.34 14.62
N ARG A 185 -20.99 14.27 14.96
CA ARG A 185 -20.62 13.43 16.09
C ARG A 185 -19.27 12.74 15.82
N SER A 186 -18.84 12.66 14.57
CA SER A 186 -17.57 12.06 14.22
C SER A 186 -16.42 13.03 14.46
N TYR A 187 -16.68 14.34 14.56
CA TYR A 187 -15.62 15.32 14.78
C TYR A 187 -15.16 15.31 16.23
N LEU A 188 -16.07 15.40 17.22
CA LEU A 188 -15.63 15.34 18.61
C LEU A 188 -15.24 13.91 19.01
N LYS A 189 -15.67 12.90 18.27
CA LYS A 189 -15.22 11.53 18.57
C LYS A 189 -13.79 11.31 18.09
N ALA A 190 -13.39 12.07 17.08
CA ALA A 190 -12.06 11.92 16.53
C ALA A 190 -11.02 12.56 17.44
N VAL A 191 -11.38 13.67 18.08
CA VAL A 191 -10.44 14.32 18.96
C VAL A 191 -10.54 13.84 20.39
N SER A 192 -11.57 13.04 20.71
CA SER A 192 -11.80 12.58 22.07
C SER A 192 -11.39 11.11 22.22
N ALA A 193 -11.08 10.45 21.09
CA ALA A 193 -10.46 9.12 21.10
C ALA A 193 -8.95 9.25 20.84
N ALA A 194 -8.62 10.01 19.80
CA ALA A 194 -7.30 10.34 19.26
C ALA A 194 -6.27 9.23 19.08
N PHE A 195 -6.47 8.03 19.63
CA PHE A 195 -5.50 6.97 19.51
C PHE A 195 -6.21 5.67 19.84
N VAL A 196 -5.93 4.61 19.08
CA VAL A 196 -6.57 3.32 19.32
C VAL A 196 -5.58 2.19 19.13
N GLU A 197 -5.89 1.05 19.78
CA GLU A 197 -5.08 -0.15 19.66
C GLU A 197 -5.76 -1.20 18.79
N ILE A 198 -4.99 -1.86 17.94
CA ILE A 198 -5.45 -3.02 17.22
C ILE A 198 -4.85 -4.25 17.91
N LYS A 199 -5.74 -5.08 18.45
CA LYS A 199 -5.29 -6.22 19.22
C LYS A 199 -6.07 -7.45 18.81
N THR A 200 -5.40 -8.37 18.14
CA THR A 200 -5.98 -9.67 17.74
C THR A 200 -5.02 -10.80 18.10
N THR A 201 -5.36 -12.03 17.72
CA THR A 201 -4.46 -13.15 17.92
C THR A 201 -3.41 -13.26 16.80
N LYS A 202 -3.35 -12.31 15.86
CA LYS A 202 -2.36 -12.39 14.78
C LYS A 202 -1.80 -11.03 14.36
N PHE A 203 -2.30 -9.93 14.94
CA PHE A 203 -1.94 -8.58 14.53
C PHE A 203 -1.91 -7.65 15.75
N THR A 204 -1.00 -6.67 15.74
CA THR A 204 -0.90 -5.66 16.80
C THR A 204 -0.26 -4.39 16.24
N LYS A 205 -1.04 -3.29 16.24
CA LYS A 205 -0.50 -2.00 15.85
C LYS A 205 -1.41 -0.87 16.33
N LYS A 206 -0.87 0.35 16.49
CA LYS A 206 -1.67 1.53 16.86
C LYS A 206 -1.73 2.61 15.77
N VAL A 207 -2.69 3.53 15.85
CA VAL A 207 -2.91 4.59 14.89
C VAL A 207 -3.32 5.84 15.64
N GLN A 208 -2.96 7.00 15.11
CA GLN A 208 -3.13 8.23 15.84
C GLN A 208 -3.79 9.31 14.99
N ILE A 209 -4.83 9.89 15.57
CA ILE A 209 -5.64 10.91 14.96
C ILE A 209 -5.28 12.22 15.61
N ASP A 210 -5.26 13.31 14.83
CA ASP A 210 -4.93 14.61 15.36
C ASP A 210 -5.91 15.67 14.80
N PRO A 211 -6.20 16.72 15.57
CA PRO A 211 -7.01 17.84 15.15
C PRO A 211 -6.48 18.49 13.88
N TYR A 212 -7.38 19.20 13.21
CA TYR A 212 -7.10 19.93 11.99
C TYR A 212 -7.57 21.38 12.16
N MET A 1 -9.44 2.77 24.22
CA MET A 1 -10.30 1.92 23.37
C MET A 1 -9.77 0.49 23.30
N THR A 2 -8.77 0.23 22.46
CA THR A 2 -8.30 -1.11 22.14
C THR A 2 -9.49 -2.07 21.88
N TRP A 3 -10.47 -1.60 21.11
CA TRP A 3 -11.62 -2.40 20.66
C TRP A 3 -11.25 -3.52 19.71
N SER A 4 -9.95 -3.82 19.67
CA SER A 4 -9.32 -4.68 18.68
C SER A 4 -10.05 -5.98 18.45
N GLY A 5 -10.04 -6.40 17.18
CA GLY A 5 -10.57 -7.69 16.78
C GLY A 5 -11.44 -7.64 15.54
N GLN A 6 -11.65 -6.45 14.97
CA GLN A 6 -12.52 -6.29 13.81
C GLN A 6 -11.87 -5.39 12.75
N LEU A 7 -10.55 -5.25 12.77
CA LEU A 7 -9.86 -4.32 11.88
C LEU A 7 -9.84 -4.80 10.42
N PRO A 8 -9.30 -5.98 10.07
CA PRO A 8 -9.08 -6.37 8.69
C PRO A 8 -10.41 -6.81 8.08
N PRO A 9 -10.89 -6.10 7.05
CA PRO A 9 -12.15 -6.40 6.37
C PRO A 9 -11.92 -7.41 5.27
N ARG A 10 -10.81 -7.28 4.55
CA ARG A 10 -10.44 -8.15 3.44
C ARG A 10 -11.58 -8.48 2.46
N ASN A 11 -12.63 -7.66 2.42
CA ASN A 11 -13.79 -7.85 1.58
C ASN A 11 -13.58 -7.26 0.18
N TYR A 12 -12.48 -6.53 -0.05
CA TYR A 12 -12.20 -5.91 -1.35
C TYR A 12 -12.03 -6.93 -2.48
N LYS A 13 -12.45 -6.57 -3.69
CA LYS A 13 -12.46 -7.47 -4.84
C LYS A 13 -12.14 -6.77 -6.16
N ASN A 14 -11.74 -5.51 -6.06
CA ASN A 14 -11.55 -4.65 -7.21
C ASN A 14 -10.16 -4.00 -7.24
N PRO A 15 -9.09 -4.81 -7.32
CA PRO A 15 -7.72 -4.32 -7.35
C PRO A 15 -7.39 -3.61 -8.66
N ILE A 16 -6.84 -2.41 -8.52
CA ILE A 16 -6.41 -1.55 -9.60
C ILE A 16 -5.21 -0.78 -9.08
N TYR A 17 -4.22 -0.49 -9.92
CA TYR A 17 -2.98 0.09 -9.43
C TYR A 17 -2.93 1.57 -9.80
N SER A 18 -2.23 2.38 -9.00
CA SER A 18 -2.18 3.82 -9.22
C SER A 18 -0.89 4.43 -8.69
N CYS A 19 0.03 3.61 -8.17
CA CYS A 19 1.29 4.10 -7.67
C CYS A 19 2.37 3.03 -7.92
N LYS A 20 3.54 3.26 -7.34
CA LYS A 20 4.71 2.38 -7.47
C LYS A 20 4.54 0.99 -6.88
N VAL A 21 5.56 0.14 -7.05
CA VAL A 21 5.45 -1.21 -6.58
C VAL A 21 6.67 -1.58 -5.77
N PHE A 22 6.44 -2.35 -4.70
CA PHE A 22 7.53 -2.87 -3.92
C PHE A 22 7.92 -4.23 -4.47
N LEU A 23 9.23 -4.46 -4.64
CA LEU A 23 9.73 -5.73 -5.16
C LEU A 23 11.05 -6.08 -4.45
N GLY A 24 11.10 -7.27 -3.85
CA GLY A 24 12.29 -7.73 -3.18
C GLY A 24 12.30 -9.27 -3.09
N GLY A 25 13.50 -9.85 -3.05
CA GLY A 25 13.68 -11.30 -2.86
C GLY A 25 14.95 -11.81 -3.56
N VAL A 26 15.84 -10.91 -3.97
CA VAL A 26 17.03 -11.35 -4.74
C VAL A 26 18.30 -11.33 -3.87
N PRO A 27 18.86 -12.47 -3.49
CA PRO A 27 20.14 -12.60 -2.82
C PRO A 27 21.33 -12.08 -3.66
N TRP A 28 21.09 -11.57 -4.88
CA TRP A 28 22.16 -11.12 -5.75
C TRP A 28 21.74 -9.77 -6.36
N ASP A 29 21.19 -9.79 -7.57
CA ASP A 29 20.85 -8.61 -8.36
C ASP A 29 21.94 -7.54 -8.30
N ILE A 30 23.15 -7.82 -8.82
CA ILE A 30 24.30 -6.95 -8.65
C ILE A 30 24.06 -5.70 -9.51
N THR A 31 23.36 -5.79 -10.63
CA THR A 31 23.04 -4.64 -11.43
C THR A 31 21.62 -4.84 -11.90
N GLU A 32 20.76 -3.86 -11.66
CA GLU A 32 19.32 -3.95 -11.99
C GLU A 32 19.09 -3.69 -13.47
N ALA A 33 20.14 -3.26 -14.20
CA ALA A 33 20.03 -2.96 -15.62
C ALA A 33 19.87 -4.23 -16.45
N GLY A 34 20.29 -5.37 -15.87
CA GLY A 34 20.13 -6.65 -16.51
C GLY A 34 18.68 -7.12 -16.31
N LEU A 35 18.22 -7.03 -15.05
CA LEU A 35 16.90 -7.49 -14.68
C LEU A 35 15.84 -6.66 -15.39
N VAL A 36 16.04 -5.33 -15.49
CA VAL A 36 15.10 -4.47 -16.24
C VAL A 36 15.00 -4.90 -17.68
N ASN A 37 16.14 -5.07 -18.37
CA ASN A 37 16.12 -5.41 -19.77
C ASN A 37 15.61 -6.84 -19.94
N THR A 38 15.44 -7.55 -18.82
CA THR A 38 14.92 -8.92 -18.86
C THR A 38 13.41 -8.88 -18.97
N PHE A 39 12.76 -7.87 -18.39
CA PHE A 39 11.33 -7.64 -18.58
C PHE A 39 11.04 -6.15 -18.75
N ARG A 40 11.49 -5.58 -19.89
CA ARG A 40 11.24 -4.17 -20.28
C ARG A 40 10.56 -4.08 -21.66
N VAL A 41 10.17 -5.22 -22.24
CA VAL A 41 9.73 -5.27 -23.64
C VAL A 41 8.32 -4.65 -23.82
N PHE A 42 7.80 -4.03 -22.75
CA PHE A 42 6.58 -3.23 -22.83
C PHE A 42 6.91 -1.72 -22.94
N GLY A 43 8.18 -1.37 -22.73
CA GLY A 43 8.70 -0.03 -23.06
C GLY A 43 8.24 1.13 -22.15
N SER A 44 7.35 0.89 -21.21
CA SER A 44 6.80 1.97 -20.36
C SER A 44 7.27 1.82 -18.90
N LEU A 45 8.56 1.55 -18.67
CA LEU A 45 9.01 1.34 -17.29
C LEU A 45 10.39 1.90 -16.97
N SER A 46 10.66 2.02 -15.64
CA SER A 46 11.96 2.45 -15.15
C SER A 46 12.20 1.79 -13.80
N VAL A 47 13.38 1.98 -13.20
CA VAL A 47 13.71 1.38 -11.92
C VAL A 47 14.22 2.42 -10.95
N GLU A 48 14.13 2.14 -9.64
CA GLU A 48 14.56 3.08 -8.62
C GLU A 48 15.30 2.36 -7.48
N TRP A 49 16.41 2.97 -7.08
CA TRP A 49 17.19 2.53 -5.92
C TRP A 49 16.74 3.30 -4.68
N PRO A 50 16.82 2.67 -3.50
CA PRO A 50 16.51 3.29 -2.22
C PRO A 50 17.63 4.25 -1.77
N GLY A 51 18.86 4.11 -2.29
CA GLY A 51 19.96 4.98 -1.88
C GLY A 51 21.34 4.68 -2.52
N LYS A 52 21.51 3.60 -3.29
CA LYS A 52 22.79 3.39 -3.95
C LYS A 52 22.73 3.93 -5.37
N ASP A 53 23.43 5.07 -5.56
CA ASP A 53 23.52 5.75 -6.83
C ASP A 53 24.92 6.40 -6.89
N GLY A 54 25.51 6.44 -8.09
CA GLY A 54 26.87 6.93 -8.30
C GLY A 54 27.33 6.56 -9.71
N LYS A 55 28.61 6.82 -10.03
CA LYS A 55 29.23 6.56 -11.34
C LYS A 55 29.26 5.08 -11.68
N HIS A 56 29.56 4.22 -10.70
CA HIS A 56 29.48 2.78 -10.89
C HIS A 56 29.07 2.13 -9.56
N PRO A 57 27.77 2.04 -9.27
CA PRO A 57 27.27 1.44 -8.02
C PRO A 57 27.48 -0.07 -7.92
N ARG A 58 27.11 -0.80 -8.98
CA ARG A 58 27.32 -2.23 -9.19
C ARG A 58 26.97 -3.12 -7.97
N CYS A 59 26.34 -2.58 -6.92
CA CYS A 59 25.90 -3.37 -5.81
C CYS A 59 24.90 -2.58 -4.96
N PRO A 60 23.61 -2.97 -4.93
CA PRO A 60 22.62 -2.35 -4.07
C PRO A 60 22.92 -2.69 -2.61
N PRO A 61 22.38 -1.92 -1.68
CA PRO A 61 22.63 -2.09 -0.26
C PRO A 61 21.83 -3.24 0.32
N LYS A 62 20.78 -3.69 -0.37
CA LYS A 62 19.82 -4.70 0.09
C LYS A 62 19.33 -5.54 -1.08
N GLY A 63 18.67 -6.65 -0.71
CA GLY A 63 18.12 -7.56 -1.70
C GLY A 63 16.81 -7.08 -2.32
N TYR A 64 16.50 -5.79 -2.26
CA TYR A 64 15.30 -5.28 -2.89
C TYR A 64 15.43 -3.82 -3.30
N VAL A 65 14.47 -3.43 -4.14
CA VAL A 65 14.36 -2.06 -4.66
C VAL A 65 12.90 -1.78 -5.04
N TYR A 66 12.66 -0.67 -5.72
CA TYR A 66 11.32 -0.26 -6.19
C TYR A 66 11.29 -0.18 -7.72
N LEU A 67 10.09 -0.35 -8.32
CA LEU A 67 9.93 -0.20 -9.77
C LEU A 67 8.84 0.80 -10.03
N VAL A 68 9.00 1.53 -11.14
CA VAL A 68 8.04 2.56 -11.59
C VAL A 68 7.68 2.31 -13.05
N PHE A 69 6.44 1.92 -13.32
CA PHE A 69 6.06 1.55 -14.66
C PHE A 69 4.69 2.06 -15.01
N GLU A 70 4.19 1.79 -16.23
CA GLU A 70 2.82 2.12 -16.60
C GLU A 70 1.87 1.58 -15.54
N LEU A 71 1.06 2.51 -15.00
CA LEU A 71 0.25 2.30 -13.81
C LEU A 71 -0.84 1.23 -13.88
N GLU A 72 -1.20 0.71 -15.05
CA GLU A 72 -2.31 -0.23 -15.03
C GLU A 72 -2.04 -1.45 -15.91
N LYS A 73 -1.60 -1.27 -17.16
CA LYS A 73 -1.47 -2.38 -18.07
C LYS A 73 -0.18 -3.17 -17.87
N SER A 74 0.95 -2.54 -17.55
CA SER A 74 2.16 -3.30 -17.34
C SER A 74 2.11 -4.01 -15.98
N VAL A 75 1.45 -3.41 -15.00
CA VAL A 75 1.28 -3.99 -13.68
C VAL A 75 0.55 -5.31 -13.78
N ARG A 76 -0.61 -5.29 -14.46
CA ARG A 76 -1.47 -6.45 -14.55
C ARG A 76 -0.95 -7.53 -15.51
N SER A 77 -0.10 -7.15 -16.48
CA SER A 77 0.40 -8.09 -17.48
C SER A 77 1.41 -9.04 -16.84
N LEU A 78 2.20 -8.53 -15.92
CA LEU A 78 3.18 -9.32 -15.23
C LEU A 78 2.57 -10.25 -14.18
N LEU A 79 1.77 -9.73 -13.25
CA LEU A 79 1.30 -10.58 -12.16
C LEU A 79 0.03 -11.38 -12.51
N GLN A 80 -0.45 -11.29 -13.75
CA GLN A 80 -1.48 -12.19 -14.25
C GLN A 80 -0.90 -13.15 -15.34
N ALA A 81 0.32 -12.92 -15.83
CA ALA A 81 0.99 -13.85 -16.73
C ALA A 81 1.87 -14.84 -15.94
N CYS A 82 2.09 -14.60 -14.64
CA CYS A 82 2.89 -15.50 -13.83
C CYS A 82 2.07 -16.11 -12.67
N SER A 83 2.46 -15.80 -11.43
CA SER A 83 1.88 -16.45 -10.25
C SER A 83 1.34 -15.43 -9.25
N HIS A 84 0.37 -15.84 -8.40
CA HIS A 84 -0.18 -15.03 -7.30
C HIS A 84 -0.80 -15.98 -6.23
N ASP A 85 -0.96 -15.48 -5.00
CA ASP A 85 -1.48 -16.26 -3.88
C ASP A 85 -2.29 -15.35 -2.95
N PRO A 86 -3.60 -15.22 -3.21
CA PRO A 86 -4.60 -14.42 -2.49
C PRO A 86 -4.83 -15.00 -1.08
N LEU A 87 -3.83 -15.74 -0.60
CA LEU A 87 -3.93 -16.60 0.57
C LEU A 87 -3.54 -15.88 1.85
N SER A 88 -3.12 -14.60 1.75
CA SER A 88 -2.76 -13.79 2.89
C SER A 88 -1.84 -14.53 3.91
N PRO A 89 -0.82 -15.25 3.44
CA PRO A 89 0.02 -16.07 4.29
C PRO A 89 1.04 -15.26 5.09
N ASP A 90 1.17 -13.96 4.85
CA ASP A 90 2.12 -13.11 5.54
C ASP A 90 1.67 -11.65 5.69
N GLY A 91 1.08 -11.09 4.63
CA GLY A 91 0.53 -9.74 4.63
C GLY A 91 -0.93 -9.84 4.22
N LEU A 92 -1.29 -9.19 3.11
CA LEU A 92 -2.62 -9.30 2.52
C LEU A 92 -2.63 -10.36 1.39
N SER A 93 -1.43 -10.73 0.93
CA SER A 93 -1.19 -11.81 -0.01
C SER A 93 0.27 -11.74 -0.44
N GLU A 94 0.71 -12.70 -1.26
CA GLU A 94 2.00 -12.64 -1.92
C GLU A 94 1.82 -12.85 -3.43
N TYR A 95 2.43 -11.97 -4.23
CA TYR A 95 2.41 -12.11 -5.66
C TYR A 95 3.81 -12.51 -6.09
N TYR A 96 3.90 -13.39 -7.12
CA TYR A 96 5.18 -13.96 -7.53
C TYR A 96 5.42 -13.70 -9.00
N PHE A 97 6.70 -13.49 -9.32
CA PHE A 97 7.19 -13.35 -10.70
C PHE A 97 8.63 -13.82 -10.75
N LYS A 98 9.13 -14.25 -11.89
CA LYS A 98 10.49 -14.75 -11.98
C LYS A 98 11.23 -14.07 -13.10
N MET A 99 12.52 -13.81 -12.88
CA MET A 99 13.35 -13.10 -13.83
C MET A 99 14.64 -13.85 -14.15
N SER A 100 14.97 -14.94 -13.45
CA SER A 100 16.11 -15.79 -13.80
C SER A 100 15.73 -17.26 -13.61
N SER A 101 16.05 -18.11 -14.58
CA SER A 101 15.79 -19.53 -14.49
C SER A 101 16.97 -20.28 -15.11
N ARG A 102 17.88 -19.61 -15.85
CA ARG A 102 19.10 -20.23 -16.34
C ARG A 102 20.30 -19.31 -16.15
N ARG A 103 20.03 -18.05 -15.76
CA ARG A 103 21.04 -17.01 -15.62
C ARG A 103 21.69 -17.05 -14.24
N MET A 104 20.94 -17.51 -13.24
CA MET A 104 21.43 -17.67 -11.89
C MET A 104 20.85 -18.94 -11.27
N ARG A 105 21.46 -19.37 -10.14
CA ARG A 105 21.02 -20.51 -9.33
C ARG A 105 20.07 -20.06 -8.21
N CYS A 106 19.11 -19.22 -8.58
CA CYS A 106 18.11 -18.66 -7.68
C CYS A 106 16.72 -18.93 -8.22
N LYS A 107 15.73 -18.24 -7.65
CA LYS A 107 14.32 -18.48 -7.96
C LYS A 107 13.50 -17.20 -7.97
N GLU A 108 12.17 -17.34 -8.11
CA GLU A 108 11.20 -16.27 -8.20
C GLU A 108 11.29 -15.27 -7.03
N VAL A 109 10.77 -14.08 -7.29
CA VAL A 109 10.88 -12.94 -6.39
C VAL A 109 9.46 -12.51 -6.04
N GLN A 110 9.21 -11.89 -4.90
CA GLN A 110 7.84 -11.53 -4.51
C GLN A 110 7.58 -10.07 -4.84
N VAL A 111 6.31 -9.73 -5.14
CA VAL A 111 5.92 -8.39 -5.53
C VAL A 111 4.70 -7.95 -4.73
N ILE A 112 4.64 -6.64 -4.41
CA ILE A 112 3.46 -6.03 -3.80
C ILE A 112 3.22 -4.61 -4.31
N PRO A 113 2.30 -4.40 -5.26
CA PRO A 113 2.01 -3.11 -5.88
C PRO A 113 1.07 -2.29 -5.01
N TRP A 114 0.93 -0.99 -5.36
CA TRP A 114 0.01 -0.09 -4.71
C TRP A 114 -1.35 -0.13 -5.35
N VAL A 115 -2.37 -0.39 -4.52
CA VAL A 115 -3.73 -0.58 -5.00
C VAL A 115 -4.57 0.64 -4.67
N LEU A 116 -5.51 0.99 -5.56
CA LEU A 116 -6.42 2.12 -5.35
C LEU A 116 -7.18 1.99 -4.03
N ALA A 117 -7.27 0.75 -3.51
CA ALA A 117 -8.00 0.46 -2.28
C ALA A 117 -7.20 1.01 -1.10
N ASP A 118 -6.00 1.54 -1.39
CA ASP A 118 -5.09 2.15 -0.41
C ASP A 118 -4.94 3.65 -0.68
N SER A 119 -5.67 4.18 -1.66
CA SER A 119 -5.51 5.59 -2.05
C SER A 119 -6.70 6.43 -1.61
N ASN A 120 -7.93 5.98 -1.89
CA ASN A 120 -9.14 6.67 -1.46
C ASN A 120 -10.30 5.65 -1.36
N PHE A 121 -11.31 5.92 -0.53
CA PHE A 121 -12.45 5.05 -0.34
C PHE A 121 -13.65 5.87 0.12
N VAL A 122 -14.85 5.49 -0.32
CA VAL A 122 -16.10 6.15 0.08
C VAL A 122 -16.90 5.17 0.94
N ARG A 123 -17.50 5.67 2.03
CA ARG A 123 -18.35 4.88 2.91
C ARG A 123 -19.79 4.91 2.37
N SER A 124 -19.94 5.28 1.09
CA SER A 124 -21.20 5.37 0.35
C SER A 124 -20.90 5.08 -1.14
N PRO A 125 -21.77 4.36 -1.85
CA PRO A 125 -21.57 3.99 -3.23
C PRO A 125 -21.58 5.21 -4.14
N SER A 126 -22.06 6.38 -3.67
CA SER A 126 -22.15 7.59 -4.49
C SER A 126 -22.34 8.84 -3.62
N GLN A 127 -21.22 9.44 -3.25
CA GLN A 127 -21.21 10.62 -2.40
C GLN A 127 -19.92 11.42 -2.69
N ARG A 128 -19.82 12.66 -2.19
CA ARG A 128 -18.72 13.58 -2.43
C ARG A 128 -18.24 14.19 -1.10
N LEU A 129 -17.24 15.07 -1.18
CA LEU A 129 -16.62 15.65 0.00
C LEU A 129 -17.56 16.71 0.61
N ASP A 130 -17.21 17.20 1.80
CA ASP A 130 -18.00 18.22 2.47
C ASP A 130 -17.19 19.51 2.60
N PRO A 131 -17.85 20.67 2.71
CA PRO A 131 -17.19 21.97 2.70
C PRO A 131 -16.34 22.22 3.95
N SER A 132 -15.02 22.08 3.75
CA SER A 132 -14.03 22.41 4.77
C SER A 132 -14.26 21.59 6.04
N ARG A 133 -14.50 20.29 5.93
CA ARG A 133 -14.72 19.45 7.11
C ARG A 133 -14.01 18.11 7.00
N THR A 134 -12.74 18.07 7.43
CA THR A 134 -11.99 16.83 7.50
C THR A 134 -11.10 16.92 8.74
N VAL A 135 -10.54 15.77 9.12
CA VAL A 135 -9.53 15.72 10.18
C VAL A 135 -8.32 14.94 9.70
N PHE A 136 -7.18 15.07 10.37
CA PHE A 136 -5.96 14.42 9.93
C PHE A 136 -5.88 12.99 10.49
N VAL A 137 -5.03 12.20 9.82
CA VAL A 137 -4.79 10.81 10.17
C VAL A 137 -3.33 10.52 9.88
N GLY A 138 -2.60 9.89 10.80
CA GLY A 138 -1.18 9.66 10.65
C GLY A 138 -0.69 8.67 11.69
N ALA A 139 0.63 8.45 11.69
CA ALA A 139 1.31 7.50 12.57
C ALA A 139 0.64 6.13 12.55
N LEU A 140 0.01 5.76 11.44
CA LEU A 140 -0.65 4.49 11.30
C LEU A 140 0.30 3.46 10.68
N HIS A 141 -0.22 2.24 10.42
CA HIS A 141 0.58 1.13 9.91
C HIS A 141 1.25 1.46 8.57
N GLY A 142 2.39 0.80 8.27
CA GLY A 142 3.20 1.13 7.11
C GLY A 142 2.54 0.81 5.76
N MET A 143 1.30 0.30 5.73
CA MET A 143 0.56 -0.01 4.50
C MET A 143 -0.97 -0.06 4.75
N LEU A 144 -1.45 0.74 5.70
CA LEU A 144 -2.85 0.75 6.05
C LEU A 144 -3.65 1.11 4.81
N ASN A 145 -4.62 0.27 4.47
CA ASN A 145 -5.47 0.53 3.32
C ASN A 145 -6.69 1.37 3.73
N ALA A 146 -7.44 1.91 2.76
CA ALA A 146 -8.51 2.85 3.07
C ALA A 146 -9.72 2.14 3.70
N GLU A 147 -9.92 0.85 3.43
CA GLU A 147 -11.03 0.08 3.99
C GLU A 147 -10.74 -0.42 5.39
N ALA A 148 -9.46 -0.46 5.76
CA ALA A 148 -9.04 -0.79 7.13
C ALA A 148 -9.04 0.51 7.93
N LEU A 149 -8.66 1.62 7.28
CA LEU A 149 -8.75 2.94 7.88
C LEU A 149 -10.25 3.21 8.15
N ALA A 150 -11.11 2.93 7.17
CA ALA A 150 -12.55 3.15 7.30
C ALA A 150 -13.15 2.19 8.34
N ALA A 151 -12.56 1.00 8.55
CA ALA A 151 -13.10 0.08 9.54
C ALA A 151 -12.96 0.68 10.95
N ILE A 152 -11.85 1.38 11.21
CA ILE A 152 -11.63 2.03 12.50
C ILE A 152 -12.57 3.22 12.68
N LEU A 153 -12.83 3.95 11.58
CA LEU A 153 -13.60 5.19 11.65
C LEU A 153 -15.08 4.99 11.37
N ASN A 154 -15.54 3.78 11.08
CA ASN A 154 -16.98 3.57 10.93
C ASN A 154 -17.54 2.60 11.98
N ASP A 155 -16.68 1.85 12.68
CA ASP A 155 -17.14 0.90 13.69
C ASP A 155 -16.93 1.49 15.07
N LEU A 156 -15.96 2.39 15.21
CA LEU A 156 -15.69 3.00 16.49
C LEU A 156 -16.67 4.14 16.77
N PHE A 157 -17.34 4.65 15.72
CA PHE A 157 -18.37 5.67 15.89
C PHE A 157 -19.26 5.91 14.65
N GLY A 158 -18.88 5.39 13.49
CA GLY A 158 -19.78 5.39 12.29
C GLY A 158 -20.05 6.78 11.69
N GLY A 159 -19.21 7.78 11.96
CA GLY A 159 -19.49 9.15 11.55
C GLY A 159 -18.95 9.51 10.18
N VAL A 160 -18.45 8.53 9.41
CA VAL A 160 -17.73 8.82 8.18
C VAL A 160 -18.61 8.81 6.94
N VAL A 161 -18.07 9.39 5.88
CA VAL A 161 -18.70 9.46 4.59
C VAL A 161 -17.66 9.22 3.50
N TYR A 162 -16.41 9.65 3.70
CA TYR A 162 -15.37 9.54 2.69
C TYR A 162 -14.03 9.63 3.39
N ALA A 163 -12.99 8.95 2.89
CA ALA A 163 -11.65 8.97 3.48
C ALA A 163 -10.60 8.75 2.41
N GLY A 164 -9.42 9.35 2.59
CA GLY A 164 -8.35 9.24 1.60
C GLY A 164 -6.95 9.36 2.19
N ILE A 165 -5.96 8.88 1.42
CA ILE A 165 -4.55 9.03 1.77
C ILE A 165 -3.95 10.23 1.06
N ASP A 166 -3.03 10.96 1.72
CA ASP A 166 -2.40 12.12 1.11
C ASP A 166 -1.25 11.68 0.21
N THR A 167 -1.57 10.87 -0.83
CA THR A 167 -0.57 10.38 -1.74
C THR A 167 0.14 11.52 -2.48
N ASP A 168 1.35 11.16 -2.87
CA ASP A 168 2.24 11.92 -3.72
C ASP A 168 2.88 10.82 -4.55
N LYS A 169 2.89 10.98 -5.87
CA LYS A 169 3.30 9.88 -6.70
C LYS A 169 4.76 9.49 -6.46
N HIS A 170 4.92 8.17 -6.26
CA HIS A 170 6.16 7.45 -6.14
C HIS A 170 6.92 7.78 -4.85
N LYS A 171 6.16 8.15 -3.79
CA LYS A 171 6.76 8.51 -2.50
C LYS A 171 6.40 7.54 -1.35
N TYR A 172 5.60 6.51 -1.64
CA TYR A 172 5.07 5.54 -0.69
C TYR A 172 4.47 6.17 0.60
N PRO A 173 3.72 7.27 0.47
CA PRO A 173 3.30 8.05 1.63
C PRO A 173 2.04 7.38 2.25
N ILE A 174 2.01 6.05 2.28
CA ILE A 174 0.89 5.28 2.87
C ILE A 174 0.87 5.43 4.41
N GLY A 175 1.42 6.53 4.89
CA GLY A 175 1.70 6.76 6.28
C GLY A 175 1.01 8.03 6.79
N SER A 176 0.24 8.70 5.94
CA SER A 176 -0.43 9.91 6.34
C SER A 176 -1.66 10.15 5.49
N GLY A 177 -2.69 10.84 6.01
CA GLY A 177 -3.91 11.04 5.25
C GLY A 177 -4.94 11.93 5.97
N ARG A 178 -6.12 12.06 5.35
CA ARG A 178 -7.25 12.79 5.92
C ARG A 178 -8.53 11.98 5.83
N VAL A 179 -9.58 12.41 6.55
CA VAL A 179 -10.83 11.69 6.50
C VAL A 179 -11.96 12.70 6.63
N THR A 180 -13.04 12.41 5.90
CA THR A 180 -14.19 13.31 5.82
C THR A 180 -15.32 12.77 6.69
N PHE A 181 -15.74 13.56 7.69
CA PHE A 181 -16.79 13.19 8.64
C PHE A 181 -18.04 13.96 8.32
N ASN A 182 -19.18 13.40 8.75
CA ASN A 182 -20.47 14.02 8.51
C ASN A 182 -21.32 13.95 9.77
N ASN A 183 -20.67 13.79 10.92
CA ASN A 183 -21.36 13.70 12.19
C ASN A 183 -20.57 14.43 13.27
N GLN A 184 -21.25 14.81 14.36
CA GLN A 184 -20.60 15.56 15.43
C GLN A 184 -19.84 14.68 16.41
N ARG A 185 -20.46 13.59 16.88
CA ARG A 185 -19.90 12.77 17.93
C ARG A 185 -18.55 12.18 17.56
N SER A 186 -18.23 12.06 16.27
CA SER A 186 -16.92 11.53 15.84
C SER A 186 -15.82 12.54 16.09
N TYR A 187 -16.16 13.82 16.21
CA TYR A 187 -15.14 14.86 16.45
C TYR A 187 -14.65 14.84 17.90
N LEU A 188 -15.53 15.09 18.89
CA LEU A 188 -15.08 15.07 20.27
C LEU A 188 -14.69 13.69 20.76
N LYS A 189 -15.11 12.63 20.04
CA LYS A 189 -14.69 11.29 20.43
C LYS A 189 -13.29 10.96 19.86
N ALA A 190 -12.94 11.54 18.71
CA ALA A 190 -11.59 11.40 18.16
C ALA A 190 -10.62 12.31 18.90
N VAL A 191 -11.13 13.31 19.63
CA VAL A 191 -10.36 14.17 20.53
C VAL A 191 -10.23 13.46 21.88
N SER A 192 -11.21 12.61 22.20
CA SER A 192 -11.18 11.85 23.44
C SER A 192 -10.38 10.56 23.29
N ALA A 193 -10.00 10.20 22.06
CA ALA A 193 -9.11 9.07 21.85
C ALA A 193 -7.73 9.51 21.31
N ALA A 194 -7.69 10.16 20.14
CA ALA A 194 -6.51 10.65 19.43
C ALA A 194 -5.51 9.55 19.06
N PHE A 195 -5.60 8.37 19.66
CA PHE A 195 -4.66 7.29 19.42
C PHE A 195 -5.28 5.99 19.91
N VAL A 196 -5.17 4.90 19.16
CA VAL A 196 -5.69 3.63 19.61
C VAL A 196 -4.76 2.47 19.28
N GLU A 197 -5.00 1.33 19.95
CA GLU A 197 -4.25 0.11 19.75
C GLU A 197 -5.04 -0.91 18.94
N ILE A 198 -4.31 -1.66 18.14
CA ILE A 198 -4.84 -2.70 17.29
C ILE A 198 -4.15 -4.01 17.60
N LYS A 199 -4.97 -5.05 17.89
CA LYS A 199 -4.48 -6.37 18.20
C LYS A 199 -5.32 -7.42 17.51
N THR A 200 -4.71 -8.14 16.56
CA THR A 200 -5.34 -9.24 15.84
C THR A 200 -4.23 -10.21 15.46
N THR A 201 -4.55 -11.49 15.15
CA THR A 201 -3.52 -12.35 14.61
C THR A 201 -2.91 -11.67 13.37
N LYS A 202 -1.60 -11.75 13.20
CA LYS A 202 -0.86 -11.22 12.05
C LYS A 202 -1.01 -9.70 11.86
N PHE A 203 -1.52 -8.97 12.85
CA PHE A 203 -1.67 -7.53 12.71
C PHE A 203 -1.63 -6.88 14.08
N THR A 204 -0.62 -6.04 14.32
CA THR A 204 -0.44 -5.36 15.58
C THR A 204 0.17 -3.98 15.32
N LYS A 205 -0.58 -2.89 15.56
CA LYS A 205 -0.03 -1.55 15.48
C LYS A 205 -0.98 -0.54 16.12
N LYS A 206 -0.69 0.76 16.00
CA LYS A 206 -1.55 1.83 16.47
C LYS A 206 -1.84 2.80 15.34
N VAL A 207 -2.74 3.76 15.57
CA VAL A 207 -3.06 4.83 14.61
C VAL A 207 -3.36 6.12 15.37
N GLN A 208 -3.11 7.28 14.77
CA GLN A 208 -3.23 8.55 15.47
C GLN A 208 -4.14 9.50 14.68
N ILE A 209 -4.68 10.50 15.37
CA ILE A 209 -5.68 11.39 14.80
C ILE A 209 -5.44 12.80 15.33
N ASP A 210 -5.69 13.84 14.52
CA ASP A 210 -5.59 15.22 14.97
C ASP A 210 -6.60 16.10 14.26
N PRO A 211 -7.20 17.06 14.97
CA PRO A 211 -8.19 17.98 14.44
C PRO A 211 -7.52 19.15 13.71
N TYR A 212 -8.33 20.02 13.07
CA TYR A 212 -7.87 21.29 12.48
C TYR A 212 -8.25 22.45 13.36
N MET A 1 -8.22 5.16 24.23
CA MET A 1 -9.22 4.09 24.13
C MET A 1 -8.62 2.84 23.46
N THR A 2 -9.20 1.70 23.77
CA THR A 2 -8.91 0.43 23.12
C THR A 2 -10.27 -0.27 22.96
N TRP A 3 -10.45 -1.06 21.89
CA TRP A 3 -11.78 -1.62 21.63
C TRP A 3 -11.76 -2.92 20.82
N SER A 4 -10.73 -3.14 20.03
CA SER A 4 -10.57 -4.25 19.08
C SER A 4 -11.76 -4.46 18.13
N GLY A 5 -11.54 -4.36 16.80
CA GLY A 5 -12.64 -4.59 15.86
C GLY A 5 -12.39 -4.13 14.42
N GLN A 6 -11.25 -3.49 14.15
CA GLN A 6 -10.98 -3.00 12.80
C GLN A 6 -10.72 -4.09 11.76
N LEU A 7 -10.57 -5.35 12.21
CA LEU A 7 -10.42 -6.58 11.43
C LEU A 7 -10.84 -6.38 9.97
N PRO A 8 -9.89 -5.95 9.13
CA PRO A 8 -10.06 -5.49 7.76
C PRO A 8 -9.88 -6.63 6.78
N PRO A 9 -10.43 -6.48 5.56
CA PRO A 9 -10.20 -7.43 4.51
C PRO A 9 -8.76 -7.29 3.97
N ARG A 10 -8.17 -8.41 3.52
CA ARG A 10 -6.84 -8.38 2.91
C ARG A 10 -6.81 -9.32 1.72
N ASN A 11 -8.02 -9.66 1.23
CA ASN A 11 -8.20 -10.59 0.13
C ASN A 11 -8.98 -9.96 -1.05
N TYR A 12 -8.79 -8.66 -1.23
CA TYR A 12 -9.51 -7.82 -2.22
C TYR A 12 -9.21 -8.24 -3.66
N LYS A 13 -10.06 -7.82 -4.62
CA LYS A 13 -9.93 -8.22 -6.03
C LYS A 13 -8.82 -7.48 -6.79
N ASN A 14 -8.37 -6.34 -6.30
CA ASN A 14 -7.26 -5.60 -6.89
C ASN A 14 -7.49 -5.18 -8.34
N PRO A 15 -8.34 -4.18 -8.60
CA PRO A 15 -8.72 -3.78 -9.94
C PRO A 15 -7.65 -3.01 -10.71
N ILE A 16 -6.99 -2.03 -10.11
CA ILE A 16 -6.08 -1.12 -10.82
C ILE A 16 -4.94 -0.71 -9.84
N TYR A 17 -3.74 -0.35 -10.34
CA TYR A 17 -2.60 0.01 -9.51
C TYR A 17 -2.35 1.51 -9.73
N SER A 18 -1.81 2.23 -8.76
CA SER A 18 -1.71 3.69 -8.89
C SER A 18 -0.54 4.28 -8.14
N CYS A 19 0.45 3.46 -7.79
CA CYS A 19 1.66 3.96 -7.16
C CYS A 19 2.77 2.95 -7.39
N LYS A 20 3.91 3.23 -6.77
CA LYS A 20 5.10 2.44 -6.83
C LYS A 20 4.87 1.05 -6.26
N VAL A 21 5.87 0.18 -6.45
CA VAL A 21 5.76 -1.24 -6.14
C VAL A 21 6.97 -1.79 -5.43
N PHE A 22 6.74 -2.82 -4.61
CA PHE A 22 7.80 -3.51 -3.89
C PHE A 22 8.24 -4.70 -4.76
N LEU A 23 9.54 -4.92 -4.97
CA LEU A 23 10.01 -5.97 -5.88
C LEU A 23 11.25 -6.66 -5.31
N GLY A 24 11.17 -7.99 -5.20
CA GLY A 24 12.32 -8.82 -4.84
C GLY A 24 11.94 -10.23 -4.47
N GLY A 25 12.90 -11.00 -3.98
CA GLY A 25 12.73 -12.42 -3.65
C GLY A 25 13.83 -13.30 -4.23
N VAL A 26 14.86 -12.67 -4.81
CA VAL A 26 15.93 -13.36 -5.50
C VAL A 26 17.21 -13.42 -4.62
N PRO A 27 17.90 -14.57 -4.54
CA PRO A 27 19.12 -14.77 -3.80
C PRO A 27 20.34 -14.08 -4.36
N TRP A 28 20.28 -13.42 -5.52
CA TRP A 28 21.47 -12.84 -6.16
C TRP A 28 21.21 -11.51 -6.83
N ASP A 29 20.32 -11.46 -7.84
CA ASP A 29 20.06 -10.32 -8.65
C ASP A 29 21.31 -9.86 -9.48
N ILE A 30 22.39 -9.51 -8.76
CA ILE A 30 23.67 -9.04 -9.33
C ILE A 30 23.60 -7.73 -10.10
N THR A 31 22.56 -7.53 -10.91
CA THR A 31 22.34 -6.31 -11.70
C THR A 31 20.88 -6.21 -12.04
N GLU A 32 20.26 -5.01 -11.90
CA GLU A 32 18.83 -4.86 -12.14
C GLU A 32 18.55 -4.52 -13.59
N ALA A 33 19.52 -3.95 -14.30
CA ALA A 33 19.32 -3.51 -15.68
C ALA A 33 19.12 -4.70 -16.63
N GLY A 34 19.54 -5.88 -16.19
CA GLY A 34 19.32 -7.11 -16.96
C GLY A 34 17.86 -7.54 -16.91
N LEU A 35 17.29 -7.58 -15.71
CA LEU A 35 15.94 -8.06 -15.53
C LEU A 35 15.00 -7.05 -16.12
N VAL A 36 15.37 -5.77 -15.94
CA VAL A 36 14.60 -4.68 -16.51
C VAL A 36 14.67 -4.74 -18.03
N ASN A 37 15.79 -5.10 -18.64
CA ASN A 37 15.86 -5.28 -20.08
C ASN A 37 14.97 -6.44 -20.49
N THR A 38 14.64 -7.35 -19.57
CA THR A 38 13.74 -8.47 -19.89
C THR A 38 12.29 -8.02 -19.88
N PHE A 39 11.94 -6.98 -19.09
CA PHE A 39 10.54 -6.55 -19.02
C PHE A 39 10.30 -5.03 -19.19
N ARG A 40 11.24 -4.35 -19.86
CA ARG A 40 11.13 -2.93 -20.21
C ARG A 40 10.42 -2.70 -21.54
N VAL A 41 9.44 -3.55 -21.86
CA VAL A 41 8.71 -3.46 -23.11
C VAL A 41 7.83 -2.24 -23.19
N PHE A 42 7.86 -1.38 -22.18
CA PHE A 42 7.06 -0.16 -22.14
C PHE A 42 7.92 1.12 -22.23
N GLY A 43 9.25 0.95 -22.27
CA GLY A 43 10.18 2.06 -22.45
C GLY A 43 10.15 3.07 -21.29
N SER A 44 9.36 2.77 -20.25
CA SER A 44 9.02 3.74 -19.23
C SER A 44 9.75 3.49 -17.90
N LEU A 45 10.62 2.47 -17.91
CA LEU A 45 11.17 1.96 -16.67
C LEU A 45 12.13 2.90 -15.96
N SER A 46 12.01 2.89 -14.62
CA SER A 46 12.89 3.58 -13.75
C SER A 46 12.89 2.82 -12.44
N VAL A 47 13.89 1.95 -12.27
CA VAL A 47 14.07 1.11 -11.08
C VAL A 47 14.82 1.90 -10.02
N GLU A 48 14.50 1.71 -8.75
CA GLU A 48 15.07 2.51 -7.68
C GLU A 48 15.53 1.64 -6.51
N TRP A 49 16.72 1.92 -5.99
CA TRP A 49 17.24 1.24 -4.82
C TRP A 49 18.18 2.12 -4.02
N PRO A 50 18.17 2.02 -2.69
CA PRO A 50 18.92 2.87 -1.79
C PRO A 50 20.33 2.36 -1.57
N GLY A 51 21.13 3.22 -0.94
CA GLY A 51 22.48 2.98 -0.50
C GLY A 51 23.52 2.91 -1.62
N LYS A 52 23.08 2.92 -2.90
CA LYS A 52 23.96 2.84 -4.06
C LYS A 52 23.65 3.93 -5.09
N ASP A 53 23.67 5.19 -4.64
CA ASP A 53 23.42 6.35 -5.49
C ASP A 53 24.67 6.70 -6.34
N GLY A 54 25.73 5.90 -6.28
CA GLY A 54 26.91 6.11 -7.09
C GLY A 54 27.97 5.03 -6.88
N LYS A 55 28.74 4.76 -7.93
CA LYS A 55 29.77 3.75 -7.99
C LYS A 55 29.16 2.35 -7.91
N HIS A 56 29.93 1.37 -8.37
CA HIS A 56 29.66 -0.06 -8.25
C HIS A 56 28.17 -0.44 -8.34
N PRO A 57 27.57 -0.46 -9.54
CA PRO A 57 26.20 -0.90 -9.73
C PRO A 57 25.99 -2.36 -9.27
N ARG A 58 25.24 -2.56 -8.19
CA ARG A 58 25.07 -3.84 -7.49
C ARG A 58 23.74 -3.78 -6.71
N CYS A 59 23.28 -4.92 -6.18
CA CYS A 59 22.03 -5.04 -5.45
C CYS A 59 22.30 -5.57 -4.06
N PRO A 60 21.56 -5.10 -3.06
CA PRO A 60 21.78 -5.43 -1.67
C PRO A 60 21.40 -6.89 -1.42
N PRO A 61 22.08 -7.51 -0.43
CA PRO A 61 21.94 -8.92 -0.14
C PRO A 61 20.55 -9.26 0.40
N LYS A 62 19.70 -8.24 0.66
CA LYS A 62 18.34 -8.47 1.14
C LYS A 62 17.40 -8.90 0.00
N GLY A 63 17.90 -9.04 -1.23
CA GLY A 63 17.14 -9.62 -2.33
C GLY A 63 15.98 -8.77 -2.87
N TYR A 64 15.78 -7.54 -2.39
CA TYR A 64 14.67 -6.70 -2.87
C TYR A 64 15.00 -5.21 -2.73
N VAL A 65 14.30 -4.41 -3.55
CA VAL A 65 14.38 -2.96 -3.66
C VAL A 65 13.04 -2.43 -4.15
N TYR A 66 13.05 -1.26 -4.80
CA TYR A 66 11.83 -0.58 -5.27
C TYR A 66 11.78 -0.49 -6.79
N LEU A 67 10.60 -0.20 -7.35
CA LEU A 67 10.48 -0.03 -8.79
C LEU A 67 9.26 0.84 -9.16
N VAL A 68 9.39 1.76 -10.13
CA VAL A 68 8.25 2.46 -10.71
C VAL A 68 8.27 2.14 -12.21
N PHE A 69 7.15 1.63 -12.72
CA PHE A 69 7.03 1.14 -14.09
C PHE A 69 5.63 1.38 -14.64
N GLU A 70 5.38 2.51 -15.32
CA GLU A 70 4.07 2.81 -15.91
C GLU A 70 2.99 2.30 -14.95
N LEU A 71 3.03 2.91 -13.76
CA LEU A 71 2.35 2.54 -12.51
C LEU A 71 0.83 2.23 -12.59
N GLU A 72 0.22 2.11 -13.77
CA GLU A 72 -1.19 1.67 -13.85
C GLU A 72 -1.35 0.47 -14.76
N LYS A 73 -1.21 0.71 -16.07
CA LYS A 73 -1.50 -0.30 -17.08
C LYS A 73 -0.39 -1.33 -17.26
N SER A 74 0.86 -0.94 -17.12
CA SER A 74 1.94 -1.87 -17.29
C SER A 74 1.95 -2.78 -16.07
N VAL A 75 1.58 -2.26 -14.90
CA VAL A 75 1.61 -3.02 -13.67
C VAL A 75 0.61 -4.19 -13.78
N ARG A 76 -0.64 -3.87 -14.14
CA ARG A 76 -1.69 -4.85 -14.19
C ARG A 76 -1.41 -5.94 -15.18
N SER A 77 -0.77 -5.60 -16.28
CA SER A 77 -0.54 -6.54 -17.34
C SER A 77 0.55 -7.55 -16.99
N LEU A 78 1.58 -7.16 -16.22
CA LEU A 78 2.69 -8.05 -15.91
C LEU A 78 2.24 -9.14 -14.97
N LEU A 79 1.49 -8.77 -13.90
CA LEU A 79 1.06 -9.75 -12.91
C LEU A 79 -0.19 -10.54 -13.34
N GLN A 80 -0.90 -10.10 -14.39
CA GLN A 80 -2.02 -10.87 -14.87
C GLN A 80 -1.64 -11.73 -16.08
N ALA A 81 -0.40 -11.56 -16.54
CA ALA A 81 0.13 -12.36 -17.65
C ALA A 81 1.10 -13.39 -17.07
N CYS A 82 1.52 -13.20 -15.81
CA CYS A 82 2.39 -14.15 -15.13
C CYS A 82 1.60 -14.90 -14.07
N SER A 83 2.18 -15.21 -12.90
CA SER A 83 1.56 -16.08 -11.92
C SER A 83 1.12 -15.34 -10.65
N HIS A 84 0.40 -16.02 -9.75
CA HIS A 84 -0.20 -15.37 -8.59
C HIS A 84 -0.29 -16.35 -7.41
N ASP A 85 -0.54 -15.84 -6.21
CA ASP A 85 -0.64 -16.68 -5.02
C ASP A 85 -1.88 -16.20 -4.25
N PRO A 86 -2.93 -17.05 -4.20
CA PRO A 86 -4.23 -16.80 -3.61
C PRO A 86 -4.20 -17.08 -2.13
N LEU A 87 -3.23 -16.49 -1.44
CA LEU A 87 -3.11 -16.60 -0.01
C LEU A 87 -2.83 -18.02 0.52
N SER A 88 -1.95 -18.73 -0.18
CA SER A 88 -1.39 -19.99 0.31
C SER A 88 -0.55 -19.76 1.59
N PRO A 89 0.16 -18.62 1.71
CA PRO A 89 0.87 -18.26 2.94
C PRO A 89 -0.05 -17.87 4.11
N ASP A 90 -1.38 -17.92 3.92
CA ASP A 90 -2.35 -17.42 4.88
C ASP A 90 -2.10 -15.92 5.18
N GLY A 91 -1.33 -15.25 4.34
CA GLY A 91 -1.04 -13.83 4.48
C GLY A 91 -1.85 -12.98 3.50
N LEU A 92 -1.17 -12.10 2.77
CA LEU A 92 -1.77 -11.20 1.80
C LEU A 92 -1.56 -11.70 0.36
N SER A 93 -2.18 -11.01 -0.61
CA SER A 93 -2.09 -11.38 -2.02
C SER A 93 -0.67 -11.17 -2.53
N GLU A 94 -0.09 -12.13 -3.25
CA GLU A 94 1.23 -11.91 -3.82
C GLU A 94 1.27 -12.36 -5.26
N TYR A 95 2.03 -11.62 -6.08
CA TYR A 95 2.17 -11.92 -7.50
C TYR A 95 3.57 -12.40 -7.80
N TYR A 96 3.70 -13.21 -8.84
CA TYR A 96 4.92 -13.91 -9.12
C TYR A 96 5.27 -13.95 -10.61
N PHE A 97 6.57 -13.96 -10.90
CA PHE A 97 7.10 -14.10 -12.26
C PHE A 97 8.54 -14.59 -12.12
N LYS A 98 9.13 -15.11 -13.21
CA LYS A 98 10.48 -15.57 -13.20
C LYS A 98 11.21 -15.07 -14.46
N MET A 99 12.41 -14.54 -14.22
CA MET A 99 13.22 -13.84 -15.22
C MET A 99 14.67 -14.32 -15.13
N SER A 100 14.88 -15.43 -14.41
CA SER A 100 16.21 -15.93 -14.12
C SER A 100 17.02 -16.24 -15.37
N SER A 101 18.35 -16.17 -15.19
CA SER A 101 19.33 -16.39 -16.28
C SER A 101 20.12 -17.68 -16.06
N ARG A 102 20.77 -18.17 -17.12
CA ARG A 102 21.42 -19.49 -17.11
C ARG A 102 22.67 -19.53 -16.22
N ARG A 103 23.13 -18.38 -15.75
CA ARG A 103 24.31 -18.28 -14.93
C ARG A 103 24.04 -18.58 -13.46
N MET A 104 22.77 -18.52 -13.04
CA MET A 104 22.40 -18.74 -11.65
C MET A 104 21.18 -19.64 -11.62
N ARG A 105 20.16 -19.34 -12.42
CA ARG A 105 18.97 -20.17 -12.59
C ARG A 105 18.38 -20.74 -11.28
N CYS A 106 18.28 -19.94 -10.19
CA CYS A 106 17.88 -20.40 -8.88
C CYS A 106 16.38 -20.26 -8.61
N LYS A 107 15.85 -19.03 -8.64
CA LYS A 107 14.47 -18.85 -8.18
C LYS A 107 13.82 -17.58 -8.74
N GLU A 108 12.49 -17.65 -8.85
CA GLU A 108 11.60 -16.60 -9.28
C GLU A 108 11.51 -15.42 -8.30
N VAL A 109 10.81 -14.35 -8.70
CA VAL A 109 10.69 -13.13 -7.88
C VAL A 109 9.24 -12.90 -7.53
N GLN A 110 8.94 -12.13 -6.47
CA GLN A 110 7.55 -11.75 -6.15
C GLN A 110 7.33 -10.26 -6.26
N VAL A 111 6.05 -9.86 -6.33
CA VAL A 111 5.69 -8.46 -6.57
C VAL A 111 4.42 -8.08 -5.80
N ILE A 112 4.46 -6.96 -5.07
CA ILE A 112 3.29 -6.43 -4.35
C ILE A 112 3.20 -4.90 -4.52
N PRO A 113 2.52 -4.41 -5.59
CA PRO A 113 2.31 -2.99 -5.88
C PRO A 113 1.24 -2.27 -5.05
N TRP A 114 1.09 -0.97 -5.29
CA TRP A 114 0.03 -0.14 -4.70
C TRP A 114 -1.28 -0.31 -5.50
N VAL A 115 -2.44 -0.36 -4.83
CA VAL A 115 -3.74 -0.57 -5.44
C VAL A 115 -4.64 0.63 -5.30
N LEU A 116 -5.54 0.77 -6.26
CA LEU A 116 -6.57 1.78 -6.24
C LEU A 116 -7.43 1.68 -4.99
N ALA A 117 -7.68 0.42 -4.57
CA ALA A 117 -8.51 0.14 -3.41
C ALA A 117 -7.83 0.55 -2.09
N ASP A 118 -6.56 0.98 -2.14
CA ASP A 118 -5.84 1.45 -0.97
C ASP A 118 -5.71 2.97 -0.95
N SER A 119 -6.12 3.64 -2.05
CA SER A 119 -5.93 5.07 -2.19
C SER A 119 -7.03 5.86 -1.51
N ASN A 120 -8.27 5.38 -1.59
CA ASN A 120 -9.43 6.07 -1.00
C ASN A 120 -10.56 5.08 -0.67
N PHE A 121 -11.51 5.53 0.13
CA PHE A 121 -12.66 4.72 0.46
C PHE A 121 -13.92 5.58 0.63
N VAL A 122 -15.01 5.13 0.03
CA VAL A 122 -16.28 5.83 0.11
C VAL A 122 -17.32 4.91 0.74
N ARG A 123 -18.27 5.47 1.48
CA ARG A 123 -19.36 4.71 2.05
C ARG A 123 -20.63 4.89 1.24
N SER A 124 -20.56 5.77 0.22
CA SER A 124 -21.64 6.07 -0.68
C SER A 124 -21.05 6.00 -2.10
N PRO A 125 -21.83 5.59 -3.11
CA PRO A 125 -21.33 5.48 -4.47
C PRO A 125 -20.98 6.87 -5.03
N SER A 126 -19.69 7.14 -5.17
CA SER A 126 -19.14 8.32 -5.82
C SER A 126 -19.68 9.64 -5.25
N GLN A 127 -19.85 9.69 -3.93
CA GLN A 127 -20.18 10.94 -3.23
C GLN A 127 -18.96 11.84 -3.13
N ARG A 128 -19.19 13.14 -2.89
CA ARG A 128 -18.13 14.12 -2.80
C ARG A 128 -17.74 14.26 -1.33
N LEU A 129 -16.75 15.14 -1.07
CA LEU A 129 -16.28 15.35 0.27
C LEU A 129 -17.10 16.46 0.93
N ASP A 130 -16.95 16.59 2.27
CA ASP A 130 -17.52 17.67 3.03
C ASP A 130 -16.44 18.71 3.29
N PRO A 131 -16.43 19.84 2.55
CA PRO A 131 -15.36 20.83 2.57
C PRO A 131 -15.14 21.50 3.93
N SER A 132 -15.94 21.16 4.95
CA SER A 132 -15.80 21.81 6.25
C SER A 132 -15.72 20.84 7.43
N ARG A 133 -15.61 19.53 7.20
CA ARG A 133 -15.50 18.58 8.29
C ARG A 133 -14.55 17.45 7.86
N THR A 134 -13.33 17.49 8.33
CA THR A 134 -12.34 16.44 8.13
C THR A 134 -11.24 16.53 9.16
N VAL A 135 -10.63 15.40 9.54
CA VAL A 135 -9.52 15.41 10.46
C VAL A 135 -8.34 14.68 9.83
N PHE A 136 -7.14 15.05 10.27
CA PHE A 136 -5.91 14.42 9.76
C PHE A 136 -5.69 13.09 10.47
N VAL A 137 -5.31 12.07 9.68
CA VAL A 137 -5.08 10.71 10.18
C VAL A 137 -3.73 10.25 9.73
N GLY A 138 -2.95 9.66 10.65
CA GLY A 138 -1.59 9.26 10.35
C GLY A 138 -0.89 8.52 11.50
N ALA A 139 0.43 8.42 11.37
CA ALA A 139 1.28 7.74 12.35
C ALA A 139 0.79 6.33 12.70
N LEU A 140 0.12 5.66 11.77
CA LEU A 140 -0.49 4.35 11.95
C LEU A 140 0.47 3.20 11.57
N HIS A 141 -0.07 2.01 11.31
CA HIS A 141 0.65 0.79 10.93
C HIS A 141 1.86 0.99 10.05
N GLY A 142 1.94 2.08 9.28
CA GLY A 142 3.08 2.37 8.41
C GLY A 142 2.93 1.83 7.00
N MET A 143 1.84 1.11 6.74
CA MET A 143 1.47 0.60 5.42
C MET A 143 -0.05 0.31 5.29
N LEU A 144 -0.86 1.08 6.02
CA LEU A 144 -2.30 0.79 6.14
C LEU A 144 -3.03 1.22 4.88
N ASN A 145 -4.18 0.60 4.64
CA ASN A 145 -5.02 0.83 3.48
C ASN A 145 -6.32 1.54 3.88
N ALA A 146 -7.08 1.98 2.88
CA ALA A 146 -8.30 2.74 3.11
C ALA A 146 -9.46 1.91 3.68
N GLU A 147 -9.50 0.60 3.43
CA GLU A 147 -10.61 -0.19 3.95
C GLU A 147 -10.43 -0.38 5.45
N ALA A 148 -9.18 -0.33 5.92
CA ALA A 148 -8.85 -0.51 7.31
C ALA A 148 -9.10 0.81 8.04
N LEU A 149 -8.90 1.94 7.39
CA LEU A 149 -9.22 3.18 8.05
C LEU A 149 -10.73 3.34 8.13
N ALA A 150 -11.47 2.86 7.14
CA ALA A 150 -12.91 2.98 7.20
C ALA A 150 -13.49 2.19 8.40
N ALA A 151 -12.90 1.04 8.72
CA ALA A 151 -13.33 0.17 9.81
C ALA A 151 -13.09 0.82 11.17
N ILE A 152 -11.96 1.52 11.33
CA ILE A 152 -11.63 2.16 12.61
C ILE A 152 -12.49 3.39 12.88
N LEU A 153 -12.83 4.13 11.83
CA LEU A 153 -13.53 5.40 11.97
C LEU A 153 -15.04 5.21 11.84
N ASN A 154 -15.56 4.03 11.51
CA ASN A 154 -17.00 3.83 11.56
C ASN A 154 -17.41 2.97 12.77
N ASP A 155 -16.48 2.26 13.40
CA ASP A 155 -16.79 1.43 14.55
C ASP A 155 -16.47 2.16 15.86
N LEU A 156 -15.51 3.08 15.86
CA LEU A 156 -15.09 3.76 17.08
C LEU A 156 -15.96 4.96 17.47
N PHE A 157 -16.60 5.60 16.50
CA PHE A 157 -17.42 6.78 16.80
C PHE A 157 -18.87 6.64 16.34
N GLY A 158 -19.06 6.42 15.04
CA GLY A 158 -20.37 6.41 14.43
C GLY A 158 -20.23 6.55 12.92
N GLY A 159 -21.12 7.34 12.31
CA GLY A 159 -21.15 7.52 10.87
C GLY A 159 -19.97 8.32 10.32
N VAL A 160 -19.62 7.96 9.11
CA VAL A 160 -18.60 8.56 8.25
C VAL A 160 -18.91 8.26 6.78
N VAL A 161 -18.48 9.13 5.87
CA VAL A 161 -18.87 9.00 4.46
C VAL A 161 -17.67 8.75 3.55
N TYR A 162 -16.47 9.26 3.89
CA TYR A 162 -15.27 9.06 3.05
C TYR A 162 -13.98 9.06 3.89
N ALA A 163 -12.97 8.29 3.48
CA ALA A 163 -11.64 8.35 4.11
C ALA A 163 -10.61 8.17 2.99
N GLY A 164 -9.54 8.93 3.05
CA GLY A 164 -8.54 8.93 2.00
C GLY A 164 -7.11 8.88 2.50
N ILE A 165 -6.24 8.30 1.67
CA ILE A 165 -4.80 8.26 1.92
C ILE A 165 -4.11 9.28 0.99
N ASP A 166 -3.00 9.84 1.49
CA ASP A 166 -2.26 10.82 0.77
C ASP A 166 -1.02 10.15 0.20
N THR A 167 -0.56 10.62 -0.97
CA THR A 167 0.57 10.02 -1.66
C THR A 167 1.48 11.07 -2.30
N ASP A 168 2.69 10.62 -2.63
CA ASP A 168 3.68 11.39 -3.37
C ASP A 168 4.14 10.53 -4.55
N LYS A 169 3.19 9.74 -5.09
CA LYS A 169 3.39 8.79 -6.20
C LYS A 169 4.64 7.94 -6.06
N HIS A 170 5.07 7.69 -4.82
CA HIS A 170 6.19 6.79 -4.49
C HIS A 170 5.94 5.84 -3.30
N LYS A 171 4.67 5.56 -3.00
CA LYS A 171 4.24 4.53 -2.05
C LYS A 171 4.67 4.70 -0.58
N TYR A 172 5.66 5.55 -0.26
CA TYR A 172 6.19 5.55 1.10
C TYR A 172 5.39 6.25 2.18
N PRO A 173 4.49 7.22 1.92
CA PRO A 173 3.65 7.75 2.98
C PRO A 173 2.83 6.59 3.52
N ILE A 174 1.90 6.04 2.72
CA ILE A 174 1.01 4.92 3.07
C ILE A 174 0.66 4.94 4.55
N GLY A 175 0.37 6.14 5.06
CA GLY A 175 0.17 6.33 6.48
C GLY A 175 -0.08 7.80 6.82
N SER A 176 -0.64 8.54 5.86
CA SER A 176 -1.03 9.91 6.04
C SER A 176 -2.31 10.10 5.26
N GLY A 177 -3.21 10.94 5.72
CA GLY A 177 -4.45 11.19 5.03
C GLY A 177 -5.46 11.94 5.89
N ARG A 178 -6.74 11.83 5.52
CA ARG A 178 -7.81 12.54 6.22
C ARG A 178 -9.13 11.78 6.02
N VAL A 179 -10.16 12.12 6.80
CA VAL A 179 -11.42 11.39 6.81
C VAL A 179 -12.53 12.43 6.92
N THR A 180 -13.49 12.38 5.99
CA THR A 180 -14.61 13.31 5.99
C THR A 180 -15.81 12.65 6.70
N PHE A 181 -16.26 13.25 7.80
CA PHE A 181 -17.42 12.77 8.50
C PHE A 181 -18.69 13.41 7.97
N ASN A 182 -19.83 12.78 8.29
CA ASN A 182 -21.16 13.31 7.97
C ASN A 182 -21.97 13.45 9.26
N ASN A 183 -21.36 13.07 10.39
CA ASN A 183 -21.96 13.26 11.70
C ASN A 183 -21.02 14.03 12.60
N GLN A 184 -21.57 14.75 13.58
CA GLN A 184 -20.76 15.59 14.44
C GLN A 184 -20.09 14.75 15.54
N ARG A 185 -20.75 13.67 15.96
CA ARG A 185 -20.25 12.82 17.03
C ARG A 185 -18.83 12.37 16.72
N SER A 186 -18.51 12.05 15.46
CA SER A 186 -17.20 11.56 15.09
C SER A 186 -16.13 12.63 15.28
N TYR A 187 -16.54 13.91 15.22
CA TYR A 187 -15.57 15.01 15.18
C TYR A 187 -15.00 15.31 16.57
N LEU A 188 -15.87 15.61 17.53
CA LEU A 188 -15.41 15.96 18.86
C LEU A 188 -14.92 14.73 19.63
N LYS A 189 -15.31 13.50 19.26
CA LYS A 189 -14.82 12.33 19.98
C LYS A 189 -13.42 11.97 19.49
N ALA A 190 -13.11 12.31 18.24
CA ALA A 190 -11.81 12.01 17.65
C ALA A 190 -10.74 12.90 18.30
N VAL A 191 -11.03 14.20 18.49
CA VAL A 191 -10.00 15.09 19.06
C VAL A 191 -9.83 14.89 20.55
N SER A 192 -10.87 14.34 21.22
CA SER A 192 -10.82 14.12 22.66
C SER A 192 -10.05 12.85 23.05
N ALA A 193 -9.99 11.86 22.16
CA ALA A 193 -9.20 10.66 22.41
C ALA A 193 -7.77 10.78 21.83
N ALA A 194 -7.65 11.51 20.71
CA ALA A 194 -6.44 11.79 19.95
C ALA A 194 -5.53 10.63 19.55
N PHE A 195 -5.56 9.49 20.23
CA PHE A 195 -4.66 8.38 19.96
C PHE A 195 -5.25 7.13 20.62
N VAL A 196 -5.34 6.03 19.86
CA VAL A 196 -5.90 4.79 20.37
C VAL A 196 -5.06 3.62 19.94
N GLU A 197 -5.42 2.45 20.45
CA GLU A 197 -4.68 1.23 20.23
C GLU A 197 -5.49 0.22 19.46
N ILE A 198 -4.79 -0.67 18.76
CA ILE A 198 -5.40 -1.74 17.99
C ILE A 198 -4.77 -3.05 18.39
N LYS A 199 -5.60 -4.00 18.82
CA LYS A 199 -5.12 -5.32 19.23
C LYS A 199 -5.88 -6.37 18.45
N THR A 200 -5.16 -7.41 18.04
CA THR A 200 -5.71 -8.54 17.31
C THR A 200 -4.89 -9.78 17.69
N THR A 201 -5.40 -10.95 17.33
CA THR A 201 -4.72 -12.20 17.63
C THR A 201 -3.33 -12.30 16.99
N LYS A 202 -3.03 -11.48 15.97
CA LYS A 202 -1.72 -11.43 15.34
C LYS A 202 -1.37 -10.05 14.73
N PHE A 203 -2.09 -8.99 15.11
CA PHE A 203 -1.82 -7.65 14.65
C PHE A 203 -1.98 -6.65 15.79
N THR A 204 -0.96 -5.79 16.00
CA THR A 204 -0.97 -4.87 17.13
C THR A 204 -0.27 -3.56 16.75
N LYS A 205 -0.98 -2.43 16.92
CA LYS A 205 -0.39 -1.11 16.68
C LYS A 205 -1.29 -0.02 17.27
N LYS A 206 -1.09 1.21 16.81
CA LYS A 206 -1.84 2.37 17.26
C LYS A 206 -2.12 3.28 16.07
N VAL A 207 -3.00 4.27 16.25
CA VAL A 207 -3.34 5.23 15.21
C VAL A 207 -3.53 6.60 15.86
N GLN A 208 -3.03 7.66 15.21
CA GLN A 208 -3.01 9.00 15.77
C GLN A 208 -3.77 10.02 14.90
N ILE A 209 -4.14 11.15 15.52
CA ILE A 209 -5.02 12.13 14.89
C ILE A 209 -4.53 13.54 15.20
N ASP A 210 -4.55 14.40 14.19
CA ASP A 210 -4.14 15.77 14.34
C ASP A 210 -5.20 16.72 13.80
N PRO A 211 -5.37 17.90 14.44
CA PRO A 211 -6.39 18.88 14.11
C PRO A 211 -6.20 19.43 12.67
N TYR A 212 -7.31 19.73 11.98
CA TYR A 212 -7.32 20.25 10.63
C TYR A 212 -7.43 21.78 10.58
#